data_5WNU
#
_entry.id   5WNU
#
_cell.length_a   400.000
_cell.length_b   400.000
_cell.length_c   173.000
_cell.angle_alpha   90.000
_cell.angle_beta   90.000
_cell.angle_gamma   90.000
#
_symmetry.space_group_name_H-M   'P 41 21 2'
#
loop_
_entity.id
_entity.type
_entity.pdbx_description
1 polymer '16S Ribosomal RNA rRNA'
2 polymer '30S ribosomal protein S2'
3 polymer '30S ribosomal protein S3'
4 polymer '30S ribosomal protein S4'
5 polymer '30S ribosomal protein S5'
6 polymer '30S ribosomal protein S6'
7 polymer '30S ribosomal protein S7'
8 polymer '30S ribosomal protein S8'
9 polymer '30S ribosomal protein S9'
10 polymer '30S ribosomal protein S10'
11 polymer '30S ribosomal protein S11'
12 polymer '30S ribosomal protein S12'
13 polymer '30S ribosomal protein S13'
14 polymer '30S ribosomal protein S14 type Z'
15 polymer '30S ribosomal protein S15'
16 polymer '30S ribosomal protein S16'
17 polymer '30S ribosomal protein S17'
18 polymer '30S ribosomal protein S18'
19 polymer '30S ribosomal protein S19'
20 polymer '30S ribosomal protein S20'
21 polymer '30S ribosomal protein Thx'
22 polymer "RNA (5'-R(*AP*(A2M)P*A)-3')"
23 polymer "RNA (5'-R(P*UP*(70U)P*UP*UP*(12A)P*A)-3')"
24 non-polymer 'MAGNESIUM ION'
25 non-polymer 'POTASSIUM ION'
26 non-polymer '(1R,2S,3S,4R,6R)-4,6-diamino-2-{[3-O-(2,6-diamino-2,6-dideoxy-alpha-L-altropyranosyl)-beta-L-arabinofuranosyl]oxy}-3-hydroxycyclohexyl 2-amino-2-deoxy-alpha-D-allopyranoside'
27 non-polymer 'ZINC ION'
28 water water
#
loop_
_entity_poly.entity_id
_entity_poly.type
_entity_poly.pdbx_seq_one_letter_code
_entity_poly.pdbx_strand_id
1 'polyribonucleotide'
;UUUGUUGGAGAGUUUGAUCCUGGCUCAGGGUGAACGCUGGCGGCGUGCCUAAGACAUGCAAGUCGUGCGGGCCGCGGGGU
UUUACUCCGUGGUCAGCGGCGGACGGGUGAGUAACGCGUGGGUGACCUACCCGGAAGAGGGGGACAACCCGGGGAAACUC
GGGCUAAUCCCCCAUGUGGACCCGCCCCUUGGGGUGUGUCCAAAGGGCUUUGCCCGCUUCCGGAUGGGCCCGCGUCCCAU
CAGCUAGUUGGUGGGGUAAUGGCCCACCAAGGCGACGACGGGUAGCCGGUCUGAGAGGAUGGCCGGCCACAGGGGCACUG
AGACACGGGCCCCACUCCUACGGGAGGCAGCAGUUAGGAAUCUUCCGCAAUGGGCGCAAGCCUGACGGAGCGACGCCGCU
UGGAGGAAGAAGCCCUUCGGGGUGUAAACUCCUGAACCCGGGACGAAACCCCCGACGAGGGGACUGACGGUACCGGGGUA
AUAGCGCCGGCCAACUCCG(PSU)GCCAGCAGCC(7MG)CGGUAAUACGGAGGGCGCGAGCGUUACCCGGAUUCACUGGG
CGUAAAGGGCGUGUAGGCGGCCUGGGGCGUCCCAUGUGAAAGACCACGGCUCAACCGUGGGGGAGCGUGGGAUACGCUCA
GGCUAGACGGUGGGAGAGGGUGGUGGAAUUCCCGGAGUAGCGGUGAAAUGCGCAGAUACCGGGAGGAACGCCGAUGGCGA
AGGCAGCCACCUGGUCCACCCGUGACGCUGAGGCGCGAAAGCGUGGGGAGCAAACCGGAUUAGAUACCCGGGUAGUCCAC
GCCCUAAACGAUGCGCGCUAGGUCUCUGGGUCUCCUGGGGGCCGAAGCUAACGCGUUAAGCGCGCCGCCUGGGGAGUACG
GCCGCAAGGCUGAAACUCAAAGGAAUUGACGGGGGCCCGCACAAGCGGUGGAGCAUGUGGUUUAAUUCGAA(M2G)
(5MC)AACGCGAAGAACCUUACCAGGCCUUGACAUGCUAGGGAACCCGGGUGAAAGCCUGGGGUGCCCCGCGAGGGGAGC
CCUAGCACAGGUGCUGCAUGGCCGUCGUCAGCUCGUGCCGUGAGGUGUUGGGUUAAGUCCCGCAACGAGCGCAACCCCCG
CCGUUAGUUGCCAGCGGUUCGGCCGGGCACUCUAACGGGACUGCCCGCGAAAGCGGGAGGAAGGAGGGGACGACGUCUGG
UCAGCAUG(2MG)CCCUUACGGCCUGGGCGACACACGUGCUACAAUGCCCACUACAAAGCGAUGCCACCCGGCAACGGGG
AGCUAAUCGCAAAAAGGUGGGCCCAGUUCGGAUUGGGGUCUGCAACCCGACCCCAUGAAGCCGGAAUCGCUAGUAAUCGC
GGAUCAGCCAUGCCGCGGUGAAUACGUUCCCGGGCCUUGUACACAC(5MC)G(4OC)C(5MC)GU(5MC)ACGCCAUGGG
AGCGGGCUCUACCCGAAGUCGCCGGGAGCCUACGGGCAGGCGCCGAGGGUAGGGCCCGUGACUGGGGCGAAGUCG(UR3)
AACAAGGUAGCUGUACCGG(MA6)(MA6)GGUGCGGCUGGAUCCACUCC(PSU)(PSU)UCU
;
A
2 'polypeptide(L)'
;TVKELLEAGVHFGHERKRWNPKFARYIYAERNGIHIIDLQKTMEELERTFRFIEDLAMRGGTILFVGTKKQAQDIVRMEA
ERAGMPYVNQRWLGGMLTNFKTISQRVHRLEELEALFASPEIEERPKKEQVRLKHELERLQKYLSGFRLLKRLPDAIFVV
DPTKEAIAVREARKLFIPVIALADTDSDPDLVDYIIPGNDDAIRSIQLILSRAVDLIIQARGGVVEPSPSYALVQE
;
B
3 'polypeptide(L)'
;GNKIHPIGFRLGITRDWESRWYAGKKQYRHLLLEDQRIRGLLEKELYSAGLARVDIERAADNVAVTVHVAKPGVVIGRGG
ERIRVLREELAKLTGKNVALNVQEVQNPNLSAPLVAQRVAEQIERRFAVRRAIKQAVQRVMESGAKGAKVIVSGRIGGAE
QARTEWAAQGRVPLHTLRANIDYGFALARTTYGVLGVKAYIFLGEVI
;
C
4 'polypeptide(L)'
;GRYIGPVCRLCRREGVKLYLKGERCYSPKCAMERRPYPPGQHGQKRARRPSDYAVRLREKQKLRRIYGISERQFRNLFEE
ASKKKGVTGSVFLGLLESRLDNVVYRLGFAVSRRQARQLVRHGHITVNGRRVDLPSYRVRPGDEIAVAEKSRNLELIRQN
LEAMKGRKVGPWLSLDVEGMKGKFLRLPDREDLALPVNEQLVIEFYSR
;
D
5 'polypeptide(L)'
;DFEEKMILIRRTARMQAGGRRFRFGALVVVGDRQGRVGLGFGKAPEVPLAVQKAGYYARRNMVEVPLQNGTIPHEIEVEF
GASKIVLKPAAPGTGVIAGAVPRAILELAGVTDILTKELGSRNPINIAYATMEALRQLRTKADVERLRKGE
;
E
6 'polypeptide(L)'
;MRRYEVNIVLNPNLDQSQLALEKEIIQRALENYGARVEKVEELGLRRLAYPIAKDPQGYFLWYQVEMPEDRVNDLARELR
IRDNVRRVMVVKSQEPFLANA
;
F
7 'polypeptide(L)'
;ARRRRAEVRQLQPDLVYGDVLVTAFINKIMRDGKKNLAARIFYDACKIIQEKTGQEPLKVFKQAVENVKPRMEVRSRRVG
GANYQVPMEVSPRRQQSLALRWLVQAANQRPERRAAVRIAHELMDAAEGKGGAVKKKEDVERMAEANRAYAHYRW
;
G
8 'polypeptide(L)'
;MLTDPIADMLTRIRNATRVYKESTDVPASRFKEEILRILAREGFIKGYERVDVDGKPYLRVYLKYGPRRQGPDPRPEQVI
HHIRRISKPGRRVYVGVKEIPRVRRGLGIAILSTSKGVLTDREARKLGVGGELICEVW
;
H
9 'polypeptide(L)'
;EQYYGTGRRKEAVARVFLRPGNGKVTVNGQDFNEYFQGLVRAVAALEPLRAVDALGHFDAYITVRGGGKSGQIDAIKLGI
ARALVQYNPDYRAKLKPLGFLTRDARVVERKKYGKHKARRAPQYSKR
;
I
10 'polypeptide(L)'
;KIRIKLRGFDHKTLDASAQKIVEAARRSGAQVSGPIPLPTRVRRFTVIRGPFKHKDSREHFELRTHNRLVDIINPNRKTI
EQLMTLDLPTGVEIEIKTV
;
J
11 'polypeptide(L)'
;KRQVASGRAYIHASYNNTIVTITDPDGNPITWSSGGVIGYKGSRKGTPYAAQLAALDAAKKAMAYGMQSVDVIVRGTGAG
REQAIRALQASGLQVKSIVDDTPVPHNGCRPKKKFRKAS
;
K
12 'polypeptide(L)'
;PTINQLVRKGREKVRKKSKVPALKGAPFRRGVCTVVRTVTPKKPNSALRKVAKVRLTSGYEVTAYIPGEGHNLQEHSVVL
IRGGRVK(0TD)LPGVRYHIVRGVYDAAGVKDRKKSRSKYGTKKPKEAA
;
L
13 'polypeptide(L)'
;ARIAGVEIPRNKRVDVALTYIYGIGKARAKEALEKTGINPATRVKDLTEAEVVRLREYVENTWKLEGELRAEVAANIKRL
MDIGCYRGLRHRRGLPVRGQRTRTNARTRKGPRKTVAG
;
M
14 'polypeptide(L)' ARKALIEKAKRTPKFKVRAYTRCVRCGRARSVYRFFGLCRICLRELAHKGQLPGVRKASW N
15 'polypeptide(L)'
;PITKEEKQKVIQEFARFPGDTGSTEVQVALLTLRINRLSEHLKVHKKDHHSHRGLLMMVGQRRRLLRYLQREDPERYRAL
IEKLGIRG
;
O
16 'polypeptide(L)'
;MVKIRLARFGSKHNPHYRIVVTDARRKRDGKYIEKIGYYDPRKTTPDWLKVDVERARYWLSVGAQPTDTARRLLRQAGVF
RQEA
;
P
17 'polypeptide(L)'
;PKKVLTGVVVSDKMQKTVTVLVERQFPHPLYGKVIKRSKKYLAHDPEEKYKLGDVVEIIESRPISKRKRFRVLRLVESGR
MDLVEKYLIRRQNYESLSK
;
Q
18 'polypeptide(L)' PSRKAKVKATLGEFDLRDYRNVEVLKRFLSETGKILPRRRTGLSAKEQRILAKTIKRARILGLLPFTEKLVRK R
19 'polypeptide(L)'
;PRSLKKGVFVDDHLLEKVLELNAKGEKRLIKTWSRRSTIVPEMVGHTIAVYNGKQHVPVYITENMVGHKLGEFAPTRTYR
G
;
S
20 'polypeptide(L)'
;RNLSALKRHRQSLKRRLRNKAKKSAIKTLSKKAIQLAQEGKAEEALKIMRKAESLIDKAAKGSTLHKNAAARRKSRLMRK
VRQLLEAAGAPLIGGGLSA
;
T
21 'polypeptide(L)' GKGDRRTRRGKIWRGTYGKYRPRKK U
22 'polyribonucleotide' A(A2M)A a
23 'polyribonucleotide' U(70U)UU(12A)A b
#
loop_
_chem_comp.id
_chem_comp.type
_chem_comp.name
_chem_comp.formula
12A RNA linking 2-METHYLTHIO-N6-(AMINOCARBONYL-L-THREONYL)-ADENOSINE-5'-MONOPHOSPHATE 'C16 H23 N6 O11 P S'
2MG RNA linking 2N-METHYLGUANOSINE-5'-MONOPHOSPHATE 'C11 H16 N5 O8 P'
4OC RNA linking 4N,O2'-METHYLCYTIDINE-5'-MONOPHOSPHATE 'C11 H18 N3 O8 P'
5MC RNA linking 5-METHYLCYTIDINE-5'-MONOPHOSPHATE 'C10 H16 N3 O8 P'
70U RNA linking 5-(O-METHYLACETO)-2-THIO-2-DEOXY-URIDINE-5'-MONOPHOSPHATE 'C12 H17 N2 O10 P S'
7MG RNA linking 7N-METHYL-8-HYDROGUANOSINE-5'-MONOPHOSPHATE 'C11 H18 N5 O8 P'
A RNA linking ADENOSINE-5'-MONOPHOSPHATE 'C10 H14 N5 O7 P'
A2M RNA linking '2'-O-methyladenosine 5'-(dihydrogen phosphate)' 'C11 H16 N5 O7 P'
B6M non-polymer '(1R,2S,3S,4R,6R)-4,6-diamino-2-{[3-O-(2,6-diamino-2,6-dideoxy-alpha-L-altropyranosyl)-beta-L-arabinofuranosyl]oxy}-3-hydroxycyclohexyl 2-amino-2-deoxy-alpha-D-allopyranoside' 'C23 H45 N5 O14'
C RNA linking CYTIDINE-5'-MONOPHOSPHATE 'C9 H14 N3 O8 P'
G RNA linking GUANOSINE-5'-MONOPHOSPHATE 'C10 H14 N5 O8 P'
K non-polymer 'POTASSIUM ION' 'K 1'
M2G RNA linking N2-DIMETHYLGUANOSINE-5'-MONOPHOSPHATE 'C12 H18 N5 O8 P'
MA6 RNA linking 6N-DIMETHYLADENOSINE-5'-MONOPHOSHATE 'C12 H18 N5 O7 P'
MG non-polymer 'MAGNESIUM ION' 'Mg 2'
PSU RNA linking PSEUDOURIDINE-5'-MONOPHOSPHATE 'C9 H13 N2 O9 P'
U RNA linking URIDINE-5'-MONOPHOSPHATE 'C9 H13 N2 O9 P'
UR3 RNA linking 3-METHYLURIDINE-5'-MONOPHOSHATE 'C10 H15 N2 O9 P'
ZN non-polymer 'ZINC ION' 'Zn 2'
#
# COMPACT_ATOMS: atom_id res chain seq x y z
N1 PSU A 500 16.09 37.17 5.00
C2 PSU A 500 15.57 35.97 5.02
N3 PSU A 500 16.35 34.92 5.15
C4 PSU A 500 17.67 35.02 5.26
C5 PSU A 500 18.26 36.29 5.23
C6 PSU A 500 17.39 37.36 5.10
O2 PSU A 500 14.39 35.82 4.93
O4 PSU A 500 18.32 34.06 5.37
C1' PSU A 500 19.77 36.51 5.36
C2' PSU A 500 20.69 35.83 4.35
O2' PSU A 500 21.86 35.41 5.02
C3' PSU A 500 21.01 36.98 3.40
C4' PSU A 500 21.05 38.19 4.33
O3' PSU A 500 22.22 36.80 2.68
O4' PSU A 500 20.04 37.89 5.32
C5' PSU A 500 20.76 39.52 3.69
O5' PSU A 500 19.40 39.62 3.29
P PSU A 500 18.68 41.04 3.15
OP1 PSU A 500 19.53 41.90 2.23
OP2 PSU A 500 17.24 40.80 2.81
P 7MG A 511 15.28 12.57 8.94
OP1 7MG A 511 14.30 12.46 7.84
OP2 7MG A 511 16.58 11.88 8.84
O5' 7MG A 511 15.55 14.12 9.19
C5' 7MG A 511 14.85 15.12 8.47
C4' 7MG A 511 14.56 16.32 9.34
O4' 7MG A 511 15.49 16.35 10.45
C3' 7MG A 511 14.73 17.68 8.68
O3' 7MG A 511 13.62 18.09 7.90
C2' 7MG A 511 15.00 18.59 9.87
O2' 7MG A 511 13.80 18.83 10.60
C1' 7MG A 511 15.88 17.68 10.72
N9 7MG A 511 17.30 17.83 10.34
C8 7MG A 511 18.07 17.03 9.61
N7 7MG A 511 19.28 17.58 9.52
C5 7MG A 511 19.27 18.77 10.23
C6 7MG A 511 20.21 19.80 10.52
O6 7MG A 511 21.36 19.75 10.10
N1 7MG A 511 19.82 20.88 11.27
C2 7MG A 511 18.58 20.95 11.74
N2 7MG A 511 18.17 22.07 12.53
N3 7MG A 511 17.69 20.02 11.49
C4 7MG A 511 18.03 18.91 10.72
CM7 7MG A 511 20.39 17.03 8.83
P M2G A 944 8.68 20.04 -24.32
OP1 M2G A 944 7.67 20.29 -23.27
OP2 M2G A 944 9.68 18.99 -24.11
O5' M2G A 944 7.93 19.74 -25.68
C5' M2G A 944 8.61 19.77 -26.92
C4' M2G A 944 8.29 18.56 -27.75
O4' M2G A 944 9.00 17.41 -27.24
C3' M2G A 944 6.83 18.13 -27.75
O3' M2G A 944 6.04 18.86 -28.66
C2' M2G A 944 6.91 16.64 -28.08
O2' M2G A 944 7.04 16.45 -29.48
C1' M2G A 944 8.23 16.24 -27.41
N9 M2G A 944 8.02 15.62 -26.09
C8 M2G A 944 8.44 16.10 -24.84
N7 M2G A 944 8.11 15.30 -23.84
C5 M2G A 944 7.47 14.24 -24.43
C6 M2G A 944 6.92 13.09 -23.80
O6 M2G A 944 6.89 12.79 -22.61
N1 M2G A 944 6.32 12.20 -24.72
C2 M2G A 944 6.30 12.43 -26.10
N2 M2G A 944 5.67 11.43 -26.85
N3 M2G A 944 6.82 13.51 -26.72
C4 M2G A 944 7.40 14.40 -25.83
CM1 M2G A 944 5.82 11.35 -28.29
CM2 M2G A 944 4.79 10.43 -26.23
P 5MC A 945 4.62 19.46 -28.21
OP1 5MC A 945 4.20 20.44 -29.23
OP2 5MC A 945 4.73 19.87 -26.80
O5' 5MC A 945 3.63 18.22 -28.30
C5' 5MC A 945 3.26 17.67 -29.56
C4' 5MC A 945 2.87 16.21 -29.43
O4' 5MC A 945 3.80 15.55 -28.55
C3' 5MC A 945 1.52 15.95 -28.79
O3' 5MC A 945 0.45 16.07 -29.72
C2' 5MC A 945 1.67 14.53 -28.26
O2' 5MC A 945 1.40 13.57 -29.26
C1' 5MC A 945 3.17 14.46 -27.91
N1 5MC A 945 3.42 14.56 -26.45
C2 5MC A 945 3.02 13.49 -25.57
O2 5MC A 945 2.45 12.49 -25.99
N3 5MC A 945 3.28 13.60 -24.19
C4 5MC A 945 3.90 14.70 -23.76
N4 5MC A 945 4.11 14.73 -22.39
C5 5MC A 945 4.32 15.78 -24.61
C6 5MC A 945 4.05 15.65 -25.95
CM5 5MC A 945 5.02 16.99 -24.02
P 2MG A 1189 1.46 42.74 -0.25
OP1 2MG A 1189 1.21 43.40 1.05
OP2 2MG A 1189 1.10 43.45 -1.50
O5' 2MG A 1189 3.01 42.39 -0.33
C5' 2MG A 1189 3.57 41.42 0.55
C4' 2MG A 1189 4.80 40.77 -0.05
O4' 2MG A 1189 4.40 39.94 -1.18
C3' 2MG A 1189 5.83 41.73 -0.63
O3' 2MG A 1189 6.69 42.27 0.36
C2' 2MG A 1189 6.55 40.85 -1.65
O2' 2MG A 1189 7.46 39.97 -1.02
C1' 2MG A 1189 5.37 40.04 -2.20
N9 2MG A 1189 4.76 40.68 -3.38
C8 2MG A 1189 3.54 41.39 -3.46
N7 2MG A 1189 3.29 41.85 -4.70
C5 2MG A 1189 4.38 41.41 -5.45
C6 2MG A 1189 4.61 41.63 -6.83
O6 2MG A 1189 3.93 42.22 -7.67
N1 2MG A 1189 5.80 41.06 -7.30
C2 2MG A 1189 6.67 40.35 -6.45
N2 2MG A 1189 7.82 39.84 -7.03
CM2 2MG A 1189 8.86 39.13 -6.29
N3 2MG A 1189 6.48 40.13 -5.14
C4 2MG A 1189 5.30 40.69 -4.66
P 5MC A 1383 11.76 4.76 -18.99
OP1 5MC A 1383 10.37 5.20 -19.16
OP2 5MC A 1383 12.52 4.28 -20.16
O5' 5MC A 1383 12.59 5.93 -18.30
C5' 5MC A 1383 13.74 5.65 -17.52
C4' 5MC A 1383 14.52 6.90 -17.20
O4' 5MC A 1383 14.37 7.85 -18.29
C3' 5MC A 1383 14.07 7.63 -15.94
O3' 5MC A 1383 15.20 8.25 -15.32
C2' 5MC A 1383 13.15 8.72 -16.48
O2' 5MC A 1383 13.02 9.85 -15.66
C1' 5MC A 1383 13.83 9.06 -17.80
N1 5MC A 1383 12.93 9.60 -18.83
C2 5MC A 1383 12.74 11.03 -18.99
O2 5MC A 1383 13.34 11.82 -18.29
N3 5MC A 1383 11.87 11.51 -19.98
C4 5MC A 1383 11.23 10.61 -20.74
N4 5MC A 1383 10.39 11.18 -21.68
C5 5MC A 1383 11.38 9.20 -20.61
C6 5MC A 1383 12.23 8.75 -19.64
CM5 5MC A 1383 10.61 8.25 -21.53
P 4OC A 1385 16.24 7.03 -8.91
OP1 4OC A 1385 16.22 7.91 -7.72
OP2 4OC A 1385 17.05 7.40 -10.08
O5' 4OC A 1385 16.72 5.59 -8.42
CM2 4OC A 1385 17.32 -0.58 -6.41
C5' 4OC A 1385 16.41 5.12 -7.11
C4' 4OC A 1385 16.47 3.62 -7.04
O4' 4OC A 1385 16.14 3.04 -8.33
C3' 4OC A 1385 17.82 3.02 -6.72
C2' 4OC A 1385 17.70 1.60 -7.27
O2' 4OC A 1385 16.96 0.78 -6.37
C1' 4OC A 1385 16.85 1.83 -8.52
N1 4OC A 1385 17.69 1.97 -9.74
C2 4OC A 1385 18.36 0.83 -10.28
O2 4OC A 1385 18.23 -0.23 -9.74
N3 4OC A 1385 19.14 0.97 -11.43
C4 4OC A 1385 19.24 2.18 -11.98
N4 4OC A 1385 20.01 2.32 -13.11
C5 4OC A 1385 18.59 3.34 -11.46
C6 4OC A 1385 17.83 3.17 -10.33
CM4 4OC A 1385 20.24 1.21 -14.03
O3' 4OC A 1385 18.13 3.06 -5.33
P 5MC A 1387 24.47 0.00 -4.50
OP1 5MC A 1387 24.35 -0.14 -3.05
OP2 5MC A 1387 24.71 1.32 -5.10
O5' 5MC A 1387 25.62 -0.99 -4.98
C5' 5MC A 1387 25.50 -2.39 -4.83
C4' 5MC A 1387 26.36 -3.13 -5.83
O4' 5MC A 1387 25.89 -2.88 -7.17
C3' 5MC A 1387 27.81 -2.72 -5.87
O3' 5MC A 1387 28.58 -3.31 -4.84
C2' 5MC A 1387 28.24 -3.14 -7.26
O2' 5MC A 1387 28.50 -4.54 -7.30
C1' 5MC A 1387 26.98 -2.86 -8.06
N1 5MC A 1387 27.01 -1.53 -8.72
C2 5MC A 1387 27.80 -1.31 -9.91
O2 5MC A 1387 28.45 -2.19 -10.42
N3 5MC A 1387 27.80 -0.03 -10.50
C4 5MC A 1387 27.07 0.94 -9.92
N4 5MC A 1387 27.15 2.16 -10.57
C5 5MC A 1387 26.29 0.74 -8.74
C6 5MC A 1387 26.29 -0.50 -8.19
CM5 5MC A 1387 25.49 1.90 -8.15
P 5MC A 1390 40.81 0.13 -6.75
OP1 5MC A 1390 42.14 -0.26 -6.32
OP2 5MC A 1390 39.81 0.56 -5.76
O5' 5MC A 1390 40.97 1.29 -7.82
C5' 5MC A 1390 41.73 1.11 -9.00
C4' 5MC A 1390 41.58 2.27 -9.95
O4' 5MC A 1390 40.24 2.29 -10.50
C3' 5MC A 1390 41.76 3.64 -9.35
O3' 5MC A 1390 43.12 4.00 -9.16
C2' 5MC A 1390 41.02 4.53 -10.33
O2' 5MC A 1390 41.81 4.78 -11.48
C1' 5MC A 1390 39.85 3.63 -10.74
N1 5MC A 1390 38.64 3.91 -9.92
C2 5MC A 1390 37.72 4.95 -10.30
O2 5MC A 1390 37.90 5.63 -11.29
N3 5MC A 1390 36.58 5.18 -9.50
C4 5MC A 1390 36.41 4.43 -8.41
N4 5MC A 1390 35.27 4.73 -7.70
C5 5MC A 1390 37.30 3.39 -8.02
C6 5MC A 1390 38.39 3.17 -8.80
CM5 5MC A 1390 37.03 2.57 -6.76
P UR3 A 1476 27.80 -2.17 -20.84
OP1 UR3 A 1476 27.60 -3.22 -21.83
OP2 UR3 A 1476 27.19 -0.86 -21.08
O5' UR3 A 1476 27.28 -2.71 -19.44
C5' UR3 A 1476 27.73 -3.96 -18.92
C4' UR3 A 1476 26.71 -4.57 -17.99
O4' UR3 A 1476 26.63 -3.75 -16.79
C1' UR3 A 1476 25.34 -3.17 -16.68
N1 UR3 A 1476 25.51 -1.75 -16.36
C6 UR3 A 1476 26.44 -0.98 -17.01
C2 UR3 A 1476 24.69 -1.15 -15.38
O2 UR3 A 1476 23.83 -1.77 -14.76
N3 UR3 A 1476 24.88 0.22 -15.11
C3U UR3 A 1476 24.01 0.79 -14.09
C4 UR3 A 1476 25.82 1.02 -15.75
O4 UR3 A 1476 25.91 2.20 -15.45
C5 UR3 A 1476 26.61 0.35 -16.73
C2' UR3 A 1476 24.60 -3.43 -18.00
O2' UR3 A 1476 23.21 -3.57 -17.82
C3' UR3 A 1476 25.31 -4.67 -18.55
O3' UR3 A 1476 24.65 -5.90 -18.19
C2 MA6 A 1496 33.12 -3.19 -15.67
C4 MA6 A 1496 34.76 -4.32 -14.67
C5 MA6 A 1496 35.02 -5.05 -15.86
P MA6 A 1496 39.68 -7.46 -13.21
OP1 MA6 A 1496 40.62 -8.43 -12.64
OP2 MA6 A 1496 38.79 -7.86 -14.30
O5' MA6 A 1496 38.78 -6.91 -12.02
C5' MA6 A 1496 38.90 -5.57 -11.55
C4' MA6 A 1496 37.57 -5.03 -11.10
O4' MA6 A 1496 37.11 -4.03 -12.06
C1' MA6 A 1496 35.75 -4.24 -12.35
N9 MA6 A 1496 35.66 -4.76 -13.73
N3 MA6 A 1496 33.81 -3.37 -14.54
N1 MA6 A 1496 33.24 -3.82 -16.87
C6 MA6 A 1496 34.21 -4.75 -16.98
N6 MA6 A 1496 34.28 -5.36 -18.22
C9 MA6 A 1496 33.37 -4.94 -19.27
C10 MA6 A 1496 35.02 -6.59 -18.51
N7 MA6 A 1496 36.07 -5.94 -15.63
C8 MA6 A 1496 36.44 -5.74 -14.35
C2' MA6 A 1496 35.20 -5.22 -11.32
O2' MA6 A 1496 34.81 -4.49 -10.17
C3' MA6 A 1496 36.45 -6.05 -11.03
O3' MA6 A 1496 36.40 -6.72 -9.78
C2 MA6 A 1497 29.52 -4.82 -15.26
C4 MA6 A 1497 30.89 -5.73 -13.76
C5 MA6 A 1497 31.45 -6.58 -14.75
P MA6 A 1497 35.24 -7.78 -9.47
OP1 MA6 A 1497 35.71 -8.68 -8.40
OP2 MA6 A 1497 34.78 -8.35 -10.75
O5' MA6 A 1497 34.05 -6.89 -8.88
C5' MA6 A 1497 32.74 -7.41 -8.78
C4' MA6 A 1497 31.71 -6.40 -9.25
O4' MA6 A 1497 32.25 -5.66 -10.38
C1' MA6 A 1497 31.22 -5.36 -11.29
N9 MA6 A 1497 31.52 -6.02 -12.57
N3 MA6 A 1497 29.91 -4.83 -13.99
N1 MA6 A 1497 29.96 -5.56 -16.31
C6 MA6 A 1497 30.94 -6.45 -16.07
N6 MA6 A 1497 31.34 -7.18 -17.18
C9 MA6 A 1497 30.68 -6.96 -18.43
C10 MA6 A 1497 32.19 -8.38 -17.12
N7 MA6 A 1497 32.43 -7.39 -14.15
C8 MA6 A 1497 32.46 -7.03 -12.86
C2' MA6 A 1497 29.91 -5.87 -10.69
O2' MA6 A 1497 29.33 -4.82 -9.94
C3' MA6 A 1497 30.41 -6.97 -9.78
O3' MA6 A 1497 29.50 -7.33 -8.76
N1 PSU A 1518 18.70 -7.54 -31.15
C2 PSU A 1518 19.27 -6.74 -32.02
N3 PSU A 1518 20.58 -6.75 -32.13
C4 PSU A 1518 21.35 -7.53 -31.39
C5 PSU A 1518 20.77 -8.40 -30.48
C6 PSU A 1518 19.39 -8.36 -30.38
O2 PSU A 1518 18.63 -6.02 -32.69
O4 PSU A 1518 22.52 -7.50 -31.54
C1' PSU A 1518 21.59 -9.34 -29.59
C2' PSU A 1518 22.18 -8.70 -28.33
O2' PSU A 1518 23.43 -9.32 -28.06
C3' PSU A 1518 21.14 -9.11 -27.28
C4' PSU A 1518 20.75 -10.50 -27.73
O3' PSU A 1518 21.62 -9.06 -25.96
O4' PSU A 1518 20.78 -10.43 -29.18
C5' PSU A 1518 19.41 -11.01 -27.26
O5' PSU A 1518 18.35 -10.27 -27.85
P PSU A 1518 16.85 -10.80 -27.77
OP1 PSU A 1518 16.55 -11.15 -26.34
OP2 PSU A 1518 15.96 -9.82 -28.49
N1 PSU A 1519 17.18 -6.76 -28.04
C2 PSU A 1519 16.47 -6.40 -29.09
N3 PSU A 1519 16.86 -5.37 -29.80
C4 PSU A 1519 17.94 -4.67 -29.51
C5 PSU A 1519 18.72 -5.02 -28.42
C6 PSU A 1519 18.27 -6.12 -27.68
O2 PSU A 1519 15.49 -7.00 -29.37
O4 PSU A 1519 18.25 -3.75 -30.20
C1' PSU A 1519 19.99 -4.28 -28.00
C2' PSU A 1519 19.86 -3.21 -26.92
O2' PSU A 1519 20.74 -2.14 -27.25
C3' PSU A 1519 20.35 -3.96 -25.69
C4' PSU A 1519 21.45 -4.84 -26.26
O3' PSU A 1519 20.80 -3.11 -24.65
O4' PSU A 1519 20.96 -5.22 -27.57
C5' PSU A 1519 21.77 -6.08 -25.46
O5' PSU A 1519 20.61 -6.86 -25.23
P PSU A 1519 20.71 -8.39 -24.80
OP1 PSU A 1519 21.46 -8.48 -23.50
OP2 PSU A 1519 19.34 -8.99 -24.93
N THR B 1 -47.83 -31.13 17.96
CA THR B 1 -47.51 -31.44 19.35
C THR B 1 -47.64 -32.93 19.62
N VAL B 2 -47.93 -33.70 18.57
CA VAL B 2 -48.10 -35.14 18.68
C VAL B 2 -47.15 -35.83 17.71
N LYS B 3 -46.01 -35.22 17.44
CA LYS B 3 -45.05 -35.72 16.47
C LYS B 3 -44.07 -36.72 17.07
N GLU B 4 -44.44 -37.39 18.16
CA GLU B 4 -43.54 -38.34 18.81
C GLU B 4 -43.20 -39.49 17.87
N LEU B 5 -44.21 -40.27 17.47
CA LEU B 5 -44.00 -41.41 16.59
C LEU B 5 -44.12 -41.06 15.12
N LEU B 6 -44.68 -39.90 14.79
CA LEU B 6 -44.86 -39.48 13.40
C LEU B 6 -43.56 -39.00 12.76
N GLU B 7 -42.43 -39.07 13.46
CA GLU B 7 -41.14 -38.63 12.94
C GLU B 7 -40.63 -39.69 11.95
N ALA B 8 -41.15 -39.63 10.73
CA ALA B 8 -40.80 -40.56 9.67
C ALA B 8 -39.93 -39.82 8.65
N GLY B 9 -38.64 -40.11 8.66
CA GLY B 9 -37.70 -39.49 7.75
C GLY B 9 -36.85 -38.39 8.34
N VAL B 10 -37.00 -38.11 9.64
CA VAL B 10 -36.24 -37.03 10.26
C VAL B 10 -34.89 -37.51 10.78
N HIS B 11 -34.81 -38.76 11.24
CA HIS B 11 -33.57 -39.27 11.81
C HIS B 11 -32.45 -39.40 10.77
N PHE B 12 -32.78 -39.42 9.48
CA PHE B 12 -31.76 -39.52 8.45
C PHE B 12 -30.91 -38.25 8.41
N GLY B 13 -29.59 -38.42 8.52
CA GLY B 13 -28.66 -37.33 8.44
C GLY B 13 -27.85 -37.37 7.15
N HIS B 14 -26.74 -36.64 7.17
CA HIS B 14 -25.83 -36.62 6.02
C HIS B 14 -24.94 -37.85 6.06
N GLU B 15 -23.91 -37.88 5.21
CA GLU B 15 -23.03 -39.02 5.08
C GLU B 15 -22.07 -39.06 6.27
N ARG B 16 -21.11 -40.00 6.23
CA ARG B 16 -20.11 -40.07 7.28
C ARG B 16 -19.22 -38.84 7.28
N LYS B 17 -18.83 -38.36 6.09
CA LYS B 17 -18.06 -37.13 5.97
C LYS B 17 -19.00 -35.93 5.99
N ARG B 18 -18.43 -34.74 5.83
CA ARG B 18 -19.19 -33.49 5.79
C ARG B 18 -20.06 -33.31 7.03
N TRP B 19 -19.54 -33.74 8.18
CA TRP B 19 -20.23 -33.63 9.45
C TRP B 19 -19.49 -32.65 10.36
N ASN B 20 -20.05 -32.44 11.54
CA ASN B 20 -19.44 -31.60 12.56
C ASN B 20 -19.28 -32.40 13.84
N PRO B 21 -18.08 -32.53 14.39
CA PRO B 21 -17.91 -33.32 15.62
C PRO B 21 -18.73 -32.80 16.79
N LYS B 22 -19.00 -31.49 16.84
CA LYS B 22 -19.80 -30.94 17.93
C LYS B 22 -21.23 -31.49 17.93
N PHE B 23 -21.66 -32.10 16.83
CA PHE B 23 -22.97 -32.71 16.73
C PHE B 23 -23.00 -34.15 17.23
N ALA B 24 -21.84 -34.69 17.63
CA ALA B 24 -21.76 -36.11 17.99
C ALA B 24 -22.65 -36.45 19.17
N ARG B 25 -22.96 -35.47 20.03
CA ARG B 25 -23.83 -35.73 21.17
C ARG B 25 -25.26 -36.00 20.74
N TYR B 26 -25.68 -35.51 19.58
CA TYR B 26 -27.05 -35.69 19.10
C TYR B 26 -27.18 -36.80 18.08
N ILE B 27 -26.15 -37.64 17.93
CA ILE B 27 -26.15 -38.73 16.96
C ILE B 27 -26.32 -40.05 17.72
N TYR B 28 -27.24 -40.88 17.25
CA TYR B 28 -27.47 -42.18 17.87
C TYR B 28 -26.41 -43.18 17.44
N ALA B 29 -26.31 -43.45 16.14
CA ALA B 29 -25.34 -44.39 15.61
C ALA B 29 -25.14 -44.10 14.13
N GLU B 30 -24.40 -44.96 13.45
CA GLU B 30 -24.10 -44.82 12.02
C GLU B 30 -24.49 -46.12 11.32
N ARG B 31 -25.49 -46.03 10.44
CA ARG B 31 -25.96 -47.19 9.67
C ARG B 31 -25.60 -46.99 8.21
N ASN B 32 -24.75 -47.87 7.69
CA ASN B 32 -24.35 -47.86 6.28
C ASN B 32 -23.72 -46.53 5.88
N GLY B 33 -22.79 -46.05 6.72
CA GLY B 33 -22.07 -44.83 6.42
C GLY B 33 -22.90 -43.58 6.41
N ILE B 34 -23.97 -43.54 7.22
CA ILE B 34 -24.84 -42.37 7.30
C ILE B 34 -25.15 -42.12 8.78
N HIS B 35 -24.84 -40.92 9.26
CA HIS B 35 -25.16 -40.56 10.64
C HIS B 35 -26.66 -40.46 10.83
N ILE B 36 -27.17 -41.07 11.89
CA ILE B 36 -28.58 -41.04 12.23
C ILE B 36 -28.76 -40.27 13.52
N ILE B 37 -29.75 -39.38 13.56
CA ILE B 37 -29.95 -38.52 14.71
C ILE B 37 -30.55 -39.33 15.86
N ASP B 38 -30.16 -38.97 17.09
CA ASP B 38 -30.72 -39.61 18.27
C ASP B 38 -32.20 -39.22 18.40
N LEU B 39 -33.07 -40.22 18.44
CA LEU B 39 -34.51 -39.94 18.51
C LEU B 39 -34.90 -39.37 19.86
N GLN B 40 -34.23 -39.78 20.94
CA GLN B 40 -34.58 -39.29 22.27
C GLN B 40 -34.21 -37.83 22.43
N LYS B 41 -32.95 -37.49 22.19
CA LYS B 41 -32.50 -36.11 22.34
C LYS B 41 -33.22 -35.17 21.37
N THR B 42 -33.74 -35.69 20.26
CA THR B 42 -34.53 -34.88 19.35
C THR B 42 -35.72 -34.26 20.09
N MET B 43 -36.58 -35.10 20.66
CA MET B 43 -37.71 -34.58 21.43
C MET B 43 -37.26 -33.89 22.70
N GLU B 44 -36.13 -34.32 23.28
CA GLU B 44 -35.60 -33.66 24.47
C GLU B 44 -35.35 -32.18 24.21
N GLU B 45 -34.71 -31.87 23.08
CA GLU B 45 -34.50 -30.47 22.70
C GLU B 45 -35.75 -29.83 22.14
N LEU B 46 -36.63 -30.61 21.51
CA LEU B 46 -37.87 -30.07 20.98
C LEU B 46 -38.76 -29.52 22.09
N GLU B 47 -38.74 -30.16 23.25
CA GLU B 47 -39.49 -29.65 24.39
C GLU B 47 -39.13 -28.19 24.68
N ARG B 48 -37.85 -27.94 24.94
CA ARG B 48 -37.39 -26.59 25.27
C ARG B 48 -37.59 -25.64 24.09
N THR B 49 -37.33 -26.11 22.87
CA THR B 49 -37.44 -25.24 21.71
C THR B 49 -38.88 -24.79 21.49
N PHE B 50 -39.82 -25.73 21.45
CA PHE B 50 -41.22 -25.38 21.27
C PHE B 50 -41.77 -24.61 22.46
N ARG B 51 -41.22 -24.83 23.67
CA ARG B 51 -41.63 -24.04 24.82
C ARG B 51 -41.23 -22.58 24.63
N PHE B 52 -39.99 -22.34 24.20
CA PHE B 52 -39.56 -20.98 23.91
C PHE B 52 -40.38 -20.38 22.78
N ILE B 53 -40.72 -21.19 21.77
CA ILE B 53 -41.52 -20.71 20.65
C ILE B 53 -42.90 -20.25 21.13
N GLU B 54 -43.54 -21.07 21.98
CA GLU B 54 -44.85 -20.71 22.51
C GLU B 54 -44.76 -19.47 23.38
N ASP B 55 -43.71 -19.38 24.22
CA ASP B 55 -43.55 -18.20 25.06
C ASP B 55 -43.39 -16.93 24.22
N LEU B 56 -42.57 -16.99 23.17
CA LEU B 56 -42.37 -15.82 22.33
C LEU B 56 -43.61 -15.50 21.49
N ALA B 57 -44.38 -16.53 21.14
CA ALA B 57 -45.55 -16.30 20.29
C ALA B 57 -46.71 -15.71 21.08
N MET B 58 -46.98 -16.21 22.29
CA MET B 58 -48.06 -15.67 23.08
C MET B 58 -47.77 -14.25 23.56
N ARG B 59 -46.51 -13.83 23.52
CA ARG B 59 -46.14 -12.46 23.85
C ARG B 59 -46.22 -11.51 22.66
N GLY B 60 -46.51 -12.02 21.47
CA GLY B 60 -46.62 -11.18 20.30
C GLY B 60 -45.30 -10.88 19.60
N GLY B 61 -44.32 -11.78 19.71
CA GLY B 61 -43.04 -11.56 19.06
C GLY B 61 -43.01 -12.01 17.62
N THR B 62 -42.08 -11.42 16.86
CA THR B 62 -41.92 -11.72 15.45
C THR B 62 -40.72 -12.64 15.23
N ILE B 63 -40.92 -13.66 14.40
CA ILE B 63 -39.88 -14.64 14.08
C ILE B 63 -39.62 -14.59 12.58
N LEU B 64 -38.34 -14.52 12.21
CA LEU B 64 -37.92 -14.46 10.82
C LEU B 64 -37.54 -15.87 10.36
N PHE B 65 -38.22 -16.36 9.33
CA PHE B 65 -37.94 -17.66 8.75
C PHE B 65 -37.02 -17.51 7.56
N VAL B 66 -35.91 -18.25 7.57
CA VAL B 66 -34.89 -18.17 6.54
C VAL B 66 -34.73 -19.54 5.89
N GLY B 67 -34.91 -19.60 4.58
CA GLY B 67 -34.72 -20.83 3.84
C GLY B 67 -34.23 -20.60 2.43
N THR B 68 -33.11 -21.23 2.07
CA THR B 68 -32.51 -21.05 0.77
C THR B 68 -31.98 -22.35 0.17
N LYS B 69 -32.16 -23.47 0.84
CA LYS B 69 -31.58 -24.75 0.42
C LYS B 69 -32.22 -25.31 -0.85
N LYS B 70 -33.10 -24.59 -1.56
CA LYS B 70 -33.85 -25.07 -2.73
C LYS B 70 -34.74 -26.27 -2.43
N GLN B 71 -34.80 -26.73 -1.19
CA GLN B 71 -35.70 -27.82 -0.81
C GLN B 71 -36.75 -27.39 0.20
N ALA B 72 -36.60 -26.20 0.79
CA ALA B 72 -37.58 -25.66 1.73
C ALA B 72 -38.11 -24.30 1.29
N GLN B 73 -37.78 -23.86 0.07
CA GLN B 73 -38.24 -22.54 -0.37
C GLN B 73 -39.75 -22.50 -0.49
N ASP B 74 -40.33 -23.46 -1.22
CA ASP B 74 -41.78 -23.50 -1.40
C ASP B 74 -42.51 -23.75 -0.08
N ILE B 75 -41.85 -24.35 0.90
CA ILE B 75 -42.49 -24.60 2.19
C ILE B 75 -42.45 -23.33 3.05
N VAL B 76 -41.28 -22.71 3.16
CA VAL B 76 -41.16 -21.51 3.97
C VAL B 76 -41.99 -20.36 3.39
N ARG B 77 -42.11 -20.30 2.06
CA ARG B 77 -42.84 -19.19 1.44
C ARG B 77 -44.31 -19.19 1.81
N MET B 78 -44.85 -20.31 2.29
CA MET B 78 -46.25 -20.37 2.69
C MET B 78 -46.45 -20.60 4.19
N GLU B 79 -45.53 -21.31 4.85
CA GLU B 79 -45.64 -21.45 6.31
C GLU B 79 -45.47 -20.12 7.01
N ALA B 80 -44.76 -19.18 6.39
CA ALA B 80 -44.68 -17.82 6.89
C ALA B 80 -45.73 -16.91 6.26
N GLU B 81 -46.26 -17.26 5.09
CA GLU B 81 -47.42 -16.57 4.55
C GLU B 81 -48.68 -16.83 5.36
N ARG B 82 -48.60 -17.76 6.32
CA ARG B 82 -49.55 -17.88 7.41
C ARG B 82 -49.23 -16.79 8.42
N ALA B 83 -49.65 -16.96 9.67
CA ALA B 83 -49.48 -15.96 10.73
C ALA B 83 -48.21 -15.14 10.55
N GLY B 84 -48.32 -13.81 10.68
CA GLY B 84 -47.55 -12.86 9.93
C GLY B 84 -46.05 -12.80 10.13
N MET B 85 -45.47 -13.84 10.72
CA MET B 85 -44.02 -13.96 10.80
C MET B 85 -43.40 -13.82 9.41
N PRO B 86 -42.52 -12.85 9.19
CA PRO B 86 -41.94 -12.64 7.86
C PRO B 86 -40.99 -13.77 7.44
N TYR B 87 -40.43 -13.67 6.23
CA TYR B 87 -39.53 -14.71 5.75
C TYR B 87 -38.64 -14.15 4.65
N VAL B 88 -37.53 -14.86 4.41
CA VAL B 88 -36.62 -14.59 3.30
C VAL B 88 -36.45 -15.88 2.53
N ASN B 89 -36.66 -15.83 1.21
CA ASN B 89 -36.79 -17.04 0.41
C ASN B 89 -35.69 -17.22 -0.62
N GLN B 90 -35.47 -16.22 -1.49
CA GLN B 90 -34.58 -16.41 -2.63
C GLN B 90 -33.12 -16.48 -2.20
N ARG B 91 -32.68 -15.50 -1.41
CA ARG B 91 -31.33 -15.51 -0.86
C ARG B 91 -31.26 -14.47 0.25
N TRP B 92 -30.35 -14.69 1.19
CA TRP B 92 -30.21 -13.81 2.36
C TRP B 92 -29.20 -12.74 2.03
N LEU B 93 -29.67 -11.50 1.89
CA LEU B 93 -28.80 -10.39 1.54
C LEU B 93 -27.92 -10.00 2.72
N GLY B 94 -26.63 -9.82 2.48
CA GLY B 94 -25.70 -9.43 3.52
C GLY B 94 -26.02 -8.06 4.09
N GLY B 95 -26.48 -8.04 5.34
CA GLY B 95 -26.84 -6.79 5.99
C GLY B 95 -28.30 -6.62 6.30
N MET B 96 -29.11 -7.67 6.20
CA MET B 96 -30.54 -7.55 6.48
C MET B 96 -30.81 -7.19 7.94
N LEU B 97 -29.89 -7.51 8.85
CA LEU B 97 -30.08 -7.26 10.27
C LEU B 97 -29.16 -6.17 10.80
N THR B 98 -27.86 -6.25 10.50
CA THR B 98 -26.93 -5.22 10.97
C THR B 98 -27.13 -3.91 10.22
N ASN B 99 -27.41 -3.99 8.92
CA ASN B 99 -27.72 -2.82 8.09
C ASN B 99 -29.21 -2.74 7.79
N PHE B 100 -30.05 -3.08 8.78
CA PHE B 100 -31.49 -3.15 8.58
C PHE B 100 -32.09 -1.85 8.09
N LYS B 101 -31.44 -0.71 8.35
CA LYS B 101 -32.01 0.58 7.94
C LYS B 101 -31.99 0.74 6.42
N THR B 102 -30.88 0.34 5.78
CA THR B 102 -30.80 0.47 4.33
C THR B 102 -31.77 -0.50 3.64
N ILE B 103 -31.94 -1.70 4.21
CA ILE B 103 -32.91 -2.63 3.64
C ILE B 103 -34.33 -2.13 3.86
N SER B 104 -34.58 -1.43 4.97
CA SER B 104 -35.88 -0.80 5.15
C SER B 104 -36.09 0.33 4.14
N GLN B 105 -35.03 1.04 3.78
CA GLN B 105 -35.13 2.02 2.70
C GLN B 105 -35.45 1.36 1.37
N ARG B 106 -34.87 0.18 1.12
CA ARG B 106 -35.23 -0.58 -0.07
C ARG B 106 -36.70 -1.00 -0.04
N VAL B 107 -37.20 -1.39 1.13
CA VAL B 107 -38.62 -1.71 1.26
C VAL B 107 -39.48 -0.48 1.02
N HIS B 108 -39.00 0.69 1.47
CA HIS B 108 -39.70 1.93 1.19
C HIS B 108 -39.79 2.19 -0.30
N ARG B 109 -38.69 1.95 -1.03
CA ARG B 109 -38.72 2.10 -2.48
C ARG B 109 -39.66 1.08 -3.12
N LEU B 110 -39.72 -0.13 -2.55
CA LEU B 110 -40.64 -1.14 -3.04
C LEU B 110 -42.09 -0.66 -2.94
N GLU B 111 -42.50 -0.22 -1.75
CA GLU B 111 -43.88 0.25 -1.60
C GLU B 111 -44.13 1.55 -2.36
N GLU B 112 -43.08 2.35 -2.58
CA GLU B 112 -43.22 3.53 -3.43
C GLU B 112 -43.54 3.15 -4.86
N LEU B 113 -42.81 2.18 -5.42
CA LEU B 113 -43.10 1.70 -6.76
C LEU B 113 -44.46 1.00 -6.83
N GLU B 114 -44.88 0.37 -5.74
CA GLU B 114 -46.22 -0.21 -5.69
C GLU B 114 -47.29 0.89 -5.73
N ALA B 115 -47.04 2.01 -5.04
CA ALA B 115 -47.97 3.12 -5.07
C ALA B 115 -47.98 3.82 -6.42
N LEU B 116 -46.84 3.79 -7.13
CA LEU B 116 -46.80 4.38 -8.47
C LEU B 116 -47.62 3.56 -9.46
N PHE B 117 -47.53 2.23 -9.37
CA PHE B 117 -48.33 1.37 -10.23
C PHE B 117 -49.79 1.32 -9.80
N ALA B 118 -50.13 1.87 -8.65
CA ALA B 118 -51.52 2.03 -8.25
C ALA B 118 -52.09 3.39 -8.65
N SER B 119 -51.23 4.38 -8.86
CA SER B 119 -51.60 5.72 -9.31
C SER B 119 -51.64 5.77 -10.82
N PRO B 120 -52.34 6.75 -11.39
CA PRO B 120 -52.39 6.87 -12.86
C PRO B 120 -51.10 7.40 -13.46
N GLU B 121 -50.03 7.50 -12.67
CA GLU B 121 -48.74 7.99 -13.12
C GLU B 121 -47.94 6.94 -13.88
N ILE B 122 -48.58 5.86 -14.31
CA ILE B 122 -47.87 4.81 -15.04
C ILE B 122 -47.57 5.23 -16.47
N GLU B 123 -48.47 5.99 -17.10
CA GLU B 123 -48.34 6.29 -18.52
C GLU B 123 -47.36 7.44 -18.78
N GLU B 124 -47.33 8.44 -17.90
CA GLU B 124 -46.37 9.52 -18.03
C GLU B 124 -44.95 8.97 -17.88
N ARG B 125 -43.97 9.76 -18.34
CA ARG B 125 -42.58 9.32 -18.35
C ARG B 125 -42.48 7.99 -19.09
N PRO B 126 -42.48 8.03 -20.44
CA PRO B 126 -42.92 6.87 -21.25
C PRO B 126 -42.12 5.58 -21.11
N LYS B 127 -42.55 4.58 -21.89
CA LYS B 127 -42.31 3.15 -21.71
C LYS B 127 -40.93 2.75 -21.18
N LYS B 128 -39.91 3.56 -21.43
CA LYS B 128 -38.59 3.26 -20.88
C LYS B 128 -38.65 3.04 -19.37
N GLU B 129 -39.18 4.03 -18.65
CA GLU B 129 -39.39 3.86 -17.21
C GLU B 129 -40.42 2.79 -16.91
N GLN B 130 -41.44 2.65 -17.76
CA GLN B 130 -42.47 1.65 -17.52
C GLN B 130 -41.92 0.22 -17.58
N VAL B 131 -40.75 0.03 -18.18
CA VAL B 131 -40.07 -1.26 -18.19
C VAL B 131 -39.01 -1.33 -17.10
N ARG B 132 -38.26 -0.24 -16.91
CA ARG B 132 -37.22 -0.23 -15.89
C ARG B 132 -37.82 -0.45 -14.51
N LEU B 133 -38.79 0.39 -14.12
CA LEU B 133 -39.43 0.24 -12.83
C LEU B 133 -40.21 -1.06 -12.73
N LYS B 134 -40.71 -1.57 -13.85
CA LYS B 134 -41.40 -2.87 -13.84
C LYS B 134 -40.44 -3.98 -13.40
N HIS B 135 -39.28 -4.06 -14.05
CA HIS B 135 -38.30 -5.07 -13.67
C HIS B 135 -37.75 -4.82 -12.27
N GLU B 136 -37.63 -3.56 -11.87
CA GLU B 136 -37.17 -3.24 -10.52
C GLU B 136 -38.15 -3.76 -9.48
N LEU B 137 -39.44 -3.48 -9.66
CA LEU B 137 -40.46 -3.98 -8.75
C LEU B 137 -40.51 -5.51 -8.78
N GLU B 138 -40.29 -6.10 -9.96
CA GLU B 138 -40.23 -7.55 -10.06
C GLU B 138 -39.15 -8.12 -9.16
N ARG B 139 -37.92 -7.63 -9.27
CA ARG B 139 -36.84 -8.18 -8.45
C ARG B 139 -37.02 -7.82 -6.98
N LEU B 140 -37.64 -6.67 -6.69
CA LEU B 140 -37.88 -6.31 -5.29
C LEU B 140 -38.89 -7.24 -4.65
N GLN B 141 -39.95 -7.60 -5.37
CA GLN B 141 -40.88 -8.60 -4.84
C GLN B 141 -40.26 -9.99 -4.83
N LYS B 142 -39.30 -10.25 -5.71
CA LYS B 142 -38.60 -11.53 -5.70
C LYS B 142 -37.77 -11.69 -4.44
N TYR B 143 -37.03 -10.66 -4.05
CA TYR B 143 -36.11 -10.77 -2.92
C TYR B 143 -36.76 -10.34 -1.60
N LEU B 144 -37.55 -9.26 -1.61
CA LEU B 144 -38.17 -8.74 -0.40
C LEU B 144 -39.62 -9.17 -0.27
N SER B 145 -39.94 -10.40 -0.68
CA SER B 145 -41.32 -10.88 -0.65
C SER B 145 -41.86 -10.88 0.78
N GLY B 146 -41.24 -11.65 1.66
CA GLY B 146 -41.70 -11.73 3.03
C GLY B 146 -41.02 -10.74 3.96
N PHE B 147 -39.83 -10.26 3.58
CA PHE B 147 -39.09 -9.35 4.41
C PHE B 147 -39.78 -8.00 4.59
N ARG B 148 -40.68 -7.65 3.67
CA ARG B 148 -41.36 -6.35 3.74
C ARG B 148 -42.26 -6.23 4.97
N LEU B 149 -42.55 -7.32 5.66
CA LEU B 149 -43.41 -7.26 6.83
C LEU B 149 -42.69 -6.77 8.08
N LEU B 150 -41.36 -6.82 8.10
CA LEU B 150 -40.58 -6.41 9.27
C LEU B 150 -40.54 -4.89 9.33
N LYS B 151 -41.17 -4.31 10.36
CA LYS B 151 -41.04 -2.88 10.62
C LYS B 151 -39.87 -2.56 11.53
N ARG B 152 -39.53 -3.48 12.43
CA ARG B 152 -38.37 -3.34 13.30
C ARG B 152 -37.51 -4.58 13.23
N LEU B 153 -36.52 -4.69 14.10
CA LEU B 153 -35.71 -5.90 14.14
C LEU B 153 -36.54 -7.06 14.68
N PRO B 154 -36.35 -8.27 14.15
CA PRO B 154 -37.14 -9.41 14.62
C PRO B 154 -36.69 -9.87 15.99
N ASP B 155 -37.66 -10.37 16.77
CA ASP B 155 -37.37 -10.89 18.11
C ASP B 155 -36.72 -12.26 18.10
N ALA B 156 -36.77 -12.97 16.96
CA ALA B 156 -36.13 -14.27 16.82
C ALA B 156 -36.05 -14.60 15.34
N ILE B 157 -35.15 -15.53 15.01
CA ILE B 157 -35.01 -16.01 13.64
C ILE B 157 -35.10 -17.52 13.64
N PHE B 158 -35.62 -18.06 12.53
CA PHE B 158 -35.76 -19.49 12.32
C PHE B 158 -35.03 -19.87 11.04
N VAL B 159 -34.15 -20.86 11.14
CA VAL B 159 -33.28 -21.26 10.04
C VAL B 159 -33.55 -22.72 9.70
N VAL B 160 -33.50 -23.03 8.41
CA VAL B 160 -33.66 -24.41 7.95
C VAL B 160 -32.33 -25.15 7.91
N ASP B 161 -31.29 -24.50 7.39
CA ASP B 161 -29.94 -25.06 7.36
C ASP B 161 -28.96 -24.00 7.83
N PRO B 162 -28.51 -24.06 9.09
CA PRO B 162 -27.56 -23.05 9.59
C PRO B 162 -26.21 -23.09 8.89
N THR B 163 -25.89 -24.17 8.18
CA THR B 163 -24.64 -24.19 7.40
C THR B 163 -24.79 -23.40 6.11
N LYS B 164 -25.91 -23.57 5.42
CA LYS B 164 -26.15 -22.81 4.19
C LYS B 164 -26.52 -21.36 4.49
N GLU B 165 -27.11 -21.09 5.66
CA GLU B 165 -27.55 -19.76 6.05
C GLU B 165 -26.71 -19.21 7.19
N ALA B 166 -25.40 -19.44 7.14
CA ALA B 166 -24.54 -19.07 8.26
C ALA B 166 -24.43 -17.56 8.43
N ILE B 167 -24.64 -16.80 7.36
CA ILE B 167 -24.52 -15.34 7.46
C ILE B 167 -25.64 -14.77 8.32
N ALA B 168 -26.87 -15.25 8.14
CA ALA B 168 -27.96 -14.83 9.00
C ALA B 168 -27.69 -15.20 10.45
N VAL B 169 -27.11 -16.38 10.67
CA VAL B 169 -26.78 -16.81 12.04
C VAL B 169 -25.77 -15.85 12.65
N ARG B 170 -24.72 -15.50 11.90
CA ARG B 170 -23.71 -14.59 12.41
C ARG B 170 -24.30 -13.22 12.74
N GLU B 171 -25.14 -12.69 11.84
CA GLU B 171 -25.76 -11.39 12.11
C GLU B 171 -26.70 -11.46 13.31
N ALA B 172 -27.36 -12.60 13.51
CA ALA B 172 -28.20 -12.75 14.70
C ALA B 172 -27.35 -12.78 15.97
N ARG B 173 -26.19 -13.44 15.91
CA ARG B 173 -25.31 -13.44 17.07
C ARG B 173 -24.81 -12.04 17.38
N LYS B 174 -24.47 -11.27 16.34
CA LYS B 174 -23.95 -9.92 16.55
C LYS B 174 -24.98 -9.02 17.23
N LEU B 175 -26.27 -9.22 16.94
CA LEU B 175 -27.33 -8.41 17.51
C LEU B 175 -28.02 -9.08 18.68
N PHE B 176 -27.44 -10.14 19.24
CA PHE B 176 -27.98 -10.85 20.40
C PHE B 176 -29.39 -11.36 20.14
N ILE B 177 -29.67 -11.76 18.90
CA ILE B 177 -30.99 -12.25 18.51
C ILE B 177 -31.04 -13.76 18.72
N PRO B 178 -32.06 -14.29 19.39
CA PRO B 178 -32.17 -15.75 19.54
C PRO B 178 -32.23 -16.45 18.20
N VAL B 179 -31.54 -17.58 18.09
CA VAL B 179 -31.38 -18.32 16.85
C VAL B 179 -32.02 -19.69 17.02
N ILE B 180 -33.19 -19.89 16.43
CA ILE B 180 -33.82 -21.20 16.36
C ILE B 180 -33.50 -21.78 14.99
N ALA B 181 -33.07 -23.03 14.95
CA ALA B 181 -32.64 -23.61 13.70
C ALA B 181 -32.86 -25.11 13.70
N LEU B 182 -33.18 -25.64 12.52
CA LEU B 182 -33.29 -27.08 12.31
C LEU B 182 -31.90 -27.57 11.91
N ALA B 183 -31.12 -27.97 12.91
CA ALA B 183 -29.73 -28.32 12.69
C ALA B 183 -29.61 -29.77 12.20
N ASP B 184 -28.53 -30.03 11.46
CA ASP B 184 -28.23 -31.38 11.01
C ASP B 184 -26.79 -31.72 11.38
N THR B 185 -26.28 -32.84 10.87
CA THR B 185 -24.92 -33.27 11.22
C THR B 185 -23.85 -32.34 10.65
N ASP B 186 -24.20 -31.52 9.64
CA ASP B 186 -23.24 -30.62 9.00
C ASP B 186 -23.31 -29.20 9.56
N SER B 187 -23.68 -29.06 10.83
CA SER B 187 -23.87 -27.74 11.43
C SER B 187 -23.24 -27.71 12.81
N ASP B 188 -22.90 -26.50 13.26
CA ASP B 188 -22.30 -26.29 14.57
C ASP B 188 -23.40 -26.00 15.58
N PRO B 189 -23.63 -26.88 16.56
CA PRO B 189 -24.73 -26.64 17.51
C PRO B 189 -24.47 -25.51 18.48
N ASP B 190 -23.21 -25.07 18.64
CA ASP B 190 -22.92 -24.03 19.62
C ASP B 190 -23.54 -22.69 19.22
N LEU B 191 -23.54 -22.38 17.91
CA LEU B 191 -24.08 -21.11 17.45
C LEU B 191 -25.61 -21.07 17.51
N VAL B 192 -26.26 -22.23 17.64
CA VAL B 192 -27.72 -22.29 17.68
C VAL B 192 -28.17 -22.24 19.13
N ASP B 193 -29.00 -21.26 19.46
CA ASP B 193 -29.48 -21.12 20.83
C ASP B 193 -30.49 -22.21 21.17
N TYR B 194 -31.48 -22.42 20.31
CA TYR B 194 -32.48 -23.46 20.48
C TYR B 194 -32.38 -24.41 19.29
N ILE B 195 -31.86 -25.61 19.53
CA ILE B 195 -31.48 -26.53 18.46
C ILE B 195 -32.63 -27.48 18.16
N ILE B 196 -32.82 -27.79 16.89
CA ILE B 196 -33.78 -28.81 16.46
C ILE B 196 -33.03 -29.85 15.64
N PRO B 197 -32.58 -30.96 16.24
CA PRO B 197 -31.76 -31.92 15.50
C PRO B 197 -32.57 -32.77 14.52
N GLY B 198 -32.79 -32.23 13.32
CA GLY B 198 -33.52 -32.96 12.30
C GLY B 198 -32.76 -33.05 10.98
N ASN B 199 -33.50 -33.30 9.89
CA ASN B 199 -32.91 -33.40 8.56
C ASN B 199 -33.28 -32.17 7.74
N ASP B 200 -32.29 -31.63 7.03
CA ASP B 200 -32.50 -30.44 6.22
C ASP B 200 -32.63 -30.74 4.73
N ASP B 201 -32.40 -31.99 4.31
CA ASP B 201 -32.49 -32.35 2.91
C ASP B 201 -33.87 -32.89 2.53
N ALA B 202 -34.43 -33.75 3.37
CA ALA B 202 -35.74 -34.33 3.08
C ALA B 202 -36.84 -33.29 3.15
N ILE B 203 -37.82 -33.43 2.27
CA ILE B 203 -38.93 -32.48 2.25
C ILE B 203 -39.92 -32.77 3.37
N ARG B 204 -40.10 -34.05 3.72
CA ARG B 204 -41.10 -34.40 4.73
C ARG B 204 -40.69 -33.91 6.11
N SER B 205 -39.39 -33.97 6.43
CA SER B 205 -38.92 -33.48 7.73
C SER B 205 -39.18 -31.98 7.86
N ILE B 206 -38.79 -31.21 6.85
CA ILE B 206 -39.00 -29.76 6.88
C ILE B 206 -40.49 -29.45 6.96
N GLN B 207 -41.29 -30.13 6.14
CA GLN B 207 -42.73 -29.89 6.14
C GLN B 207 -43.33 -30.17 7.52
N LEU B 208 -43.00 -31.32 8.10
CA LEU B 208 -43.52 -31.67 9.42
C LEU B 208 -43.13 -30.65 10.46
N ILE B 209 -41.83 -30.33 10.54
CA ILE B 209 -41.35 -29.44 11.59
C ILE B 209 -41.97 -28.05 11.45
N LEU B 210 -41.95 -27.49 10.24
CA LEU B 210 -42.45 -26.14 10.05
C LEU B 210 -43.97 -26.08 10.22
N SER B 211 -44.69 -27.11 9.76
CA SER B 211 -46.13 -27.13 9.94
C SER B 211 -46.49 -27.17 11.42
N ARG B 212 -45.86 -28.08 12.18
CA ARG B 212 -46.15 -28.15 13.61
C ARG B 212 -45.72 -26.87 14.33
N ALA B 213 -44.65 -26.23 13.86
CA ALA B 213 -44.19 -25.00 14.50
C ALA B 213 -45.18 -23.86 14.29
N VAL B 214 -45.63 -23.68 13.04
CA VAL B 214 -46.61 -22.63 12.78
C VAL B 214 -47.94 -22.94 13.45
N ASP B 215 -48.29 -24.23 13.56
CA ASP B 215 -49.50 -24.60 14.29
C ASP B 215 -49.38 -24.25 15.77
N LEU B 216 -48.21 -24.49 16.37
CA LEU B 216 -47.99 -24.10 17.75
C LEU B 216 -48.04 -22.58 17.90
N ILE B 217 -47.52 -21.86 16.91
CA ILE B 217 -47.54 -20.40 16.94
C ILE B 217 -48.98 -19.89 16.96
N ILE B 218 -49.80 -20.37 16.02
CA ILE B 218 -51.19 -19.90 15.98
C ILE B 218 -51.98 -20.42 17.18
N GLN B 219 -51.56 -21.55 17.76
CA GLN B 219 -52.23 -22.04 18.96
C GLN B 219 -51.91 -21.19 20.17
N ALA B 220 -50.70 -20.60 20.20
CA ALA B 220 -50.35 -19.72 21.32
C ALA B 220 -51.17 -18.44 21.31
N ARG B 221 -51.56 -17.97 20.12
CA ARG B 221 -52.36 -16.75 19.99
C ARG B 221 -53.84 -17.06 19.73
N GLY B 222 -54.28 -18.28 20.01
CA GLY B 222 -55.67 -18.64 19.82
C GLY B 222 -56.08 -18.76 18.37
N GLY B 223 -57.27 -19.31 18.12
CA GLY B 223 -57.73 -19.48 16.76
C GLY B 223 -56.96 -20.55 16.01
N VAL B 224 -57.15 -21.80 16.40
CA VAL B 224 -56.44 -22.91 15.76
C VAL B 224 -56.80 -22.96 14.28
N VAL B 225 -55.78 -22.90 13.43
CA VAL B 225 -55.97 -22.86 11.99
C VAL B 225 -55.96 -24.29 11.45
N GLU B 226 -56.58 -24.46 10.27
CA GLU B 226 -56.60 -25.75 9.60
C GLU B 226 -55.17 -26.20 9.27
N PRO B 227 -54.98 -27.49 9.01
CA PRO B 227 -53.64 -27.96 8.62
C PRO B 227 -53.14 -27.23 7.37
N SER B 228 -51.85 -26.93 7.38
CA SER B 228 -51.27 -26.11 6.33
C SER B 228 -51.34 -26.83 4.98
N PRO B 229 -51.66 -26.12 3.89
CA PRO B 229 -51.72 -26.74 2.56
C PRO B 229 -50.36 -26.93 1.92
N SER B 230 -49.41 -27.47 2.68
CA SER B 230 -48.07 -27.73 2.20
C SER B 230 -47.83 -29.19 1.86
N TYR B 231 -48.81 -30.06 2.10
CA TYR B 231 -48.65 -31.47 1.75
C TYR B 231 -48.61 -31.65 0.23
N ALA B 232 -49.43 -30.89 -0.50
CA ALA B 232 -49.45 -30.98 -1.95
C ALA B 232 -48.10 -30.63 -2.57
N LEU B 233 -47.22 -29.95 -1.82
CA LEU B 233 -45.89 -29.62 -2.30
C LEU B 233 -44.92 -30.79 -2.19
N VAL B 234 -45.38 -31.98 -1.79
CA VAL B 234 -44.52 -33.15 -1.78
C VAL B 234 -44.10 -33.50 -3.20
N GLN B 235 -45.02 -33.37 -4.16
CA GLN B 235 -44.74 -33.60 -5.58
C GLN B 235 -44.22 -35.01 -5.85
N GLU B 236 -42.96 -35.24 -5.52
N GLY C 1 -8.45 22.56 -17.43
CA GLY C 1 -9.04 22.92 -18.70
C GLY C 1 -10.29 22.13 -19.02
N ASN C 2 -11.36 22.41 -18.29
CA ASN C 2 -12.65 21.75 -18.47
C ASN C 2 -13.68 22.52 -17.66
N LYS C 3 -14.89 21.95 -17.54
CA LYS C 3 -15.94 22.47 -16.66
C LYS C 3 -16.33 23.90 -17.05
N ILE C 4 -16.95 24.01 -18.24
CA ILE C 4 -17.42 25.30 -18.72
C ILE C 4 -18.50 25.86 -17.79
N HIS C 5 -18.76 27.15 -17.94
CA HIS C 5 -19.71 27.84 -17.09
C HIS C 5 -21.12 27.25 -17.25
N PRO C 6 -21.78 26.86 -16.17
CA PRO C 6 -23.10 26.23 -16.31
C PRO C 6 -24.20 27.21 -16.71
N ILE C 7 -24.15 28.46 -16.25
CA ILE C 7 -25.17 29.43 -16.62
C ILE C 7 -25.13 29.68 -18.12
N GLY C 8 -23.93 29.89 -18.67
CA GLY C 8 -23.81 30.04 -20.11
C GLY C 8 -24.10 28.76 -20.86
N PHE C 9 -23.93 27.61 -20.21
CA PHE C 9 -24.27 26.33 -20.82
C PHE C 9 -25.77 26.07 -20.82
N ARG C 10 -26.53 26.78 -19.98
CA ARG C 10 -27.97 26.59 -19.89
C ARG C 10 -28.75 27.85 -20.26
N LEU C 11 -28.11 28.80 -20.95
CA LEU C 11 -28.80 30.03 -21.33
C LEU C 11 -30.01 29.78 -22.23
N GLY C 12 -30.10 28.62 -22.85
CA GLY C 12 -31.23 28.30 -23.69
C GLY C 12 -32.44 27.82 -22.93
N ILE C 13 -32.25 26.82 -22.07
CA ILE C 13 -33.35 26.22 -21.31
C ILE C 13 -32.99 26.26 -19.83
N THR C 14 -33.99 26.52 -18.99
CA THR C 14 -33.86 26.57 -17.53
C THR C 14 -32.94 27.67 -17.04
N ARG C 15 -32.69 28.69 -17.87
CA ARG C 15 -31.91 29.85 -17.46
C ARG C 15 -32.10 30.93 -18.52
N ASP C 16 -32.30 32.16 -18.07
CA ASP C 16 -32.53 33.29 -18.94
C ASP C 16 -31.38 34.29 -18.81
N TRP C 17 -31.31 35.20 -19.78
CA TRP C 17 -30.28 36.23 -19.79
C TRP C 17 -30.57 37.30 -18.75
N GLU C 18 -29.50 37.85 -18.18
CA GLU C 18 -29.66 38.97 -17.25
C GLU C 18 -30.12 40.22 -17.99
N SER C 19 -29.56 40.47 -19.17
CA SER C 19 -30.01 41.55 -20.04
C SER C 19 -30.82 40.97 -21.18
N ARG C 20 -32.06 41.42 -21.33
CA ARG C 20 -32.98 40.91 -22.34
C ARG C 20 -33.61 42.09 -23.07
N TRP C 21 -33.02 42.46 -24.20
CA TRP C 21 -33.51 43.58 -25.00
C TRP C 21 -32.95 43.43 -26.41
N TYR C 22 -33.65 44.03 -27.36
CA TYR C 22 -33.24 44.02 -28.76
C TYR C 22 -32.53 45.32 -29.12
N ALA C 23 -31.53 45.22 -29.99
CA ALA C 23 -30.78 46.39 -30.43
C ALA C 23 -30.08 46.06 -31.74
N GLY C 24 -30.03 47.04 -32.63
CA GLY C 24 -29.34 46.87 -33.89
C GLY C 24 -27.84 46.78 -33.72
N LYS C 25 -27.16 46.49 -34.83
CA LYS C 25 -25.71 46.35 -34.80
C LYS C 25 -25.01 47.67 -34.51
N LYS C 26 -25.63 48.79 -34.88
CA LYS C 26 -25.06 50.11 -34.62
C LYS C 26 -25.34 50.62 -33.22
N GLN C 27 -26.10 49.86 -32.41
CA GLN C 27 -26.44 50.29 -31.07
C GLN C 27 -26.32 49.18 -30.04
N TYR C 28 -25.94 47.96 -30.43
CA TYR C 28 -25.80 46.88 -29.47
C TYR C 28 -24.65 47.13 -28.51
N ARG C 29 -23.50 47.55 -29.05
CA ARG C 29 -22.32 47.75 -28.21
C ARG C 29 -22.53 48.88 -27.20
N HIS C 30 -23.25 49.93 -27.59
CA HIS C 30 -23.44 51.06 -26.69
C HIS C 30 -24.36 50.69 -25.53
N LEU C 31 -25.48 50.04 -25.84
CA LEU C 31 -26.37 49.58 -24.78
C LEU C 31 -25.70 48.52 -23.91
N LEU C 32 -24.83 47.70 -24.49
CA LEU C 32 -24.10 46.72 -23.69
C LEU C 32 -23.12 47.41 -22.74
N LEU C 33 -22.39 48.41 -23.23
CA LEU C 33 -21.51 49.19 -22.36
C LEU C 33 -22.30 49.87 -21.25
N GLU C 34 -23.48 50.39 -21.58
CA GLU C 34 -24.31 51.03 -20.57
C GLU C 34 -24.76 50.04 -19.51
N ASP C 35 -25.19 48.85 -19.93
CA ASP C 35 -25.57 47.82 -18.97
C ASP C 35 -24.39 47.40 -18.10
N GLN C 36 -23.19 47.33 -18.69
CA GLN C 36 -22.02 46.96 -17.92
C GLN C 36 -21.69 48.02 -16.88
N ARG C 37 -21.78 49.30 -17.25
CA ARG C 37 -21.58 50.37 -16.27
C ARG C 37 -22.64 50.33 -15.18
N ILE C 38 -23.89 50.02 -15.55
CA ILE C 38 -24.96 49.89 -14.58
C ILE C 38 -24.62 48.82 -13.56
N ARG C 39 -24.27 47.61 -14.03
CA ARG C 39 -23.94 46.53 -13.13
C ARG C 39 -22.71 46.87 -12.28
N GLY C 40 -21.73 47.56 -12.88
CA GLY C 40 -20.53 47.92 -12.14
C GLY C 40 -20.84 48.85 -10.98
N LEU C 41 -21.58 49.93 -11.25
CA LEU C 41 -21.92 50.86 -10.18
C LEU C 41 -22.90 50.24 -9.19
N LEU C 42 -23.69 49.27 -9.63
CA LEU C 42 -24.65 48.62 -8.73
C LEU C 42 -23.93 47.72 -7.74
N GLU C 43 -22.99 46.90 -8.23
CA GLU C 43 -22.28 45.98 -7.35
C GLU C 43 -21.28 46.68 -6.44
N LYS C 44 -20.94 47.95 -6.70
CA LYS C 44 -20.04 48.70 -5.84
C LYS C 44 -20.76 49.38 -4.68
N GLU C 45 -22.08 49.47 -4.72
CA GLU C 45 -22.85 50.15 -3.68
C GLU C 45 -23.78 49.24 -2.90
N LEU C 46 -24.30 48.18 -3.51
CA LEU C 46 -25.29 47.31 -2.89
C LEU C 46 -24.67 46.05 -2.30
N TYR C 47 -23.34 45.94 -2.29
CA TYR C 47 -22.70 44.73 -1.76
C TYR C 47 -23.03 44.52 -0.29
N SER C 48 -23.19 45.60 0.47
CA SER C 48 -23.57 45.46 1.87
C SER C 48 -24.95 44.86 2.02
N ALA C 49 -25.83 45.06 1.04
CA ALA C 49 -27.17 44.51 1.06
C ALA C 49 -27.24 43.08 0.54
N GLY C 50 -26.19 42.59 -0.10
CA GLY C 50 -26.19 41.24 -0.64
C GLY C 50 -27.07 41.09 -1.86
N LEU C 51 -26.69 41.73 -2.96
CA LEU C 51 -27.41 41.58 -4.21
C LEU C 51 -26.99 40.30 -4.91
N ALA C 52 -27.96 39.59 -5.49
CA ALA C 52 -27.71 38.32 -6.14
C ALA C 52 -27.81 38.37 -7.65
N ARG C 53 -28.65 39.25 -8.21
CA ARG C 53 -28.80 39.33 -9.66
C ARG C 53 -29.33 40.72 -10.01
N VAL C 54 -28.93 41.20 -11.18
CA VAL C 54 -29.35 42.51 -11.69
C VAL C 54 -29.88 42.29 -13.11
N ASP C 55 -31.20 42.27 -13.26
CA ASP C 55 -31.82 42.11 -14.56
C ASP C 55 -32.04 43.47 -15.21
N ILE C 56 -31.80 43.52 -16.52
CA ILE C 56 -31.86 44.77 -17.29
C ILE C 56 -32.71 44.54 -18.52
N GLU C 57 -33.72 45.38 -18.73
CA GLU C 57 -34.61 45.30 -19.87
C GLU C 57 -34.74 46.69 -20.50
N ARG C 58 -34.83 46.73 -21.83
CA ARG C 58 -34.89 47.99 -22.57
C ARG C 58 -35.98 47.89 -23.62
N ALA C 59 -36.86 48.89 -23.66
CA ALA C 59 -37.84 48.99 -24.74
C ALA C 59 -37.60 50.22 -25.60
N ALA C 60 -37.55 51.41 -24.99
CA ALA C 60 -37.31 52.65 -25.73
C ALA C 60 -36.90 53.71 -24.71
N ASP C 61 -35.59 53.91 -24.56
CA ASP C 61 -35.01 54.86 -23.61
C ASP C 61 -35.49 54.65 -22.18
N ASN C 62 -36.07 53.49 -21.89
CA ASN C 62 -36.56 53.16 -20.55
C ASN C 62 -36.01 51.80 -20.16
N VAL C 63 -35.36 51.74 -19.00
CA VAL C 63 -34.68 50.55 -18.52
C VAL C 63 -35.33 50.12 -17.22
N ALA C 64 -35.86 48.90 -17.19
CA ALA C 64 -36.49 48.36 -15.99
C ALA C 64 -35.49 47.48 -15.23
N VAL C 65 -34.55 48.16 -14.58
CA VAL C 65 -33.53 47.48 -13.79
C VAL C 65 -34.19 46.86 -12.56
N THR C 66 -34.09 45.55 -12.43
CA THR C 66 -34.64 44.82 -11.29
C THR C 66 -33.49 44.17 -10.53
N VAL C 67 -33.29 44.59 -9.28
CA VAL C 67 -32.20 44.09 -8.46
C VAL C 67 -32.78 43.11 -7.44
N HIS C 68 -32.27 41.88 -7.44
CA HIS C 68 -32.70 40.87 -6.49
C HIS C 68 -31.78 40.91 -5.27
N VAL C 69 -32.31 41.44 -4.17
CA VAL C 69 -31.55 41.60 -2.92
C VAL C 69 -32.29 40.87 -1.82
N ALA C 70 -31.56 40.05 -1.05
CA ALA C 70 -32.18 39.31 0.04
C ALA C 70 -32.63 40.24 1.16
N LYS C 71 -31.97 41.39 1.33
CA LYS C 71 -32.29 42.35 2.38
C LYS C 71 -32.60 43.69 1.72
N PRO C 72 -33.85 43.91 1.28
CA PRO C 72 -34.21 45.19 0.65
C PRO C 72 -34.21 46.37 1.61
N GLY C 73 -34.18 46.13 2.93
CA GLY C 73 -34.15 47.22 3.88
C GLY C 73 -32.91 48.08 3.77
N VAL C 74 -31.83 47.57 3.18
CA VAL C 74 -30.63 48.36 3.00
C VAL C 74 -30.71 49.19 1.73
N VAL C 75 -31.21 48.60 0.64
CA VAL C 75 -31.32 49.34 -0.61
C VAL C 75 -32.45 50.35 -0.57
N ILE C 76 -33.41 50.20 0.34
CA ILE C 76 -34.46 51.20 0.46
C ILE C 76 -34.00 52.38 1.30
N GLY C 77 -33.28 52.11 2.39
CA GLY C 77 -32.83 53.17 3.26
C GLY C 77 -33.95 53.65 4.19
N ARG C 78 -33.74 54.84 4.75
CA ARG C 78 -34.74 55.42 5.63
C ARG C 78 -35.79 56.15 4.79
N GLY C 79 -37.03 55.65 4.86
CA GLY C 79 -38.13 56.26 4.14
C GLY C 79 -38.07 56.21 2.64
N GLY C 80 -37.00 55.66 2.06
CA GLY C 80 -36.85 55.59 0.64
C GLY C 80 -35.92 56.60 0.00
N GLU C 81 -34.97 57.15 0.77
CA GLU C 81 -34.03 58.11 0.20
C GLU C 81 -32.85 57.40 -0.46
N ARG C 82 -32.51 56.20 -0.01
CA ARG C 82 -31.42 55.45 -0.63
C ARG C 82 -31.72 55.13 -2.09
N ILE C 83 -32.93 54.64 -2.36
CA ILE C 83 -33.31 54.36 -3.74
C ILE C 83 -33.41 55.65 -4.54
N ARG C 84 -33.75 56.77 -3.88
CA ARG C 84 -33.76 58.05 -4.57
C ARG C 84 -32.36 58.45 -5.02
N VAL C 85 -31.37 58.30 -4.13
CA VAL C 85 -30.00 58.64 -4.50
C VAL C 85 -29.48 57.68 -5.56
N LEU C 86 -29.86 56.41 -5.49
CA LEU C 86 -29.42 55.45 -6.49
C LEU C 86 -30.01 55.77 -7.86
N ARG C 87 -31.31 56.12 -7.92
CA ARG C 87 -31.90 56.54 -9.18
C ARG C 87 -31.31 57.86 -9.67
N GLU C 88 -30.89 58.73 -8.76
CA GLU C 88 -30.23 59.97 -9.15
C GLU C 88 -28.90 59.69 -9.84
N GLU C 89 -28.08 58.82 -9.23
CA GLU C 89 -26.83 58.42 -9.87
C GLU C 89 -27.08 57.68 -11.18
N LEU C 90 -28.17 56.91 -11.26
CA LEU C 90 -28.52 56.22 -12.49
C LEU C 90 -28.83 57.23 -13.60
N ALA C 91 -29.64 58.24 -13.29
CA ALA C 91 -29.97 59.25 -14.30
C ALA C 91 -28.77 60.12 -14.63
N LYS C 92 -27.81 60.24 -13.70
CA LYS C 92 -26.61 61.02 -13.97
C LYS C 92 -25.67 60.28 -14.92
N LEU C 93 -25.42 59.00 -14.65
CA LEU C 93 -24.55 58.22 -15.53
C LEU C 93 -25.15 58.07 -16.92
N THR C 94 -26.42 57.66 -16.98
CA THR C 94 -27.14 57.51 -18.24
C THR C 94 -28.32 58.48 -18.23
N GLY C 95 -28.37 59.36 -19.23
CA GLY C 95 -29.43 60.34 -19.30
C GLY C 95 -30.76 59.79 -19.76
N LYS C 96 -30.95 58.47 -19.63
CA LYS C 96 -32.18 57.84 -20.07
C LYS C 96 -33.35 58.13 -19.12
N ASN C 97 -33.06 58.44 -17.86
CA ASN C 97 -34.08 58.80 -16.86
C ASN C 97 -35.10 57.68 -16.71
N VAL C 98 -34.61 56.56 -16.20
CA VAL C 98 -35.40 55.35 -16.06
C VAL C 98 -35.69 55.09 -14.58
N ALA C 99 -36.54 54.11 -14.32
CA ALA C 99 -36.97 53.73 -12.98
C ALA C 99 -36.11 52.59 -12.47
N LEU C 100 -36.50 52.02 -11.33
CA LEU C 100 -35.74 50.95 -10.69
C LEU C 100 -36.69 50.12 -9.83
N ASN C 101 -36.40 48.82 -9.75
CA ASN C 101 -37.23 47.89 -8.99
C ASN C 101 -36.35 46.98 -8.16
N VAL C 102 -36.87 46.58 -7.00
CA VAL C 102 -36.17 45.71 -6.07
C VAL C 102 -37.04 44.50 -5.78
N GLN C 103 -36.42 43.32 -5.70
CA GLN C 103 -37.11 42.06 -5.41
C GLN C 103 -36.40 41.34 -4.28
N GLU C 104 -37.15 40.99 -3.25
CA GLU C 104 -36.57 40.27 -2.12
C GLU C 104 -36.32 38.81 -2.49
N VAL C 105 -35.19 38.29 -2.05
CA VAL C 105 -34.80 36.91 -2.30
C VAL C 105 -35.11 36.10 -1.05
N GLN C 106 -36.12 35.24 -1.14
CA GLN C 106 -36.46 34.38 -0.01
C GLN C 106 -35.42 33.29 0.16
N ASN C 107 -35.04 33.03 1.42
CA ASN C 107 -34.02 32.05 1.77
C ASN C 107 -32.74 32.31 0.98
N PRO C 108 -31.98 33.34 1.34
CA PRO C 108 -30.76 33.67 0.56
C PRO C 108 -29.74 32.54 0.49
N ASN C 109 -29.88 31.49 1.28
CA ASN C 109 -29.00 30.33 1.17
C ASN C 109 -29.30 29.47 -0.04
N LEU C 110 -30.28 29.84 -0.86
CA LEU C 110 -30.58 29.12 -2.09
C LEU C 110 -30.03 29.83 -3.33
N SER C 111 -29.57 31.07 -3.20
CA SER C 111 -28.93 31.77 -4.30
C SER C 111 -27.42 31.57 -4.21
N ALA C 112 -26.85 30.90 -5.20
CA ALA C 112 -25.43 30.59 -5.16
C ALA C 112 -24.52 31.81 -5.06
N PRO C 113 -24.80 32.95 -5.73
CA PRO C 113 -23.94 34.13 -5.50
C PRO C 113 -23.87 34.57 -4.05
N LEU C 114 -25.01 34.58 -3.34
CA LEU C 114 -24.98 35.02 -1.95
C LEU C 114 -24.25 34.02 -1.06
N VAL C 115 -24.38 32.72 -1.36
CA VAL C 115 -23.64 31.72 -0.61
C VAL C 115 -22.15 31.89 -0.83
N ALA C 116 -21.75 32.13 -2.08
CA ALA C 116 -20.34 32.37 -2.37
C ALA C 116 -19.83 33.62 -1.67
N GLN C 117 -20.66 34.67 -1.62
CA GLN C 117 -20.25 35.89 -0.92
C GLN C 117 -20.10 35.65 0.58
N ARG C 118 -20.99 34.84 1.17
CA ARG C 118 -20.87 34.51 2.58
C ARG C 118 -19.59 33.73 2.85
N VAL C 119 -19.28 32.75 1.99
CA VAL C 119 -18.05 31.98 2.16
C VAL C 119 -16.84 32.88 1.97
N ALA C 120 -16.92 33.84 1.06
CA ALA C 120 -15.82 34.78 0.85
C ALA C 120 -15.60 35.66 2.07
N GLU C 121 -16.69 36.15 2.67
CA GLU C 121 -16.57 36.93 3.91
C GLU C 121 -15.94 36.09 5.01
N GLN C 122 -16.36 34.83 5.15
CA GLN C 122 -15.80 33.96 6.16
C GLN C 122 -14.30 33.73 5.93
N ILE C 123 -13.91 33.52 4.68
CA ILE C 123 -12.49 33.32 4.38
C ILE C 123 -11.70 34.60 4.65
N GLU C 124 -12.31 35.76 4.38
CA GLU C 124 -11.63 37.03 4.61
C GLU C 124 -11.49 37.33 6.11
N ARG C 125 -12.40 36.81 6.93
CA ARG C 125 -12.27 37.00 8.37
C ARG C 125 -11.30 36.00 9.01
N ARG C 126 -10.59 35.22 8.20
CA ARG C 126 -9.64 34.20 8.68
C ARG C 126 -10.37 33.10 9.47
N PHE C 127 -11.43 32.58 8.86
CA PHE C 127 -12.18 31.46 9.41
C PHE C 127 -11.66 30.15 8.82
N ALA C 128 -11.90 29.06 9.55
CA ALA C 128 -11.48 27.74 9.09
C ALA C 128 -12.15 27.42 7.75
N VAL C 129 -11.33 27.29 6.70
CA VAL C 129 -11.86 27.14 5.35
C VAL C 129 -12.65 25.84 5.22
N ARG C 130 -12.11 24.74 5.75
CA ARG C 130 -12.82 23.46 5.68
C ARG C 130 -14.16 23.54 6.39
N ARG C 131 -14.15 24.05 7.63
CA ARG C 131 -15.40 24.21 8.36
C ARG C 131 -16.32 25.21 7.68
N ALA C 132 -15.76 26.25 7.07
CA ALA C 132 -16.59 27.21 6.35
C ALA C 132 -17.34 26.54 5.22
N ILE C 133 -16.64 25.78 4.38
CA ILE C 133 -17.28 25.09 3.27
C ILE C 133 -18.29 24.08 3.78
N LYS C 134 -17.93 23.32 4.82
CA LYS C 134 -18.83 22.31 5.35
C LYS C 134 -20.12 22.94 5.86
N GLN C 135 -20.00 24.00 6.66
CA GLN C 135 -21.18 24.66 7.21
C GLN C 135 -22.01 25.33 6.12
N ALA C 136 -21.35 25.87 5.09
CA ALA C 136 -22.10 26.48 4.00
C ALA C 136 -22.92 25.44 3.26
N VAL C 137 -22.29 24.32 2.90
CA VAL C 137 -23.01 23.25 2.21
C VAL C 137 -24.13 22.70 3.09
N GLN C 138 -23.89 22.64 4.41
CA GLN C 138 -24.92 22.14 5.31
C GLN C 138 -26.12 23.09 5.36
N ARG C 139 -25.86 24.41 5.47
CA ARG C 139 -26.95 25.38 5.49
C ARG C 139 -27.71 25.37 4.17
N VAL C 140 -27.02 25.15 3.05
CA VAL C 140 -27.71 25.10 1.77
C VAL C 140 -28.59 23.85 1.68
N MET C 141 -28.02 22.69 2.02
CA MET C 141 -28.76 21.44 1.90
C MET C 141 -29.92 21.35 2.89
N GLU C 142 -29.79 22.00 4.05
CA GLU C 142 -30.81 21.87 5.09
C GLU C 142 -32.10 22.61 4.76
N SER C 143 -32.19 23.29 3.62
CA SER C 143 -33.41 23.97 3.18
C SER C 143 -33.58 23.70 1.69
N GLY C 144 -34.31 22.63 1.37
CA GLY C 144 -34.46 22.24 -0.03
C GLY C 144 -33.11 21.90 -0.62
N ALA C 145 -32.85 22.44 -1.82
CA ALA C 145 -31.53 22.37 -2.46
C ALA C 145 -31.08 20.91 -2.64
N LYS C 146 -31.79 20.22 -3.53
CA LYS C 146 -31.52 18.81 -3.81
C LYS C 146 -30.05 18.53 -4.11
N GLY C 147 -29.27 19.54 -4.48
CA GLY C 147 -27.84 19.37 -4.65
C GLY C 147 -27.10 20.63 -4.24
N ALA C 148 -25.87 20.43 -3.78
CA ALA C 148 -25.04 21.55 -3.35
C ALA C 148 -23.57 21.20 -3.53
N LYS C 149 -22.77 22.23 -3.82
CA LYS C 149 -21.32 22.06 -3.91
C LYS C 149 -20.66 23.42 -3.73
N VAL C 150 -19.60 23.44 -2.94
CA VAL C 150 -18.82 24.66 -2.71
C VAL C 150 -17.34 24.30 -2.85
N ILE C 151 -16.64 25.01 -3.73
CA ILE C 151 -15.24 24.76 -4.01
C ILE C 151 -14.44 26.02 -3.70
N VAL C 152 -13.31 25.85 -3.02
CA VAL C 152 -12.40 26.95 -2.69
C VAL C 152 -11.05 26.64 -3.33
N SER C 153 -10.47 27.67 -3.97
CA SER C 153 -9.26 27.50 -4.76
C SER C 153 -8.03 27.49 -3.85
N GLY C 154 -6.86 27.63 -4.45
CA GLY C 154 -5.59 27.49 -3.75
C GLY C 154 -5.33 28.47 -2.62
N ARG C 155 -4.19 28.29 -1.94
CA ARG C 155 -3.81 29.09 -0.77
C ARG C 155 -4.83 28.96 0.34
N ILE C 156 -5.28 27.74 0.60
CA ILE C 156 -6.25 27.49 1.66
C ILE C 156 -5.59 27.71 3.02
N GLY C 157 -6.20 28.55 3.84
CA GLY C 157 -5.66 28.83 5.15
C GLY C 157 -4.36 29.61 5.16
N GLY C 158 -4.06 30.33 4.08
CA GLY C 158 -2.82 31.06 4.01
C GLY C 158 -1.59 30.22 3.79
N ALA C 159 -1.75 28.99 3.32
CA ALA C 159 -0.62 28.11 3.08
C ALA C 159 0.16 28.56 1.85
N GLU C 160 1.41 28.12 1.78
CA GLU C 160 2.26 28.49 0.65
C GLU C 160 1.92 27.70 -0.60
N GLN C 161 1.38 26.49 -0.44
CA GLN C 161 1.02 25.63 -1.56
C GLN C 161 -0.47 25.75 -1.83
N ALA C 162 -0.82 25.87 -3.12
CA ALA C 162 -2.22 25.98 -3.53
C ALA C 162 -2.90 24.62 -3.44
N ARG C 163 -4.07 24.58 -2.80
CA ARG C 163 -4.83 23.35 -2.67
C ARG C 163 -6.26 23.53 -3.17
N THR C 164 -7.09 22.51 -2.99
CA THR C 164 -8.49 22.58 -3.43
C THR C 164 -9.32 21.73 -2.49
N GLU C 165 -10.13 22.38 -1.68
CA GLU C 165 -11.02 21.69 -0.76
C GLU C 165 -12.36 21.44 -1.43
N TRP C 166 -12.83 20.20 -1.37
CA TRP C 166 -14.00 19.80 -2.14
C TRP C 166 -15.29 19.94 -1.34
N ALA C 167 -15.42 19.16 -0.26
CA ALA C 167 -16.52 19.25 0.71
C ALA C 167 -17.87 19.49 0.03
N ALA C 168 -18.28 18.51 -0.78
CA ALA C 168 -19.55 18.59 -1.50
C ALA C 168 -20.42 17.39 -1.16
N GLN C 169 -21.74 17.60 -1.27
CA GLN C 169 -22.70 16.54 -1.02
C GLN C 169 -24.02 16.89 -1.71
N GLY C 170 -24.74 15.86 -2.14
CA GLY C 170 -26.01 16.02 -2.81
C GLY C 170 -25.97 15.48 -4.24
N ARG C 171 -26.63 16.19 -5.14
CA ARG C 171 -26.68 15.83 -6.56
C ARG C 171 -26.33 17.06 -7.39
N VAL C 172 -25.20 17.03 -8.08
CA VAL C 172 -24.81 18.12 -8.96
C VAL C 172 -24.59 17.58 -10.37
N PRO C 173 -25.66 17.32 -11.14
CA PRO C 173 -25.51 16.84 -12.52
C PRO C 173 -25.23 17.96 -13.51
N LEU C 174 -23.95 18.34 -13.61
CA LEU C 174 -23.57 19.45 -14.47
C LEU C 174 -23.83 19.15 -15.94
N HIS C 175 -23.69 17.88 -16.34
CA HIS C 175 -23.91 17.51 -17.74
C HIS C 175 -25.40 17.42 -18.09
N THR C 176 -26.29 17.51 -17.11
CA THR C 176 -27.72 17.49 -17.40
C THR C 176 -28.19 18.89 -17.72
N LEU C 177 -28.79 19.06 -18.90
CA LEU C 177 -29.22 20.39 -19.33
C LEU C 177 -30.36 20.93 -18.48
N ARG C 178 -31.34 20.07 -18.17
CA ARG C 178 -32.50 20.47 -17.38
C ARG C 178 -32.23 20.49 -15.88
N ALA C 179 -30.96 20.51 -15.48
CA ALA C 179 -30.64 20.47 -14.06
C ALA C 179 -31.10 21.74 -13.33
N ASN C 180 -31.06 22.89 -14.00
CA ASN C 180 -31.43 24.17 -13.41
C ASN C 180 -30.58 24.46 -12.16
N ILE C 181 -29.28 24.59 -12.39
CA ILE C 181 -28.31 24.78 -11.32
C ILE C 181 -27.94 26.25 -11.26
N ASP C 182 -28.17 26.86 -10.09
CA ASP C 182 -27.72 28.22 -9.84
C ASP C 182 -26.23 28.22 -9.53
N TYR C 183 -25.49 29.10 -10.20
CA TYR C 183 -24.04 29.19 -10.06
C TYR C 183 -23.66 30.55 -9.49
N GLY C 184 -22.71 30.55 -8.57
CA GLY C 184 -22.26 31.78 -7.95
C GLY C 184 -20.77 31.81 -7.70
N PHE C 185 -20.10 32.86 -8.19
CA PHE C 185 -18.66 33.01 -8.02
C PHE C 185 -18.36 34.23 -7.16
N ALA C 186 -17.36 34.10 -6.30
CA ALA C 186 -16.96 35.19 -5.42
C ALA C 186 -15.46 35.16 -5.21
N LEU C 187 -14.92 36.29 -4.78
CA LEU C 187 -13.51 36.45 -4.51
C LEU C 187 -13.30 36.86 -3.07
N ALA C 188 -12.14 36.48 -2.53
CA ALA C 188 -11.72 36.85 -1.18
C ALA C 188 -10.32 37.43 -1.28
N ARG C 189 -10.19 38.72 -0.99
CA ARG C 189 -8.91 39.42 -1.06
C ARG C 189 -8.28 39.39 0.32
N THR C 190 -7.20 38.63 0.46
CA THR C 190 -6.50 38.48 1.73
C THR C 190 -5.12 39.12 1.63
N THR C 191 -4.42 39.15 2.76
CA THR C 191 -3.07 39.70 2.80
C THR C 191 -2.07 38.80 2.09
N TYR C 192 -2.35 37.50 1.99
CA TYR C 192 -1.43 36.55 1.38
C TYR C 192 -1.75 36.23 -0.07
N GLY C 193 -2.97 36.48 -0.53
CA GLY C 193 -3.31 36.21 -1.92
C GLY C 193 -4.79 36.37 -2.17
N VAL C 194 -5.25 35.71 -3.23
CA VAL C 194 -6.63 35.77 -3.68
C VAL C 194 -7.25 34.38 -3.56
N LEU C 195 -8.48 34.32 -3.05
CA LEU C 195 -9.23 33.08 -2.91
C LEU C 195 -10.44 33.11 -3.82
N GLY C 196 -10.60 32.07 -4.64
CA GLY C 196 -11.75 31.94 -5.51
C GLY C 196 -12.75 30.95 -4.94
N VAL C 197 -13.99 31.40 -4.81
CA VAL C 197 -15.06 30.59 -4.22
C VAL C 197 -16.13 30.36 -5.27
N LYS C 198 -16.41 29.08 -5.56
CA LYS C 198 -17.43 28.69 -6.51
C LYS C 198 -18.53 27.93 -5.77
N ALA C 199 -19.78 28.21 -6.15
CA ALA C 199 -20.93 27.58 -5.48
C ALA C 199 -21.93 27.13 -6.53
N TYR C 200 -22.36 25.88 -6.43
CA TYR C 200 -23.36 25.28 -7.30
C TYR C 200 -24.52 24.82 -6.43
N ILE C 201 -25.75 25.18 -6.82
CA ILE C 201 -26.95 24.77 -6.10
C ILE C 201 -27.92 24.17 -7.10
N PHE C 202 -28.32 22.92 -6.88
CA PHE C 202 -29.17 22.18 -7.79
C PHE C 202 -30.57 22.06 -7.19
N LEU C 203 -31.57 22.49 -7.95
CA LEU C 203 -32.96 22.41 -7.55
C LEU C 203 -33.82 22.23 -8.79
N GLY C 204 -34.88 21.42 -8.67
CA GLY C 204 -35.77 21.17 -9.78
C GLY C 204 -35.15 20.26 -10.84
N GLU C 205 -35.99 19.56 -11.60
CA GLU C 205 -35.51 18.64 -12.62
C GLU C 205 -36.05 18.94 -14.02
N VAL C 206 -37.32 19.35 -14.13
CA VAL C 206 -37.88 19.69 -15.43
C VAL C 206 -38.36 21.14 -15.44
N ILE C 207 -37.62 22.00 -16.14
N GLY D 1 13.71 34.62 44.94
CA GLY D 1 13.17 35.23 43.74
C GLY D 1 11.75 35.75 43.92
N ARG D 2 10.86 34.87 44.38
CA ARG D 2 9.46 35.16 44.66
C ARG D 2 8.68 35.60 43.42
N TYR D 3 9.28 35.49 42.23
CA TYR D 3 8.65 35.86 40.97
C TYR D 3 8.32 37.35 40.88
N ILE D 4 8.75 38.14 41.87
CA ILE D 4 8.29 39.51 42.09
C ILE D 4 8.17 40.30 40.78
N GLY D 5 6.99 40.87 40.56
CA GLY D 5 6.69 41.58 39.34
C GLY D 5 5.20 41.71 39.16
N PRO D 6 4.73 41.69 37.91
CA PRO D 6 3.28 41.73 37.66
C PRO D 6 2.61 40.47 38.16
N VAL D 7 1.40 40.63 38.71
CA VAL D 7 0.66 39.52 39.31
C VAL D 7 -0.66 39.26 38.58
N CYS D 8 -1.39 40.31 38.21
CA CYS D 8 -2.65 40.11 37.50
C CYS D 8 -2.42 39.57 36.09
N ARG D 9 -1.20 39.66 35.56
CA ARG D 9 -0.88 38.95 34.34
C ARG D 9 -1.01 37.43 34.56
N LEU D 10 -0.80 36.97 35.79
CA LEU D 10 -1.11 35.57 36.12
C LEU D 10 -2.61 35.37 36.22
N CYS D 11 -3.34 36.35 36.77
CA CYS D 11 -4.79 36.29 36.75
C CYS D 11 -5.31 36.10 35.33
N ARG D 12 -4.60 36.63 34.34
CA ARG D 12 -5.01 36.46 32.95
C ARG D 12 -4.51 35.14 32.36
N ARG D 13 -3.23 34.83 32.53
CA ARG D 13 -2.65 33.64 31.90
C ARG D 13 -3.26 32.36 32.44
N GLU D 14 -3.49 32.29 33.75
CA GLU D 14 -4.01 31.08 34.36
C GLU D 14 -5.45 30.78 33.97
N GLY D 15 -6.14 31.72 33.31
CA GLY D 15 -7.52 31.53 32.90
C GLY D 15 -8.54 31.64 34.01
N VAL D 16 -8.12 31.54 35.27
CA VAL D 16 -9.00 31.67 36.42
C VAL D 16 -8.56 32.90 37.22
N LYS D 17 -9.53 33.72 37.63
CA LYS D 17 -9.25 34.92 38.40
C LYS D 17 -8.51 34.58 39.68
N LEU D 18 -7.26 34.99 39.78
CA LEU D 18 -6.48 34.82 41.00
C LEU D 18 -6.60 36.06 41.87
N TYR D 19 -6.27 35.89 43.14
CA TYR D 19 -6.28 36.99 44.12
C TYR D 19 -4.86 37.13 44.65
N LEU D 20 -4.04 37.87 43.92
CA LEU D 20 -2.66 38.11 44.30
C LEU D 20 -2.41 39.50 44.84
N LYS D 21 -3.27 40.46 44.53
CA LYS D 21 -3.20 41.80 45.10
C LYS D 21 -4.13 41.98 46.28
N GLY D 22 -4.82 40.92 46.71
CA GLY D 22 -5.86 41.08 47.70
C GLY D 22 -7.05 41.78 47.07
N GLU D 23 -7.24 43.06 47.41
CA GLU D 23 -8.21 43.88 46.71
C GLU D 23 -7.78 44.09 45.27
N ARG D 24 -8.65 44.75 44.49
CA ARG D 24 -8.44 45.09 43.09
C ARG D 24 -8.50 43.85 42.20
N CYS D 25 -8.53 42.67 42.82
CA CYS D 25 -8.92 41.45 42.13
C CYS D 25 -10.40 41.14 42.30
N TYR D 26 -11.04 41.80 43.28
CA TYR D 26 -12.50 41.79 43.42
C TYR D 26 -13.13 42.99 42.72
N SER D 27 -12.48 44.15 42.79
CA SER D 27 -12.96 45.34 42.12
C SER D 27 -12.79 45.20 40.61
N PRO D 28 -13.59 45.94 39.83
CA PRO D 28 -13.46 45.85 38.36
C PRO D 28 -12.18 46.50 37.84
N LYS D 29 -11.03 46.11 38.41
CA LYS D 29 -9.74 46.61 37.97
C LYS D 29 -8.69 45.51 37.92
N CYS D 30 -9.08 44.25 38.07
CA CYS D 30 -8.14 43.14 38.05
C CYS D 30 -7.51 42.93 36.68
N ALA D 31 -8.10 43.51 35.64
CA ALA D 31 -7.81 43.26 34.23
C ALA D 31 -8.19 41.85 33.81
N MET D 32 -8.68 41.02 34.73
CA MET D 32 -9.33 39.76 34.38
C MET D 32 -10.83 39.95 34.20
N GLU D 33 -11.41 40.93 34.89
CA GLU D 33 -12.80 41.28 34.69
C GLU D 33 -13.05 41.92 33.33
N ARG D 34 -12.01 42.48 32.70
CA ARG D 34 -12.15 43.17 31.43
C ARG D 34 -11.27 42.60 30.32
N ARG D 35 -10.23 41.83 30.64
CA ARG D 35 -9.35 41.23 29.65
C ARG D 35 -9.08 39.78 30.06
N PRO D 36 -10.00 38.87 29.76
CA PRO D 36 -9.83 37.47 30.19
C PRO D 36 -8.84 36.66 29.37
N TYR D 37 -8.28 37.23 28.31
CA TYR D 37 -7.36 36.46 27.46
C TYR D 37 -5.94 36.51 28.03
N PRO D 38 -5.14 35.48 27.75
CA PRO D 38 -3.76 35.44 28.25
C PRO D 38 -2.94 36.61 27.72
N PRO D 39 -1.84 36.95 28.39
CA PRO D 39 -1.05 38.11 27.96
C PRO D 39 -0.26 37.82 26.69
N GLY D 40 0.37 38.87 26.17
CA GLY D 40 1.23 38.77 25.02
C GLY D 40 0.55 39.21 23.73
N GLN D 41 1.37 39.32 22.68
CA GLN D 41 0.85 39.65 21.37
C GLN D 41 -0.13 38.60 20.87
N HIS D 42 0.13 37.33 21.18
CA HIS D 42 -0.67 36.21 20.71
C HIS D 42 -1.67 35.72 21.75
N GLY D 43 -2.19 36.64 22.56
CA GLY D 43 -3.14 36.27 23.60
C GLY D 43 -4.56 36.17 23.11
N GLN D 44 -4.94 37.04 22.17
CA GLN D 44 -6.30 37.05 21.63
C GLN D 44 -6.50 36.06 20.49
N LYS D 45 -5.45 35.38 20.05
CA LYS D 45 -5.55 34.44 18.94
C LYS D 45 -6.24 33.15 19.39
N ARG D 46 -6.70 32.38 18.41
CA ARG D 46 -7.40 31.14 18.69
C ARG D 46 -6.45 30.12 19.31
N ALA D 47 -6.80 29.64 20.50
CA ALA D 47 -5.95 28.70 21.21
C ALA D 47 -6.10 27.30 20.63
N ARG D 48 -4.98 26.62 20.47
CA ARG D 48 -4.98 25.24 20.00
C ARG D 48 -5.29 24.30 21.17
N ARG D 49 -5.73 23.09 20.82
CA ARG D 49 -6.05 22.07 21.81
C ARG D 49 -4.77 21.69 22.57
N PRO D 50 -4.67 22.02 23.85
CA PRO D 50 -3.43 21.77 24.59
C PRO D 50 -3.23 20.29 24.85
N SER D 51 -1.97 19.93 25.03
CA SER D 51 -1.61 18.55 25.36
C SER D 51 -1.95 18.24 26.81
N ASP D 52 -1.85 16.96 27.16
CA ASP D 52 -2.09 16.56 28.55
C ASP D 52 -1.03 17.16 29.47
N TYR D 53 0.23 17.11 29.04
CA TYR D 53 1.29 17.77 29.80
C TYR D 53 1.00 19.25 29.96
N ALA D 54 0.43 19.88 28.92
CA ALA D 54 0.08 21.29 29.02
C ALA D 54 -0.95 21.52 30.12
N VAL D 55 -1.99 20.69 30.16
CA VAL D 55 -3.04 20.84 31.16
C VAL D 55 -2.48 20.65 32.56
N ARG D 56 -1.69 19.60 32.75
CA ARG D 56 -1.14 19.34 34.08
C ARG D 56 -0.17 20.43 34.51
N LEU D 57 0.67 20.90 33.59
CA LEU D 57 1.60 21.97 33.91
C LEU D 57 0.86 23.26 34.27
N ARG D 58 -0.19 23.59 33.52
CA ARG D 58 -0.95 24.80 33.83
C ARG D 58 -1.66 24.69 35.17
N GLU D 59 -2.20 23.51 35.49
CA GLU D 59 -2.86 23.33 36.78
C GLU D 59 -1.86 23.45 37.92
N LYS D 60 -0.70 22.82 37.78
CA LYS D 60 0.33 22.89 38.82
C LYS D 60 0.84 24.32 38.98
N GLN D 61 1.02 25.04 37.87
CA GLN D 61 1.46 26.42 37.95
C GLN D 61 0.41 27.30 38.60
N LYS D 62 -0.88 27.04 38.32
CA LYS D 62 -1.95 27.74 39.00
C LYS D 62 -1.85 27.53 40.51
N LEU D 63 -1.75 26.27 40.93
CA LEU D 63 -1.70 25.96 42.35
C LEU D 63 -0.47 26.58 43.02
N ARG D 64 0.65 26.60 42.31
CA ARG D 64 1.87 27.18 42.87
C ARG D 64 1.77 28.70 42.97
N ARG D 65 1.33 29.36 41.89
CA ARG D 65 1.26 30.81 41.87
C ARG D 65 0.16 31.37 42.77
N ILE D 66 -0.82 30.53 43.14
CA ILE D 66 -1.82 30.98 44.11
C ILE D 66 -1.16 31.33 45.43
N TYR D 67 -0.25 30.48 45.90
CA TYR D 67 0.44 30.70 47.17
C TYR D 67 1.68 31.56 47.04
N GLY D 68 2.26 31.67 45.85
CA GLY D 68 3.48 32.43 45.67
C GLY D 68 4.70 31.76 46.29
N ILE D 69 4.80 30.44 46.18
CA ILE D 69 5.89 29.67 46.74
C ILE D 69 6.80 29.22 45.60
N SER D 70 8.11 29.33 45.80
CA SER D 70 9.07 28.98 44.77
C SER D 70 8.98 27.49 44.43
N GLU D 71 9.54 27.14 43.27
CA GLU D 71 9.49 25.75 42.81
C GLU D 71 10.22 24.81 43.75
N ARG D 72 11.30 25.29 44.38
CA ARG D 72 12.08 24.46 45.28
C ARG D 72 11.23 24.01 46.48
N GLN D 73 10.69 24.98 47.22
CA GLN D 73 9.85 24.66 48.36
C GLN D 73 8.62 23.87 47.95
N PHE D 74 8.07 24.17 46.76
CA PHE D 74 6.89 23.47 46.29
C PHE D 74 7.17 21.99 46.08
N ARG D 75 8.23 21.68 45.33
CA ARG D 75 8.60 20.29 45.10
C ARG D 75 8.97 19.59 46.40
N ASN D 76 9.66 20.30 47.30
CA ASN D 76 10.03 19.70 48.57
C ASN D 76 8.80 19.33 49.39
N LEU D 77 7.82 20.23 49.45
CA LEU D 77 6.59 19.95 50.18
C LEU D 77 5.82 18.81 49.53
N PHE D 78 5.80 18.76 48.19
CA PHE D 78 5.10 17.67 47.52
C PHE D 78 5.74 16.32 47.85
N GLU D 79 7.08 16.25 47.77
CA GLU D 79 7.75 15.00 48.08
C GLU D 79 7.55 14.62 49.54
N GLU D 80 7.57 15.60 50.44
CA GLU D 80 7.34 15.34 51.85
C GLU D 80 5.94 14.79 52.09
N ALA D 81 4.95 15.33 51.38
CA ALA D 81 3.59 14.82 51.51
C ALA D 81 3.47 13.41 50.93
N SER D 82 4.15 13.15 49.81
CA SER D 82 4.11 11.83 49.20
C SER D 82 4.78 10.77 50.10
N LYS D 83 5.80 11.18 50.85
CA LYS D 83 6.43 10.24 51.77
C LYS D 83 5.50 9.83 52.91
N LYS D 84 4.59 10.73 53.31
CA LYS D 84 3.70 10.44 54.42
C LYS D 84 2.61 9.45 54.00
N LYS D 85 1.91 8.94 55.00
CA LYS D 85 0.80 8.02 54.77
C LYS D 85 -0.51 8.80 54.66
N GLY D 86 -1.33 8.41 53.69
CA GLY D 86 -2.59 9.05 53.43
C GLY D 86 -2.65 9.59 52.01
N VAL D 87 -3.73 10.31 51.72
CA VAL D 87 -3.91 10.91 50.41
C VAL D 87 -2.86 12.01 50.22
N THR D 88 -2.16 11.96 49.09
CA THR D 88 -1.09 12.93 48.84
C THR D 88 -1.66 14.34 48.66
N GLY D 89 -2.78 14.46 47.94
CA GLY D 89 -3.29 15.78 47.61
C GLY D 89 -3.79 16.55 48.83
N SER D 90 -4.60 15.89 49.66
CA SER D 90 -5.14 16.56 50.84
C SER D 90 -4.04 16.93 51.82
N VAL D 91 -3.06 16.05 52.01
CA VAL D 91 -1.94 16.35 52.90
C VAL D 91 -1.12 17.51 52.33
N PHE D 92 -0.93 17.55 51.01
CA PHE D 92 -0.20 18.65 50.40
C PHE D 92 -0.93 19.97 50.60
N LEU D 93 -2.25 19.96 50.44
CA LEU D 93 -3.02 21.19 50.66
C LEU D 93 -2.97 21.62 52.12
N GLY D 94 -3.03 20.66 53.05
CA GLY D 94 -2.89 21.00 54.44
C GLY D 94 -1.53 21.55 54.80
N LEU D 95 -0.49 21.05 54.15
CA LEU D 95 0.86 21.58 54.36
C LEU D 95 0.96 23.01 53.84
N LEU D 96 0.47 23.25 52.62
CA LEU D 96 0.50 24.59 52.05
C LEU D 96 -0.30 25.57 52.90
N GLU D 97 -1.44 25.12 53.43
CA GLU D 97 -2.25 25.99 54.28
C GLU D 97 -1.63 26.20 55.65
N SER D 98 -0.66 25.35 56.03
CA SER D 98 -0.01 25.48 57.33
C SER D 98 1.15 26.46 57.32
N ARG D 99 1.49 27.02 56.16
CA ARG D 99 2.54 28.04 56.10
C ARG D 99 2.12 29.28 56.87
N LEU D 100 3.08 29.91 57.55
CA LEU D 100 2.77 31.04 58.40
C LEU D 100 2.20 32.21 57.60
N ASP D 101 2.78 32.49 56.43
CA ASP D 101 2.28 33.59 55.61
C ASP D 101 0.86 33.31 55.13
N ASN D 102 0.57 32.07 54.73
CA ASN D 102 -0.78 31.73 54.31
C ASN D 102 -1.76 31.80 55.46
N VAL D 103 -1.32 31.43 56.67
CA VAL D 103 -2.20 31.53 57.83
C VAL D 103 -2.49 32.99 58.14
N VAL D 104 -1.48 33.85 58.03
CA VAL D 104 -1.70 35.28 58.24
C VAL D 104 -2.68 35.83 57.20
N TYR D 105 -2.53 35.39 55.95
CA TYR D 105 -3.47 35.82 54.92
C TYR D 105 -4.89 35.35 55.22
N ARG D 106 -5.04 34.09 55.65
CA ARG D 106 -6.36 33.54 55.93
C ARG D 106 -7.00 34.19 57.15
N LEU D 107 -6.21 34.54 58.15
CA LEU D 107 -6.73 35.16 59.37
C LEU D 107 -7.13 36.62 59.18
N GLY D 108 -6.97 37.16 57.97
CA GLY D 108 -7.35 38.53 57.71
C GLY D 108 -6.38 39.58 58.17
N PHE D 109 -5.20 39.19 58.66
CA PHE D 109 -4.20 40.18 59.06
C PHE D 109 -3.63 40.91 57.85
N ALA D 110 -3.64 40.28 56.68
CA ALA D 110 -3.17 40.90 55.45
C ALA D 110 -4.18 40.63 54.34
N VAL D 111 -4.26 41.57 53.40
CA VAL D 111 -5.24 41.44 52.32
C VAL D 111 -4.76 40.44 51.26
N SER D 112 -3.45 40.30 51.08
CA SER D 112 -2.89 39.39 50.10
C SER D 112 -1.82 38.53 50.75
N ARG D 113 -1.47 37.43 50.07
CA ARG D 113 -0.45 36.53 50.61
C ARG D 113 0.94 37.15 50.60
N ARG D 114 1.24 37.99 49.60
CA ARG D 114 2.55 38.65 49.58
C ARG D 114 2.64 39.76 50.61
N GLN D 115 1.53 40.47 50.85
CA GLN D 115 1.49 41.42 51.96
C GLN D 115 1.70 40.68 53.29
N ALA D 116 1.11 39.49 53.43
CA ALA D 116 1.34 38.69 54.63
C ALA D 116 2.79 38.25 54.72
N ARG D 117 3.41 37.93 53.59
CA ARG D 117 4.82 37.57 53.59
C ARG D 117 5.69 38.72 54.06
N GLN D 118 5.39 39.93 53.59
CA GLN D 118 6.16 41.10 54.04
C GLN D 118 5.90 41.39 55.52
N LEU D 119 4.66 41.18 55.98
CA LEU D 119 4.37 41.40 57.39
C LEU D 119 5.12 40.43 58.28
N VAL D 120 5.20 39.15 57.86
CA VAL D 120 5.94 38.17 58.63
C VAL D 120 7.43 38.48 58.62
N ARG D 121 7.98 38.75 57.43
CA ARG D 121 9.42 38.96 57.29
C ARG D 121 9.92 40.11 58.15
N HIS D 122 9.08 41.12 58.39
CA HIS D 122 9.48 42.29 59.17
C HIS D 122 9.19 42.12 60.65
N GLY D 123 8.94 40.89 61.12
CA GLY D 123 8.78 40.63 62.53
C GLY D 123 7.54 41.20 63.17
N HIS D 124 6.51 41.51 62.39
CA HIS D 124 5.27 42.04 62.93
C HIS D 124 4.30 40.95 63.34
N ILE D 125 4.68 39.68 63.24
CA ILE D 125 3.83 38.55 63.57
C ILE D 125 4.54 37.70 64.61
N THR D 126 3.81 37.31 65.65
CA THR D 126 4.34 36.45 66.70
C THR D 126 3.58 35.12 66.71
N VAL D 127 4.25 34.08 67.17
CA VAL D 127 3.67 32.74 67.27
C VAL D 127 3.82 32.29 68.72
N ASN D 128 2.69 32.16 69.43
CA ASN D 128 2.67 31.73 70.82
C ASN D 128 3.48 32.68 71.71
N GLY D 129 3.58 33.94 71.31
CA GLY D 129 4.33 34.92 72.07
C GLY D 129 5.67 35.27 71.46
N ARG D 130 6.35 34.27 70.91
CA ARG D 130 7.66 34.49 70.32
C ARG D 130 7.52 35.05 68.91
N ARG D 131 8.35 36.05 68.60
CA ARG D 131 8.33 36.67 67.29
C ARG D 131 8.93 35.73 66.25
N VAL D 132 8.23 35.57 65.12
CA VAL D 132 8.67 34.70 64.04
C VAL D 132 8.62 35.51 62.74
N ASP D 133 9.71 35.45 61.98
CA ASP D 133 9.83 36.18 60.72
C ASP D 133 10.17 35.23 59.57
N LEU D 134 9.48 34.11 59.50
CA LEU D 134 9.73 33.09 58.48
C LEU D 134 8.42 32.71 57.81
N PRO D 135 8.22 33.05 56.53
CA PRO D 135 6.98 32.62 55.86
C PRO D 135 6.88 31.12 55.69
N SER D 136 8.01 30.42 55.60
CA SER D 136 8.02 28.97 55.45
C SER D 136 7.76 28.24 56.76
N TYR D 137 7.50 28.96 57.85
CA TYR D 137 7.24 28.33 59.13
C TYR D 137 5.92 27.57 59.07
N ARG D 138 5.92 26.34 59.56
CA ARG D 138 4.73 25.49 59.55
C ARG D 138 4.00 25.65 60.87
N VAL D 139 2.72 26.03 60.79
CA VAL D 139 1.92 26.24 61.99
C VAL D 139 1.33 24.90 62.41
N ARG D 140 1.47 24.57 63.70
CA ARG D 140 0.92 23.35 64.26
C ARG D 140 -0.47 23.60 64.84
N PRO D 141 -1.33 22.57 64.87
CA PRO D 141 -2.66 22.74 65.45
C PRO D 141 -2.58 23.13 66.93
N GLY D 142 -3.08 24.33 67.24
CA GLY D 142 -3.05 24.85 68.59
C GLY D 142 -2.17 26.08 68.75
N ASP D 143 -1.36 26.42 67.76
CA ASP D 143 -0.49 27.58 67.88
C ASP D 143 -1.30 28.87 67.78
N GLU D 144 -0.93 29.85 68.60
CA GLU D 144 -1.59 31.14 68.62
C GLU D 144 -0.77 32.14 67.81
N ILE D 145 -1.30 32.53 66.66
CA ILE D 145 -0.66 33.51 65.79
C ILE D 145 -1.21 34.88 66.16
N ALA D 146 -0.36 35.73 66.71
CA ALA D 146 -0.76 37.04 67.19
C ALA D 146 0.00 38.14 66.46
N VAL D 147 -0.44 39.38 66.70
CA VAL D 147 0.21 40.56 66.15
C VAL D 147 1.15 41.12 67.21
N ALA D 148 2.32 41.60 66.77
CA ALA D 148 3.28 42.18 67.70
C ALA D 148 2.68 43.38 68.42
N GLU D 149 2.89 43.42 69.74
CA GLU D 149 2.35 44.53 70.54
C GLU D 149 2.89 45.87 70.06
N LYS D 150 4.13 45.90 69.59
CA LYS D 150 4.73 47.12 69.06
C LYS D 150 4.23 47.46 67.66
N SER D 151 3.53 46.53 67.01
CA SER D 151 3.00 46.75 65.66
C SER D 151 1.50 47.00 65.62
N ARG D 152 0.79 46.72 66.71
CA ARG D 152 -0.67 46.90 66.73
C ARG D 152 -1.09 48.35 66.58
N ASN D 153 -0.16 49.29 66.64
CA ASN D 153 -0.45 50.71 66.46
C ASN D 153 -0.23 51.17 65.02
N LEU D 154 0.16 50.27 64.11
CA LEU D 154 0.40 50.65 62.74
C LEU D 154 -0.92 50.85 62.00
N GLU D 155 -0.84 51.58 60.88
CA GLU D 155 -2.03 51.95 60.13
C GLU D 155 -2.60 50.77 59.34
N LEU D 156 -1.74 49.99 58.70
CA LEU D 156 -2.21 48.89 57.86
C LEU D 156 -2.93 47.83 58.68
N ILE D 157 -2.37 47.48 59.85
CA ILE D 157 -3.03 46.52 60.72
C ILE D 157 -4.36 47.06 61.22
N ARG D 158 -4.40 48.36 61.56
CA ARG D 158 -5.65 49.00 61.95
C ARG D 158 -6.71 48.84 60.86
N GLN D 159 -6.35 49.17 59.61
CA GLN D 159 -7.30 49.07 58.51
C GLN D 159 -7.77 47.63 58.32
N ASN D 160 -6.81 46.68 58.29
CA ASN D 160 -7.16 45.30 58.00
C ASN D 160 -8.07 44.71 59.07
N LEU D 161 -7.70 44.87 60.34
CA LEU D 161 -8.53 44.34 61.41
C LEU D 161 -9.76 45.20 61.70
N GLU D 162 -9.85 46.39 61.10
CA GLU D 162 -11.07 47.17 61.16
C GLU D 162 -12.07 46.71 60.10
N ALA D 163 -11.58 46.26 58.95
CA ALA D 163 -12.46 45.68 57.95
C ALA D 163 -12.85 44.25 58.28
N MET D 164 -12.11 43.57 59.16
CA MET D 164 -12.43 42.20 59.54
C MET D 164 -13.61 42.11 60.51
N LYS D 165 -14.11 43.24 61.01
CA LYS D 165 -15.28 43.21 61.89
C LYS D 165 -16.49 42.67 61.13
N GLY D 166 -17.05 41.58 61.65
CA GLY D 166 -18.16 40.91 61.02
C GLY D 166 -17.79 39.84 60.02
N ARG D 167 -16.56 39.86 59.50
CA ARG D 167 -16.14 38.83 58.56
C ARG D 167 -15.90 37.51 59.27
N LYS D 168 -16.15 36.43 58.55
CA LYS D 168 -15.97 35.08 59.07
C LYS D 168 -14.61 34.52 58.65
N VAL D 169 -14.11 33.57 59.43
CA VAL D 169 -12.84 32.93 59.18
C VAL D 169 -13.09 31.47 58.80
N GLY D 170 -12.05 30.81 58.32
CA GLY D 170 -12.13 29.42 57.93
C GLY D 170 -12.52 28.53 59.10
N PRO D 171 -13.11 27.37 58.78
CA PRO D 171 -13.55 26.45 59.85
C PRO D 171 -12.41 25.96 60.73
N TRP D 172 -11.18 25.95 60.23
CA TRP D 172 -10.02 25.48 60.98
C TRP D 172 -9.26 26.62 61.66
N LEU D 173 -9.85 27.81 61.73
CA LEU D 173 -9.18 28.97 62.30
C LEU D 173 -10.14 29.71 63.22
N SER D 174 -9.58 30.34 64.26
CA SER D 174 -10.32 31.25 65.12
C SER D 174 -9.60 32.59 65.16
N LEU D 175 -10.37 33.67 65.34
CA LEU D 175 -9.83 35.01 65.26
C LEU D 175 -10.37 35.87 66.39
N ASP D 176 -9.47 36.51 67.13
CA ASP D 176 -9.81 37.50 68.15
C ASP D 176 -9.41 38.86 67.59
N VAL D 177 -10.40 39.70 67.29
CA VAL D 177 -10.13 40.97 66.63
C VAL D 177 -9.64 42.01 67.63
N GLU D 178 -10.24 42.06 68.82
CA GLU D 178 -9.83 43.03 69.82
C GLU D 178 -8.40 42.78 70.27
N GLY D 179 -8.08 41.52 70.60
CA GLY D 179 -6.72 41.17 70.95
C GLY D 179 -5.77 41.07 69.78
N MET D 180 -6.28 41.14 68.56
CA MET D 180 -5.48 41.06 67.33
C MET D 180 -4.64 39.78 67.32
N LYS D 181 -5.33 38.66 67.30
CA LYS D 181 -4.66 37.36 67.32
C LYS D 181 -5.61 36.31 66.74
N GLY D 182 -5.15 35.07 66.73
CA GLY D 182 -5.95 33.97 66.24
C GLY D 182 -5.30 32.65 66.56
N LYS D 183 -6.03 31.58 66.30
CA LYS D 183 -5.56 30.23 66.59
C LYS D 183 -5.81 29.32 65.40
N PHE D 184 -4.83 28.45 65.14
CA PHE D 184 -4.90 27.41 64.11
C PHE D 184 -5.52 26.18 64.75
N LEU D 185 -6.80 25.94 64.45
CA LEU D 185 -7.53 24.88 65.14
C LEU D 185 -7.08 23.50 64.68
N ARG D 186 -7.10 23.27 63.37
CA ARG D 186 -6.79 21.95 62.82
C ARG D 186 -6.26 22.12 61.40
N LEU D 187 -5.82 21.01 60.82
CA LEU D 187 -5.47 21.00 59.41
C LEU D 187 -6.72 21.01 58.56
N PRO D 188 -6.80 21.85 57.53
CA PRO D 188 -8.03 21.96 56.74
C PRO D 188 -8.21 20.78 55.79
N ASP D 189 -9.47 20.42 55.60
CA ASP D 189 -9.83 19.35 54.68
C ASP D 189 -9.98 19.90 53.26
N ARG D 190 -10.05 18.97 52.30
CA ARG D 190 -10.24 19.38 50.91
C ARG D 190 -11.55 20.15 50.72
N GLU D 191 -12.60 19.70 51.41
CA GLU D 191 -13.88 20.41 51.35
C GLU D 191 -13.80 21.80 51.98
N ASP D 192 -12.83 22.03 52.85
CA ASP D 192 -12.68 23.34 53.48
C ASP D 192 -12.09 24.36 52.52
N LEU D 193 -11.25 23.92 51.59
CA LEU D 193 -10.61 24.81 50.62
C LEU D 193 -11.47 24.91 49.36
N ALA D 194 -11.65 26.14 48.89
CA ALA D 194 -12.37 26.40 47.65
C ALA D 194 -11.44 26.75 46.50
N LEU D 195 -10.25 26.16 46.47
CA LEU D 195 -9.28 26.45 45.43
C LEU D 195 -9.75 25.86 44.10
N PRO D 196 -9.64 26.62 43.00
CA PRO D 196 -10.05 26.11 41.67
C PRO D 196 -8.97 25.27 41.00
N VAL D 197 -8.41 24.32 41.73
CA VAL D 197 -7.32 23.50 41.26
C VAL D 197 -7.66 22.03 41.49
N ASN D 198 -7.33 21.19 40.50
CA ASN D 198 -7.47 19.75 40.62
C ASN D 198 -6.14 19.18 41.11
N GLU D 199 -6.11 18.72 42.36
CA GLU D 199 -4.86 18.22 42.93
C GLU D 199 -4.38 16.96 42.23
N GLN D 200 -5.30 16.13 41.73
CA GLN D 200 -4.88 14.93 41.02
C GLN D 200 -4.10 15.27 39.76
N LEU D 201 -4.40 16.40 39.13
CA LEU D 201 -3.62 16.82 37.97
C LEU D 201 -2.19 17.13 38.36
N VAL D 202 -1.97 17.76 39.51
CA VAL D 202 -0.62 18.06 39.96
C VAL D 202 0.11 16.79 40.37
N ILE D 203 -0.62 15.85 40.99
CA ILE D 203 -0.02 14.56 41.33
C ILE D 203 0.44 13.84 40.06
N GLU D 204 -0.40 13.84 39.02
CA GLU D 204 -0.02 13.22 37.76
C GLU D 204 1.12 13.98 37.08
N PHE D 205 1.17 15.29 37.24
CA PHE D 205 2.27 16.07 36.67
C PHE D 205 3.59 15.70 37.30
N TYR D 206 3.61 15.54 38.62
CA TYR D 206 4.83 15.12 39.30
C TYR D 206 5.07 13.61 39.22
N SER D 207 4.10 12.85 38.74
CA SER D 207 4.31 11.41 38.54
C SER D 207 5.19 11.11 37.34
N ARG D 208 5.38 12.08 36.45
CA ARG D 208 6.21 11.88 35.27
C ARG D 208 7.67 11.66 35.65
N ASP E 1 -23.85 13.79 29.97
CA ASP E 1 -24.14 12.41 30.31
C ASP E 1 -23.00 11.48 29.92
N PHE E 2 -22.31 11.82 28.83
CA PHE E 2 -21.22 11.01 28.31
C PHE E 2 -20.06 11.92 27.93
N GLU E 3 -18.89 11.65 28.50
CA GLU E 3 -17.67 12.37 28.14
C GLU E 3 -16.97 11.66 26.99
N GLU E 4 -16.38 12.44 26.09
CA GLU E 4 -15.76 11.92 24.89
C GLU E 4 -14.39 12.57 24.69
N LYS E 5 -13.36 11.76 24.51
CA LYS E 5 -12.01 12.26 24.32
C LYS E 5 -11.30 11.44 23.26
N MET E 6 -10.61 12.11 22.34
CA MET E 6 -9.86 11.42 21.30
C MET E 6 -8.50 10.99 21.82
N ILE E 7 -8.02 9.86 21.30
CA ILE E 7 -6.71 9.34 21.67
C ILE E 7 -5.66 9.91 20.73
N LEU E 8 -5.79 9.62 19.44
CA LEU E 8 -4.87 10.11 18.43
C LEU E 8 -5.59 10.19 17.09
N ILE E 9 -5.05 11.04 16.21
CA ILE E 9 -5.60 11.23 14.88
C ILE E 9 -4.44 11.12 13.89
N ARG E 10 -4.54 10.18 12.96
CA ARG E 10 -3.50 9.98 11.96
C ARG E 10 -4.10 10.07 10.56
N ARG E 11 -3.23 10.32 9.60
CA ARG E 11 -3.61 10.47 8.19
C ARG E 11 -2.90 9.39 7.39
N THR E 12 -3.62 8.33 7.06
CA THR E 12 -3.07 7.28 6.21
C THR E 12 -3.20 7.67 4.75
N ALA E 13 -2.43 7.00 3.90
CA ALA E 13 -2.38 7.35 2.48
C ALA E 13 -2.36 6.09 1.63
N ARG E 14 -3.18 6.07 0.59
CA ARG E 14 -3.16 5.04 -0.44
C ARG E 14 -2.67 5.63 -1.74
N MET E 15 -2.12 4.79 -2.60
CA MET E 15 -1.56 5.22 -3.87
C MET E 15 -2.56 4.97 -4.99
N GLN E 16 -2.59 5.90 -5.96
CA GLN E 16 -3.48 5.81 -7.10
C GLN E 16 -2.79 6.51 -8.26
N ALA E 17 -3.19 6.18 -9.48
CA ALA E 17 -2.56 6.77 -10.65
C ALA E 17 -2.72 8.28 -10.62
N GLY E 18 -1.62 8.99 -10.38
CA GLY E 18 -1.66 10.43 -10.23
C GLY E 18 -1.03 10.90 -8.94
N GLY E 19 -1.21 10.15 -7.86
CA GLY E 19 -0.61 10.52 -6.60
C GLY E 19 -1.21 9.74 -5.45
N ARG E 20 -0.99 10.25 -4.24
CA ARG E 20 -1.50 9.61 -3.04
C ARG E 20 -2.77 10.33 -2.56
N ARG E 21 -3.73 9.54 -2.09
CA ARG E 21 -4.99 10.05 -1.55
C ARG E 21 -5.07 9.66 -0.09
N PHE E 22 -5.52 10.59 0.73
CA PHE E 22 -5.45 10.47 2.19
C PHE E 22 -6.79 10.05 2.77
N ARG E 23 -6.71 9.37 3.92
CA ARG E 23 -7.87 8.96 4.69
C ARG E 23 -7.50 9.08 6.16
N PHE E 24 -8.33 9.79 6.92
CA PHE E 24 -8.03 10.09 8.31
C PHE E 24 -8.66 9.06 9.24
N GLY E 25 -7.84 8.52 10.14
CA GLY E 25 -8.29 7.59 11.17
C GLY E 25 -8.14 8.22 12.53
N ALA E 26 -9.11 7.95 13.42
CA ALA E 26 -9.12 8.58 14.74
C ALA E 26 -9.70 7.61 15.76
N LEU E 27 -9.08 7.59 16.94
CA LEU E 27 -9.56 6.83 18.09
C LEU E 27 -10.31 7.76 19.04
N VAL E 28 -11.40 7.24 19.60
CA VAL E 28 -12.26 8.01 20.49
C VAL E 28 -12.70 7.12 21.64
N VAL E 29 -12.56 7.61 22.87
CA VAL E 29 -13.04 6.93 24.05
C VAL E 29 -14.21 7.72 24.62
N VAL E 30 -15.27 7.01 25.00
CA VAL E 30 -16.44 7.60 25.63
C VAL E 30 -16.65 6.93 26.97
N GLY E 31 -17.08 7.71 27.97
CA GLY E 31 -17.27 7.17 29.29
C GLY E 31 -18.08 8.10 30.17
N ASP E 32 -18.81 7.52 31.11
CA ASP E 32 -19.58 8.26 32.08
C ASP E 32 -18.89 8.36 33.44
N ARG E 33 -17.68 7.80 33.56
CA ARG E 33 -16.91 7.79 34.80
C ARG E 33 -17.66 7.07 35.93
N GLN E 34 -18.65 6.25 35.59
CA GLN E 34 -19.40 5.48 36.58
C GLN E 34 -19.05 4.00 36.57
N GLY E 35 -18.34 3.52 35.56
CA GLY E 35 -17.99 2.12 35.47
C GLY E 35 -18.18 1.57 34.07
N ARG E 36 -18.55 2.44 33.14
CA ARG E 36 -18.78 2.06 31.75
C ARG E 36 -17.82 2.82 30.85
N VAL E 37 -17.23 2.12 29.88
CA VAL E 37 -16.33 2.72 28.92
C VAL E 37 -16.70 2.26 27.51
N GLY E 38 -16.11 2.92 26.52
CA GLY E 38 -16.30 2.54 25.13
C GLY E 38 -15.19 3.07 24.25
N LEU E 39 -14.67 2.22 23.37
CA LEU E 39 -13.56 2.57 22.49
C LEU E 39 -13.99 2.41 21.04
N GLY E 40 -13.62 3.38 20.19
CA GLY E 40 -14.00 3.33 18.79
C GLY E 40 -12.95 3.89 17.85
N PHE E 41 -12.78 3.25 16.70
CA PHE E 41 -11.81 3.65 15.70
C PHE E 41 -12.56 3.95 14.42
N GLY E 42 -12.52 5.21 13.99
CA GLY E 42 -13.27 5.66 12.83
C GLY E 42 -12.37 6.19 11.74
N LYS E 43 -12.65 5.78 10.50
CA LYS E 43 -11.92 6.23 9.33
C LYS E 43 -12.87 6.99 8.41
N ALA E 44 -12.41 8.12 7.90
CA ALA E 44 -13.22 8.95 7.02
C ALA E 44 -12.31 9.83 6.18
N PRO E 45 -12.75 10.28 5.01
CA PRO E 45 -11.90 11.15 4.19
C PRO E 45 -11.51 12.44 4.88
N GLU E 46 -12.28 12.89 5.87
CA GLU E 46 -11.97 14.11 6.62
C GLU E 46 -11.86 13.78 8.10
N VAL E 47 -11.30 14.72 8.86
CA VAL E 47 -11.02 14.51 10.28
C VAL E 47 -12.30 14.56 11.12
N PRO E 48 -13.16 15.58 11.00
CA PRO E 48 -14.35 15.61 11.87
C PRO E 48 -15.28 14.44 11.64
N LEU E 49 -15.47 14.03 10.39
CA LEU E 49 -16.29 12.86 10.11
C LEU E 49 -15.70 11.61 10.76
N ALA E 50 -14.37 11.49 10.72
CA ALA E 50 -13.72 10.35 11.36
C ALA E 50 -13.91 10.39 12.88
N VAL E 51 -13.83 11.58 13.48
CA VAL E 51 -14.04 11.68 14.92
C VAL E 51 -15.46 11.30 15.29
N GLN E 52 -16.45 11.77 14.52
CA GLN E 52 -17.84 11.43 14.80
C GLN E 52 -18.09 9.94 14.62
N LYS E 53 -17.50 9.33 13.57
CA LYS E 53 -17.68 7.91 13.35
C LYS E 53 -17.03 7.09 14.45
N ALA E 54 -15.86 7.51 14.92
CA ALA E 54 -15.20 6.84 16.03
C ALA E 54 -16.03 6.97 17.30
N GLY E 55 -16.65 8.13 17.51
CA GLY E 55 -17.54 8.27 18.66
C GLY E 55 -18.73 7.34 18.58
N TYR E 56 -19.32 7.21 17.40
CA TYR E 56 -20.43 6.26 17.21
C TYR E 56 -19.99 4.84 17.52
N TYR E 57 -18.85 4.42 16.96
CA TYR E 57 -18.37 3.07 17.19
C TYR E 57 -18.00 2.84 18.65
N ALA E 58 -17.53 3.89 19.34
CA ALA E 58 -17.20 3.76 20.76
C ALA E 58 -18.45 3.60 21.60
N ARG E 59 -19.49 4.38 21.30
CA ARG E 59 -20.76 4.23 22.02
C ARG E 59 -21.40 2.88 21.70
N ARG E 60 -21.11 2.30 20.53
CA ARG E 60 -21.70 1.03 20.18
C ARG E 60 -20.99 -0.15 20.86
N ASN E 61 -19.72 0.03 21.22
CA ASN E 61 -18.94 -1.02 21.88
C ASN E 61 -18.66 -0.56 23.32
N MET E 62 -19.47 -1.05 24.26
CA MET E 62 -19.37 -0.66 25.65
C MET E 62 -18.79 -1.80 26.49
N VAL E 63 -18.21 -1.41 27.62
CA VAL E 63 -17.58 -2.35 28.55
C VAL E 63 -17.92 -1.91 29.98
N GLU E 64 -18.41 -2.85 30.78
CA GLU E 64 -18.73 -2.60 32.17
C GLU E 64 -17.52 -2.93 33.03
N VAL E 65 -17.08 -1.98 33.84
CA VAL E 65 -15.89 -2.11 34.67
C VAL E 65 -16.33 -2.25 36.12
N PRO E 66 -15.94 -3.32 36.81
CA PRO E 66 -16.27 -3.48 38.25
C PRO E 66 -15.33 -2.70 39.17
N LEU E 67 -15.63 -1.42 39.35
CA LEU E 67 -14.82 -0.57 40.19
C LEU E 67 -15.00 -0.93 41.66
N GLN E 68 -13.93 -0.74 42.44
CA GLN E 68 -13.95 -0.99 43.88
C GLN E 68 -13.16 0.15 44.54
N ASN E 69 -13.88 1.17 45.03
CA ASN E 69 -13.27 2.33 45.66
C ASN E 69 -12.33 3.04 44.71
N GLY E 70 -12.80 3.26 43.49
CA GLY E 70 -12.04 4.00 42.50
C GLY E 70 -10.81 3.31 41.95
N THR E 71 -10.60 2.04 42.26
CA THR E 71 -9.46 1.30 41.74
C THR E 71 -9.95 -0.04 41.18
N ILE E 72 -8.99 -0.83 40.70
CA ILE E 72 -9.28 -2.10 40.04
C ILE E 72 -9.38 -3.19 41.10
N PRO E 73 -10.16 -4.25 40.86
CA PRO E 73 -10.27 -5.32 41.87
C PRO E 73 -9.06 -6.22 41.96
N HIS E 74 -8.43 -6.52 40.82
CA HIS E 74 -7.28 -7.43 40.79
C HIS E 74 -6.40 -7.10 39.60
N GLU E 75 -5.11 -7.38 39.76
CA GLU E 75 -4.13 -7.12 38.70
C GLU E 75 -4.42 -7.99 37.50
N ILE E 76 -4.09 -7.47 36.31
CA ILE E 76 -4.31 -8.18 35.06
C ILE E 76 -3.15 -7.90 34.10
N GLU E 77 -2.99 -8.79 33.14
CA GLU E 77 -1.92 -8.72 32.15
C GLU E 77 -2.45 -9.26 30.83
N VAL E 78 -2.53 -8.40 29.82
CA VAL E 78 -3.18 -8.73 28.56
C VAL E 78 -2.20 -8.54 27.41
N GLU E 79 -2.10 -9.55 26.56
CA GLU E 79 -1.28 -9.50 25.35
C GLU E 79 -2.22 -9.38 24.15
N PHE E 80 -2.25 -8.20 23.53
CA PHE E 80 -2.98 -7.98 22.30
C PHE E 80 -1.95 -7.84 21.17
N GLY E 81 -1.88 -8.85 20.31
CA GLY E 81 -0.86 -8.86 19.28
C GLY E 81 0.51 -8.90 19.91
N ALA E 82 1.34 -7.90 19.60
CA ALA E 82 2.65 -7.75 20.20
C ALA E 82 2.67 -6.75 21.34
N SER E 83 1.55 -6.10 21.63
CA SER E 83 1.46 -5.15 22.74
C SER E 83 1.02 -5.87 24.01
N LYS E 84 1.47 -5.34 25.15
CA LYS E 84 1.15 -5.93 26.44
C LYS E 84 0.77 -4.82 27.41
N ILE E 85 -0.31 -5.02 28.14
CA ILE E 85 -0.77 -4.08 29.15
C ILE E 85 -0.78 -4.77 30.49
N VAL E 86 -0.32 -4.07 31.52
CA VAL E 86 -0.28 -4.59 32.89
C VAL E 86 -1.00 -3.58 33.78
N LEU E 87 -2.01 -4.05 34.51
CA LEU E 87 -2.78 -3.22 35.42
C LEU E 87 -2.70 -3.80 36.83
N LYS E 88 -2.64 -2.90 37.82
CA LYS E 88 -2.51 -3.29 39.21
C LYS E 88 -3.26 -2.28 40.07
N PRO E 89 -4.05 -2.74 41.04
CA PRO E 89 -4.76 -1.79 41.91
C PRO E 89 -3.82 -1.03 42.81
N ALA E 90 -4.25 0.16 43.21
CA ALA E 90 -3.46 1.01 44.09
C ALA E 90 -4.38 1.64 45.14
N ALA E 91 -3.77 2.05 46.25
CA ALA E 91 -4.51 2.70 47.30
C ALA E 91 -4.92 4.11 46.87
N PRO E 92 -6.03 4.62 47.40
CA PRO E 92 -6.45 5.99 47.06
C PRO E 92 -5.37 7.00 47.41
N GLY E 93 -5.42 8.15 46.73
CA GLY E 93 -4.39 9.16 46.86
C GLY E 93 -3.16 8.93 46.02
N THR E 94 -3.13 7.86 45.23
CA THR E 94 -1.99 7.56 44.37
C THR E 94 -2.12 8.24 43.01
N GLY E 95 -3.28 8.12 42.38
CA GLY E 95 -3.51 8.70 41.07
C GLY E 95 -3.31 7.69 39.95
N VAL E 96 -3.85 8.03 38.79
CA VAL E 96 -3.72 7.19 37.60
C VAL E 96 -2.33 7.40 37.00
N ILE E 97 -1.49 6.38 37.07
CA ILE E 97 -0.14 6.42 36.53
C ILE E 97 -0.12 5.50 35.31
N ALA E 98 -0.16 6.08 34.12
CA ALA E 98 -0.29 5.31 32.89
C ALA E 98 0.17 6.16 31.72
N GLY E 99 0.32 5.51 30.58
CA GLY E 99 0.53 6.22 29.33
C GLY E 99 -0.71 7.00 28.95
N ALA E 100 -0.60 7.74 27.84
CA ALA E 100 -1.70 8.59 27.40
C ALA E 100 -2.97 7.78 27.16
N VAL E 101 -2.86 6.71 26.37
CA VAL E 101 -4.01 5.89 25.99
C VAL E 101 -4.64 5.24 27.23
N PRO E 102 -3.89 4.49 28.05
CA PRO E 102 -4.52 3.87 29.22
C PRO E 102 -5.03 4.88 30.23
N ARG E 103 -4.31 6.00 30.41
CA ARG E 103 -4.81 7.03 31.32
C ARG E 103 -6.16 7.56 30.87
N ALA E 104 -6.29 7.89 29.58
CA ALA E 104 -7.56 8.37 29.07
C ALA E 104 -8.66 7.33 29.24
N ILE E 105 -8.37 6.07 28.87
CA ILE E 105 -9.38 5.03 28.93
C ILE E 105 -9.85 4.81 30.36
N LEU E 106 -8.91 4.76 31.31
CA LEU E 106 -9.28 4.48 32.70
C LEU E 106 -9.92 5.68 33.38
N GLU E 107 -9.52 6.90 33.02
CA GLU E 107 -10.18 8.08 33.59
C GLU E 107 -11.61 8.19 33.11
N LEU E 108 -11.85 7.89 31.83
CA LEU E 108 -13.22 7.89 31.34
C LEU E 108 -14.03 6.71 31.87
N ALA E 109 -13.38 5.71 32.47
CA ALA E 109 -14.08 4.60 33.09
C ALA E 109 -14.47 4.88 34.54
N GLY E 110 -13.87 5.88 35.17
CA GLY E 110 -14.13 6.17 36.56
C GLY E 110 -13.06 5.72 37.53
N VAL E 111 -11.86 5.42 37.05
CA VAL E 111 -10.75 4.98 37.90
C VAL E 111 -9.99 6.21 38.37
N THR E 112 -9.59 6.20 39.65
CA THR E 112 -8.87 7.30 40.25
C THR E 112 -7.43 6.96 40.59
N ASP E 113 -7.16 5.75 41.07
CA ASP E 113 -5.81 5.34 41.43
C ASP E 113 -5.55 3.93 40.92
N ILE E 114 -4.54 3.78 40.06
CA ILE E 114 -4.19 2.50 39.47
C ILE E 114 -2.79 2.61 38.91
N LEU E 115 -2.07 1.49 38.88
CA LEU E 115 -0.71 1.45 38.38
C LEU E 115 -0.67 0.57 37.13
N THR E 116 -0.26 1.15 36.01
CA THR E 116 -0.23 0.44 34.75
C THR E 116 1.19 0.42 34.17
N LYS E 117 1.36 -0.40 33.14
CA LYS E 117 2.64 -0.49 32.44
C LYS E 117 2.41 -1.07 31.06
N GLU E 118 2.96 -0.42 30.04
CA GLU E 118 2.93 -0.91 28.67
C GLU E 118 4.24 -1.62 28.35
N LEU E 119 4.14 -2.77 27.70
CA LEU E 119 5.29 -3.61 27.39
C LEU E 119 5.20 -4.10 25.96
N GLY E 120 6.36 -4.47 25.42
CA GLY E 120 6.42 -4.94 24.05
C GLY E 120 6.26 -3.83 23.04
N SER E 121 5.12 -3.83 22.35
CA SER E 121 4.85 -2.82 21.34
C SER E 121 4.10 -1.65 21.96
N ARG E 122 4.58 -0.44 21.70
CA ARG E 122 3.98 0.78 22.21
C ARG E 122 2.91 1.34 21.27
N ASN E 123 2.38 0.52 20.37
CA ASN E 123 1.39 0.98 19.41
C ASN E 123 0.11 1.41 20.13
N PRO E 124 -0.37 2.65 19.92
CA PRO E 124 -1.54 3.11 20.67
C PRO E 124 -2.81 2.32 20.39
N ILE E 125 -2.99 1.84 19.16
CA ILE E 125 -4.19 1.08 18.83
C ILE E 125 -4.22 -0.24 19.56
N ASN E 126 -3.12 -1.00 19.47
CA ASN E 126 -3.05 -2.28 20.15
C ASN E 126 -3.06 -2.11 21.67
N ILE E 127 -2.46 -1.04 22.18
CA ILE E 127 -2.51 -0.77 23.62
C ILE E 127 -3.94 -0.48 24.05
N ALA E 128 -4.67 0.29 23.24
CA ALA E 128 -6.07 0.57 23.57
C ALA E 128 -6.90 -0.70 23.56
N TYR E 129 -6.71 -1.55 22.56
CA TYR E 129 -7.46 -2.81 22.51
C TYR E 129 -7.08 -3.72 23.68
N ALA E 130 -5.81 -3.72 24.06
CA ALA E 130 -5.38 -4.52 25.21
C ALA E 130 -6.01 -4.02 26.50
N THR E 131 -6.09 -2.69 26.67
CA THR E 131 -6.75 -2.14 27.86
C THR E 131 -8.23 -2.46 27.87
N MET E 132 -8.88 -2.41 26.69
CA MET E 132 -10.29 -2.77 26.62
C MET E 132 -10.51 -4.22 27.00
N GLU E 133 -9.70 -5.13 26.46
CA GLU E 133 -9.84 -6.55 26.82
C GLU E 133 -9.48 -6.80 28.27
N ALA E 134 -8.56 -6.01 28.83
CA ALA E 134 -8.23 -6.14 30.25
C ALA E 134 -9.42 -5.75 31.11
N LEU E 135 -10.06 -4.62 30.81
CA LEU E 135 -11.26 -4.23 31.55
C LEU E 135 -12.40 -5.21 31.31
N ARG E 136 -12.41 -5.88 30.16
CA ARG E 136 -13.43 -6.87 29.87
C ARG E 136 -13.21 -8.17 30.63
N GLN E 137 -11.95 -8.49 30.94
CA GLN E 137 -11.62 -9.71 31.68
C GLN E 137 -11.62 -9.52 33.19
N LEU E 138 -12.12 -8.40 33.67
CA LEU E 138 -12.17 -8.15 35.11
C LEU E 138 -13.33 -8.90 35.75
N ARG E 139 -13.08 -9.48 36.92
CA ARG E 139 -14.09 -10.23 37.66
C ARG E 139 -14.11 -9.76 39.10
N THR E 140 -15.31 -9.74 39.68
CA THR E 140 -15.51 -9.40 41.09
C THR E 140 -15.55 -10.68 41.92
N LYS E 141 -15.28 -10.51 43.22
CA LYS E 141 -15.40 -11.66 44.14
C LYS E 141 -16.78 -12.27 44.06
N ALA E 142 -17.81 -11.43 43.89
CA ALA E 142 -19.16 -11.96 43.69
C ALA E 142 -19.24 -12.82 42.43
N ASP E 143 -18.63 -12.36 41.34
CA ASP E 143 -18.60 -13.16 40.12
C ASP E 143 -17.81 -14.45 40.33
N VAL E 144 -16.73 -14.38 41.10
CA VAL E 144 -15.91 -15.56 41.36
C VAL E 144 -16.72 -16.62 42.09
N GLU E 145 -17.35 -16.24 43.21
CA GLU E 145 -18.18 -17.20 43.93
C GLU E 145 -19.42 -17.60 43.13
N ARG E 146 -19.85 -16.77 42.18
CA ARG E 146 -20.96 -17.15 41.32
C ARG E 146 -20.55 -18.27 40.37
N LEU E 147 -19.34 -18.19 39.82
CA LEU E 147 -18.88 -19.24 38.90
C LEU E 147 -18.60 -20.55 39.64
N ARG E 148 -18.29 -20.49 40.93
CA ARG E 148 -17.96 -21.67 41.71
C ARG E 148 -19.12 -22.14 42.59
N LYS E 149 -20.35 -21.82 42.20
CA LYS E 149 -21.52 -22.28 42.95
C LYS E 149 -21.61 -23.81 42.94
N GLY E 150 -21.78 -24.39 41.75
CA GLY E 150 -21.88 -25.83 41.62
C GLY E 150 -23.17 -26.41 42.16
N GLU E 151 -24.29 -25.81 41.77
N MET F 1 22.64 -73.66 3.62
CA MET F 1 21.78 -74.53 2.83
C MET F 1 20.47 -73.84 2.48
N ARG F 2 20.48 -73.05 1.42
CA ARG F 2 19.30 -72.35 0.94
C ARG F 2 18.86 -72.90 -0.40
N ARG F 3 17.60 -72.62 -0.74
CA ARG F 3 16.99 -73.07 -1.99
C ARG F 3 17.11 -71.99 -3.05
N TYR F 4 17.63 -72.37 -4.21
CA TYR F 4 17.84 -71.44 -5.32
C TYR F 4 17.26 -72.04 -6.60
N GLU F 5 17.21 -71.18 -7.63
CA GLU F 5 16.77 -71.57 -8.96
C GLU F 5 17.80 -71.08 -9.97
N VAL F 6 18.23 -71.97 -10.84
CA VAL F 6 19.27 -71.68 -11.83
C VAL F 6 18.66 -71.75 -13.22
N ASN F 7 18.82 -70.67 -13.98
CA ASN F 7 18.40 -70.60 -15.38
C ASN F 7 19.64 -70.56 -16.24
N ILE F 8 19.75 -71.51 -17.17
CA ILE F 8 20.91 -71.66 -18.03
C ILE F 8 20.42 -71.63 -19.48
N VAL F 9 20.77 -70.58 -20.20
CA VAL F 9 20.45 -70.45 -21.62
C VAL F 9 21.74 -70.68 -22.39
N LEU F 10 21.71 -71.66 -23.31
CA LEU F 10 22.89 -72.02 -24.08
C LEU F 10 22.53 -72.13 -25.56
N ASN F 11 23.50 -72.55 -26.35
CA ASN F 11 23.40 -72.57 -27.80
C ASN F 11 22.35 -73.57 -28.26
N PRO F 12 21.31 -73.14 -28.99
CA PRO F 12 20.34 -74.09 -29.52
C PRO F 12 20.83 -74.88 -30.72
N ASN F 13 21.98 -74.52 -31.29
CA ASN F 13 22.52 -75.21 -32.46
C ASN F 13 23.34 -76.44 -32.09
N LEU F 14 23.43 -76.78 -30.80
CA LEU F 14 24.20 -77.94 -30.39
C LEU F 14 23.46 -79.23 -30.73
N ASP F 15 24.20 -80.24 -31.19
CA ASP F 15 23.62 -81.54 -31.44
C ASP F 15 23.37 -82.26 -30.12
N GLN F 16 22.91 -83.51 -30.21
CA GLN F 16 22.57 -84.25 -29.00
C GLN F 16 23.81 -84.61 -28.19
N SER F 17 24.93 -84.90 -28.86
CA SER F 17 26.15 -85.26 -28.14
C SER F 17 26.73 -84.05 -27.42
N GLN F 18 26.81 -82.91 -28.10
CA GLN F 18 27.33 -81.70 -27.47
C GLN F 18 26.42 -81.22 -26.34
N LEU F 19 25.11 -81.31 -26.54
CA LEU F 19 24.17 -80.95 -25.48
C LEU F 19 24.31 -81.89 -24.29
N ALA F 20 24.49 -83.19 -24.55
CA ALA F 20 24.70 -84.15 -23.48
C ALA F 20 25.99 -83.84 -22.71
N LEU F 21 27.05 -83.46 -23.43
CA LEU F 21 28.30 -83.10 -22.76
C LEU F 21 28.14 -81.84 -21.92
N GLU F 22 27.42 -80.85 -22.44
CA GLU F 22 27.20 -79.63 -21.67
C GLU F 22 26.39 -79.92 -20.40
N LYS F 23 25.33 -80.73 -20.52
CA LYS F 23 24.56 -81.09 -19.34
C LYS F 23 25.36 -81.94 -18.37
N GLU F 24 26.25 -82.79 -18.89
CA GLU F 24 27.15 -83.55 -18.02
C GLU F 24 28.06 -82.63 -17.23
N ILE F 25 28.63 -81.62 -17.89
CA ILE F 25 29.48 -80.67 -17.20
C ILE F 25 28.67 -79.88 -16.17
N ILE F 26 27.42 -79.55 -16.50
CA ILE F 26 26.56 -78.83 -15.56
C ILE F 26 26.31 -79.67 -14.32
N GLN F 27 25.92 -80.93 -14.50
CA GLN F 27 25.67 -81.80 -13.36
C GLN F 27 26.94 -82.04 -12.56
N ARG F 28 28.09 -82.16 -13.24
CA ARG F 28 29.35 -82.36 -12.53
C ARG F 28 29.70 -81.14 -11.68
N ALA F 29 29.50 -79.94 -12.22
CA ALA F 29 29.75 -78.73 -11.44
C ALA F 29 28.77 -78.59 -10.29
N LEU F 30 27.51 -79.02 -10.48
CA LEU F 30 26.56 -79.00 -9.38
C LEU F 30 26.98 -79.96 -8.28
N GLU F 31 27.50 -81.14 -8.64
CA GLU F 31 27.99 -82.07 -7.63
C GLU F 31 29.25 -81.55 -6.95
N ASN F 32 30.10 -80.82 -7.69
CA ASN F 32 31.34 -80.32 -7.12
C ASN F 32 31.11 -79.20 -6.10
N TYR F 33 29.93 -78.57 -6.12
CA TYR F 33 29.60 -77.53 -5.16
C TYR F 33 28.50 -77.96 -4.19
N GLY F 34 28.08 -79.23 -4.24
CA GLY F 34 27.07 -79.73 -3.34
C GLY F 34 25.72 -79.06 -3.49
N ALA F 35 25.12 -79.20 -4.68
CA ALA F 35 23.82 -78.62 -4.98
C ALA F 35 22.83 -79.75 -5.19
N ARG F 36 22.04 -80.04 -4.16
CA ARG F 36 21.03 -81.09 -4.24
C ARG F 36 19.87 -80.63 -5.12
N VAL F 37 19.59 -81.36 -6.18
CA VAL F 37 18.56 -81.00 -7.14
C VAL F 37 17.21 -81.54 -6.66
N GLU F 38 16.19 -80.70 -6.64
CA GLU F 38 14.84 -81.10 -6.26
C GLU F 38 13.96 -81.39 -7.46
N LYS F 39 14.07 -80.60 -8.52
CA LYS F 39 13.33 -80.84 -9.76
C LYS F 39 14.05 -80.14 -10.89
N VAL F 40 13.60 -80.42 -12.11
CA VAL F 40 14.20 -79.86 -13.32
C VAL F 40 13.11 -79.69 -14.37
N GLU F 41 13.23 -78.63 -15.16
CA GLU F 41 12.29 -78.36 -16.26
C GLU F 41 13.10 -77.93 -17.48
N GLU F 42 13.16 -78.79 -18.48
CA GLU F 42 13.90 -78.51 -19.72
C GLU F 42 12.89 -78.10 -20.78
N LEU F 43 12.86 -76.80 -21.09
CA LEU F 43 11.90 -76.27 -22.06
C LEU F 43 12.40 -76.37 -23.50
N GLY F 44 13.66 -76.70 -23.71
CA GLY F 44 14.18 -76.81 -25.06
C GLY F 44 14.54 -75.46 -25.65
N LEU F 45 14.53 -75.41 -26.97
CA LEU F 45 14.84 -74.17 -27.69
C LEU F 45 13.61 -73.28 -27.78
N ARG F 46 13.82 -71.98 -27.56
CA ARG F 46 12.73 -71.01 -27.64
C ARG F 46 13.24 -69.75 -28.32
N ARG F 47 12.28 -68.94 -28.77
CA ARG F 47 12.57 -67.73 -29.54
C ARG F 47 12.88 -66.59 -28.59
N LEU F 48 14.06 -66.00 -28.73
CA LEU F 48 14.46 -64.89 -27.90
C LEU F 48 13.83 -63.58 -28.39
N ALA F 49 13.68 -62.64 -27.47
CA ALA F 49 13.16 -61.33 -27.81
C ALA F 49 14.21 -60.43 -28.46
N TYR F 50 15.49 -60.77 -28.30
CA TYR F 50 16.59 -60.04 -28.91
C TYR F 50 17.73 -61.01 -29.13
N PRO F 51 18.54 -60.79 -30.16
CA PRO F 51 19.60 -61.77 -30.47
C PRO F 51 20.66 -61.82 -29.37
N ILE F 52 20.91 -63.02 -28.86
CA ILE F 52 21.95 -63.28 -27.87
C ILE F 52 23.00 -64.16 -28.53
N ALA F 53 24.26 -63.70 -28.49
CA ALA F 53 25.36 -64.39 -29.16
C ALA F 53 25.06 -64.61 -30.64
N LYS F 54 24.50 -63.57 -31.28
CA LYS F 54 24.17 -63.58 -32.71
C LYS F 54 23.17 -64.67 -33.06
N ASP F 55 22.36 -65.12 -32.11
CA ASP F 55 21.40 -66.20 -32.33
C ASP F 55 20.03 -65.75 -31.88
N PRO F 56 19.01 -65.83 -32.75
CA PRO F 56 17.66 -65.40 -32.36
C PRO F 56 16.94 -66.36 -31.44
N GLN F 57 17.48 -67.54 -31.18
CA GLN F 57 16.87 -68.52 -30.31
C GLN F 57 17.88 -68.96 -29.25
N GLY F 58 17.38 -69.68 -28.25
CA GLY F 58 18.23 -70.17 -27.18
C GLY F 58 17.63 -71.37 -26.51
N TYR F 59 18.49 -72.28 -26.05
CA TYR F 59 18.04 -73.49 -25.38
C TYR F 59 18.05 -73.26 -23.87
N PHE F 60 16.90 -73.42 -23.24
CA PHE F 60 16.70 -73.07 -21.84
C PHE F 60 16.77 -74.31 -20.96
N LEU F 61 17.33 -74.13 -19.75
CA LEU F 61 17.36 -75.16 -18.73
C LEU F 61 17.08 -74.49 -17.39
N TRP F 62 16.30 -75.17 -16.55
CA TRP F 62 15.93 -74.64 -15.24
C TRP F 62 16.13 -75.72 -14.19
N TYR F 63 16.75 -75.33 -13.07
CA TYR F 63 17.05 -76.27 -11.99
C TYR F 63 16.69 -75.64 -10.66
N GLN F 64 15.76 -76.26 -9.93
CA GLN F 64 15.50 -75.90 -8.54
C GLN F 64 16.41 -76.75 -7.66
N VAL F 65 17.30 -76.09 -6.92
CA VAL F 65 18.33 -76.79 -6.15
C VAL F 65 18.38 -76.22 -4.75
N GLU F 66 19.18 -76.88 -3.90
CA GLU F 66 19.46 -76.45 -2.55
C GLU F 66 20.94 -76.63 -2.30
N MET F 67 21.61 -75.56 -1.88
CA MET F 67 23.06 -75.57 -1.77
C MET F 67 23.49 -74.57 -0.71
N PRO F 68 24.70 -74.69 -0.19
CA PRO F 68 25.22 -73.66 0.72
C PRO F 68 25.39 -72.33 0.01
N GLU F 69 25.17 -71.25 0.77
CA GLU F 69 25.15 -69.91 0.18
C GLU F 69 26.55 -69.41 -0.14
N ASP F 70 27.54 -69.74 0.71
CA ASP F 70 28.86 -69.13 0.63
C ASP F 70 29.55 -69.36 -0.71
N ARG F 71 29.13 -70.37 -1.48
CA ARG F 71 29.76 -70.67 -2.76
C ARG F 71 28.82 -70.46 -3.94
N VAL F 72 27.62 -69.90 -3.71
CA VAL F 72 26.65 -69.71 -4.79
C VAL F 72 27.28 -68.94 -5.94
N ASN F 73 27.76 -67.73 -5.67
CA ASN F 73 28.48 -66.97 -6.69
C ASN F 73 29.66 -67.78 -7.22
N ASP F 74 30.39 -68.45 -6.34
CA ASP F 74 31.54 -69.24 -6.77
C ASP F 74 31.12 -70.36 -7.71
N LEU F 75 29.86 -70.80 -7.62
CA LEU F 75 29.35 -71.78 -8.59
C LEU F 75 29.01 -71.12 -9.92
N ALA F 76 28.40 -69.93 -9.87
CA ALA F 76 27.96 -69.26 -11.09
C ALA F 76 29.13 -69.05 -12.05
N ARG F 77 30.26 -68.58 -11.52
CA ARG F 77 31.47 -68.43 -12.35
C ARG F 77 31.81 -69.73 -13.06
N GLU F 78 31.75 -70.86 -12.35
CA GLU F 78 32.09 -72.14 -12.96
C GLU F 78 31.17 -72.46 -14.14
N LEU F 79 29.94 -71.95 -14.12
CA LEU F 79 29.01 -72.21 -15.21
C LEU F 79 29.19 -71.25 -16.38
N ARG F 80 29.99 -70.20 -16.23
CA ARG F 80 30.20 -69.22 -17.29
C ARG F 80 31.44 -69.49 -18.12
N ILE F 81 32.20 -70.55 -17.79
CA ILE F 81 33.42 -70.85 -18.53
C ILE F 81 33.10 -71.45 -19.89
N ARG F 82 32.05 -72.28 -19.96
CA ARG F 82 31.69 -72.92 -21.21
C ARG F 82 31.22 -71.90 -22.23
N ASP F 83 31.83 -71.92 -23.41
CA ASP F 83 31.44 -70.98 -24.47
C ASP F 83 30.03 -71.26 -24.97
N ASN F 84 29.60 -72.52 -24.95
CA ASN F 84 28.23 -72.84 -25.35
C ASN F 84 27.22 -72.24 -24.40
N VAL F 85 27.54 -72.18 -23.12
CA VAL F 85 26.68 -71.57 -22.11
C VAL F 85 26.83 -70.05 -22.21
N ARG F 86 25.73 -69.36 -22.52
CA ARG F 86 25.76 -67.93 -22.77
C ARG F 86 24.96 -67.10 -21.78
N ARG F 87 24.11 -67.72 -20.97
CA ARG F 87 23.36 -66.98 -19.95
C ARG F 87 23.20 -67.86 -18.71
N VAL F 88 23.58 -67.32 -17.56
CA VAL F 88 23.44 -68.01 -16.28
C VAL F 88 22.84 -67.01 -15.29
N MET F 89 21.68 -67.36 -14.73
CA MET F 89 21.02 -66.51 -13.74
C MET F 89 20.59 -67.34 -12.56
N VAL F 90 21.12 -67.05 -11.38
CA VAL F 90 20.75 -67.73 -10.14
C VAL F 90 19.92 -66.77 -9.30
N VAL F 91 18.75 -67.25 -8.86
CA VAL F 91 17.81 -66.43 -8.11
C VAL F 91 17.35 -67.21 -6.88
N LYS F 92 17.35 -66.56 -5.72
CA LYS F 92 16.83 -67.20 -4.52
C LYS F 92 15.36 -67.53 -4.70
N SER F 93 14.98 -68.73 -4.26
CA SER F 93 13.60 -69.19 -4.41
C SER F 93 12.67 -68.36 -3.53
N GLN F 94 11.52 -67.98 -4.10
CA GLN F 94 10.52 -67.19 -3.40
C GLN F 94 9.14 -67.80 -3.63
N GLU F 95 8.28 -67.66 -2.62
CA GLU F 95 6.92 -68.14 -2.75
C GLU F 95 6.16 -67.33 -3.79
N PRO F 96 5.24 -67.96 -4.53
CA PRO F 96 4.53 -67.25 -5.59
C PRO F 96 3.59 -66.20 -5.01
N PHE F 97 3.59 -65.02 -5.64
CA PHE F 97 2.72 -63.92 -5.25
C PHE F 97 1.62 -63.80 -6.33
N LEU F 98 0.46 -64.38 -6.05
CA LEU F 98 -0.63 -64.40 -7.01
C LEU F 98 -1.41 -63.10 -6.97
N ALA F 99 -1.86 -62.65 -8.15
CA ALA F 99 -2.64 -61.44 -8.28
C ALA F 99 -3.99 -61.77 -8.89
N ASN F 100 -4.96 -60.88 -8.66
CA ASN F 100 -6.33 -61.04 -9.13
C ASN F 100 -6.92 -62.37 -8.65
N ALA F 101 -6.77 -62.62 -7.35
CA ALA F 101 -7.26 -63.85 -6.74
C ALA F 101 -8.58 -63.63 -6.02
N ALA G 1 -9.77 -2.86 -39.10
CA ALA G 1 -10.92 -3.10 -38.25
C ALA G 1 -10.60 -4.16 -37.20
N ARG G 2 -10.80 -3.81 -35.93
CA ARG G 2 -10.52 -4.70 -34.81
C ARG G 2 -11.78 -5.32 -34.23
N ARG G 3 -12.77 -4.50 -33.87
CA ARG G 3 -13.97 -5.01 -33.22
C ARG G 3 -14.85 -5.76 -34.21
N ARG G 4 -15.20 -5.12 -35.33
CA ARG G 4 -16.10 -5.71 -36.30
C ARG G 4 -15.30 -6.43 -37.39
N ARG G 5 -16.00 -6.88 -38.43
CA ARG G 5 -15.37 -7.55 -39.56
C ARG G 5 -15.20 -6.64 -40.78
N ALA G 6 -15.72 -5.41 -40.73
CA ALA G 6 -15.59 -4.43 -41.81
C ALA G 6 -16.19 -4.98 -43.10
N GLU G 7 -17.51 -5.15 -43.07
CA GLU G 7 -18.25 -5.66 -44.22
C GLU G 7 -17.95 -4.82 -45.46
N VAL G 8 -18.08 -5.47 -46.62
CA VAL G 8 -17.68 -4.86 -47.89
C VAL G 8 -18.78 -3.94 -48.39
N ARG G 9 -18.39 -2.83 -49.00
CA ARG G 9 -19.35 -1.90 -49.59
C ARG G 9 -19.93 -2.48 -50.86
N GLN G 10 -21.25 -2.30 -51.04
CA GLN G 10 -21.94 -2.73 -52.25
C GLN G 10 -22.01 -1.58 -53.23
N LEU G 11 -21.45 -1.76 -54.41
CA LEU G 11 -21.38 -0.71 -55.41
C LEU G 11 -22.62 -0.72 -56.29
N GLN G 12 -22.99 0.45 -56.78
CA GLN G 12 -24.09 0.57 -57.71
C GLN G 12 -23.71 -0.06 -59.06
N PRO G 13 -24.67 -0.68 -59.73
CA PRO G 13 -24.37 -1.29 -61.03
C PRO G 13 -24.04 -0.25 -62.08
N ASP G 14 -23.45 -0.71 -63.18
CA ASP G 14 -23.06 0.18 -64.26
C ASP G 14 -24.29 0.74 -64.97
N LEU G 15 -24.19 1.99 -65.41
CA LEU G 15 -25.30 2.63 -66.11
C LEU G 15 -25.48 2.14 -67.53
N VAL G 16 -24.57 1.31 -68.04
CA VAL G 16 -24.64 0.83 -69.41
C VAL G 16 -24.75 -0.69 -69.42
N TYR G 17 -23.73 -1.36 -68.88
CA TYR G 17 -23.69 -2.82 -68.87
C TYR G 17 -24.27 -3.43 -67.61
N GLY G 18 -24.54 -2.63 -66.58
CA GLY G 18 -25.12 -3.15 -65.36
C GLY G 18 -24.21 -4.07 -64.57
N ASP G 19 -22.91 -3.82 -64.60
CA ASP G 19 -21.93 -4.62 -63.88
C ASP G 19 -21.28 -3.78 -62.79
N VAL G 20 -21.23 -4.32 -61.57
CA VAL G 20 -20.60 -3.58 -60.48
C VAL G 20 -19.08 -3.57 -60.64
N LEU G 21 -18.52 -4.56 -61.32
CA LEU G 21 -17.09 -4.56 -61.60
C LEU G 21 -16.72 -3.38 -62.51
N VAL G 22 -17.60 -3.04 -63.45
CA VAL G 22 -17.38 -1.87 -64.29
C VAL G 22 -17.36 -0.61 -63.45
N THR G 23 -18.27 -0.50 -62.48
CA THR G 23 -18.30 0.66 -61.61
C THR G 23 -17.05 0.74 -60.73
N ALA G 24 -16.56 -0.41 -60.26
CA ALA G 24 -15.33 -0.43 -59.49
C ALA G 24 -14.14 0.00 -60.33
N PHE G 25 -14.11 -0.40 -61.61
CA PHE G 25 -13.05 0.03 -62.50
C PHE G 25 -13.15 1.53 -62.77
N ILE G 26 -14.38 2.05 -62.89
CA ILE G 26 -14.58 3.49 -63.00
C ILE G 26 -13.99 4.20 -61.79
N ASN G 27 -14.29 3.69 -60.60
CA ASN G 27 -13.79 4.31 -59.37
C ASN G 27 -12.26 4.28 -59.32
N LYS G 28 -11.66 3.16 -59.75
CA LYS G 28 -10.20 3.08 -59.78
C LYS G 28 -9.61 4.03 -60.82
N ILE G 29 -10.36 4.31 -61.89
CA ILE G 29 -9.92 5.31 -62.86
C ILE G 29 -10.15 6.71 -62.33
N MET G 30 -11.20 6.90 -61.51
CA MET G 30 -11.57 8.23 -61.02
C MET G 30 -10.39 8.89 -60.31
N ARG G 31 -10.23 10.19 -60.56
CA ARG G 31 -9.14 10.97 -60.00
C ARG G 31 -9.69 12.28 -59.47
N ASP G 32 -9.36 12.60 -58.22
CA ASP G 32 -9.82 13.82 -57.55
C ASP G 32 -11.34 13.92 -57.46
N GLY G 33 -12.03 12.79 -57.63
CA GLY G 33 -13.48 12.79 -57.52
C GLY G 33 -14.22 13.20 -58.77
N LYS G 34 -13.66 12.91 -59.95
CA LYS G 34 -14.31 13.24 -61.22
C LYS G 34 -14.91 11.96 -61.79
N LYS G 35 -16.19 11.74 -61.51
CA LYS G 35 -16.87 10.56 -62.03
C LYS G 35 -17.15 10.69 -63.52
N ASN G 36 -17.60 11.86 -63.96
CA ASN G 36 -17.96 12.03 -65.36
C ASN G 36 -16.76 11.89 -66.27
N LEU G 37 -15.61 12.44 -65.86
CA LEU G 37 -14.41 12.32 -66.68
C LEU G 37 -13.91 10.89 -66.78
N ALA G 38 -13.92 10.17 -65.65
CA ALA G 38 -13.49 8.78 -65.66
C ALA G 38 -14.44 7.92 -66.50
N ALA G 39 -15.74 8.19 -66.40
CA ALA G 39 -16.70 7.45 -67.21
C ALA G 39 -16.55 7.77 -68.69
N ARG G 40 -16.27 9.02 -69.02
CA ARG G 40 -15.95 9.38 -70.41
C ARG G 40 -14.75 8.59 -70.90
N ILE G 41 -13.68 8.55 -70.10
CA ILE G 41 -12.48 7.82 -70.49
C ILE G 41 -12.81 6.35 -70.73
N PHE G 42 -13.52 5.73 -69.79
CA PHE G 42 -13.78 4.28 -69.90
C PHE G 42 -14.72 3.96 -71.05
N TYR G 43 -15.74 4.78 -71.27
CA TYR G 43 -16.68 4.48 -72.35
C TYR G 43 -16.08 4.77 -73.72
N ASP G 44 -15.23 5.80 -73.83
CA ASP G 44 -14.49 5.99 -75.07
C ASP G 44 -13.51 4.84 -75.29
N ALA G 45 -12.92 4.31 -74.21
CA ALA G 45 -12.07 3.14 -74.36
C ALA G 45 -12.86 1.93 -74.82
N CYS G 46 -14.10 1.80 -74.35
CA CYS G 46 -14.97 0.71 -74.82
C CYS G 46 -15.31 0.90 -76.29
N LYS G 47 -15.55 2.14 -76.72
CA LYS G 47 -15.77 2.41 -78.14
C LYS G 47 -14.51 2.10 -78.95
N ILE G 48 -13.33 2.21 -78.32
CA ILE G 48 -12.09 1.83 -78.99
C ILE G 48 -11.96 0.31 -79.04
N ILE G 49 -12.50 -0.40 -78.05
CA ILE G 49 -12.45 -1.86 -78.07
C ILE G 49 -13.12 -2.41 -79.32
N GLN G 50 -14.37 -1.99 -79.56
CA GLN G 50 -15.00 -2.26 -80.84
C GLN G 50 -14.32 -1.41 -81.92
N GLU G 51 -14.50 -1.85 -83.17
CA GLU G 51 -13.82 -1.30 -84.35
C GLU G 51 -12.33 -1.64 -84.32
N LYS G 52 -11.88 -2.22 -83.22
CA LYS G 52 -10.58 -2.86 -83.11
C LYS G 52 -10.68 -4.35 -82.82
N THR G 53 -11.73 -4.78 -82.12
CA THR G 53 -12.02 -6.18 -81.86
C THR G 53 -13.51 -6.40 -82.01
N GLY G 54 -13.89 -7.41 -82.79
CA GLY G 54 -15.30 -7.68 -83.02
C GLY G 54 -16.06 -8.09 -81.78
N GLN G 55 -15.36 -8.50 -80.73
CA GLN G 55 -16.01 -8.93 -79.49
C GLN G 55 -16.50 -7.72 -78.70
N GLU G 56 -17.53 -7.94 -77.91
CA GLU G 56 -18.06 -6.88 -77.07
C GLU G 56 -17.03 -6.50 -76.00
N PRO G 57 -16.94 -5.21 -75.65
CA PRO G 57 -15.93 -4.80 -74.65
C PRO G 57 -16.18 -5.38 -73.27
N LEU G 58 -17.41 -5.79 -72.96
CA LEU G 58 -17.67 -6.37 -71.65
C LEU G 58 -16.96 -7.72 -71.50
N LYS G 59 -17.05 -8.58 -72.51
CA LYS G 59 -16.37 -9.86 -72.47
C LYS G 59 -14.86 -9.68 -72.38
N VAL G 60 -14.30 -8.77 -73.20
CA VAL G 60 -12.87 -8.51 -73.16
C VAL G 60 -12.44 -7.99 -71.79
N PHE G 61 -13.24 -7.09 -71.21
CA PHE G 61 -12.92 -6.55 -69.90
C PHE G 61 -12.92 -7.63 -68.83
N LYS G 62 -13.96 -8.46 -68.81
CA LYS G 62 -14.04 -9.52 -67.80
C LYS G 62 -12.92 -10.53 -67.98
N GLN G 63 -12.60 -10.89 -69.23
CA GLN G 63 -11.54 -11.85 -69.47
C GLN G 63 -10.18 -11.29 -69.07
N ALA G 64 -9.94 -10.00 -69.32
CA ALA G 64 -8.70 -9.37 -68.90
C ALA G 64 -8.59 -9.34 -67.38
N VAL G 65 -9.67 -8.94 -66.70
CA VAL G 65 -9.65 -8.91 -65.24
C VAL G 65 -9.39 -10.30 -64.68
N GLU G 66 -9.96 -11.33 -65.29
CA GLU G 66 -9.69 -12.69 -64.86
C GLU G 66 -8.24 -13.09 -65.11
N ASN G 67 -7.67 -12.63 -66.22
CA ASN G 67 -6.28 -12.96 -66.53
C ASN G 67 -5.31 -12.25 -65.60
N VAL G 68 -5.70 -11.10 -65.03
CA VAL G 68 -4.80 -10.38 -64.14
C VAL G 68 -4.87 -10.90 -62.70
N LYS G 69 -5.98 -11.51 -62.30
CA LYS G 69 -6.16 -11.96 -60.92
C LYS G 69 -5.06 -12.93 -60.51
N PRO G 70 -4.28 -12.62 -59.47
CA PRO G 70 -3.26 -13.56 -59.00
C PRO G 70 -3.85 -14.62 -58.08
N ARG G 71 -3.18 -15.77 -58.06
CA ARG G 71 -3.63 -16.89 -57.24
C ARG G 71 -2.97 -16.91 -55.86
N MET G 72 -1.69 -16.54 -55.79
CA MET G 72 -0.97 -16.49 -54.52
C MET G 72 -0.11 -15.24 -54.49
N GLU G 73 0.01 -14.65 -53.30
CA GLU G 73 0.87 -13.49 -53.08
C GLU G 73 1.86 -13.82 -51.98
N VAL G 74 2.63 -12.82 -51.57
CA VAL G 74 3.65 -12.99 -50.53
C VAL G 74 3.58 -11.82 -49.57
N ARG G 75 3.49 -12.13 -48.28
CA ARG G 75 3.44 -11.13 -47.22
C ARG G 75 4.67 -11.25 -46.34
N SER G 76 5.09 -10.13 -45.76
CA SER G 76 6.22 -10.13 -44.85
C SER G 76 5.80 -10.54 -43.45
N ARG G 77 6.64 -11.32 -42.78
CA ARG G 77 6.36 -11.78 -41.42
C ARG G 77 7.63 -11.74 -40.59
N ARG G 78 7.51 -11.21 -39.37
CA ARG G 78 8.64 -11.12 -38.45
C ARG G 78 8.67 -12.37 -37.59
N VAL G 79 9.66 -13.23 -37.81
CA VAL G 79 9.83 -14.48 -37.07
C VAL G 79 11.26 -14.55 -36.55
N GLY G 80 11.40 -14.87 -35.27
CA GLY G 80 12.71 -15.05 -34.67
C GLY G 80 13.62 -13.85 -34.76
N GLY G 81 13.07 -12.66 -34.99
CA GLY G 81 13.85 -11.45 -35.15
C GLY G 81 14.10 -11.05 -36.59
N ALA G 82 13.96 -11.98 -37.53
CA ALA G 82 14.16 -11.70 -38.94
C ALA G 82 12.82 -11.48 -39.64
N ASN G 83 12.89 -11.05 -40.90
CA ASN G 83 11.71 -10.78 -41.70
C ASN G 83 11.74 -11.67 -42.94
N TYR G 84 10.71 -12.51 -43.08
CA TYR G 84 10.64 -13.48 -44.16
C TYR G 84 9.47 -13.17 -45.09
N GLN G 85 9.67 -13.53 -46.36
CA GLN G 85 8.65 -13.35 -47.40
C GLN G 85 7.86 -14.65 -47.51
N VAL G 86 6.74 -14.71 -46.81
CA VAL G 86 5.93 -15.91 -46.71
C VAL G 86 4.93 -15.91 -47.86
N PRO G 87 4.88 -16.96 -48.69
CA PRO G 87 3.84 -17.06 -49.71
C PRO G 87 2.56 -17.62 -49.14
N MET G 88 1.43 -17.10 -49.63
CA MET G 88 0.12 -17.52 -49.15
C MET G 88 -0.93 -17.16 -50.19
N GLU G 89 -2.07 -17.85 -50.12
CA GLU G 89 -3.14 -17.64 -51.07
C GLU G 89 -3.73 -16.24 -50.93
N VAL G 90 -4.61 -15.89 -51.86
CA VAL G 90 -5.24 -14.58 -51.92
C VAL G 90 -6.74 -14.74 -51.89
N SER G 91 -7.42 -13.92 -51.08
CA SER G 91 -8.86 -13.91 -51.07
C SER G 91 -9.39 -13.34 -52.39
N PRO G 92 -10.60 -13.73 -52.80
CA PRO G 92 -11.10 -13.25 -54.10
C PRO G 92 -11.28 -11.75 -54.17
N ARG G 93 -11.70 -11.11 -53.07
CA ARG G 93 -11.83 -9.66 -53.08
C ARG G 93 -10.49 -8.98 -53.31
N ARG G 94 -9.44 -9.47 -52.63
CA ARG G 94 -8.12 -8.90 -52.88
C ARG G 94 -7.63 -9.21 -54.29
N GLN G 95 -8.00 -10.37 -54.83
CA GLN G 95 -7.68 -10.66 -56.23
C GLN G 95 -8.27 -9.60 -57.14
N GLN G 96 -9.57 -9.32 -56.99
CA GLN G 96 -10.22 -8.31 -57.82
C GLN G 96 -9.60 -6.93 -57.62
N SER G 97 -9.33 -6.56 -56.37
CA SER G 97 -8.78 -5.24 -56.08
C SER G 97 -7.41 -5.07 -56.71
N LEU G 98 -6.52 -6.05 -56.50
CA LEU G 98 -5.18 -5.98 -57.09
C LEU G 98 -5.26 -6.01 -58.60
N ALA G 99 -6.18 -6.78 -59.16
CA ALA G 99 -6.33 -6.83 -60.62
C ALA G 99 -6.70 -5.46 -61.18
N LEU G 100 -7.71 -4.82 -60.60
CA LEU G 100 -8.13 -3.51 -61.09
C LEU G 100 -7.05 -2.46 -60.88
N ARG G 101 -6.40 -2.47 -59.72
CA ARG G 101 -5.36 -1.50 -59.45
C ARG G 101 -4.18 -1.66 -60.40
N TRP G 102 -3.76 -2.91 -60.65
CA TRP G 102 -2.67 -3.16 -61.58
C TRP G 102 -3.07 -2.76 -63.00
N LEU G 103 -4.33 -3.03 -63.38
CA LEU G 103 -4.78 -2.61 -64.71
C LEU G 103 -4.68 -1.10 -64.87
N VAL G 104 -5.17 -0.34 -63.89
CA VAL G 104 -5.10 1.12 -63.97
C VAL G 104 -3.66 1.60 -64.01
N GLN G 105 -2.83 1.09 -63.09
CA GLN G 105 -1.45 1.56 -62.98
C GLN G 105 -0.64 1.20 -64.21
N ALA G 106 -0.91 0.06 -64.83
CA ALA G 106 -0.19 -0.32 -66.05
C ALA G 106 -0.73 0.40 -67.27
N ALA G 107 -2.01 0.78 -67.26
CA ALA G 107 -2.55 1.57 -68.36
C ALA G 107 -1.96 2.97 -68.34
N ASN G 108 -1.77 3.56 -67.16
CA ASN G 108 -1.16 4.88 -67.09
C ASN G 108 0.33 4.85 -67.41
N GLN G 109 0.97 3.68 -67.43
CA GLN G 109 2.36 3.57 -67.83
C GLN G 109 2.54 3.49 -69.34
N ARG G 110 1.47 3.35 -70.10
CA ARG G 110 1.58 3.21 -71.54
C ARG G 110 1.97 4.54 -72.18
N PRO G 111 2.66 4.50 -73.32
CA PRO G 111 3.04 5.73 -74.02
C PRO G 111 1.93 6.34 -74.88
N GLU G 112 0.70 5.87 -74.76
CA GLU G 112 -0.38 6.41 -75.59
C GLU G 112 -0.66 7.86 -75.21
N ARG G 113 -1.26 8.59 -76.16
CA ARG G 113 -1.44 10.02 -75.99
C ARG G 113 -2.49 10.32 -74.91
N ARG G 114 -3.73 9.90 -75.14
CA ARG G 114 -4.81 10.15 -74.21
C ARG G 114 -5.14 8.90 -73.39
N ALA G 115 -5.95 9.11 -72.35
CA ALA G 115 -6.21 8.04 -71.39
C ALA G 115 -7.08 6.94 -71.99
N ALA G 116 -8.02 7.29 -72.86
CA ALA G 116 -8.90 6.29 -73.44
C ALA G 116 -8.12 5.24 -74.21
N VAL G 117 -7.16 5.68 -75.04
CA VAL G 117 -6.33 4.76 -75.79
C VAL G 117 -5.52 3.88 -74.86
N ARG G 118 -4.98 4.47 -73.79
CA ARG G 118 -4.20 3.71 -72.82
C ARG G 118 -5.04 2.59 -72.21
N ILE G 119 -6.22 2.93 -71.70
CA ILE G 119 -7.06 1.93 -71.05
C ILE G 119 -7.49 0.86 -72.04
N ALA G 120 -7.84 1.25 -73.27
CA ALA G 120 -8.30 0.28 -74.26
C ALA G 120 -7.17 -0.69 -74.62
N HIS G 121 -5.99 -0.16 -74.92
CA HIS G 121 -4.87 -1.02 -75.30
C HIS G 121 -4.46 -1.93 -74.15
N GLU G 122 -4.45 -1.40 -72.92
CA GLU G 122 -4.09 -2.23 -71.78
C GLU G 122 -5.10 -3.33 -71.55
N LEU G 123 -6.39 -3.02 -71.69
CA LEU G 123 -7.43 -4.04 -71.56
C LEU G 123 -7.28 -5.12 -72.62
N MET G 124 -7.05 -4.72 -73.86
CA MET G 124 -6.89 -5.72 -74.93
C MET G 124 -5.68 -6.61 -74.68
N ASP G 125 -4.54 -6.01 -74.32
CA ASP G 125 -3.33 -6.79 -74.11
C ASP G 125 -3.45 -7.70 -72.90
N ALA G 126 -4.13 -7.24 -71.84
CA ALA G 126 -4.35 -8.09 -70.68
C ALA G 126 -5.34 -9.21 -70.98
N ALA G 127 -6.29 -8.96 -71.90
CA ALA G 127 -7.22 -10.01 -72.29
C ALA G 127 -6.51 -11.09 -73.10
N GLU G 128 -5.61 -10.69 -74.01
CA GLU G 128 -4.88 -11.69 -74.78
C GLU G 128 -3.65 -12.22 -74.04
N GLY G 129 -3.41 -11.78 -72.81
CA GLY G 129 -2.39 -12.39 -71.98
C GLY G 129 -1.02 -11.75 -72.04
N LYS G 130 -0.97 -10.42 -71.99
CA LYS G 130 0.30 -9.71 -71.98
C LYS G 130 0.06 -8.31 -71.41
N GLY G 131 1.12 -7.51 -71.39
CA GLY G 131 1.05 -6.16 -70.87
C GLY G 131 1.72 -6.05 -69.51
N GLY G 132 1.57 -4.88 -68.90
CA GLY G 132 2.18 -4.63 -67.61
C GLY G 132 1.47 -5.29 -66.45
N ALA G 133 0.14 -5.41 -66.52
CA ALA G 133 -0.60 -6.04 -65.44
C ALA G 133 -0.32 -7.54 -65.37
N VAL G 134 -0.23 -8.21 -66.53
CA VAL G 134 0.12 -9.62 -66.54
C VAL G 134 1.55 -9.80 -66.04
N LYS G 135 2.44 -8.86 -66.36
CA LYS G 135 3.80 -8.92 -65.85
C LYS G 135 3.82 -8.78 -64.33
N LYS G 136 2.98 -7.90 -63.78
CA LYS G 136 2.88 -7.76 -62.33
C LYS G 136 2.35 -9.04 -61.70
N LYS G 137 1.32 -9.64 -62.30
CA LYS G 137 0.81 -10.90 -61.78
C LYS G 137 1.89 -11.98 -61.80
N GLU G 138 2.67 -12.04 -62.88
CA GLU G 138 3.73 -13.04 -62.96
C GLU G 138 4.82 -12.78 -61.93
N ASP G 139 5.15 -11.51 -61.69
CA ASP G 139 6.15 -11.19 -60.68
C ASP G 139 5.67 -11.57 -59.28
N VAL G 140 4.38 -11.35 -58.99
CA VAL G 140 3.84 -11.72 -57.69
C VAL G 140 3.81 -13.25 -57.53
N GLU G 141 3.35 -13.96 -58.57
CA GLU G 141 3.32 -15.41 -58.52
C GLU G 141 4.69 -16.03 -58.66
N ARG G 142 5.72 -15.23 -58.95
CA ARG G 142 7.11 -15.68 -58.87
C ARG G 142 7.67 -15.50 -57.46
N MET G 143 7.53 -14.30 -56.90
CA MET G 143 7.91 -14.06 -55.52
C MET G 143 7.26 -15.07 -54.59
N ALA G 144 5.93 -15.13 -54.60
CA ALA G 144 5.24 -16.27 -54.02
C ALA G 144 5.58 -17.51 -54.84
N GLU G 145 5.72 -18.65 -54.15
CA GLU G 145 6.10 -19.92 -54.76
C GLU G 145 7.58 -19.90 -55.17
N ALA G 146 8.23 -18.75 -55.06
CA ALA G 146 9.69 -18.72 -55.09
C ALA G 146 10.28 -18.88 -53.70
N ASN G 147 9.49 -18.65 -52.65
CA ASN G 147 9.88 -18.85 -51.27
C ASN G 147 9.03 -19.95 -50.64
N ARG G 148 8.86 -21.05 -51.36
CA ARG G 148 8.03 -22.16 -50.88
C ARG G 148 8.52 -22.69 -49.53
N ALA G 149 9.81 -22.53 -49.24
CA ALA G 149 10.36 -22.99 -47.97
C ALA G 149 9.71 -22.33 -46.77
N TYR G 150 9.02 -21.21 -46.97
CA TYR G 150 8.34 -20.51 -45.88
C TYR G 150 6.85 -20.79 -45.87
N ALA G 151 6.39 -21.81 -46.59
CA ALA G 151 4.96 -22.09 -46.69
C ALA G 151 4.36 -22.46 -45.33
N HIS G 152 5.17 -23.01 -44.42
CA HIS G 152 4.68 -23.34 -43.08
C HIS G 152 4.51 -22.11 -42.20
N TYR G 153 4.95 -20.94 -42.65
CA TYR G 153 4.69 -19.68 -41.96
C TYR G 153 3.39 -19.01 -42.42
N ARG G 154 2.44 -19.80 -42.92
CA ARG G 154 1.26 -19.24 -43.59
C ARG G 154 0.45 -18.37 -42.64
N TRP G 155 0.12 -18.89 -41.47
CA TRP G 155 -0.67 -18.20 -40.44
C TRP G 155 -2.07 -17.78 -40.94
N MET H 1 9.10 -40.88 29.08
CA MET H 1 8.31 -40.73 30.29
C MET H 1 7.89 -39.27 30.50
N LEU H 2 7.20 -39.01 31.60
CA LEU H 2 6.79 -37.65 31.95
C LEU H 2 7.83 -37.04 32.86
N THR H 3 8.46 -35.95 32.40
CA THR H 3 9.47 -35.29 33.21
C THR H 3 8.87 -34.57 34.40
N ASP H 4 7.61 -34.14 34.29
CA ASP H 4 6.90 -33.50 35.40
C ASP H 4 5.45 -33.95 35.36
N PRO H 5 5.09 -34.98 36.13
CA PRO H 5 3.69 -35.45 36.11
C PRO H 5 2.70 -34.41 36.61
N ILE H 6 3.09 -33.56 37.55
CA ILE H 6 2.17 -32.55 38.06
C ILE H 6 1.86 -31.53 36.99
N ALA H 7 2.89 -30.98 36.36
CA ALA H 7 2.66 -30.05 35.25
C ALA H 7 1.94 -30.72 34.11
N ASP H 8 2.17 -32.02 33.91
CA ASP H 8 1.46 -32.74 32.86
C ASP H 8 -0.03 -32.81 33.17
N MET H 9 -0.39 -33.07 34.43
CA MET H 9 -1.80 -33.05 34.82
C MET H 9 -2.41 -31.66 34.64
N LEU H 10 -1.67 -30.63 35.04
CA LEU H 10 -2.16 -29.26 34.88
C LEU H 10 -2.40 -28.93 33.41
N THR H 11 -1.49 -29.37 32.54
CA THR H 11 -1.64 -29.12 31.12
C THR H 11 -2.80 -29.92 30.54
N ARG H 12 -3.00 -31.15 31.02
CA ARG H 12 -4.16 -31.93 30.61
C ARG H 12 -5.45 -31.19 30.94
N ILE H 13 -5.55 -30.68 32.18
CA ILE H 13 -6.73 -29.95 32.59
C ILE H 13 -6.90 -28.69 31.74
N ARG H 14 -5.80 -27.99 31.47
CA ARG H 14 -5.86 -26.77 30.68
C ARG H 14 -6.38 -27.06 29.27
N ASN H 15 -5.78 -28.04 28.59
CA ASN H 15 -6.19 -28.37 27.23
C ASN H 15 -7.59 -28.95 27.17
N ALA H 16 -8.03 -29.61 28.25
CA ALA H 16 -9.39 -30.14 28.27
C ALA H 16 -10.41 -29.04 28.46
N THR H 17 -10.12 -28.06 29.32
CA THR H 17 -11.05 -26.95 29.52
C THR H 17 -11.08 -26.03 28.31
N ARG H 18 -9.96 -25.87 27.61
CA ARG H 18 -9.94 -24.97 26.45
C ARG H 18 -10.81 -25.47 25.31
N VAL H 19 -11.10 -26.77 25.26
CA VAL H 19 -12.02 -27.32 24.26
C VAL H 19 -13.37 -27.67 24.87
N TYR H 20 -13.60 -27.28 26.13
CA TYR H 20 -14.87 -27.53 26.83
C TYR H 20 -15.22 -29.01 26.84
N LYS H 21 -14.28 -29.80 27.35
CA LYS H 21 -14.48 -31.24 27.46
C LYS H 21 -15.32 -31.58 28.68
N GLU H 22 -15.87 -32.81 28.68
CA GLU H 22 -16.66 -33.26 29.81
C GLU H 22 -15.75 -33.60 30.99
N SER H 23 -14.86 -34.58 30.80
CA SER H 23 -13.90 -34.96 31.83
C SER H 23 -12.59 -35.32 31.16
N THR H 24 -11.54 -35.38 31.98
CA THR H 24 -10.20 -35.71 31.49
C THR H 24 -9.54 -36.73 32.40
N ASP H 25 -8.84 -37.69 31.81
CA ASP H 25 -8.17 -38.74 32.55
C ASP H 25 -6.69 -38.40 32.69
N VAL H 26 -6.17 -38.54 33.91
CA VAL H 26 -4.76 -38.25 34.20
C VAL H 26 -4.17 -39.46 34.92
N PRO H 27 -2.92 -39.85 34.60
CA PRO H 27 -2.29 -40.96 35.35
C PRO H 27 -2.35 -40.72 36.85
N ALA H 28 -2.85 -41.73 37.57
CA ALA H 28 -3.16 -41.57 38.98
C ALA H 28 -1.90 -41.59 39.84
N SER H 29 -1.90 -40.74 40.86
CA SER H 29 -0.85 -40.71 41.88
C SER H 29 -1.39 -39.98 43.10
N ARG H 30 -0.83 -40.32 44.27
CA ARG H 30 -1.32 -39.72 45.51
C ARG H 30 -1.13 -38.21 45.53
N PHE H 31 -0.02 -37.73 44.96
CA PHE H 31 0.21 -36.30 44.90
C PHE H 31 -0.84 -35.61 44.04
N LYS H 32 -1.09 -36.14 42.84
CA LYS H 32 -2.12 -35.59 41.98
C LYS H 32 -3.49 -35.64 42.64
N GLU H 33 -3.76 -36.72 43.38
CA GLU H 33 -5.06 -36.85 44.05
C GLU H 33 -5.21 -35.81 45.16
N GLU H 34 -4.13 -35.58 45.92
CA GLU H 34 -4.19 -34.56 46.97
C GLU H 34 -4.32 -33.16 46.39
N ILE H 35 -3.78 -32.95 45.18
CA ILE H 35 -3.97 -31.67 44.51
C ILE H 35 -5.42 -31.52 44.03
N LEU H 36 -5.96 -32.58 43.42
CA LEU H 36 -7.35 -32.54 42.96
C LEU H 36 -8.32 -32.38 44.13
N ARG H 37 -7.95 -32.83 45.32
CA ARG H 37 -8.77 -32.57 46.50
C ARG H 37 -8.92 -31.07 46.73
N ILE H 38 -7.81 -30.34 46.71
CA ILE H 38 -7.85 -28.89 46.87
C ILE H 38 -8.63 -28.26 45.72
N LEU H 39 -8.44 -28.78 44.50
CA LEU H 39 -9.16 -28.24 43.35
C LEU H 39 -10.67 -28.35 43.52
N ALA H 40 -11.15 -29.54 43.89
CA ALA H 40 -12.58 -29.73 44.09
C ALA H 40 -13.08 -28.98 45.33
N ARG H 41 -12.21 -28.76 46.31
CA ARG H 41 -12.60 -28.00 47.50
C ARG H 41 -12.80 -26.53 47.16
N GLU H 42 -11.97 -25.99 46.28
CA GLU H 42 -12.08 -24.58 45.90
C GLU H 42 -13.13 -24.34 44.84
N GLY H 43 -13.66 -25.38 44.21
CA GLY H 43 -14.72 -25.22 43.24
C GLY H 43 -14.30 -25.04 41.81
N PHE H 44 -13.00 -25.17 41.51
CA PHE H 44 -12.54 -25.05 40.13
C PHE H 44 -12.99 -26.21 39.26
N ILE H 45 -13.29 -27.36 39.87
CA ILE H 45 -13.75 -28.53 39.14
C ILE H 45 -14.99 -29.08 39.83
N LYS H 46 -15.80 -29.80 39.06
CA LYS H 46 -16.96 -30.48 39.62
C LYS H 46 -16.54 -31.64 40.54
N GLY H 47 -15.32 -32.13 40.39
CA GLY H 47 -14.83 -33.20 41.23
C GLY H 47 -13.91 -34.12 40.45
N TYR H 48 -13.45 -35.15 41.15
CA TYR H 48 -12.58 -36.16 40.57
C TYR H 48 -13.00 -37.53 41.09
N GLU H 49 -12.53 -38.57 40.41
CA GLU H 49 -12.79 -39.93 40.88
C GLU H 49 -11.76 -40.88 40.30
N ARG H 50 -11.41 -41.90 41.08
CA ARG H 50 -10.51 -42.95 40.59
C ARG H 50 -11.24 -43.80 39.56
N VAL H 51 -10.56 -44.09 38.45
CA VAL H 51 -11.08 -44.93 37.38
C VAL H 51 -9.98 -45.90 36.95
N ASP H 52 -10.36 -46.85 36.09
CA ASP H 52 -9.43 -47.86 35.60
C ASP H 52 -9.51 -47.90 34.08
N VAL H 53 -8.37 -47.68 33.43
CA VAL H 53 -8.24 -47.86 31.98
C VAL H 53 -7.59 -49.23 31.80
N ASP H 54 -7.57 -49.73 30.56
CA ASP H 54 -7.30 -51.13 30.21
C ASP H 54 -6.48 -51.92 31.24
N GLY H 55 -5.40 -51.33 31.74
CA GLY H 55 -4.60 -52.03 32.73
C GLY H 55 -4.12 -51.18 33.88
N LYS H 56 -4.41 -49.89 33.85
CA LYS H 56 -3.78 -48.96 34.78
C LYS H 56 -4.81 -48.04 35.42
N PRO H 57 -4.60 -47.66 36.67
CA PRO H 57 -5.53 -46.75 37.34
C PRO H 57 -5.26 -45.29 36.96
N TYR H 58 -6.33 -44.54 36.73
CA TYR H 58 -6.28 -43.14 36.35
C TYR H 58 -7.22 -42.35 37.24
N LEU H 59 -7.22 -41.03 37.04
CA LEU H 59 -8.11 -40.12 37.75
C LEU H 59 -8.91 -39.34 36.72
N ARG H 60 -10.24 -39.46 36.78
CA ARG H 60 -11.13 -38.68 35.94
C ARG H 60 -11.50 -37.40 36.67
N VAL H 61 -11.14 -36.27 36.08
CA VAL H 61 -11.48 -34.94 36.58
C VAL H 61 -12.62 -34.42 35.73
N TYR H 62 -13.76 -34.14 36.37
CA TYR H 62 -14.91 -33.59 35.69
C TYR H 62 -14.84 -32.07 35.77
N LEU H 63 -14.60 -31.43 34.63
CA LEU H 63 -14.35 -30.00 34.60
C LEU H 63 -15.63 -29.22 34.86
N LYS H 64 -15.47 -27.93 35.14
CA LYS H 64 -16.57 -27.04 35.49
C LYS H 64 -16.50 -25.81 34.61
N TYR H 65 -17.65 -25.38 34.12
CA TYR H 65 -17.74 -24.21 33.24
C TYR H 65 -18.89 -23.33 33.69
N GLY H 66 -18.92 -22.11 33.17
CA GLY H 66 -19.95 -21.16 33.50
C GLY H 66 -21.17 -21.30 32.63
N PRO H 67 -22.07 -20.32 32.68
CA PRO H 67 -23.26 -20.35 31.83
C PRO H 67 -22.94 -19.93 30.41
N ARG H 68 -23.77 -20.41 29.47
CA ARG H 68 -23.59 -20.08 28.07
C ARG H 68 -23.82 -18.59 27.85
N ARG H 69 -22.86 -17.93 27.23
CA ARG H 69 -22.93 -16.49 27.02
C ARG H 69 -23.67 -16.15 25.74
N GLN H 70 -24.06 -14.89 25.62
CA GLN H 70 -24.79 -14.38 24.48
C GLN H 70 -23.84 -13.77 23.45
N GLY H 71 -24.41 -13.27 22.36
CA GLY H 71 -23.65 -12.66 21.31
C GLY H 71 -22.76 -13.64 20.59
N PRO H 72 -21.81 -13.13 19.80
CA PRO H 72 -20.82 -14.02 19.17
C PRO H 72 -19.97 -14.73 20.21
N ASP H 73 -19.44 -15.88 19.81
CA ASP H 73 -18.69 -16.76 20.70
C ASP H 73 -19.53 -17.08 21.94
N PRO H 74 -20.57 -17.89 21.81
CA PRO H 74 -21.41 -18.23 22.97
C PRO H 74 -20.79 -19.24 23.93
N ARG H 75 -19.51 -19.57 23.76
CA ARG H 75 -18.85 -20.50 24.65
C ARG H 75 -18.85 -19.94 26.08
N PRO H 76 -19.17 -20.75 27.08
CA PRO H 76 -19.26 -20.22 28.44
C PRO H 76 -17.92 -19.77 28.98
N GLU H 77 -17.99 -18.98 30.05
CA GLU H 77 -16.77 -18.48 30.68
C GLU H 77 -16.06 -19.61 31.42
N GLN H 78 -14.74 -19.70 31.22
CA GLN H 78 -13.97 -20.74 31.88
C GLN H 78 -13.90 -20.50 33.38
N VAL H 79 -14.18 -21.54 34.16
CA VAL H 79 -14.02 -21.44 35.61
C VAL H 79 -12.54 -21.32 35.97
N ILE H 80 -11.70 -22.10 35.30
CA ILE H 80 -10.25 -22.03 35.51
C ILE H 80 -9.70 -21.16 34.38
N HIS H 81 -9.61 -19.85 34.65
CA HIS H 81 -9.12 -18.93 33.63
C HIS H 81 -7.63 -19.10 33.39
N HIS H 82 -6.88 -19.53 34.41
CA HIS H 82 -5.44 -19.64 34.30
C HIS H 82 -4.93 -20.62 35.34
N ILE H 83 -4.04 -21.53 34.93
CA ILE H 83 -3.44 -22.50 35.82
C ILE H 83 -2.01 -22.76 35.35
N ARG H 84 -1.02 -22.40 36.17
CA ARG H 84 0.37 -22.47 35.76
C ARG H 84 1.21 -23.13 36.86
N ARG H 85 2.05 -24.07 36.47
CA ARG H 85 2.97 -24.71 37.40
C ARG H 85 4.15 -23.77 37.67
N ILE H 86 4.60 -23.75 38.91
CA ILE H 86 5.66 -22.85 39.36
C ILE H 86 6.94 -23.62 39.69
N SER H 87 6.89 -24.51 40.67
CA SER H 87 8.07 -25.26 41.09
C SER H 87 8.30 -26.41 40.11
N LYS H 88 8.94 -26.09 39.00
CA LYS H 88 9.22 -27.06 37.96
C LYS H 88 10.52 -27.82 38.29
N PRO H 89 10.66 -29.05 37.79
CA PRO H 89 11.93 -29.76 37.96
C PRO H 89 13.07 -29.00 37.29
N GLY H 90 14.20 -28.93 37.99
CA GLY H 90 15.34 -28.17 37.52
C GLY H 90 15.39 -26.75 38.04
N ARG H 91 14.24 -26.18 38.39
CA ARG H 91 14.21 -24.88 39.07
C ARG H 91 13.00 -24.89 40.00
N ARG H 92 13.24 -25.30 41.25
CA ARG H 92 12.17 -25.48 42.22
C ARG H 92 12.08 -24.27 43.14
N VAL H 93 10.86 -23.93 43.53
CA VAL H 93 10.57 -22.74 44.31
C VAL H 93 10.10 -23.16 45.70
N TYR H 94 10.80 -22.67 46.72
CA TYR H 94 10.43 -22.87 48.11
C TYR H 94 10.26 -21.51 48.77
N VAL H 95 9.13 -21.31 49.45
CA VAL H 95 8.82 -20.02 50.06
C VAL H 95 8.45 -20.23 51.52
N GLY H 96 8.79 -19.24 52.34
CA GLY H 96 8.39 -19.24 53.73
C GLY H 96 6.97 -18.75 53.91
N VAL H 97 6.53 -18.75 55.18
CA VAL H 97 5.17 -18.32 55.48
C VAL H 97 4.98 -16.84 55.14
N LYS H 98 6.01 -16.03 55.36
CA LYS H 98 5.96 -14.61 55.02
C LYS H 98 6.23 -14.35 53.55
N GLU H 99 6.44 -15.40 52.76
CA GLU H 99 6.71 -15.27 51.33
C GLU H 99 5.61 -15.88 50.47
N ILE H 100 4.46 -16.20 51.05
CA ILE H 100 3.36 -16.81 50.31
C ILE H 100 2.63 -15.72 49.51
N PRO H 101 2.52 -15.86 48.20
CA PRO H 101 1.88 -14.81 47.40
C PRO H 101 0.37 -14.83 47.52
N ARG H 102 -0.22 -13.64 47.44
CA ARG H 102 -1.67 -13.47 47.41
C ARG H 102 -2.09 -13.41 45.96
N VAL H 103 -2.70 -14.51 45.48
CA VAL H 103 -3.03 -14.63 44.06
C VAL H 103 -4.25 -13.77 43.76
N ARG H 104 -4.10 -12.88 42.78
CA ARG H 104 -5.18 -11.99 42.33
C ARG H 104 -5.76 -11.17 43.48
N ARG H 105 -4.92 -10.83 44.45
CA ARG H 105 -5.33 -10.09 45.64
C ARG H 105 -6.46 -10.79 46.37
N GLY H 106 -6.39 -12.13 46.42
CA GLY H 106 -7.33 -12.96 47.15
C GLY H 106 -8.23 -13.80 46.26
N LEU H 107 -8.52 -13.32 45.04
CA LEU H 107 -9.46 -14.02 44.18
C LEU H 107 -8.90 -15.33 43.63
N GLY H 108 -7.59 -15.56 43.73
CA GLY H 108 -6.98 -16.79 43.29
C GLY H 108 -6.45 -17.61 44.46
N ILE H 109 -5.90 -18.78 44.10
CA ILE H 109 -5.31 -19.68 45.07
C ILE H 109 -3.89 -20.01 44.65
N ALA H 110 -3.09 -20.45 45.62
CA ALA H 110 -1.73 -20.90 45.39
C ALA H 110 -1.54 -22.21 46.14
N ILE H 111 -1.36 -23.29 45.39
CA ILE H 111 -1.20 -24.61 46.00
C ILE H 111 0.22 -24.74 46.54
N LEU H 112 0.34 -25.08 47.82
CA LEU H 112 1.62 -25.25 48.48
C LEU H 112 1.73 -26.67 49.00
N SER H 113 2.95 -27.20 48.97
CA SER H 113 3.28 -28.47 49.60
C SER H 113 4.15 -28.16 50.81
N THR H 114 3.60 -28.33 52.00
CA THR H 114 4.27 -28.07 53.25
C THR H 114 4.42 -29.35 54.05
N SER H 115 5.18 -29.27 55.14
CA SER H 115 5.41 -30.43 55.98
C SER H 115 4.13 -30.99 56.59
N LYS H 116 3.05 -30.21 56.61
CA LYS H 116 1.77 -30.64 57.13
C LYS H 116 0.80 -31.07 56.02
N GLY H 117 1.27 -31.20 54.78
CA GLY H 117 0.46 -31.68 53.69
C GLY H 117 0.36 -30.66 52.57
N VAL H 118 -0.58 -30.92 51.66
CA VAL H 118 -0.84 -30.03 50.54
C VAL H 118 -1.97 -29.08 50.91
N LEU H 119 -1.66 -27.79 50.95
CA LEU H 119 -2.61 -26.77 51.39
C LEU H 119 -2.71 -25.68 50.32
N THR H 120 -3.54 -24.68 50.61
CA THR H 120 -3.66 -23.51 49.75
C THR H 120 -2.91 -22.34 50.38
N ASP H 121 -2.96 -21.19 49.71
CA ASP H 121 -2.27 -20.01 50.23
C ASP H 121 -2.83 -19.59 51.58
N ARG H 122 -4.15 -19.36 51.63
CA ARG H 122 -4.76 -18.95 52.89
C ARG H 122 -4.74 -20.07 53.93
N GLU H 123 -4.86 -21.32 53.49
CA GLU H 123 -4.79 -22.45 54.43
C GLU H 123 -3.42 -22.53 55.09
N ALA H 124 -2.36 -22.46 54.28
CA ALA H 124 -1.01 -22.50 54.84
C ALA H 124 -0.72 -21.27 55.69
N ARG H 125 -1.24 -20.11 55.27
CA ARG H 125 -1.04 -18.90 56.05
C ARG H 125 -1.72 -19.01 57.41
N LYS H 126 -2.90 -19.63 57.45
CA LYS H 126 -3.60 -19.85 58.72
C LYS H 126 -2.85 -20.87 59.57
N LEU H 127 -2.27 -21.90 58.94
CA LEU H 127 -1.47 -22.86 59.68
C LEU H 127 -0.12 -22.29 60.07
N GLY H 128 0.43 -21.37 59.27
CA GLY H 128 1.69 -20.74 59.60
C GLY H 128 2.93 -21.48 59.14
N VAL H 129 2.84 -22.25 58.06
CA VAL H 129 3.98 -22.99 57.54
C VAL H 129 4.07 -22.76 56.04
N GLY H 130 5.30 -22.82 55.52
CA GLY H 130 5.55 -22.68 54.11
C GLY H 130 6.12 -23.95 53.50
N GLY H 131 6.47 -23.86 52.22
CA GLY H 131 7.03 -25.00 51.52
C GLY H 131 7.22 -24.77 50.04
N GLU H 132 6.94 -25.80 49.24
CA GLU H 132 7.14 -25.76 47.81
C GLU H 132 5.90 -25.19 47.12
N LEU H 133 6.10 -24.14 46.32
CA LEU H 133 5.02 -23.48 45.60
C LEU H 133 4.69 -24.32 44.37
N ILE H 134 3.71 -25.22 44.50
CA ILE H 134 3.43 -26.16 43.43
C ILE H 134 2.97 -25.43 42.18
N CYS H 135 1.87 -24.68 42.28
CA CYS H 135 1.30 -24.02 41.11
C CYS H 135 0.35 -22.93 41.58
N GLU H 136 -0.06 -22.10 40.62
CA GLU H 136 -1.04 -21.04 40.87
C GLU H 136 -2.24 -21.26 39.95
N VAL H 137 -3.44 -21.06 40.52
CA VAL H 137 -4.69 -21.28 39.80
C VAL H 137 -5.63 -20.13 40.12
N TRP H 138 -6.21 -19.52 39.08
CA TRP H 138 -7.22 -18.49 39.28
C TRP H 138 -8.11 -18.35 38.05
N GLU I 1 -54.54 10.83 -64.29
CA GLU I 1 -54.44 12.18 -64.81
C GLU I 1 -53.06 12.76 -64.53
N GLN I 2 -52.70 12.83 -63.25
CA GLN I 2 -51.42 13.41 -62.85
C GLN I 2 -51.05 12.85 -61.48
N TYR I 3 -49.78 12.47 -61.33
CA TYR I 3 -49.28 11.90 -60.08
C TYR I 3 -48.00 12.63 -59.69
N TYR I 4 -47.91 13.05 -58.43
CA TYR I 4 -46.84 13.92 -57.97
C TYR I 4 -45.86 13.16 -57.09
N GLY I 5 -44.58 13.51 -57.23
CA GLY I 5 -43.53 13.01 -56.36
C GLY I 5 -42.56 14.13 -56.00
N THR I 6 -42.05 14.13 -54.77
CA THR I 6 -41.14 15.18 -54.32
C THR I 6 -39.68 14.78 -54.50
N GLY I 7 -39.24 13.74 -53.79
CA GLY I 7 -37.84 13.32 -53.86
C GLY I 7 -36.88 14.31 -53.24
N ARG I 8 -35.74 13.83 -52.75
CA ARG I 8 -34.73 14.71 -52.17
C ARG I 8 -33.42 13.93 -52.04
N ARG I 9 -32.32 14.60 -52.34
CA ARG I 9 -31.00 13.97 -52.26
C ARG I 9 -29.95 15.07 -52.16
N LYS I 10 -29.22 15.08 -51.05
CA LYS I 10 -28.07 15.98 -50.86
C LYS I 10 -28.47 17.44 -51.05
N GLU I 11 -29.53 17.84 -50.34
CA GLU I 11 -30.02 19.22 -50.33
C GLU I 11 -30.42 19.68 -51.74
N ALA I 12 -31.40 18.97 -52.31
CA ALA I 12 -31.88 19.26 -53.64
C ALA I 12 -33.30 18.72 -53.77
N VAL I 13 -34.18 19.49 -54.41
CA VAL I 13 -35.57 19.11 -54.60
C VAL I 13 -35.87 19.04 -56.09
N ALA I 14 -36.81 18.17 -56.46
CA ALA I 14 -37.19 18.01 -57.86
C ALA I 14 -38.66 17.58 -57.90
N ARG I 15 -39.56 18.57 -58.09
CA ARG I 15 -40.96 18.26 -58.26
C ARG I 15 -41.16 17.45 -59.54
N VAL I 16 -41.62 16.21 -59.39
CA VAL I 16 -41.86 15.31 -60.51
C VAL I 16 -43.37 15.19 -60.70
N PHE I 17 -43.85 15.52 -61.90
CA PHE I 17 -45.25 15.37 -62.26
C PHE I 17 -45.32 14.37 -63.39
N LEU I 18 -45.95 13.22 -63.13
CA LEU I 18 -46.17 12.18 -64.12
C LEU I 18 -47.57 12.35 -64.71
N ARG I 19 -47.63 12.59 -66.02
CA ARG I 19 -48.87 12.69 -66.75
C ARG I 19 -48.84 11.70 -67.91
N PRO I 20 -49.84 10.83 -68.05
CA PRO I 20 -49.78 9.79 -69.09
C PRO I 20 -49.60 10.38 -70.47
N GLY I 21 -48.53 9.98 -71.15
CA GLY I 21 -48.23 10.50 -72.47
C GLY I 21 -47.29 9.65 -73.29
N ASN I 22 -46.42 10.30 -74.07
CA ASN I 22 -45.55 9.58 -74.99
C ASN I 22 -44.37 8.94 -74.26
N GLY I 23 -43.73 9.68 -73.37
CA GLY I 23 -42.56 9.16 -72.67
C GLY I 23 -41.38 10.11 -72.71
N LYS I 24 -41.62 11.37 -73.11
CA LYS I 24 -40.60 12.39 -73.18
C LYS I 24 -40.61 13.22 -71.90
N VAL I 25 -39.43 13.58 -71.42
CA VAL I 25 -39.25 14.25 -70.14
C VAL I 25 -38.87 15.71 -70.39
N THR I 26 -39.38 16.60 -69.53
CA THR I 26 -39.03 18.01 -69.55
C THR I 26 -38.54 18.39 -68.16
N VAL I 27 -37.42 19.11 -68.10
CA VAL I 27 -36.79 19.52 -66.85
C VAL I 27 -36.53 21.02 -66.93
N ASN I 28 -37.25 21.80 -66.11
CA ASN I 28 -37.07 23.25 -66.04
C ASN I 28 -37.22 23.89 -67.43
N GLY I 29 -38.19 23.39 -68.19
CA GLY I 29 -38.40 23.85 -69.55
C GLY I 29 -37.43 23.29 -70.57
N GLN I 30 -36.28 22.79 -70.13
CA GLN I 30 -35.31 22.18 -71.04
C GLN I 30 -35.57 20.68 -71.19
N ASP I 31 -34.95 20.11 -72.21
CA ASP I 31 -35.08 18.68 -72.46
C ASP I 31 -34.27 17.90 -71.43
N PHE I 32 -34.65 16.63 -71.27
CA PHE I 32 -33.93 15.76 -70.34
C PHE I 32 -32.49 15.54 -70.79
N ASN I 33 -32.22 15.66 -72.10
CA ASN I 33 -30.90 15.47 -72.65
C ASN I 33 -30.14 16.76 -72.89
N GLU I 34 -30.78 17.92 -72.68
CA GLU I 34 -30.09 19.20 -72.78
C GLU I 34 -29.55 19.67 -71.43
N TYR I 35 -30.24 19.32 -70.34
CA TYR I 35 -29.68 19.50 -69.01
C TYR I 35 -28.64 18.44 -68.71
N PHE I 36 -28.96 17.19 -69.03
CA PHE I 36 -28.08 16.03 -68.90
C PHE I 36 -27.36 15.82 -70.23
N GLN I 37 -26.82 14.62 -70.47
CA GLN I 37 -26.00 14.30 -71.64
C GLN I 37 -24.71 15.13 -71.63
N GLY I 38 -23.85 14.69 -70.72
CA GLY I 38 -22.72 15.42 -70.21
C GLY I 38 -22.58 15.02 -68.76
N LEU I 39 -23.55 14.25 -68.29
CA LEU I 39 -23.49 13.52 -67.04
C LEU I 39 -23.88 12.08 -67.33
N VAL I 40 -23.07 11.12 -66.86
CA VAL I 40 -23.28 9.74 -67.26
C VAL I 40 -24.41 9.09 -66.47
N ARG I 41 -24.47 9.34 -65.16
CA ARG I 41 -25.47 8.70 -64.31
C ARG I 41 -26.88 9.24 -64.54
N ALA I 42 -27.09 10.12 -65.51
CA ALA I 42 -28.39 10.75 -65.70
C ALA I 42 -29.47 9.70 -65.99
N VAL I 43 -29.14 8.67 -66.76
CA VAL I 43 -30.10 7.62 -67.08
C VAL I 43 -30.63 6.96 -65.82
N ALA I 44 -29.83 6.96 -64.74
CA ALA I 44 -30.27 6.37 -63.48
C ALA I 44 -31.53 7.04 -62.96
N ALA I 45 -31.73 8.33 -63.28
CA ALA I 45 -32.93 9.03 -62.86
C ALA I 45 -34.21 8.39 -63.40
N LEU I 46 -34.10 7.62 -64.49
CA LEU I 46 -35.25 6.94 -65.07
C LEU I 46 -35.33 5.49 -64.64
N GLU I 47 -34.51 5.07 -63.68
CA GLU I 47 -34.57 3.69 -63.21
C GLU I 47 -35.91 3.27 -62.62
N PRO I 48 -36.64 4.12 -61.87
CA PRO I 48 -37.97 3.69 -61.39
C PRO I 48 -38.90 3.22 -62.49
N LEU I 49 -38.93 3.91 -63.63
CA LEU I 49 -39.75 3.47 -64.75
C LEU I 49 -39.31 2.09 -65.23
N ARG I 50 -38.00 1.91 -65.45
CA ARG I 50 -37.48 0.59 -65.77
C ARG I 50 -37.78 -0.42 -64.67
N ALA I 51 -38.02 0.04 -63.44
CA ALA I 51 -38.41 -0.87 -62.37
C ALA I 51 -39.76 -1.50 -62.67
N VAL I 52 -40.69 -0.73 -63.25
CA VAL I 52 -41.99 -1.26 -63.67
C VAL I 52 -42.04 -1.51 -65.17
N ASP I 53 -40.96 -1.21 -65.89
CA ASP I 53 -40.84 -1.50 -67.32
C ASP I 53 -41.92 -0.82 -68.15
N ALA I 54 -42.38 0.36 -67.72
CA ALA I 54 -43.35 1.13 -68.50
C ALA I 54 -42.64 1.93 -69.57
N LEU I 55 -41.88 2.95 -69.16
CA LEU I 55 -40.91 3.61 -70.01
C LEU I 55 -41.55 4.38 -71.16
N GLY I 56 -42.88 4.33 -71.26
CA GLY I 56 -43.56 4.98 -72.38
C GLY I 56 -44.96 5.40 -72.01
N HIS I 57 -45.36 5.09 -70.79
CA HIS I 57 -46.71 5.34 -70.31
C HIS I 57 -46.86 6.70 -69.63
N PHE I 58 -45.77 7.38 -69.29
CA PHE I 58 -45.83 8.61 -68.53
C PHE I 58 -44.81 9.61 -69.06
N ASP I 59 -45.30 10.76 -69.52
CA ASP I 59 -44.46 11.93 -69.67
C ASP I 59 -44.21 12.56 -68.31
N ALA I 60 -43.05 13.18 -68.16
CA ALA I 60 -42.62 13.75 -66.89
C ALA I 60 -42.33 15.23 -67.05
N TYR I 61 -42.85 16.03 -66.12
CA TYR I 61 -42.51 17.44 -66.00
C TYR I 61 -41.86 17.63 -64.64
N ILE I 62 -40.57 18.01 -64.64
CA ILE I 62 -39.77 18.05 -63.42
C ILE I 62 -39.22 19.46 -63.25
N THR I 63 -39.44 20.03 -62.06
CA THR I 63 -38.89 21.32 -61.68
C THR I 63 -37.85 21.05 -60.59
N VAL I 64 -36.57 21.20 -60.94
CA VAL I 64 -35.47 20.82 -60.09
C VAL I 64 -34.70 22.06 -59.65
N ARG I 65 -34.24 22.05 -58.40
CA ARG I 65 -33.39 23.12 -57.89
C ARG I 65 -32.76 22.67 -56.58
N GLY I 66 -31.55 23.11 -56.34
CA GLY I 66 -30.83 22.75 -55.13
C GLY I 66 -29.67 21.81 -55.44
N GLY I 67 -28.62 21.92 -54.63
CA GLY I 67 -27.42 21.11 -54.74
C GLY I 67 -26.83 21.12 -56.12
N GLY I 68 -26.12 20.03 -56.44
CA GLY I 68 -25.57 19.84 -57.77
C GLY I 68 -26.42 18.88 -58.60
N LYS I 69 -26.09 18.82 -59.89
CA LYS I 69 -26.92 18.09 -60.83
C LYS I 69 -26.94 16.58 -60.57
N SER I 70 -25.94 16.04 -59.85
CA SER I 70 -25.97 14.61 -59.53
C SER I 70 -26.99 14.32 -58.44
N GLY I 71 -26.95 15.09 -57.35
CA GLY I 71 -28.02 15.04 -56.38
C GLY I 71 -29.37 15.33 -57.00
N GLN I 72 -29.40 16.18 -58.03
CA GLN I 72 -30.64 16.42 -58.75
C GLN I 72 -31.11 15.18 -59.51
N ILE I 73 -30.18 14.44 -60.11
CA ILE I 73 -30.53 13.19 -60.78
C ILE I 73 -31.13 12.20 -59.78
N ASP I 74 -30.49 12.06 -58.62
CA ASP I 74 -30.99 11.11 -57.64
C ASP I 74 -32.32 11.57 -57.05
N ALA I 75 -32.51 12.88 -56.88
CA ALA I 75 -33.79 13.39 -56.41
C ALA I 75 -34.88 13.18 -57.45
N ILE I 76 -34.53 13.28 -58.74
CA ILE I 76 -35.49 12.96 -59.80
C ILE I 76 -35.86 11.49 -59.73
N LYS I 77 -34.88 10.62 -59.49
CA LYS I 77 -35.17 9.21 -59.30
C LYS I 77 -36.17 8.99 -58.17
N LEU I 78 -35.91 9.62 -57.02
CA LEU I 78 -36.80 9.45 -55.87
C LEU I 78 -38.18 10.02 -56.14
N GLY I 79 -38.26 11.15 -56.85
CA GLY I 79 -39.55 11.73 -57.15
C GLY I 79 -40.37 10.91 -58.12
N ILE I 80 -39.71 10.36 -59.15
CA ILE I 80 -40.39 9.45 -60.06
C ILE I 80 -40.88 8.22 -59.30
N ALA I 81 -40.06 7.71 -58.38
CA ALA I 81 -40.48 6.56 -57.57
C ALA I 81 -41.69 6.90 -56.72
N ARG I 82 -41.70 8.09 -56.11
CA ARG I 82 -42.84 8.47 -55.26
C ARG I 82 -44.11 8.65 -56.09
N ALA I 83 -44.01 9.30 -57.25
CA ALA I 83 -45.18 9.48 -58.09
C ALA I 83 -45.69 8.13 -58.63
N LEU I 84 -44.77 7.23 -58.96
CA LEU I 84 -45.16 5.90 -59.43
C LEU I 84 -45.82 5.10 -58.31
N VAL I 85 -45.36 5.27 -57.07
CA VAL I 85 -46.00 4.63 -55.93
C VAL I 85 -47.40 5.19 -55.72
N GLN I 86 -47.54 6.52 -55.81
CA GLN I 86 -48.86 7.13 -55.68
C GLN I 86 -49.80 6.66 -56.80
N TYR I 87 -49.25 6.37 -57.98
CA TYR I 87 -50.06 5.82 -59.06
C TYR I 87 -50.71 4.51 -58.64
N ASN I 88 -49.89 3.55 -58.22
CA ASN I 88 -50.39 2.25 -57.78
C ASN I 88 -49.59 1.79 -56.57
N PRO I 89 -50.23 1.59 -55.41
CA PRO I 89 -49.49 1.12 -54.24
C PRO I 89 -48.87 -0.26 -54.42
N ASP I 90 -49.45 -1.08 -55.30
CA ASP I 90 -48.89 -2.41 -55.57
C ASP I 90 -47.48 -2.32 -56.14
N TYR I 91 -47.09 -1.16 -56.67
CA TYR I 91 -45.72 -0.99 -57.17
C TYR I 91 -44.70 -0.91 -56.03
N ARG I 92 -45.15 -0.64 -54.81
CA ARG I 92 -44.21 -0.53 -53.69
C ARG I 92 -43.45 -1.84 -53.50
N ALA I 93 -44.16 -2.96 -53.47
CA ALA I 93 -43.51 -4.26 -53.36
C ALA I 93 -42.58 -4.54 -54.54
N LYS I 94 -42.76 -3.84 -55.67
CA LYS I 94 -41.87 -3.96 -56.80
C LYS I 94 -40.71 -3.00 -56.75
N LEU I 95 -40.80 -1.94 -55.94
CA LEU I 95 -39.75 -0.92 -55.85
C LEU I 95 -38.98 -0.95 -54.54
N LYS I 96 -39.52 -1.60 -53.51
CA LYS I 96 -38.86 -1.65 -52.21
C LYS I 96 -37.59 -2.50 -52.24
N PRO I 97 -37.58 -3.68 -52.88
CA PRO I 97 -36.32 -4.42 -52.98
C PRO I 97 -35.22 -3.67 -53.73
N LEU I 98 -35.60 -2.80 -54.67
CA LEU I 98 -34.63 -2.01 -55.40
C LEU I 98 -34.21 -0.75 -54.66
N GLY I 99 -34.88 -0.41 -53.56
CA GLY I 99 -34.50 0.75 -52.79
C GLY I 99 -34.71 2.08 -53.46
N PHE I 100 -35.57 2.14 -54.48
CA PHE I 100 -35.84 3.41 -55.15
C PHE I 100 -36.67 4.34 -54.26
N LEU I 101 -37.52 3.77 -53.41
CA LEU I 101 -38.28 4.57 -52.45
C LEU I 101 -37.46 4.93 -51.21
N THR I 102 -36.22 4.44 -51.11
CA THR I 102 -35.37 4.75 -49.97
C THR I 102 -34.78 6.14 -50.10
N ARG I 103 -34.95 6.96 -49.07
CA ARG I 103 -34.40 8.31 -49.06
C ARG I 103 -32.92 8.24 -48.68
N ASP I 104 -32.06 8.77 -49.54
CA ASP I 104 -30.62 8.77 -49.29
C ASP I 104 -30.28 9.95 -48.38
N ALA I 105 -29.92 9.65 -47.14
CA ALA I 105 -29.69 10.67 -46.12
C ALA I 105 -28.23 11.07 -46.01
N ARG I 106 -27.41 10.78 -47.01
CA ARG I 106 -26.00 11.16 -46.97
C ARG I 106 -25.89 12.65 -47.28
N VAL I 107 -25.51 13.43 -46.27
CA VAL I 107 -25.36 14.87 -46.40
C VAL I 107 -23.93 15.24 -46.06
N VAL I 108 -23.45 16.35 -46.64
CA VAL I 108 -22.10 16.80 -46.39
C VAL I 108 -21.92 17.12 -44.91
N GLU I 109 -20.92 16.49 -44.29
CA GLU I 109 -20.69 16.67 -42.87
C GLU I 109 -20.14 18.07 -42.59
N ARG I 110 -20.58 18.64 -41.48
CA ARG I 110 -20.21 20.01 -41.13
C ARG I 110 -18.73 20.10 -40.77
N LYS I 111 -18.07 21.13 -41.28
CA LYS I 111 -16.65 21.36 -40.99
C LYS I 111 -16.48 21.73 -39.52
N LYS I 112 -15.42 21.21 -38.91
CA LYS I 112 -15.18 21.37 -37.48
C LYS I 112 -13.86 22.08 -37.24
N TYR I 113 -13.77 22.76 -36.10
CA TYR I 113 -12.54 23.47 -35.76
C TYR I 113 -11.41 22.50 -35.48
N GLY I 114 -10.18 22.99 -35.59
CA GLY I 114 -9.00 22.19 -35.38
C GLY I 114 -8.59 21.32 -36.54
N LYS I 115 -9.52 20.95 -37.41
CA LYS I 115 -9.24 20.14 -38.58
C LYS I 115 -9.25 21.02 -39.83
N HIS I 116 -9.06 20.38 -40.99
CA HIS I 116 -9.04 21.08 -42.27
C HIS I 116 -10.38 21.01 -42.98
N LYS I 117 -10.90 19.81 -43.24
CA LYS I 117 -12.28 19.64 -43.72
C LYS I 117 -12.97 18.62 -42.84
N ALA I 118 -13.39 19.05 -41.66
CA ALA I 118 -14.30 18.34 -40.76
C ALA I 118 -13.72 17.05 -40.21
N ARG I 119 -12.66 16.52 -40.84
CA ARG I 119 -11.94 15.36 -40.30
C ARG I 119 -10.44 15.42 -40.49
N ARG I 120 -9.91 16.17 -41.45
CA ARG I 120 -8.50 16.10 -41.81
C ARG I 120 -7.68 16.81 -40.74
N ALA I 121 -7.05 16.03 -39.87
CA ALA I 121 -6.20 16.61 -38.85
C ALA I 121 -4.97 17.24 -39.49
N PRO I 122 -4.51 18.38 -38.97
CA PRO I 122 -3.31 19.01 -39.54
C PRO I 122 -2.08 18.15 -39.33
N GLN I 123 -1.27 18.04 -40.38
CA GLN I 123 -0.08 17.21 -40.33
C GLN I 123 0.91 17.78 -39.32
N TYR I 124 1.45 16.90 -38.49
CA TYR I 124 2.49 17.26 -37.53
C TYR I 124 3.70 16.36 -37.73
N SER I 125 4.82 16.75 -37.14
CA SER I 125 6.08 16.03 -37.31
C SER I 125 6.69 15.52 -36.01
N LYS I 126 6.49 16.24 -34.90
CA LYS I 126 6.98 15.87 -33.57
C LYS I 126 8.51 15.97 -33.50
N ARG I 127 9.14 16.26 -34.63
CA ARG I 127 10.59 16.47 -34.70
C ARG I 127 11.00 16.97 -36.08
N LYS J 1 -53.52 47.12 -45.75
CA LYS J 1 -52.26 47.43 -46.42
C LYS J 1 -51.31 48.19 -45.49
N ILE J 2 -50.89 47.53 -44.42
CA ILE J 2 -49.96 48.10 -43.44
C ILE J 2 -48.87 47.07 -43.19
N ARG J 3 -47.62 47.44 -43.47
CA ARG J 3 -46.50 46.52 -43.29
C ARG J 3 -46.07 46.49 -41.83
N ILE J 4 -45.93 45.29 -41.28
CA ILE J 4 -45.51 45.08 -39.90
C ILE J 4 -44.33 44.11 -39.90
N LYS J 5 -43.19 44.56 -39.41
CA LYS J 5 -41.99 43.74 -39.30
C LYS J 5 -41.57 43.66 -37.83
N LEU J 6 -41.76 42.50 -37.23
CA LEU J 6 -41.32 42.26 -35.87
C LEU J 6 -39.92 41.65 -35.89
N ARG J 7 -39.07 42.06 -34.96
CA ARG J 7 -37.73 41.52 -34.86
C ARG J 7 -37.37 41.28 -33.40
N GLY J 8 -36.63 40.20 -33.16
CA GLY J 8 -36.27 39.88 -31.79
C GLY J 8 -35.20 38.81 -31.73
N PHE J 9 -34.83 38.45 -30.50
CA PHE J 9 -33.87 37.40 -30.24
C PHE J 9 -34.51 36.11 -29.74
N ASP J 10 -35.74 36.17 -29.25
CA ASP J 10 -36.45 35.02 -28.72
C ASP J 10 -37.62 34.69 -29.64
N HIS J 11 -37.71 33.42 -30.04
CA HIS J 11 -38.81 33.02 -30.92
C HIS J 11 -40.13 32.99 -30.17
N LYS J 12 -40.11 32.60 -28.90
CA LYS J 12 -41.34 32.51 -28.11
C LYS J 12 -41.99 33.87 -27.91
N THR J 13 -41.19 34.89 -27.60
CA THR J 13 -41.75 36.22 -27.36
C THR J 13 -42.36 36.80 -28.64
N LEU J 14 -41.64 36.69 -29.76
CA LEU J 14 -42.17 37.15 -31.03
C LEU J 14 -43.44 36.41 -31.40
N ASP J 15 -43.46 35.08 -31.20
CA ASP J 15 -44.65 34.31 -31.56
C ASP J 15 -45.84 34.72 -30.71
N ALA J 16 -45.61 34.91 -29.40
CA ALA J 16 -46.70 35.30 -28.51
C ALA J 16 -47.23 36.68 -28.86
N SER J 17 -46.34 37.64 -29.13
CA SER J 17 -46.78 38.97 -29.49
C SER J 17 -47.55 38.96 -30.82
N ALA J 18 -47.10 38.15 -31.77
CA ALA J 18 -47.81 38.07 -33.05
C ALA J 18 -49.20 37.48 -32.88
N GLN J 19 -49.32 36.42 -32.06
CA GLN J 19 -50.64 35.84 -31.84
C GLN J 19 -51.55 36.79 -31.08
N LYS J 20 -50.99 37.56 -30.14
CA LYS J 20 -51.79 38.56 -29.43
C LYS J 20 -52.30 39.62 -30.39
N ILE J 21 -51.44 40.10 -31.29
CA ILE J 21 -51.86 41.11 -32.27
C ILE J 21 -52.93 40.53 -33.19
N VAL J 22 -52.76 39.27 -33.60
CA VAL J 22 -53.74 38.65 -34.49
C VAL J 22 -55.09 38.53 -33.81
N GLU J 23 -55.10 38.10 -32.54
CA GLU J 23 -56.37 37.97 -31.83
C GLU J 23 -57.01 39.33 -31.54
N ALA J 24 -56.20 40.37 -31.32
CA ALA J 24 -56.75 41.70 -31.10
C ALA J 24 -57.20 42.36 -32.38
N ALA J 25 -56.71 41.90 -33.54
CA ALA J 25 -57.13 42.47 -34.81
C ALA J 25 -58.27 41.70 -35.47
N ARG J 26 -58.45 40.42 -35.14
CA ARG J 26 -59.53 39.65 -35.75
C ARG J 26 -60.89 40.17 -35.30
N ARG J 27 -61.03 40.53 -34.02
CA ARG J 27 -62.32 40.97 -33.51
C ARG J 27 -62.71 42.34 -34.04
N SER J 28 -61.72 43.17 -34.39
CA SER J 28 -61.96 44.54 -34.80
C SER J 28 -61.50 44.84 -36.22
N GLY J 29 -61.11 43.81 -36.98
CA GLY J 29 -60.66 44.02 -38.34
C GLY J 29 -61.15 42.97 -39.31
N ALA J 30 -60.43 42.78 -40.41
CA ALA J 30 -60.78 41.81 -41.44
C ALA J 30 -60.02 40.51 -41.19
N GLN J 31 -60.10 39.59 -42.15
CA GLN J 31 -59.43 38.30 -42.06
C GLN J 31 -57.93 38.52 -42.13
N VAL J 32 -57.25 38.37 -40.99
CA VAL J 32 -55.81 38.61 -40.93
C VAL J 32 -55.07 37.52 -41.70
N SER J 33 -54.03 37.92 -42.41
CA SER J 33 -53.23 37.00 -43.22
C SER J 33 -52.18 36.26 -42.42
N GLY J 34 -52.19 36.37 -41.09
CA GLY J 34 -51.27 35.64 -40.25
C GLY J 34 -49.82 36.05 -40.42
N PRO J 35 -48.94 35.49 -39.60
CA PRO J 35 -47.52 35.84 -39.70
C PRO J 35 -46.79 35.02 -40.76
N ILE J 36 -45.66 35.56 -41.19
CA ILE J 36 -44.80 34.92 -42.17
C ILE J 36 -43.44 34.68 -41.52
N PRO J 37 -42.81 33.52 -41.73
CA PRO J 37 -41.59 33.20 -40.98
C PRO J 37 -40.47 34.23 -41.07
N LEU J 38 -40.22 34.80 -42.26
CA LEU J 38 -39.16 35.80 -42.42
C LEU J 38 -37.83 35.29 -41.89
N PRO J 39 -37.12 34.43 -42.65
CA PRO J 39 -36.02 33.62 -42.11
C PRO J 39 -35.03 34.35 -41.18
N THR J 40 -34.50 33.60 -40.23
CA THR J 40 -33.69 34.16 -39.15
C THR J 40 -32.33 34.61 -39.67
N ARG J 41 -31.83 35.70 -39.10
CA ARG J 41 -30.48 36.19 -39.39
C ARG J 41 -29.56 35.73 -38.26
N VAL J 42 -28.62 34.85 -38.59
CA VAL J 42 -27.70 34.27 -37.62
C VAL J 42 -26.32 34.88 -37.81
N ARG J 43 -25.69 35.28 -36.70
CA ARG J 43 -24.35 35.84 -36.73
C ARG J 43 -23.52 35.11 -35.69
N ARG J 44 -22.47 34.43 -36.14
CA ARG J 44 -21.65 33.61 -35.25
C ARG J 44 -20.38 34.37 -34.84
N PHE J 45 -19.79 33.90 -33.74
CA PHE J 45 -18.58 34.48 -33.19
C PHE J 45 -17.68 33.38 -32.67
N THR J 46 -16.48 33.28 -33.21
CA THR J 46 -15.51 32.27 -32.80
C THR J 46 -14.46 32.93 -31.91
N VAL J 47 -14.30 32.43 -30.69
CA VAL J 47 -13.40 33.01 -29.70
C VAL J 47 -12.58 31.90 -29.07
N ILE J 48 -11.26 32.06 -29.08
CA ILE J 48 -10.37 31.08 -28.47
C ILE J 48 -10.72 30.95 -26.99
N ARG J 49 -10.81 29.70 -26.52
CA ARG J 49 -11.22 29.45 -25.14
C ARG J 49 -10.24 30.08 -24.15
N GLY J 50 -8.99 29.63 -24.15
CA GLY J 50 -8.01 30.09 -23.21
C GLY J 50 -7.49 31.48 -23.54
N PRO J 51 -7.01 32.19 -22.51
CA PRO J 51 -6.38 33.50 -22.75
C PRO J 51 -5.03 33.42 -23.45
N PHE J 52 -4.47 32.23 -23.58
CA PHE J 52 -3.18 32.02 -24.22
C PHE J 52 -3.36 31.12 -25.44
N LYS J 53 -2.24 30.63 -25.97
CA LYS J 53 -2.18 30.03 -27.30
C LYS J 53 -3.33 29.09 -27.63
N HIS J 54 -3.37 27.91 -27.00
CA HIS J 54 -4.55 27.05 -26.86
C HIS J 54 -5.52 27.14 -28.03
N LYS J 55 -5.05 26.85 -29.24
CA LYS J 55 -5.70 27.32 -30.45
C LYS J 55 -6.88 26.46 -30.91
N ASP J 56 -6.95 25.19 -30.53
CA ASP J 56 -7.81 24.23 -31.22
C ASP J 56 -9.10 23.90 -30.49
N SER J 57 -9.68 24.85 -29.75
CA SER J 57 -11.01 24.64 -29.16
C SER J 57 -12.05 25.62 -29.70
N ARG J 58 -11.84 26.92 -29.47
CA ARG J 58 -12.52 28.02 -30.15
C ARG J 58 -13.99 28.25 -29.78
N GLU J 59 -14.63 27.29 -29.12
CA GLU J 59 -15.92 27.45 -28.42
C GLU J 59 -16.85 28.51 -29.03
N HIS J 60 -17.22 28.39 -30.30
CA HIS J 60 -17.94 29.47 -30.96
C HIS J 60 -19.38 29.57 -30.46
N PHE J 61 -19.88 30.80 -30.41
CA PHE J 61 -21.26 31.13 -30.05
C PHE J 61 -22.00 31.70 -31.25
N GLU J 62 -23.30 31.92 -31.07
CA GLU J 62 -24.14 32.46 -32.13
C GLU J 62 -25.13 33.46 -31.53
N LEU J 63 -25.66 34.31 -32.42
CA LEU J 63 -26.70 35.27 -32.06
C LEU J 63 -27.70 35.33 -33.20
N ARG J 64 -28.96 35.02 -32.91
CA ARG J 64 -29.99 34.91 -33.93
C ARG J 64 -31.03 36.01 -33.78
N THR J 65 -31.53 36.49 -34.92
CA THR J 65 -32.54 37.53 -34.98
C THR J 65 -33.70 37.03 -35.83
N HIS J 66 -34.84 36.78 -35.19
CA HIS J 66 -36.03 36.29 -35.85
C HIS J 66 -36.96 37.45 -36.18
N ASN J 67 -37.75 37.26 -37.24
CA ASN J 67 -38.63 38.31 -37.75
C ASN J 67 -40.01 37.74 -38.03
N ARG J 68 -40.99 38.64 -38.04
CA ARG J 68 -42.40 38.30 -38.24
C ARG J 68 -43.03 39.33 -39.18
N LEU J 69 -43.99 38.87 -39.98
CA LEU J 69 -44.56 39.61 -41.10
C LEU J 69 -46.08 39.52 -41.09
N VAL J 70 -46.70 39.89 -39.96
CA VAL J 70 -48.15 39.80 -39.81
C VAL J 70 -48.87 40.42 -41.00
N ASP J 71 -48.63 41.71 -41.25
CA ASP J 71 -49.09 42.40 -42.45
C ASP J 71 -50.62 42.32 -42.61
N ILE J 72 -51.31 42.97 -41.66
CA ILE J 72 -52.76 42.97 -41.66
C ILE J 72 -53.29 43.72 -42.87
N ILE J 73 -54.33 43.17 -43.49
CA ILE J 73 -55.01 43.82 -44.61
C ILE J 73 -56.24 44.53 -44.06
N ASN J 74 -56.76 45.49 -44.83
CA ASN J 74 -57.93 46.29 -44.49
C ASN J 74 -57.72 47.00 -43.16
N PRO J 75 -56.87 48.04 -43.12
CA PRO J 75 -56.63 48.74 -41.85
C PRO J 75 -57.85 49.53 -41.40
N ASN J 76 -58.85 48.83 -40.88
CA ASN J 76 -60.06 49.49 -40.41
C ASN J 76 -59.74 50.40 -39.23
N ARG J 77 -60.57 51.45 -39.07
CA ARG J 77 -60.37 52.39 -37.97
C ARG J 77 -60.74 51.79 -36.62
N LYS J 78 -61.51 50.70 -36.60
CA LYS J 78 -61.85 50.03 -35.36
C LYS J 78 -60.77 49.06 -34.92
N THR J 79 -59.87 48.66 -35.83
CA THR J 79 -58.85 47.67 -35.49
C THR J 79 -57.85 48.21 -34.48
N ILE J 80 -57.47 49.48 -34.62
CA ILE J 80 -56.46 50.07 -33.73
C ILE J 80 -57.02 50.43 -32.36
N GLU J 81 -58.31 50.20 -32.12
CA GLU J 81 -58.85 50.41 -30.79
C GLU J 81 -58.21 49.45 -29.78
N GLN J 82 -58.19 48.16 -30.12
CA GLN J 82 -57.52 47.16 -29.30
C GLN J 82 -56.03 47.08 -29.56
N LEU J 83 -55.45 48.03 -30.29
CA LEU J 83 -54.06 47.96 -30.71
C LEU J 83 -53.36 49.28 -30.42
N MET J 84 -52.06 49.29 -30.76
CA MET J 84 -51.13 50.41 -30.70
C MET J 84 -50.73 50.78 -29.28
N THR J 85 -51.43 50.22 -28.27
CA THR J 85 -50.86 50.12 -26.93
C THR J 85 -51.51 48.92 -26.25
N LEU J 86 -50.96 47.74 -26.50
CA LEU J 86 -51.29 46.53 -25.73
C LEU J 86 -50.14 45.54 -25.98
N ASP J 87 -49.23 45.42 -25.01
CA ASP J 87 -48.07 44.56 -25.25
C ASP J 87 -47.47 44.11 -23.93
N LEU J 88 -47.31 42.79 -23.79
CA LEU J 88 -46.51 42.16 -22.75
C LEU J 88 -45.02 42.12 -23.10
N PRO J 89 -44.63 41.79 -24.35
CA PRO J 89 -43.19 41.63 -24.63
C PRO J 89 -42.38 42.90 -24.40
N THR J 90 -41.11 42.70 -24.07
CA THR J 90 -40.16 43.79 -23.85
C THR J 90 -39.02 43.77 -24.84
N GLY J 91 -38.34 42.63 -24.99
CA GLY J 91 -37.22 42.51 -25.91
C GLY J 91 -37.62 42.21 -27.33
N VAL J 92 -38.58 42.97 -27.84
CA VAL J 92 -39.10 42.80 -29.20
C VAL J 92 -39.27 44.17 -29.83
N GLU J 93 -38.71 44.36 -31.02
CA GLU J 93 -38.81 45.62 -31.73
C GLU J 93 -39.83 45.50 -32.87
N ILE J 94 -40.59 46.57 -33.09
CA ILE J 94 -41.68 46.58 -34.05
C ILE J 94 -41.40 47.65 -35.10
N GLU J 95 -41.68 47.33 -36.36
CA GLU J 95 -41.57 48.26 -37.47
C GLU J 95 -42.93 48.33 -38.17
N ILE J 96 -43.43 49.55 -38.35
CA ILE J 96 -44.72 49.78 -38.96
C ILE J 96 -44.54 50.72 -40.15
N LYS J 97 -45.13 50.35 -41.29
CA LYS J 97 -45.07 51.19 -42.49
C LYS J 97 -46.41 51.14 -43.20
N THR J 98 -46.62 52.09 -44.10
CA THR J 98 -47.88 52.19 -44.84
C THR J 98 -47.84 51.33 -46.10
N VAL J 99 -49.02 51.01 -46.62
N LYS K 1 23.11 -49.52 -61.44
CA LYS K 1 22.39 -50.58 -62.15
C LYS K 1 22.40 -51.89 -61.36
N ARG K 2 21.38 -52.07 -60.51
CA ARG K 2 21.28 -53.28 -59.69
C ARG K 2 19.89 -53.88 -59.81
N GLN K 3 18.89 -53.05 -60.12
CA GLN K 3 17.50 -53.46 -60.21
C GLN K 3 17.02 -54.07 -58.90
N VAL K 4 17.01 -53.23 -57.86
CA VAL K 4 16.67 -53.69 -56.52
C VAL K 4 15.17 -54.02 -56.43
N ALA K 5 14.33 -53.10 -56.90
CA ALA K 5 12.86 -53.19 -56.99
C ALA K 5 12.16 -53.26 -55.62
N SER K 6 12.91 -53.32 -54.53
CA SER K 6 12.32 -53.30 -53.19
C SER K 6 13.39 -53.01 -52.14
N GLY K 7 13.19 -51.99 -51.32
CA GLY K 7 14.20 -51.62 -50.35
C GLY K 7 13.63 -50.89 -49.16
N ARG K 8 14.53 -50.23 -48.43
CA ARG K 8 14.18 -49.46 -47.25
C ARG K 8 14.60 -48.00 -47.44
N ALA K 9 14.00 -47.12 -46.62
CA ALA K 9 14.29 -45.69 -46.69
C ALA K 9 14.43 -45.15 -45.28
N TYR K 10 15.62 -44.68 -44.94
CA TYR K 10 15.90 -44.06 -43.64
C TYR K 10 15.77 -42.56 -43.77
N ILE K 11 15.08 -41.94 -42.82
CA ILE K 11 14.88 -40.49 -42.79
C ILE K 11 15.45 -39.98 -41.48
N HIS K 12 16.59 -39.29 -41.55
CA HIS K 12 17.23 -38.70 -40.38
C HIS K 12 16.85 -37.22 -40.37
N ALA K 13 15.90 -36.86 -39.49
CA ALA K 13 15.35 -35.51 -39.43
C ALA K 13 15.83 -34.84 -38.16
N SER K 14 16.48 -33.69 -38.31
CA SER K 14 16.96 -32.89 -37.19
C SER K 14 16.45 -31.47 -37.34
N TYR K 15 16.66 -30.66 -36.30
CA TYR K 15 16.26 -29.26 -36.34
C TYR K 15 17.09 -28.42 -37.30
N ASN K 16 18.19 -28.96 -37.81
CA ASN K 16 19.07 -28.24 -38.72
C ASN K 16 19.08 -28.80 -40.14
N ASN K 17 18.77 -30.08 -40.32
CA ASN K 17 18.78 -30.68 -41.64
C ASN K 17 18.05 -32.01 -41.60
N THR K 18 17.43 -32.36 -42.73
CA THR K 18 16.77 -33.65 -42.92
C THR K 18 17.41 -34.36 -44.11
N ILE K 19 17.84 -35.60 -43.89
CA ILE K 19 18.56 -36.36 -44.91
C ILE K 19 17.88 -37.70 -45.11
N VAL K 20 17.67 -38.07 -46.37
CA VAL K 20 17.02 -39.33 -46.74
C VAL K 20 18.06 -40.23 -47.38
N THR K 21 18.14 -41.47 -46.90
CA THR K 21 19.05 -42.47 -47.44
C THR K 21 18.25 -43.71 -47.82
N ILE K 22 18.23 -44.03 -49.11
CA ILE K 22 17.52 -45.19 -49.62
C ILE K 22 18.50 -46.34 -49.72
N THR K 23 18.20 -47.46 -49.05
CA THR K 23 19.08 -48.62 -48.99
C THR K 23 18.32 -49.85 -49.45
N ASP K 24 19.05 -50.96 -49.56
CA ASP K 24 18.47 -52.25 -49.88
C ASP K 24 17.90 -52.88 -48.60
N PRO K 25 17.13 -53.97 -48.73
CA PRO K 25 16.63 -54.64 -47.52
C PRO K 25 17.70 -55.10 -46.54
N ASP K 26 18.97 -55.10 -46.94
CA ASP K 26 20.06 -55.47 -46.05
C ASP K 26 20.75 -54.26 -45.43
N GLY K 27 20.36 -53.04 -45.81
CA GLY K 27 20.89 -51.83 -45.22
C GLY K 27 21.91 -51.11 -46.07
N ASN K 28 22.47 -51.76 -47.09
CA ASN K 28 23.47 -51.11 -47.93
C ASN K 28 22.81 -50.03 -48.77
N PRO K 29 23.31 -48.79 -48.73
CA PRO K 29 22.64 -47.71 -49.46
C PRO K 29 22.85 -47.81 -50.96
N ILE K 30 21.95 -47.16 -51.69
CA ILE K 30 21.99 -47.13 -53.14
C ILE K 30 22.16 -45.69 -53.59
N THR K 31 21.20 -44.84 -53.23
CA THR K 31 21.26 -43.41 -53.46
C THR K 31 20.80 -42.70 -52.18
N TRP K 32 20.98 -41.38 -52.17
CA TRP K 32 20.59 -40.59 -51.01
C TRP K 32 20.47 -39.13 -51.44
N SER K 33 19.97 -38.31 -50.51
CA SER K 33 19.81 -36.88 -50.75
C SER K 33 19.63 -36.20 -49.40
N SER K 34 19.67 -34.87 -49.42
CA SER K 34 19.53 -34.07 -48.22
C SER K 34 19.23 -32.63 -48.64
N GLY K 35 19.18 -31.73 -47.65
CA GLY K 35 18.99 -30.33 -47.95
C GLY K 35 20.18 -29.71 -48.66
N GLY K 36 21.39 -30.21 -48.37
CA GLY K 36 22.57 -29.69 -49.04
C GLY K 36 22.69 -30.18 -50.47
N VAL K 37 22.12 -31.34 -50.78
CA VAL K 37 22.10 -31.82 -52.16
C VAL K 37 21.26 -30.89 -53.03
N ILE K 38 20.17 -30.37 -52.47
CA ILE K 38 19.36 -29.36 -53.15
C ILE K 38 20.07 -28.02 -52.98
N GLY K 39 19.63 -27.00 -53.74
CA GLY K 39 20.28 -25.70 -53.73
C GLY K 39 20.32 -25.04 -52.36
N TYR K 40 19.48 -25.48 -51.43
CA TYR K 40 19.48 -24.89 -50.09
C TYR K 40 20.81 -25.16 -49.40
N LYS K 41 21.36 -24.13 -48.77
CA LYS K 41 22.70 -24.20 -48.19
C LYS K 41 22.70 -24.01 -46.67
N GLY K 42 22.07 -22.96 -46.17
CA GLY K 42 22.14 -22.65 -44.75
C GLY K 42 21.06 -23.28 -43.91
N SER K 43 20.31 -22.45 -43.18
CA SER K 43 19.26 -22.95 -42.30
C SER K 43 18.06 -23.50 -43.07
N ARG K 44 17.92 -23.14 -44.35
CA ARG K 44 16.80 -23.62 -45.14
C ARG K 44 16.77 -25.13 -45.28
N LYS K 45 17.82 -25.83 -44.86
CA LYS K 45 17.81 -27.29 -44.88
C LYS K 45 16.93 -27.87 -43.78
N GLY K 46 16.70 -27.12 -42.70
CA GLY K 46 15.82 -27.59 -41.64
C GLY K 46 14.38 -27.21 -41.89
N THR K 47 13.97 -27.27 -43.16
CA THR K 47 12.65 -26.88 -43.63
C THR K 47 11.87 -28.09 -44.11
N PRO K 48 10.58 -28.18 -43.76
CA PRO K 48 9.77 -29.29 -44.28
C PRO K 48 9.71 -29.33 -45.80
N TYR K 49 9.71 -28.17 -46.46
CA TYR K 49 9.75 -28.15 -47.91
C TYR K 49 11.07 -28.69 -48.44
N ALA K 50 12.18 -28.34 -47.76
CA ALA K 50 13.48 -28.90 -48.14
C ALA K 50 13.51 -30.40 -47.92
N ALA K 51 12.89 -30.88 -46.83
CA ALA K 51 12.81 -32.31 -46.60
C ALA K 51 11.99 -33.00 -47.68
N GLN K 52 10.90 -32.36 -48.12
CA GLN K 52 10.11 -32.91 -49.22
C GLN K 52 10.94 -32.98 -50.50
N LEU K 53 11.68 -31.92 -50.80
CA LEU K 53 12.52 -31.93 -51.99
C LEU K 53 13.57 -33.02 -51.92
N ALA K 54 14.21 -33.19 -50.76
CA ALA K 54 15.22 -34.22 -50.61
C ALA K 54 14.62 -35.62 -50.74
N ALA K 55 13.44 -35.84 -50.16
CA ALA K 55 12.79 -37.13 -50.27
C ALA K 55 12.43 -37.44 -51.72
N LEU K 56 11.88 -36.45 -52.44
CA LEU K 56 11.52 -36.68 -53.83
C LEU K 56 12.74 -36.90 -54.70
N ASP K 57 13.85 -36.21 -54.39
CA ASP K 57 15.08 -36.39 -55.14
C ASP K 57 15.65 -37.79 -54.92
N ALA K 58 15.68 -38.25 -53.67
CA ALA K 58 16.13 -39.61 -53.39
C ALA K 58 15.22 -40.64 -54.05
N ALA K 59 13.91 -40.37 -54.07
CA ALA K 59 12.98 -41.29 -54.71
C ALA K 59 13.23 -41.37 -56.22
N LYS K 60 13.42 -40.22 -56.87
CA LYS K 60 13.70 -40.24 -58.29
C LYS K 60 15.04 -40.89 -58.60
N LYS K 61 16.03 -40.73 -57.72
CA LYS K 61 17.30 -41.43 -57.90
C LYS K 61 17.11 -42.95 -57.75
N ALA K 62 16.25 -43.37 -56.84
CA ALA K 62 15.93 -44.79 -56.69
C ALA K 62 15.12 -45.32 -57.88
N MET K 63 14.40 -44.45 -58.57
CA MET K 63 13.70 -44.88 -59.78
C MET K 63 14.69 -45.31 -60.86
N ALA K 64 15.89 -44.74 -60.84
CA ALA K 64 16.91 -45.15 -61.81
C ALA K 64 17.30 -46.61 -61.62
N TYR K 65 17.32 -47.07 -60.37
CA TYR K 65 17.56 -48.48 -60.08
C TYR K 65 16.29 -49.31 -60.17
N GLY K 66 15.18 -48.72 -60.64
CA GLY K 66 13.95 -49.44 -60.85
C GLY K 66 13.34 -50.03 -59.58
N MET K 67 13.20 -49.21 -58.56
CA MET K 67 12.61 -49.66 -57.29
C MET K 67 11.18 -49.18 -57.18
N GLN K 68 10.32 -50.04 -56.63
CA GLN K 68 8.89 -49.76 -56.54
C GLN K 68 8.40 -49.67 -55.10
N SER K 69 8.66 -50.68 -54.28
CA SER K 69 8.16 -50.72 -52.91
C SER K 69 9.27 -50.39 -51.93
N VAL K 70 8.94 -49.63 -50.88
CA VAL K 70 9.91 -49.18 -49.89
C VAL K 70 9.39 -49.49 -48.50
N ASP K 71 10.30 -49.46 -47.54
CA ASP K 71 9.99 -49.58 -46.11
C ASP K 71 10.64 -48.40 -45.41
N VAL K 72 9.83 -47.41 -45.03
CA VAL K 72 10.35 -46.17 -44.48
C VAL K 72 10.73 -46.38 -43.02
N ILE K 73 11.85 -45.78 -42.62
CA ILE K 73 12.34 -45.84 -41.25
C ILE K 73 12.67 -44.42 -40.80
N VAL K 74 12.09 -44.00 -39.68
CA VAL K 74 12.19 -42.63 -39.18
C VAL K 74 13.14 -42.59 -38.00
N ARG K 75 14.06 -41.63 -37.99
CA ARG K 75 14.96 -41.42 -36.87
C ARG K 75 15.11 -39.92 -36.62
N GLY K 76 15.08 -39.53 -35.36
CA GLY K 76 15.30 -38.14 -35.00
C GLY K 76 14.05 -37.29 -35.05
N THR K 77 13.92 -36.35 -34.12
CA THR K 77 12.80 -35.43 -34.07
C THR K 77 13.24 -34.08 -34.62
N GLY K 78 12.77 -33.75 -35.82
CA GLY K 78 13.12 -32.50 -36.46
C GLY K 78 12.00 -32.00 -37.35
N ALA K 79 12.03 -30.70 -37.61
CA ALA K 79 11.03 -30.10 -38.48
C ALA K 79 11.23 -30.59 -39.91
N GLY K 80 10.22 -31.31 -40.43
CA GLY K 80 10.28 -31.85 -41.77
C GLY K 80 10.20 -33.36 -41.86
N ARG K 81 10.01 -34.07 -40.75
CA ARG K 81 9.89 -35.53 -40.81
C ARG K 81 8.59 -35.94 -41.50
N GLU K 82 7.46 -35.43 -41.02
CA GLU K 82 6.18 -35.81 -41.61
C GLU K 82 6.05 -35.33 -43.04
N GLN K 83 6.68 -34.22 -43.39
CA GLN K 83 6.64 -33.76 -44.77
C GLN K 83 7.39 -34.70 -45.69
N ALA K 84 8.55 -35.20 -45.26
CA ALA K 84 9.25 -36.22 -46.03
C ALA K 84 8.45 -37.52 -46.10
N ILE K 85 7.75 -37.85 -45.02
CA ILE K 85 6.88 -39.02 -45.03
C ILE K 85 5.82 -38.88 -46.12
N ARG K 86 5.10 -37.76 -46.13
CA ARG K 86 4.06 -37.55 -47.13
C ARG K 86 4.64 -37.41 -48.53
N ALA K 87 5.89 -36.94 -48.65
CA ALA K 87 6.52 -36.85 -49.96
C ALA K 87 6.82 -38.22 -50.52
N LEU K 88 7.40 -39.10 -49.71
CA LEU K 88 7.68 -40.46 -50.17
C LEU K 88 6.42 -41.30 -50.29
N GLN K 89 5.34 -40.93 -49.59
CA GLN K 89 4.13 -41.73 -49.61
C GLN K 89 3.47 -41.72 -50.98
N ALA K 90 3.38 -40.54 -51.60
CA ALA K 90 2.88 -40.41 -52.97
C ALA K 90 4.00 -39.82 -53.82
N SER K 91 4.89 -40.70 -54.29
CA SER K 91 5.97 -40.31 -55.17
C SER K 91 6.26 -41.35 -56.24
N GLY K 92 5.28 -42.23 -56.53
CA GLY K 92 5.51 -43.39 -57.34
C GLY K 92 6.00 -44.59 -56.55
N LEU K 93 6.75 -44.36 -55.47
CA LEU K 93 7.20 -45.43 -54.61
C LEU K 93 6.06 -45.88 -53.70
N GLN K 94 5.87 -47.19 -53.62
CA GLN K 94 4.86 -47.75 -52.72
C GLN K 94 5.45 -47.88 -51.32
N VAL K 95 4.85 -47.19 -50.36
CA VAL K 95 5.28 -47.25 -48.97
C VAL K 95 4.56 -48.41 -48.29
N LYS K 96 5.32 -49.41 -47.84
CA LYS K 96 4.74 -50.58 -47.23
C LYS K 96 4.57 -50.44 -45.72
N SER K 97 5.51 -49.77 -45.05
CA SER K 97 5.43 -49.62 -43.61
C SER K 97 6.28 -48.43 -43.19
N ILE K 98 5.81 -47.74 -42.14
CA ILE K 98 6.51 -46.61 -41.55
C ILE K 98 6.88 -46.98 -40.12
N VAL K 99 8.16 -46.88 -39.79
CA VAL K 99 8.68 -47.29 -38.49
C VAL K 99 9.54 -46.17 -37.93
N ASP K 100 9.24 -45.75 -36.70
CA ASP K 100 10.04 -44.75 -36.01
C ASP K 100 11.07 -45.49 -35.14
N ASP K 101 12.35 -45.33 -35.48
CA ASP K 101 13.42 -46.01 -34.77
C ASP K 101 14.43 -45.01 -34.22
N THR K 102 13.94 -43.94 -33.60
CA THR K 102 14.81 -42.93 -33.04
C THR K 102 15.64 -43.53 -31.90
N PRO K 103 16.98 -43.47 -31.97
CA PRO K 103 17.79 -44.09 -30.91
C PRO K 103 17.74 -43.32 -29.62
N VAL K 104 17.05 -43.86 -28.63
CA VAL K 104 16.92 -43.25 -27.31
C VAL K 104 17.84 -43.98 -26.34
N PRO K 105 18.73 -43.29 -25.64
CA PRO K 105 19.61 -43.97 -24.69
C PRO K 105 18.91 -44.22 -23.37
N HIS K 106 19.57 -45.02 -22.53
CA HIS K 106 19.09 -45.33 -21.18
C HIS K 106 19.81 -44.49 -20.14
N ASN K 107 20.08 -43.23 -20.46
CA ASN K 107 20.83 -42.30 -19.61
C ASN K 107 22.26 -42.80 -19.41
N GLY K 108 22.95 -42.98 -20.54
CA GLY K 108 24.31 -43.46 -20.53
C GLY K 108 25.37 -42.37 -20.51
N CYS K 109 25.28 -41.45 -21.46
CA CYS K 109 26.26 -40.38 -21.61
C CYS K 109 25.65 -39.03 -21.20
N ARG K 110 26.54 -38.12 -20.80
CA ARG K 110 26.13 -36.79 -20.38
C ARG K 110 25.99 -35.89 -21.60
N PRO K 111 24.84 -35.25 -21.81
CA PRO K 111 24.66 -34.41 -23.01
C PRO K 111 25.43 -33.10 -22.93
N LYS K 112 25.38 -32.32 -24.00
CA LYS K 112 26.01 -31.00 -24.01
C LYS K 112 25.20 -30.02 -23.18
N LYS K 113 25.78 -28.84 -22.96
CA LYS K 113 25.09 -27.80 -22.20
C LYS K 113 23.77 -27.41 -22.87
N LYS K 114 23.70 -27.50 -24.20
CA LYS K 114 22.47 -27.18 -24.90
C LYS K 114 21.34 -28.13 -24.52
N PHE K 115 21.66 -29.38 -24.19
CA PHE K 115 20.67 -30.38 -23.86
C PHE K 115 20.72 -30.80 -22.39
N ARG K 116 21.20 -29.92 -21.52
CA ARG K 116 21.32 -30.23 -20.10
C ARG K 116 19.95 -30.08 -19.43
N LYS K 117 19.95 -30.06 -18.09
CA LYS K 117 18.74 -30.11 -17.28
C LYS K 117 18.00 -31.43 -17.49
N ALA K 118 18.73 -32.48 -17.86
CA ALA K 118 18.20 -33.82 -18.06
C ALA K 118 19.37 -34.79 -17.95
N SER K 119 19.10 -36.06 -18.25
CA SER K 119 20.13 -37.09 -18.20
C SER K 119 19.91 -38.16 -19.26
N PRO L 1 16.73 -19.39 27.28
CA PRO L 1 17.68 -20.41 27.74
C PRO L 1 17.22 -21.06 29.05
N THR L 2 17.56 -22.33 29.24
CA THR L 2 17.18 -23.02 30.46
C THR L 2 17.91 -22.44 31.66
N ILE L 3 17.36 -22.71 32.84
CA ILE L 3 17.99 -22.25 34.08
C ILE L 3 19.38 -22.87 34.24
N ASN L 4 19.55 -24.12 33.78
CA ASN L 4 20.85 -24.76 33.84
C ASN L 4 21.87 -24.01 32.99
N GLN L 5 21.47 -23.60 31.78
CA GLN L 5 22.36 -22.79 30.95
C GLN L 5 22.70 -21.47 31.62
N LEU L 6 21.71 -20.84 32.25
CA LEU L 6 21.96 -19.58 32.94
C LEU L 6 22.93 -19.77 34.09
N VAL L 7 22.89 -20.92 34.77
CA VAL L 7 23.86 -21.19 35.81
C VAL L 7 25.25 -21.42 35.22
N ARG L 8 25.30 -22.11 34.07
CA ARG L 8 26.59 -22.40 33.45
C ARG L 8 27.18 -21.19 32.74
N LYS L 9 26.44 -20.65 31.77
CA LYS L 9 26.96 -19.53 30.98
C LYS L 9 26.75 -18.20 31.69
N GLY L 10 25.51 -17.88 32.04
CA GLY L 10 25.20 -16.64 32.71
C GLY L 10 25.00 -15.48 31.76
N ARG L 11 24.21 -14.48 32.17
CA ARG L 11 23.99 -13.31 31.32
C ARG L 11 25.27 -12.50 31.18
N GLU L 12 25.38 -11.82 30.04
CA GLU L 12 26.56 -11.02 29.70
C GLU L 12 26.19 -9.55 29.80
N LYS L 13 26.81 -8.84 30.75
CA LYS L 13 26.55 -7.42 30.90
C LYS L 13 27.15 -6.64 29.74
N VAL L 14 26.39 -5.68 29.22
CA VAL L 14 26.79 -4.90 28.06
C VAL L 14 27.57 -3.68 28.52
N ARG L 15 28.69 -3.41 27.87
CA ARG L 15 29.51 -2.25 28.16
C ARG L 15 29.31 -1.21 27.07
N LYS L 16 29.06 0.03 27.47
CA LYS L 16 28.83 1.12 26.54
C LYS L 16 30.15 1.82 26.23
N LYS L 17 30.53 1.83 24.96
CA LYS L 17 31.77 2.48 24.56
C LYS L 17 31.61 4.00 24.62
N SER L 18 32.63 4.68 25.14
CA SER L 18 32.58 6.12 25.31
C SER L 18 32.59 6.83 23.96
N LYS L 19 31.60 7.69 23.73
CA LYS L 19 31.54 8.46 22.49
C LYS L 19 32.56 9.58 22.46
N VAL L 20 33.05 10.03 23.63
CA VAL L 20 34.04 11.07 23.73
C VAL L 20 35.30 10.51 24.37
N PRO L 21 36.27 10.01 23.55
CA PRO L 21 37.54 9.48 24.06
C PRO L 21 38.51 10.54 24.54
N ALA L 22 38.00 11.51 25.30
CA ALA L 22 38.84 12.44 26.05
C ALA L 22 39.21 11.77 27.35
N LEU L 23 40.47 11.33 27.46
CA LEU L 23 40.88 10.45 28.55
C LEU L 23 40.71 11.13 29.90
N LYS L 24 40.86 10.33 30.95
CA LYS L 24 40.63 10.71 32.34
C LYS L 24 39.17 11.09 32.60
N GLY L 25 38.28 10.84 31.64
CA GLY L 25 36.88 11.20 31.80
C GLY L 25 36.63 12.66 32.03
N ALA L 26 37.54 13.52 31.59
CA ALA L 26 37.41 14.94 31.86
C ALA L 26 36.27 15.54 31.06
N PRO L 27 35.56 16.53 31.62
CA PRO L 27 34.52 17.21 30.85
C PRO L 27 35.08 18.10 29.75
N PHE L 28 36.26 18.66 29.95
CA PHE L 28 36.92 19.49 28.95
C PHE L 28 38.39 19.09 28.88
N ARG L 29 39.03 19.45 27.78
CA ARG L 29 40.45 19.15 27.60
C ARG L 29 41.13 20.28 26.84
N ARG L 30 42.26 20.74 27.35
CA ARG L 30 43.01 21.82 26.72
C ARG L 30 43.94 21.26 25.65
N GLY L 31 44.07 22.00 24.56
CA GLY L 31 44.95 21.60 23.48
C GLY L 31 45.39 22.81 22.68
N VAL L 32 46.28 22.56 21.72
CA VAL L 32 46.80 23.60 20.84
C VAL L 32 46.41 23.26 19.42
N CYS L 33 45.94 24.26 18.67
CA CYS L 33 45.54 24.03 17.30
C CYS L 33 46.75 23.65 16.45
N THR L 34 46.48 22.95 15.34
CA THR L 34 47.50 22.66 14.34
C THR L 34 47.15 23.25 12.99
N VAL L 35 45.94 22.97 12.48
CA VAL L 35 45.45 23.54 11.24
C VAL L 35 44.02 24.02 11.48
N VAL L 36 43.64 25.07 10.77
CA VAL L 36 42.28 25.61 10.81
C VAL L 36 41.75 25.53 9.38
N ARG L 37 41.06 24.44 9.06
CA ARG L 37 40.60 24.17 7.71
C ARG L 37 39.10 24.40 7.58
N THR L 38 38.57 24.07 6.41
CA THR L 38 37.14 24.14 6.13
C THR L 38 36.72 22.82 5.50
N VAL L 39 35.74 22.16 6.11
CA VAL L 39 35.29 20.84 5.68
C VAL L 39 33.87 20.96 5.13
N THR L 40 33.61 20.22 4.04
CA THR L 40 32.28 20.21 3.45
C THR L 40 31.39 19.20 4.16
N PRO L 41 30.11 19.51 4.34
CA PRO L 41 29.21 18.58 5.05
C PRO L 41 28.79 17.39 4.20
N LYS L 42 27.90 16.57 4.73
CA LYS L 42 27.43 15.37 4.06
C LYS L 42 26.20 15.68 3.22
N LYS L 43 25.49 14.64 2.76
CA LYS L 43 24.42 14.67 1.78
C LYS L 43 23.43 15.83 1.90
N PRO L 44 22.74 16.01 3.03
CA PRO L 44 21.57 16.91 3.03
C PRO L 44 21.90 18.38 3.14
N ASN L 45 23.14 18.75 3.47
CA ASN L 45 23.50 20.14 3.69
C ASN L 45 24.66 20.54 2.79
N SER L 46 24.91 21.85 2.75
CA SER L 46 26.00 22.40 1.95
C SER L 46 26.41 23.73 2.57
N ALA L 47 27.62 23.77 3.13
CA ALA L 47 28.12 24.98 3.77
C ALA L 47 29.63 24.85 3.91
N LEU L 48 30.24 25.85 4.55
CA LEU L 48 31.68 25.87 4.81
C LEU L 48 31.87 25.96 6.32
N ARG L 49 32.06 24.81 6.95
CA ARG L 49 32.20 24.74 8.40
C ARG L 49 33.65 24.92 8.81
N LYS L 50 33.84 25.52 9.98
CA LYS L 50 35.16 25.84 10.50
C LYS L 50 35.57 24.76 11.51
N VAL L 51 36.54 23.94 11.13
CA VAL L 51 37.05 22.86 11.98
C VAL L 51 38.53 23.11 12.22
N ALA L 52 39.01 22.66 13.38
CA ALA L 52 40.41 22.81 13.76
C ALA L 52 40.93 21.49 14.31
N LYS L 53 42.08 21.05 13.81
CA LYS L 53 42.74 19.84 14.31
C LYS L 53 43.52 20.21 15.56
N VAL L 54 42.94 19.95 16.72
CA VAL L 54 43.55 20.31 17.99
C VAL L 54 44.36 19.13 18.51
N ARG L 55 45.61 19.40 18.88
CA ARG L 55 46.48 18.44 19.56
C ARG L 55 46.28 18.60 21.06
N LEU L 56 45.76 17.57 21.70
CA LEU L 56 45.34 17.66 23.10
C LEU L 56 46.48 17.27 24.04
N THR L 57 46.34 17.69 25.30
CA THR L 57 47.25 17.26 26.35
C THR L 57 47.02 15.80 26.75
N SER L 58 45.89 15.22 26.36
CA SER L 58 45.61 13.81 26.61
C SER L 58 46.35 12.88 25.68
N GLY L 59 47.22 13.41 24.81
CA GLY L 59 47.94 12.60 23.85
C GLY L 59 47.29 12.47 22.50
N TYR L 60 46.02 12.86 22.37
CA TYR L 60 45.30 12.75 21.11
C TYR L 60 45.48 14.01 20.28
N GLU L 61 45.17 13.88 18.98
CA GLU L 61 45.15 15.01 18.06
C GLU L 61 43.94 14.79 17.15
N VAL L 62 42.84 15.48 17.47
CA VAL L 62 41.56 15.21 16.83
C VAL L 62 40.94 16.51 16.31
N THR L 63 40.03 16.37 15.37
CA THR L 63 39.35 17.52 14.79
C THR L 63 38.17 17.93 15.67
N ALA L 64 38.02 19.23 15.89
CA ALA L 64 36.96 19.77 16.70
C ALA L 64 36.32 20.97 15.99
N TYR L 65 35.03 21.15 16.23
CA TYR L 65 34.26 22.16 15.53
C TYR L 65 34.40 23.52 16.19
N ILE L 66 34.36 24.57 15.36
CA ILE L 66 34.48 25.95 15.81
C ILE L 66 33.13 26.64 15.62
N PRO L 67 32.30 26.73 16.65
CA PRO L 67 30.98 27.35 16.50
C PRO L 67 31.09 28.87 16.42
N GLY L 68 29.94 29.49 16.17
CA GLY L 68 29.83 30.94 16.13
C GLY L 68 29.91 31.49 14.72
N GLU L 69 29.58 32.77 14.61
CA GLU L 69 29.64 33.46 13.32
C GLU L 69 31.08 33.59 12.85
N GLY L 70 31.92 34.26 13.63
CA GLY L 70 33.32 34.43 13.28
C GLY L 70 34.21 34.05 14.44
N HIS L 71 35.43 33.62 14.10
CA HIS L 71 36.40 33.17 15.09
C HIS L 71 37.75 33.80 14.79
N ASN L 72 38.67 33.66 15.75
CA ASN L 72 40.06 34.09 15.60
C ASN L 72 40.93 32.98 16.17
N LEU L 73 41.30 32.02 15.32
CA LEU L 73 42.09 30.87 15.73
C LEU L 73 43.20 30.66 14.70
N GLN L 74 44.43 30.94 15.10
CA GLN L 74 45.58 30.82 14.21
C GLN L 74 46.16 29.41 14.34
N GLU L 75 47.36 29.21 13.78
CA GLU L 75 47.99 27.89 13.84
C GLU L 75 48.38 27.53 15.26
N HIS L 76 48.91 28.48 16.02
CA HIS L 76 49.38 28.24 17.39
C HIS L 76 48.36 28.65 18.44
N SER L 77 47.08 28.52 18.14
CA SER L 77 46.03 28.91 19.08
C SER L 77 45.80 27.80 20.10
N VAL L 78 45.76 28.17 21.37
CA VAL L 78 45.54 27.24 22.47
C VAL L 78 44.09 27.36 22.90
N VAL L 79 43.32 26.30 22.70
CA VAL L 79 41.88 26.32 22.96
C VAL L 79 41.48 25.10 23.77
N LEU L 80 40.36 25.23 24.47
CA LEU L 80 39.79 24.14 25.25
C LEU L 80 38.61 23.54 24.49
N ILE L 81 38.56 22.21 24.45
CA ILE L 81 37.50 21.50 23.73
C ILE L 81 36.63 20.76 24.73
N ARG L 82 35.37 20.57 24.33
CA ARG L 82 34.36 19.86 25.10
C ARG L 82 33.71 18.80 24.22
N GLY L 83 32.86 17.99 24.83
CA GLY L 83 32.14 16.96 24.13
C GLY L 83 31.12 17.53 23.15
N GLY L 84 30.32 16.63 22.61
CA GLY L 84 29.31 17.00 21.63
C GLY L 84 29.83 16.92 20.21
N ARG L 85 29.16 16.14 19.38
CA ARG L 85 29.58 15.91 18.01
C ARG L 85 28.82 16.84 17.06
N VAL L 86 29.20 16.79 15.78
CA VAL L 86 28.53 17.52 14.71
C VAL L 86 28.06 16.47 13.71
N LYS L 87 26.76 16.23 13.67
CA LYS L 87 26.18 15.15 12.88
C LYS L 87 26.52 15.24 11.40
N 0TD L 88 26.49 16.45 10.85
CA 0TD L 88 26.65 16.65 9.42
C 0TD L 88 28.16 16.76 9.12
O 0TD L 88 28.56 17.06 7.98
CSB 0TD L 88 23.85 16.83 7.56
SB 0TD L 88 25.29 17.83 7.30
CB 0TD L 88 25.84 17.87 9.02
CG 0TD L 88 26.67 19.13 9.16
OD2 0TD L 88 27.04 19.41 10.31
OD1 0TD L 88 26.62 19.94 8.21
N LEU L 89 28.99 16.51 10.13
CA LEU L 89 30.43 16.48 9.94
C LEU L 89 31.02 15.16 10.41
N PRO L 90 31.22 14.23 9.48
CA PRO L 90 31.81 12.93 9.84
C PRO L 90 33.23 13.10 10.38
N GLY L 91 33.50 12.44 11.50
CA GLY L 91 34.79 12.50 12.15
C GLY L 91 34.91 13.56 13.23
N VAL L 92 34.13 14.63 13.13
CA VAL L 92 34.15 15.69 14.14
C VAL L 92 33.30 15.25 15.32
N ARG L 93 33.93 15.06 16.47
CA ARG L 93 33.26 14.56 17.66
C ARG L 93 33.35 15.50 18.85
N TYR L 94 33.98 16.66 18.70
CA TYR L 94 34.23 17.56 19.82
C TYR L 94 33.97 18.99 19.38
N HIS L 95 33.65 19.84 20.35
CA HIS L 95 33.36 21.25 20.12
C HIS L 95 34.44 22.13 20.75
N ILE L 96 34.58 23.33 20.23
CA ILE L 96 35.44 24.35 20.82
C ILE L 96 34.62 25.14 21.82
N VAL L 97 35.23 25.46 22.96
CA VAL L 97 34.59 26.28 23.98
C VAL L 97 35.06 27.72 23.75
N ARG L 98 34.17 28.55 23.20
CA ARG L 98 34.53 29.93 22.89
C ARG L 98 34.66 30.73 24.18
N GLY L 99 35.81 31.36 24.37
CA GLY L 99 36.12 32.09 25.57
C GLY L 99 37.19 31.49 26.46
N VAL L 100 38.05 30.62 25.93
CA VAL L 100 39.04 29.90 26.73
C VAL L 100 40.41 30.12 26.08
N TYR L 101 41.11 31.15 26.54
CA TYR L 101 42.55 31.39 26.38
C TYR L 101 42.99 31.82 24.99
N ASP L 102 42.18 31.61 23.95
CA ASP L 102 42.54 32.16 22.64
C ASP L 102 41.35 32.60 21.81
N ALA L 103 40.16 32.15 22.18
CA ALA L 103 38.98 32.28 21.32
C ALA L 103 38.01 33.27 21.96
N ALA L 104 38.02 34.50 21.46
CA ALA L 104 37.07 35.48 21.93
C ALA L 104 35.64 35.03 21.62
N GLY L 105 34.70 35.47 22.45
CA GLY L 105 33.31 35.13 22.23
C GLY L 105 32.76 35.74 20.96
N VAL L 106 31.63 35.17 20.52
CA VAL L 106 31.01 35.66 19.29
C VAL L 106 30.53 37.09 19.53
N LYS L 107 31.04 38.02 18.72
CA LYS L 107 30.70 39.42 18.89
C LYS L 107 29.28 39.69 18.43
N ASP L 108 28.66 40.71 19.01
CA ASP L 108 27.29 41.12 18.69
C ASP L 108 26.28 40.01 18.96
N ARG L 109 26.59 39.13 19.92
CA ARG L 109 25.68 38.08 20.33
C ARG L 109 24.80 38.59 21.48
N LYS L 110 23.49 38.40 21.35
CA LYS L 110 22.54 38.91 22.33
C LYS L 110 21.48 37.92 22.78
N LYS L 111 21.19 36.87 22.02
CA LYS L 111 20.15 35.91 22.39
C LYS L 111 20.70 34.80 23.28
N SER L 112 21.66 34.04 22.78
CA SER L 112 22.28 32.93 23.51
C SER L 112 23.77 33.24 23.65
N ARG L 113 24.14 33.91 24.75
CA ARG L 113 25.51 34.35 24.97
C ARG L 113 26.33 33.38 25.79
N SER L 114 25.73 32.76 26.80
CA SER L 114 26.50 31.85 27.66
C SER L 114 26.98 30.62 26.89
N LYS L 115 26.29 30.25 25.81
CA LYS L 115 26.70 29.12 25.00
C LYS L 115 27.78 29.48 23.98
N TYR L 116 28.18 30.75 23.90
CA TYR L 116 29.21 31.18 22.96
C TYR L 116 30.25 32.08 23.62
N GLY L 117 30.26 32.18 24.94
CA GLY L 117 31.28 32.93 25.64
C GLY L 117 31.23 34.43 25.44
N THR L 118 30.04 35.02 25.46
CA THR L 118 29.86 36.46 25.31
C THR L 118 29.27 37.02 26.60
N LYS L 119 29.91 38.04 27.16
CA LYS L 119 29.46 38.62 28.41
C LYS L 119 28.25 39.52 28.18
N LYS L 120 27.63 39.93 29.28
CA LYS L 120 26.46 40.81 29.22
C LYS L 120 26.86 42.17 28.68
N PRO L 121 26.13 42.73 27.70
CA PRO L 121 26.45 44.07 27.20
C PRO L 121 26.28 45.16 28.26
N LYS L 122 26.63 46.40 27.92
CA LYS L 122 26.65 47.50 28.87
C LYS L 122 25.23 48.03 29.08
N GLU L 123 25.14 49.22 29.67
CA GLU L 123 23.86 49.83 30.04
C GLU L 123 22.89 49.86 28.87
N ALA L 124 21.60 49.82 29.20
CA ALA L 124 20.55 49.84 28.19
C ALA L 124 20.19 51.28 27.81
N ALA L 125 19.31 51.42 26.82
N ALA M 1 10.62 33.20 -90.27
CA ALA M 1 11.90 33.60 -90.83
C ALA M 1 12.68 34.48 -89.86
N ARG M 2 13.55 35.32 -90.41
CA ARG M 2 14.39 36.21 -89.61
C ARG M 2 13.65 37.53 -89.43
N ILE M 3 13.08 37.74 -88.25
CA ILE M 3 12.27 38.91 -87.95
C ILE M 3 12.75 39.53 -86.64
N ALA M 4 13.14 40.79 -86.69
CA ALA M 4 13.49 41.58 -85.51
C ALA M 4 14.61 40.90 -84.71
N GLY M 5 15.76 40.78 -85.35
CA GLY M 5 16.95 40.22 -84.74
C GLY M 5 17.46 39.01 -85.48
N VAL M 6 18.41 38.33 -84.86
CA VAL M 6 19.04 37.15 -85.45
C VAL M 6 18.34 35.87 -85.04
N GLU M 7 17.18 35.96 -84.40
CA GLU M 7 16.43 34.79 -83.96
C GLU M 7 15.38 34.41 -84.98
N ILE M 8 15.26 33.12 -85.25
CA ILE M 8 14.32 32.62 -86.24
C ILE M 8 13.47 31.50 -85.65
N PRO M 9 12.20 31.74 -85.36
CA PRO M 9 11.31 30.64 -85.00
C PRO M 9 10.85 29.88 -86.24
N ARG M 10 10.37 28.66 -86.03
CA ARG M 10 10.08 27.79 -87.15
C ARG M 10 9.08 26.72 -86.74
N ASN M 11 8.13 26.43 -87.65
CA ASN M 11 7.27 25.26 -87.58
C ASN M 11 6.38 25.27 -86.34
N LYS M 12 5.66 26.37 -86.15
CA LYS M 12 4.65 26.48 -85.10
C LYS M 12 3.83 27.73 -85.37
N ARG M 13 2.79 27.92 -84.55
CA ARG M 13 1.89 29.05 -84.72
C ARG M 13 2.66 30.37 -84.59
N VAL M 14 2.21 31.37 -85.33
CA VAL M 14 2.98 32.60 -85.48
C VAL M 14 3.08 33.34 -84.15
N ASP M 15 2.01 33.35 -83.36
CA ASP M 15 2.04 34.03 -82.06
C ASP M 15 2.97 33.30 -81.10
N VAL M 16 2.85 31.98 -81.01
CA VAL M 16 3.74 31.20 -80.16
C VAL M 16 5.18 31.29 -80.67
N ALA M 17 5.35 31.47 -81.98
CA ALA M 17 6.69 31.65 -82.53
C ALA M 17 7.28 32.99 -82.11
N LEU M 18 6.50 34.06 -82.19
CA LEU M 18 6.95 35.37 -81.75
C LEU M 18 7.11 35.46 -80.24
N THR M 19 6.52 34.53 -79.50
CA THR M 19 6.79 34.45 -78.07
C THR M 19 8.28 34.26 -77.80
N TYR M 20 8.98 33.56 -78.70
CA TYR M 20 10.42 33.34 -78.55
C TYR M 20 11.25 34.61 -78.73
N ILE M 21 10.62 35.73 -79.14
CA ILE M 21 11.34 37.00 -79.18
C ILE M 21 11.51 37.52 -77.77
N TYR M 22 12.69 38.08 -77.47
CA TYR M 22 12.97 38.54 -76.12
C TYR M 22 12.17 39.78 -75.76
N GLY M 23 11.81 40.59 -76.74
CA GLY M 23 11.01 41.77 -76.48
C GLY M 23 9.51 41.55 -76.58
N ILE M 24 9.07 40.31 -76.80
CA ILE M 24 7.68 40.00 -77.08
C ILE M 24 7.25 38.83 -76.22
N GLY M 25 6.11 38.97 -75.55
CA GLY M 25 5.47 37.86 -74.88
C GLY M 25 4.33 37.32 -75.71
N LYS M 26 3.17 37.09 -75.09
CA LYS M 26 1.98 36.73 -75.84
C LYS M 26 1.09 37.91 -76.14
N ALA M 27 1.02 38.89 -75.23
CA ALA M 27 0.20 40.08 -75.48
C ALA M 27 0.75 40.89 -76.65
N ARG M 28 2.07 41.11 -76.68
CA ARG M 28 2.66 41.87 -77.77
C ARG M 28 2.59 41.10 -79.09
N ALA M 29 2.73 39.77 -79.04
CA ALA M 29 2.58 38.97 -80.25
C ALA M 29 1.16 39.07 -80.80
N LYS M 30 0.17 38.98 -79.92
CA LYS M 30 -1.21 39.13 -80.34
C LYS M 30 -1.48 40.52 -80.91
N GLU M 31 -0.92 41.55 -80.27
CA GLU M 31 -1.10 42.92 -80.78
C GLU M 31 -0.46 43.10 -82.14
N ALA M 32 0.73 42.52 -82.34
CA ALA M 32 1.41 42.63 -83.62
C ALA M 32 0.62 41.90 -84.71
N LEU M 33 0.22 40.65 -84.45
CA LEU M 33 -0.56 39.91 -85.43
C LEU M 33 -1.93 40.51 -85.67
N GLU M 34 -2.46 41.30 -84.73
CA GLU M 34 -3.74 41.96 -84.93
C GLU M 34 -3.58 43.22 -85.77
N LYS M 35 -2.58 44.05 -85.48
CA LYS M 35 -2.35 45.25 -86.27
C LYS M 35 -1.75 44.95 -87.64
N THR M 36 -1.14 43.78 -87.81
CA THR M 36 -0.58 43.39 -89.10
C THR M 36 -1.57 42.63 -89.96
N GLY M 37 -2.66 42.14 -89.38
CA GLY M 37 -3.65 41.39 -90.13
C GLY M 37 -3.15 40.03 -90.58
N ILE M 38 -2.57 39.28 -89.66
CA ILE M 38 -1.99 37.96 -89.95
C ILE M 38 -2.68 36.92 -89.07
N ASN M 39 -3.06 35.81 -89.67
CA ASN M 39 -3.70 34.72 -88.93
C ASN M 39 -2.68 34.08 -88.00
N PRO M 40 -2.89 34.08 -86.69
CA PRO M 40 -1.94 33.41 -85.78
C PRO M 40 -1.98 31.90 -85.85
N ALA M 41 -2.99 31.31 -86.50
CA ALA M 41 -3.11 29.85 -86.53
C ALA M 41 -2.13 29.21 -87.49
N THR M 42 -1.72 29.93 -88.54
CA THR M 42 -0.80 29.36 -89.51
C THR M 42 0.57 29.13 -88.89
N ARG M 43 1.36 28.28 -89.55
CA ARG M 43 2.70 27.97 -89.08
C ARG M 43 3.72 28.93 -89.71
N VAL M 44 4.95 28.88 -89.18
CA VAL M 44 5.99 29.77 -89.67
C VAL M 44 6.36 29.42 -91.10
N LYS M 45 6.49 28.14 -91.41
CA LYS M 45 6.83 27.71 -92.77
C LYS M 45 5.74 28.01 -93.77
N ASP M 46 4.56 28.46 -93.33
CA ASP M 46 3.46 28.81 -94.20
C ASP M 46 3.27 30.31 -94.35
N LEU M 47 4.28 31.10 -93.96
CA LEU M 47 4.17 32.55 -93.99
C LEU M 47 4.65 33.11 -95.32
N THR M 48 3.88 34.05 -95.85
CA THR M 48 4.25 34.72 -97.09
C THR M 48 5.43 35.64 -96.86
N GLU M 49 6.31 35.76 -97.87
CA GLU M 49 7.43 36.68 -97.78
C GLU M 49 6.94 38.10 -97.53
N ALA M 50 5.82 38.47 -98.14
CA ALA M 50 5.24 39.79 -97.87
C ALA M 50 4.78 39.91 -96.44
N GLU M 51 4.20 38.85 -95.87
CA GLU M 51 3.80 38.89 -94.47
C GLU M 51 5.02 38.96 -93.55
N VAL M 52 6.10 38.27 -93.91
CA VAL M 52 7.33 38.36 -93.13
C VAL M 52 7.88 39.78 -93.16
N VAL M 53 7.86 40.40 -94.34
CA VAL M 53 8.34 41.79 -94.47
C VAL M 53 7.46 42.73 -93.66
N ARG M 54 6.14 42.49 -93.65
CA ARG M 54 5.23 43.34 -92.91
C ARG M 54 5.47 43.23 -91.40
N LEU M 55 5.54 41.99 -90.89
CA LEU M 55 5.80 41.79 -89.47
C LEU M 55 7.17 42.34 -89.08
N ARG M 56 8.15 42.23 -89.98
CA ARG M 56 9.47 42.80 -89.70
C ARG M 56 9.39 44.32 -89.62
N GLU M 57 8.71 44.96 -90.59
CA GLU M 57 8.57 46.40 -90.58
C GLU M 57 7.89 46.88 -89.29
N TYR M 58 6.88 46.15 -88.83
CA TYR M 58 6.19 46.56 -87.61
C TYR M 58 7.08 46.34 -86.38
N VAL M 59 7.46 45.08 -86.14
CA VAL M 59 8.11 44.72 -84.87
C VAL M 59 9.51 45.33 -84.75
N GLU M 60 10.22 45.50 -85.87
CA GLU M 60 11.58 46.00 -85.82
C GLU M 60 11.67 47.31 -85.07
N ASN M 61 10.81 48.28 -85.40
CA ASN M 61 10.73 49.54 -84.67
C ASN M 61 9.28 49.81 -84.30
N THR M 62 8.81 49.15 -83.26
CA THR M 62 7.61 49.52 -82.53
C THR M 62 7.84 49.58 -81.02
N TRP M 63 8.69 48.69 -80.50
CA TRP M 63 9.09 48.71 -79.10
C TRP M 63 10.60 48.54 -79.00
N LYS M 64 11.12 48.35 -77.79
CA LYS M 64 12.53 48.10 -77.60
C LYS M 64 12.79 46.60 -77.58
N LEU M 65 13.86 46.18 -78.26
CA LEU M 65 14.11 44.75 -78.45
C LEU M 65 15.46 44.28 -77.94
N GLU M 66 15.84 43.05 -78.29
CA GLU M 66 16.83 42.26 -77.55
C GLU M 66 18.05 43.05 -77.08
N GLY M 67 18.82 43.58 -78.03
CA GLY M 67 20.04 44.28 -77.67
C GLY M 67 19.75 45.51 -76.84
N GLU M 68 18.90 46.39 -77.37
CA GLU M 68 18.55 47.61 -76.67
C GLU M 68 17.85 47.32 -75.35
N LEU M 69 17.03 46.26 -75.31
CA LEU M 69 16.29 45.93 -74.08
C LEU M 69 17.23 45.46 -72.99
N ARG M 70 18.12 44.51 -73.30
CA ARG M 70 19.07 44.05 -72.31
C ARG M 70 20.00 45.18 -71.88
N ALA M 71 20.43 46.02 -72.83
CA ALA M 71 21.28 47.15 -72.48
C ALA M 71 20.55 48.12 -71.56
N GLU M 72 19.25 48.34 -71.79
CA GLU M 72 18.50 49.27 -70.96
C GLU M 72 18.27 48.71 -69.57
N VAL M 73 18.02 47.41 -69.46
CA VAL M 73 17.87 46.80 -68.14
C VAL M 73 19.19 46.86 -67.37
N ALA M 74 20.29 46.55 -68.05
CA ALA M 74 21.60 46.66 -67.41
C ALA M 74 21.88 48.09 -67.00
N ALA M 75 21.48 49.07 -67.83
CA ALA M 75 21.71 50.47 -67.49
C ALA M 75 20.85 50.91 -66.32
N ASN M 76 19.62 50.39 -66.24
CA ASN M 76 18.75 50.71 -65.10
C ASN M 76 19.34 50.18 -63.80
N ILE M 77 19.78 48.93 -63.81
CA ILE M 77 20.38 48.36 -62.60
C ILE M 77 21.68 49.07 -62.26
N LYS M 78 22.48 49.41 -63.28
CA LYS M 78 23.73 50.13 -63.05
C LYS M 78 23.48 51.52 -62.49
N ARG M 79 22.40 52.17 -62.94
CA ARG M 79 22.05 53.48 -62.39
C ARG M 79 21.58 53.36 -60.94
N LEU M 80 20.78 52.34 -60.65
CA LEU M 80 20.35 52.12 -59.27
C LEU M 80 21.54 51.83 -58.36
N MET M 81 22.58 51.17 -58.88
CA MET M 81 23.75 50.89 -58.05
C MET M 81 24.65 52.12 -57.92
N ASP M 82 24.82 52.88 -59.00
CA ASP M 82 25.77 54.00 -58.99
C ASP M 82 25.27 55.14 -58.12
N ILE M 83 23.94 55.29 -57.98
CA ILE M 83 23.39 56.36 -57.14
C ILE M 83 23.43 56.00 -55.67
N GLY M 84 23.89 54.81 -55.30
CA GLY M 84 23.91 54.41 -53.91
C GLY M 84 22.55 54.13 -53.33
N CYS M 85 21.56 53.80 -54.16
CA CYS M 85 20.21 53.55 -53.68
C CYS M 85 20.15 52.23 -52.91
N TYR M 86 19.05 52.05 -52.17
CA TYR M 86 18.84 50.81 -51.45
C TYR M 86 18.67 49.64 -52.42
N ARG M 87 17.92 49.86 -53.51
CA ARG M 87 17.78 48.82 -54.52
C ARG M 87 19.13 48.48 -55.15
N GLY M 88 19.98 49.49 -55.35
CA GLY M 88 21.32 49.23 -55.84
C GLY M 88 22.13 48.38 -54.88
N LEU M 89 21.95 48.60 -53.57
CA LEU M 89 22.61 47.75 -52.59
C LEU M 89 22.08 46.32 -52.64
N ARG M 90 20.76 46.16 -52.77
CA ARG M 90 20.19 44.82 -52.85
C ARG M 90 20.68 44.08 -54.09
N HIS M 91 20.83 44.79 -55.21
CA HIS M 91 21.40 44.19 -56.40
C HIS M 91 22.89 43.93 -56.23
N ARG M 92 23.55 44.70 -55.37
CA ARG M 92 24.99 44.53 -55.18
C ARG M 92 25.30 43.27 -54.39
N ARG M 93 24.46 42.93 -53.42
CA ARG M 93 24.65 41.75 -52.59
C ARG M 93 23.97 40.52 -53.15
N GLY M 94 23.11 40.66 -54.15
CA GLY M 94 22.37 39.53 -54.69
C GLY M 94 21.25 39.10 -53.79
N LEU M 95 20.41 40.04 -53.38
CA LEU M 95 19.32 39.83 -52.45
C LEU M 95 18.02 40.31 -53.08
N PRO M 96 16.87 39.85 -52.56
CA PRO M 96 15.59 40.34 -53.10
C PRO M 96 15.46 41.84 -52.95
N VAL M 97 14.84 42.46 -53.96
CA VAL M 97 14.72 43.90 -54.02
C VAL M 97 13.31 44.39 -53.74
N ARG M 98 12.28 43.59 -53.99
CA ARG M 98 10.89 44.03 -53.92
C ARG M 98 10.25 43.75 -52.56
N GLY M 99 11.03 43.76 -51.49
CA GLY M 99 10.46 43.67 -50.15
C GLY M 99 10.12 42.28 -49.69
N GLN M 100 10.95 41.29 -50.00
CA GLN M 100 10.75 39.93 -49.55
C GLN M 100 11.60 39.65 -48.31
N ARG M 101 11.34 38.52 -47.67
CA ARG M 101 12.08 38.10 -46.50
C ARG M 101 13.31 37.29 -46.92
N THR M 102 14.33 37.31 -46.07
CA THR M 102 15.58 36.61 -46.34
C THR M 102 15.96 35.58 -45.28
N ARG M 103 15.25 35.53 -44.15
CA ARG M 103 15.47 34.50 -43.14
C ARG M 103 15.09 33.11 -43.62
N THR M 104 14.60 33.00 -44.85
CA THR M 104 13.99 31.78 -45.38
C THR M 104 14.20 31.75 -46.89
N ASN M 105 13.31 31.06 -47.60
CA ASN M 105 13.33 31.01 -49.06
C ASN M 105 13.20 32.41 -49.64
N ALA M 106 13.13 32.51 -50.98
CA ALA M 106 13.75 33.55 -51.80
C ALA M 106 15.21 33.18 -52.02
N ARG M 107 15.48 31.87 -52.08
CA ARG M 107 16.79 31.37 -52.48
C ARG M 107 17.08 31.59 -53.96
N THR M 108 16.05 31.83 -54.78
CA THR M 108 16.29 32.02 -56.21
C THR M 108 17.11 33.27 -56.50
N ARG M 109 17.21 34.18 -55.54
CA ARG M 109 18.07 35.35 -55.69
C ARG M 109 19.44 35.12 -55.07
N LYS M 110 19.53 34.25 -54.07
CA LYS M 110 20.80 33.93 -53.40
C LYS M 110 21.54 32.78 -54.06
N GLY M 111 21.00 32.20 -55.13
CA GLY M 111 21.64 31.11 -55.82
C GLY M 111 21.45 29.79 -55.11
N PRO M 112 22.49 28.95 -55.11
CA PRO M 112 22.40 27.66 -54.41
C PRO M 112 22.36 27.82 -52.90
N ARG M 113 22.24 26.70 -52.18
CA ARG M 113 22.14 26.71 -50.73
C ARG M 113 23.51 26.39 -50.14
N LYS M 114 24.15 27.40 -49.54
CA LYS M 114 25.49 27.26 -48.98
C LYS M 114 25.37 27.00 -47.48
N THR M 115 25.16 25.73 -47.15
CA THR M 115 24.96 25.35 -45.75
C THR M 115 26.26 25.48 -44.96
N VAL M 116 26.14 25.91 -43.71
CA VAL M 116 27.27 26.07 -42.82
C VAL M 116 26.97 25.33 -41.51
N ALA M 117 27.89 25.42 -40.56
CA ALA M 117 27.75 24.75 -39.28
C ALA M 117 26.73 25.47 -38.41
N GLY M 118 26.33 24.79 -37.34
CA GLY M 118 25.35 25.34 -36.40
C GLY M 118 24.93 24.36 -35.34
N ALA N 1 -2.73 45.62 -21.10
CA ALA N 1 -3.60 46.80 -21.06
C ALA N 1 -3.04 47.86 -20.13
N ARG N 2 -2.00 48.56 -20.58
CA ARG N 2 -1.41 49.63 -19.78
C ARG N 2 -2.34 50.83 -19.72
N LYS N 3 -2.30 51.53 -18.59
CA LYS N 3 -3.20 52.66 -18.38
C LYS N 3 -2.97 53.77 -19.40
N ALA N 4 -1.70 54.02 -19.74
CA ALA N 4 -1.38 55.07 -20.71
C ALA N 4 -2.05 54.79 -22.06
N LEU N 5 -2.03 53.53 -22.51
CA LEU N 5 -2.66 53.18 -23.77
C LEU N 5 -4.17 53.36 -23.73
N ILE N 6 -4.76 53.45 -22.54
CA ILE N 6 -6.19 53.77 -22.43
C ILE N 6 -6.49 55.16 -22.96
N GLU N 7 -5.47 55.96 -23.27
CA GLU N 7 -5.66 57.20 -24.01
C GLU N 7 -6.12 56.96 -25.45
N LYS N 8 -6.28 55.70 -25.85
CA LYS N 8 -6.79 55.39 -27.19
C LYS N 8 -8.06 56.19 -27.49
N ALA N 9 -9.01 56.19 -26.56
CA ALA N 9 -10.18 57.02 -26.70
C ALA N 9 -9.75 58.48 -26.71
N LYS N 10 -9.87 59.13 -27.86
CA LYS N 10 -9.31 60.47 -28.05
C LYS N 10 -10.08 61.16 -29.15
N ARG N 11 -10.66 62.31 -28.83
CA ARG N 11 -11.34 63.12 -29.86
C ARG N 11 -10.36 63.71 -30.85
N THR N 12 -9.07 63.74 -30.53
CA THR N 12 -8.02 64.25 -31.42
C THR N 12 -6.89 63.24 -31.51
N PRO N 13 -7.09 62.13 -32.23
CA PRO N 13 -6.00 61.19 -32.46
C PRO N 13 -4.97 61.69 -33.47
N LYS N 14 -5.16 62.89 -34.02
CA LYS N 14 -4.26 63.59 -34.93
C LYS N 14 -4.25 62.95 -36.31
N PHE N 15 -4.89 61.80 -36.46
CA PHE N 15 -4.99 61.10 -37.73
C PHE N 15 -6.12 60.09 -37.65
N LYS N 16 -6.70 59.77 -38.80
CA LYS N 16 -7.77 58.77 -38.86
C LYS N 16 -7.21 57.35 -38.78
N VAL N 17 -6.05 57.11 -39.39
CA VAL N 17 -5.48 55.76 -39.40
C VAL N 17 -4.97 55.38 -38.02
N ARG N 18 -4.44 56.34 -37.25
CA ARG N 18 -3.94 56.03 -35.92
C ARG N 18 -5.04 55.62 -34.95
N ALA N 19 -6.29 55.92 -35.28
CA ALA N 19 -7.43 55.58 -34.43
C ALA N 19 -7.77 54.11 -34.61
N TYR N 20 -7.38 53.29 -33.63
CA TYR N 20 -7.72 51.87 -33.60
C TYR N 20 -8.77 51.63 -32.52
N THR N 21 -9.12 50.36 -32.34
CA THR N 21 -10.15 49.97 -31.39
C THR N 21 -9.55 49.10 -30.29
N ARG N 22 -10.10 49.22 -29.09
CA ARG N 22 -9.67 48.44 -27.93
C ARG N 22 -10.89 47.84 -27.24
N CYS N 23 -10.61 46.91 -26.34
CA CYS N 23 -11.65 46.33 -25.51
C CYS N 23 -12.02 47.30 -24.40
N VAL N 24 -13.31 47.64 -24.31
CA VAL N 24 -13.73 48.64 -23.34
C VAL N 24 -13.65 48.11 -21.92
N ARG N 25 -13.79 46.78 -21.74
CA ARG N 25 -13.82 46.23 -20.40
C ARG N 25 -12.42 46.03 -19.83
N CYS N 26 -11.60 45.21 -20.49
CA CYS N 26 -10.29 44.87 -19.97
C CYS N 26 -9.15 45.67 -20.58
N GLY N 27 -9.40 46.43 -21.66
CA GLY N 27 -8.36 47.21 -22.27
C GLY N 27 -7.52 46.47 -23.28
N ARG N 28 -8.00 45.34 -23.80
CA ARG N 28 -7.25 44.57 -24.77
C ARG N 28 -7.12 45.34 -26.09
N ALA N 29 -6.05 45.05 -26.83
CA ALA N 29 -5.78 45.69 -28.11
C ALA N 29 -6.10 44.79 -29.30
N ARG N 30 -5.73 43.53 -29.25
CA ARG N 30 -5.97 42.59 -30.35
C ARG N 30 -7.23 41.77 -30.09
N SER N 31 -7.74 41.18 -31.18
CA SER N 31 -8.95 40.35 -31.13
C SER N 31 -10.12 41.12 -30.52
N VAL N 32 -10.27 42.38 -30.94
CA VAL N 32 -11.31 43.25 -30.42
C VAL N 32 -12.48 43.22 -31.39
N TYR N 33 -13.55 42.53 -31.01
CA TYR N 33 -14.74 42.45 -31.86
C TYR N 33 -15.44 43.79 -31.91
N ARG N 34 -15.76 44.23 -33.14
CA ARG N 34 -16.36 45.55 -33.32
C ARG N 34 -17.84 45.56 -32.97
N PHE N 35 -18.53 44.42 -33.11
CA PHE N 35 -19.95 44.37 -32.83
C PHE N 35 -20.22 44.61 -31.34
N PHE N 36 -19.46 43.96 -30.47
CA PHE N 36 -19.64 44.12 -29.03
C PHE N 36 -18.73 45.19 -28.44
N GLY N 37 -17.66 45.58 -29.13
CA GLY N 37 -16.68 46.48 -28.59
C GLY N 37 -15.76 45.87 -27.55
N LEU N 38 -15.87 44.57 -27.29
CA LEU N 38 -15.05 43.88 -26.32
C LEU N 38 -13.95 43.09 -27.03
N CYS N 39 -13.11 42.44 -26.23
CA CYS N 39 -12.12 41.50 -26.75
C CYS N 39 -12.77 40.12 -26.87
N ARG N 40 -11.96 39.09 -27.09
CA ARG N 40 -12.51 37.75 -27.15
C ARG N 40 -12.74 37.17 -25.75
N ILE N 41 -11.83 37.48 -24.81
CA ILE N 41 -11.93 36.92 -23.47
C ILE N 41 -13.12 37.51 -22.73
N CYS N 42 -13.26 38.84 -22.77
CA CYS N 42 -14.41 39.48 -22.15
C CYS N 42 -15.71 39.07 -22.84
N LEU N 43 -15.66 38.86 -24.16
CA LEU N 43 -16.82 38.34 -24.87
C LEU N 43 -17.25 36.99 -24.31
N ARG N 44 -16.30 36.06 -24.19
CA ARG N 44 -16.61 34.74 -23.67
C ARG N 44 -17.14 34.82 -22.24
N GLU N 45 -16.52 35.65 -21.41
CA GLU N 45 -16.93 35.74 -20.01
C GLU N 45 -18.34 36.30 -19.88
N LEU N 46 -18.62 37.44 -20.53
CA LEU N 46 -19.94 38.03 -20.43
C LEU N 46 -21.01 37.21 -21.15
N ALA N 47 -20.62 36.38 -22.13
CA ALA N 47 -21.58 35.47 -22.73
C ALA N 47 -21.91 34.32 -21.79
N HIS N 48 -20.91 33.82 -21.07
CA HIS N 48 -21.17 32.79 -20.07
C HIS N 48 -22.01 33.34 -18.92
N LYS N 49 -21.81 34.60 -18.55
CA LYS N 49 -22.61 35.20 -17.49
C LYS N 49 -24.02 35.58 -17.94
N GLY N 50 -24.33 35.42 -19.23
CA GLY N 50 -25.65 35.72 -19.72
C GLY N 50 -25.99 37.19 -19.85
N GLN N 51 -25.00 38.07 -19.74
CA GLN N 51 -25.24 39.51 -19.85
C GLN N 51 -25.34 39.98 -21.28
N LEU N 52 -25.22 39.08 -22.26
CA LEU N 52 -25.35 39.44 -23.67
C LEU N 52 -26.67 38.93 -24.20
N PRO N 53 -27.66 39.79 -24.45
CA PRO N 53 -28.97 39.31 -24.90
C PRO N 53 -28.88 38.58 -26.23
N GLY N 54 -29.59 37.46 -26.32
CA GLY N 54 -29.66 36.67 -27.53
C GLY N 54 -28.46 35.81 -27.84
N VAL N 55 -27.34 35.99 -27.12
CA VAL N 55 -26.14 35.21 -27.39
C VAL N 55 -26.33 33.81 -26.82
N ARG N 56 -26.14 32.80 -27.67
CA ARG N 56 -26.35 31.41 -27.30
C ARG N 56 -25.23 30.58 -27.91
N LYS N 57 -24.99 29.41 -27.30
CA LYS N 57 -23.96 28.51 -27.79
C LYS N 57 -24.39 27.89 -29.11
N ALA N 58 -23.46 27.82 -30.05
CA ALA N 58 -23.72 27.28 -31.37
C ALA N 58 -23.34 25.80 -31.44
N SER N 59 -24.22 25.01 -32.03
CA SER N 59 -23.98 23.56 -32.17
C SER N 59 -24.83 23.06 -33.33
N TRP N 60 -24.18 22.49 -34.34
CA TRP N 60 -24.89 21.99 -35.51
C TRP N 60 -24.08 20.93 -36.24
N PRO O 1 24.02 -65.09 8.48
CA PRO O 1 23.20 -64.34 9.43
C PRO O 1 23.21 -64.95 10.82
N ILE O 2 22.08 -64.87 11.52
CA ILE O 2 21.92 -65.42 12.86
C ILE O 2 20.65 -66.24 12.85
N THR O 3 20.79 -67.57 12.75
CA THR O 3 19.63 -68.44 12.68
C THR O 3 18.95 -68.54 14.05
N LYS O 4 17.77 -69.17 14.05
CA LYS O 4 16.99 -69.28 15.28
C LYS O 4 17.61 -70.28 16.25
N GLU O 5 18.30 -71.30 15.74
CA GLU O 5 18.89 -72.31 16.62
C GLU O 5 20.00 -71.72 17.47
N GLU O 6 20.88 -70.90 16.87
CA GLU O 6 21.94 -70.26 17.65
C GLU O 6 21.36 -69.29 18.67
N LYS O 7 20.30 -68.58 18.28
CA LYS O 7 19.65 -67.63 19.19
C LYS O 7 19.07 -68.36 20.39
N GLN O 8 18.34 -69.45 20.15
CA GLN O 8 17.80 -70.24 21.25
C GLN O 8 18.91 -70.87 22.09
N LYS O 9 20.01 -71.26 21.45
CA LYS O 9 21.13 -71.83 22.19
C LYS O 9 21.70 -70.82 23.18
N VAL O 10 21.99 -69.61 22.72
CA VAL O 10 22.57 -68.62 23.62
C VAL O 10 21.54 -68.18 24.66
N ILE O 11 20.25 -68.13 24.29
CA ILE O 11 19.22 -67.74 25.26
C ILE O 11 19.14 -68.75 26.38
N GLN O 12 19.02 -70.04 26.02
CA GLN O 12 18.96 -71.10 27.03
C GLN O 12 20.28 -71.23 27.81
N GLU O 13 21.39 -70.80 27.22
CA GLU O 13 22.67 -70.84 27.93
C GLU O 13 22.76 -69.74 28.98
N PHE O 14 22.25 -68.54 28.66
CA PHE O 14 22.33 -67.41 29.57
C PHE O 14 21.01 -67.13 30.28
N ALA O 15 20.09 -68.08 30.27
CA ALA O 15 18.80 -67.87 30.92
C ALA O 15 18.96 -67.99 32.44
N ARG O 16 18.39 -67.02 33.17
CA ARG O 16 18.39 -67.08 34.62
C ARG O 16 17.56 -68.25 35.12
N PHE O 17 16.55 -68.66 34.34
CA PHE O 17 15.66 -69.76 34.71
C PHE O 17 14.94 -70.22 33.45
N PRO O 18 14.42 -71.44 33.45
CA PRO O 18 13.68 -71.92 32.26
C PRO O 18 12.47 -71.04 31.99
N GLY O 19 12.46 -70.45 30.79
CA GLY O 19 11.42 -69.52 30.38
C GLY O 19 11.88 -68.08 30.28
N ASP O 20 13.01 -67.74 30.91
CA ASP O 20 13.52 -66.37 30.86
C ASP O 20 14.07 -66.07 29.48
N THR O 21 13.55 -65.03 28.84
CA THR O 21 14.00 -64.63 27.52
C THR O 21 14.35 -63.15 27.41
N GLY O 22 14.30 -62.39 28.51
CA GLY O 22 14.53 -60.97 28.44
C GLY O 22 15.31 -60.38 29.58
N SER O 23 15.97 -61.23 30.38
CA SER O 23 16.78 -60.73 31.48
C SER O 23 17.99 -59.97 30.96
N THR O 24 18.67 -59.27 31.88
CA THR O 24 19.83 -58.47 31.48
C THR O 24 20.95 -59.34 30.91
N GLU O 25 21.18 -60.50 31.52
CA GLU O 25 22.24 -61.39 31.04
C GLU O 25 21.96 -61.87 29.62
N VAL O 26 20.71 -62.24 29.33
CA VAL O 26 20.36 -62.71 28.00
C VAL O 26 20.54 -61.60 26.98
N GLN O 27 20.08 -60.38 27.31
CA GLN O 27 20.23 -59.27 26.39
C GLN O 27 21.69 -58.96 26.12
N VAL O 28 22.52 -58.98 27.17
CA VAL O 28 23.94 -58.69 27.00
C VAL O 28 24.61 -59.77 26.16
N ALA O 29 24.24 -61.04 26.37
CA ALA O 29 24.82 -62.12 25.57
C ALA O 29 24.43 -61.99 24.10
N LEU O 30 23.15 -61.68 23.83
CA LEU O 30 22.72 -61.51 22.45
C LEU O 30 23.41 -60.33 21.79
N LEU O 31 23.53 -59.22 22.50
CA LEU O 31 24.24 -58.06 21.97
C LEU O 31 25.70 -58.38 21.72
N THR O 32 26.32 -59.19 22.60
CA THR O 32 27.71 -59.57 22.40
C THR O 32 27.87 -60.44 21.16
N LEU O 33 26.95 -61.38 20.95
CA LEU O 33 27.00 -62.21 19.75
C LEU O 33 26.87 -61.34 18.50
N ARG O 34 25.89 -60.41 18.51
CA ARG O 34 25.71 -59.53 17.35
C ARG O 34 26.93 -58.64 17.14
N ILE O 35 27.56 -58.18 18.23
CA ILE O 35 28.72 -57.31 18.11
C ILE O 35 29.90 -58.07 17.53
N ASN O 36 30.13 -59.30 17.98
CA ASN O 36 31.20 -60.11 17.42
C ASN O 36 30.95 -60.40 15.94
N ARG O 37 29.69 -60.70 15.59
CA ARG O 37 29.37 -60.95 14.19
C ARG O 37 29.61 -59.71 13.33
N LEU O 38 29.20 -58.53 13.83
CA LEU O 38 29.41 -57.31 13.07
C LEU O 38 30.88 -56.93 12.99
N SER O 39 31.66 -57.22 14.03
CA SER O 39 33.09 -56.95 13.97
C SER O 39 33.78 -57.85 12.95
N GLU O 40 33.38 -59.13 12.91
CA GLU O 40 33.91 -60.03 11.89
C GLU O 40 33.47 -59.59 10.50
N HIS O 41 32.28 -58.99 10.39
CA HIS O 41 31.82 -58.47 9.10
C HIS O 41 32.55 -57.19 8.72
N LEU O 42 33.01 -56.42 9.70
CA LEU O 42 33.65 -55.13 9.44
C LEU O 42 35.16 -55.21 9.33
N LYS O 43 35.77 -56.33 9.72
CA LYS O 43 37.19 -56.52 9.41
C LYS O 43 37.41 -56.48 7.90
N VAL O 44 36.68 -57.30 7.16
CA VAL O 44 36.54 -57.14 5.71
C VAL O 44 35.46 -56.08 5.50
N HIS O 45 35.32 -55.58 4.29
CA HIS O 45 34.30 -54.56 3.98
C HIS O 45 34.42 -53.36 4.91
N LYS O 46 35.66 -52.96 5.20
CA LYS O 46 35.90 -51.88 6.14
C LYS O 46 35.39 -50.53 5.67
N LYS O 47 34.91 -50.44 4.42
CA LYS O 47 34.36 -49.19 3.89
C LYS O 47 32.87 -49.03 4.19
N ASP O 48 32.28 -49.95 4.95
CA ASP O 48 30.87 -49.88 5.31
C ASP O 48 30.74 -49.13 6.63
N HIS O 49 30.14 -47.95 6.59
CA HIS O 49 29.97 -47.12 7.78
C HIS O 49 28.56 -47.13 8.34
N HIS O 50 27.55 -47.37 7.50
CA HIS O 50 26.18 -47.43 7.98
C HIS O 50 25.98 -48.58 8.96
N SER O 51 26.70 -49.68 8.77
CA SER O 51 26.68 -50.76 9.75
C SER O 51 27.60 -50.45 10.93
N HIS O 52 28.64 -49.65 10.70
CA HIS O 52 29.50 -49.21 11.80
C HIS O 52 28.70 -48.40 12.82
N ARG O 53 27.75 -47.59 12.34
CA ARG O 53 26.90 -46.84 13.26
C ARG O 53 26.04 -47.77 14.10
N GLY O 54 25.47 -48.81 13.48
CA GLY O 54 24.71 -49.79 14.25
C GLY O 54 25.57 -50.52 15.26
N LEU O 55 26.82 -50.79 14.88
CA LEU O 55 27.76 -51.39 15.84
C LEU O 55 27.98 -50.47 17.03
N LEU O 56 28.17 -49.18 16.77
CA LEU O 56 28.31 -48.22 17.87
C LEU O 56 27.08 -48.22 18.78
N MET O 57 25.88 -48.25 18.18
CA MET O 57 24.67 -48.23 18.98
C MET O 57 24.54 -49.49 19.82
N MET O 58 24.88 -50.65 19.25
CA MET O 58 24.83 -51.90 20.02
C MET O 58 25.83 -51.88 21.16
N VAL O 59 27.03 -51.35 20.92
CA VAL O 59 28.04 -51.24 21.98
C VAL O 59 27.52 -50.35 23.09
N GLY O 60 26.91 -49.22 22.74
CA GLY O 60 26.35 -48.34 23.76
C GLY O 60 25.25 -49.00 24.58
N GLN O 61 24.36 -49.73 23.90
CA GLN O 61 23.29 -50.42 24.62
C GLN O 61 23.86 -51.48 25.57
N ARG O 62 24.83 -52.26 25.10
CA ARG O 62 25.43 -53.28 25.96
C ARG O 62 26.14 -52.64 27.15
N ARG O 63 26.82 -51.50 26.92
CA ARG O 63 27.48 -50.82 28.03
C ARG O 63 26.47 -50.31 29.05
N ARG O 64 25.33 -49.80 28.59
CA ARG O 64 24.33 -49.32 29.54
C ARG O 64 23.73 -50.48 30.34
N LEU O 65 23.47 -51.61 29.68
CA LEU O 65 22.95 -52.76 30.42
C LEU O 65 23.97 -53.29 31.43
N LEU O 66 25.25 -53.34 31.04
CA LEU O 66 26.28 -53.76 31.97
C LEU O 66 26.42 -52.79 33.13
N ARG O 67 26.21 -51.49 32.88
CA ARG O 67 26.26 -50.51 33.96
C ARG O 67 25.10 -50.71 34.93
N TYR O 68 23.91 -51.01 34.40
CA TYR O 68 22.78 -51.32 35.29
C TYR O 68 23.07 -52.56 36.14
N LEU O 69 23.62 -53.61 35.52
CA LEU O 69 23.95 -54.80 36.29
C LEU O 69 25.02 -54.50 37.34
N GLN O 70 26.00 -53.67 36.99
CA GLN O 70 27.02 -53.26 37.95
C GLN O 70 26.39 -52.53 39.13
N ARG O 71 25.41 -51.68 38.86
CA ARG O 71 24.76 -50.94 39.94
C ARG O 71 23.96 -51.87 40.85
N GLU O 72 23.17 -52.77 40.27
CA GLU O 72 22.27 -53.57 41.08
C GLU O 72 22.98 -54.73 41.76
N ASP O 73 23.55 -55.65 40.98
CA ASP O 73 24.18 -56.86 41.52
C ASP O 73 25.55 -57.02 40.90
N PRO O 74 26.63 -56.64 41.60
CA PRO O 74 27.97 -56.79 41.02
C PRO O 74 28.42 -58.24 40.88
N GLU O 75 27.83 -59.17 41.63
CA GLU O 75 28.24 -60.57 41.52
C GLU O 75 27.85 -61.14 40.16
N ARG O 76 26.59 -60.97 39.76
CA ARG O 76 26.17 -61.43 38.45
C ARG O 76 26.86 -60.65 37.34
N TYR O 77 27.23 -59.39 37.61
CA TYR O 77 27.99 -58.61 36.64
C TYR O 77 29.36 -59.24 36.39
N ARG O 78 30.10 -59.55 37.47
CA ARG O 78 31.39 -60.20 37.32
C ARG O 78 31.24 -61.58 36.68
N ALA O 79 30.18 -62.31 37.04
CA ALA O 79 29.98 -63.64 36.45
C ALA O 79 29.72 -63.54 34.96
N LEU O 80 28.91 -62.55 34.55
CA LEU O 80 28.64 -62.35 33.12
C LEU O 80 29.92 -61.99 32.38
N ILE O 81 30.72 -61.09 32.95
CA ILE O 81 31.97 -60.71 32.28
C ILE O 81 32.92 -61.89 32.19
N GLU O 82 32.95 -62.73 33.23
CA GLU O 82 33.83 -63.90 33.20
C GLU O 82 33.35 -64.93 32.19
N LYS O 83 32.03 -65.08 32.03
CA LYS O 83 31.51 -66.06 31.09
C LYS O 83 31.66 -65.59 29.65
N LEU O 84 31.48 -64.29 29.40
CA LEU O 84 31.58 -63.76 28.05
C LEU O 84 32.97 -63.28 27.68
N GLY O 85 33.81 -62.94 28.67
CA GLY O 85 35.13 -62.44 28.37
C GLY O 85 35.12 -61.06 27.75
N ILE O 86 34.66 -60.06 28.51
CA ILE O 86 34.53 -58.70 28.01
C ILE O 86 35.50 -57.80 28.77
N ARG O 87 35.53 -56.51 28.40
CA ARG O 87 36.38 -55.51 29.04
C ARG O 87 37.87 -55.85 28.89
N GLY O 88 38.22 -56.47 27.77
CA GLY O 88 39.60 -56.84 27.51
C GLY O 88 40.01 -58.14 28.17
N MET P 1 44.24 1.09 78.59
CA MET P 1 43.18 0.78 79.54
C MET P 1 41.82 1.20 78.99
N VAL P 2 40.76 0.59 79.51
CA VAL P 2 39.40 0.96 79.13
C VAL P 2 38.98 2.16 79.96
N LYS P 3 38.42 3.17 79.31
CA LYS P 3 38.05 4.42 79.96
C LYS P 3 36.63 4.82 79.60
N ILE P 4 36.01 5.56 80.52
CA ILE P 4 34.69 6.14 80.32
C ILE P 4 34.88 7.62 80.01
N ARG P 5 34.50 8.04 78.81
CA ARG P 5 34.75 9.40 78.37
C ARG P 5 33.57 9.88 77.53
N LEU P 6 33.64 11.14 77.10
CA LEU P 6 32.60 11.76 76.31
C LEU P 6 32.97 11.74 74.84
N ALA P 7 31.99 11.48 73.98
CA ALA P 7 32.16 11.51 72.54
C ALA P 7 31.28 12.60 71.95
N ARG P 8 31.84 13.40 71.04
CA ARG P 8 31.12 14.53 70.47
C ARG P 8 30.34 14.07 69.25
N PHE P 9 29.01 14.28 69.27
CA PHE P 9 28.14 13.89 68.17
C PHE P 9 27.29 15.01 67.61
N GLY P 10 27.28 16.19 68.22
CA GLY P 10 26.52 17.30 67.70
C GLY P 10 27.19 17.96 66.50
N SER P 11 26.51 18.98 65.98
CA SER P 11 27.00 19.72 64.83
C SER P 11 27.89 20.87 65.31
N LYS P 12 28.30 21.74 64.38
CA LYS P 12 29.15 22.88 64.73
C LYS P 12 28.37 23.85 65.60
N HIS P 13 29.00 24.32 66.67
CA HIS P 13 28.42 25.22 67.67
C HIS P 13 27.22 24.61 68.39
N ASN P 14 26.95 23.32 68.17
CA ASN P 14 25.84 22.60 68.82
C ASN P 14 26.39 21.31 69.39
N PRO P 15 27.08 21.37 70.53
CA PRO P 15 27.71 20.17 71.08
C PRO P 15 26.71 19.26 71.79
N HIS P 16 26.83 17.97 71.50
CA HIS P 16 26.05 16.93 72.18
C HIS P 16 26.97 15.75 72.43
N TYR P 17 27.08 15.35 73.70
CA TYR P 17 28.06 14.34 74.10
C TYR P 17 27.37 13.03 74.46
N ARG P 18 28.04 11.93 74.14
CA ARG P 18 27.64 10.59 74.57
C ARG P 18 28.64 10.11 75.60
N ILE P 19 28.16 9.86 76.82
CA ILE P 19 28.95 9.24 77.86
C ILE P 19 29.13 7.77 77.50
N VAL P 20 30.36 7.37 77.18
CA VAL P 20 30.63 6.15 76.46
C VAL P 20 31.84 5.45 77.06
N VAL P 21 31.81 4.12 77.02
CA VAL P 21 32.91 3.28 77.49
C VAL P 21 33.66 2.76 76.28
N THR P 22 34.97 3.00 76.24
CA THR P 22 35.77 2.59 75.09
C THR P 22 37.24 2.53 75.48
N ASP P 23 38.04 1.96 74.59
CA ASP P 23 39.48 1.92 74.81
C ASP P 23 40.08 3.30 74.57
N ALA P 24 41.06 3.67 75.40
CA ALA P 24 41.68 4.98 75.28
C ALA P 24 42.52 5.11 74.02
N ARG P 25 43.02 4.01 73.48
CA ARG P 25 43.86 4.08 72.29
C ARG P 25 43.07 4.42 71.03
N ARG P 26 41.77 4.14 71.01
CA ARG P 26 40.96 4.49 69.87
C ARG P 26 40.55 5.96 69.93
N LYS P 27 40.19 6.51 68.77
CA LYS P 27 39.79 7.91 68.69
C LYS P 27 38.52 8.16 69.51
N ARG P 28 38.29 9.43 69.84
CA ARG P 28 37.17 9.77 70.70
C ARG P 28 35.82 9.60 70.02
N ASP P 29 35.78 9.59 68.68
CA ASP P 29 34.55 9.40 67.93
C ASP P 29 34.50 8.05 67.22
N GLY P 30 35.32 7.09 67.66
CA GLY P 30 35.39 5.79 67.02
C GLY P 30 34.47 4.78 67.64
N LYS P 31 34.68 3.52 67.25
CA LYS P 31 33.87 2.41 67.74
C LYS P 31 34.04 2.22 69.25
N TYR P 32 32.98 2.47 70.00
CA TYR P 32 33.01 2.30 71.45
C TYR P 32 32.40 0.96 71.84
N ILE P 33 32.62 0.59 73.10
CA ILE P 33 32.11 -0.68 73.61
C ILE P 33 30.62 -0.58 73.90
N GLU P 34 30.20 0.48 74.58
CA GLU P 34 28.81 0.65 74.96
C GLU P 34 28.54 2.11 75.32
N LYS P 35 27.41 2.63 74.88
CA LYS P 35 26.96 3.96 75.27
C LYS P 35 26.20 3.86 76.58
N ILE P 36 26.76 4.41 77.66
CA ILE P 36 26.14 4.33 78.97
C ILE P 36 25.37 5.58 79.34
N GLY P 37 25.40 6.62 78.51
CA GLY P 37 24.54 7.75 78.76
C GLY P 37 24.77 8.86 77.75
N TYR P 38 24.10 9.98 77.98
CA TYR P 38 24.29 11.16 77.15
C TYR P 38 24.24 12.41 78.00
N TYR P 39 24.83 13.49 77.46
CA TYR P 39 25.00 14.74 78.19
C TYR P 39 24.91 15.89 77.21
N ASP P 40 24.10 16.90 77.55
CA ASP P 40 23.95 18.11 76.75
C ASP P 40 24.50 19.29 77.53
N PRO P 41 25.61 19.91 77.09
CA PRO P 41 26.23 20.96 77.91
C PRO P 41 25.48 22.29 77.89
N ARG P 42 24.68 22.57 76.87
CA ARG P 42 24.01 23.85 76.77
C ARG P 42 22.63 23.87 77.42
N LYS P 43 22.19 22.73 77.97
CA LYS P 43 20.92 22.62 78.68
C LYS P 43 19.76 23.10 77.81
N THR P 44 19.60 22.44 76.66
CA THR P 44 18.53 22.80 75.74
C THR P 44 17.19 22.20 76.15
N THR P 45 17.21 20.98 76.66
CA THR P 45 16.01 20.26 77.07
C THR P 45 15.99 20.05 78.58
N PRO P 46 14.83 19.81 79.17
CA PRO P 46 14.79 19.50 80.62
C PRO P 46 15.54 18.23 80.98
N ASP P 47 15.77 17.33 80.03
CA ASP P 47 16.56 16.13 80.24
C ASP P 47 17.83 16.28 79.40
N TRP P 48 18.84 16.93 79.98
CA TRP P 48 20.12 17.18 79.31
C TRP P 48 21.23 16.31 79.87
N LEU P 49 20.92 15.30 80.68
CA LEU P 49 21.92 14.41 81.25
C LEU P 49 21.24 13.14 81.71
N LYS P 50 21.58 12.01 81.10
CA LYS P 50 21.07 10.72 81.53
C LYS P 50 22.23 9.73 81.58
N VAL P 51 22.23 8.89 82.62
CA VAL P 51 23.31 7.93 82.87
C VAL P 51 22.69 6.63 83.34
N ASP P 52 23.16 5.51 82.79
CA ASP P 52 22.79 4.19 83.28
C ASP P 52 23.66 3.87 84.49
N VAL P 53 23.07 3.92 85.69
CA VAL P 53 23.86 3.85 86.92
C VAL P 53 24.42 2.44 87.12
N GLU P 54 23.61 1.41 86.88
CA GLU P 54 24.08 0.06 87.12
C GLU P 54 25.20 -0.33 86.15
N ARG P 55 25.09 0.09 84.90
CA ARG P 55 26.15 -0.19 83.93
C ARG P 55 27.43 0.54 84.29
N ALA P 56 27.33 1.79 84.75
CA ALA P 56 28.50 2.52 85.18
C ALA P 56 29.15 1.85 86.39
N ARG P 57 28.33 1.37 87.33
CA ARG P 57 28.88 0.65 88.47
C ARG P 57 29.60 -0.62 88.03
N TYR P 58 29.02 -1.34 87.06
CA TYR P 58 29.68 -2.53 86.54
C TYR P 58 31.03 -2.20 85.93
N TRP P 59 31.06 -1.19 85.05
CA TRP P 59 32.30 -0.86 84.36
C TRP P 59 33.35 -0.31 85.31
N LEU P 60 32.93 0.36 86.39
CA LEU P 60 33.89 0.78 87.40
C LEU P 60 34.38 -0.40 88.23
N SER P 61 33.53 -1.41 88.43
CA SER P 61 33.96 -2.60 89.16
C SER P 61 34.94 -3.44 88.36
N VAL P 62 34.80 -3.45 87.03
CA VAL P 62 35.71 -4.24 86.20
C VAL P 62 37.00 -3.52 85.89
N GLY P 63 37.08 -2.21 86.14
CA GLY P 63 38.34 -1.51 85.99
C GLY P 63 38.39 -0.42 84.93
N ALA P 64 37.28 0.27 84.71
CA ALA P 64 37.26 1.42 83.81
C ALA P 64 37.65 2.68 84.57
N GLN P 65 38.32 3.59 83.87
CA GLN P 65 38.78 4.85 84.46
C GLN P 65 38.11 6.01 83.77
N PRO P 66 37.19 6.71 84.43
CA PRO P 66 36.52 7.84 83.78
C PRO P 66 37.38 9.10 83.78
N THR P 67 37.09 9.97 82.82
CA THR P 67 37.75 11.26 82.76
C THR P 67 37.24 12.15 83.90
N ASP P 68 37.97 13.24 84.15
CA ASP P 68 37.56 14.19 85.19
C ASP P 68 36.17 14.74 84.89
N THR P 69 35.92 15.12 83.64
CA THR P 69 34.58 15.55 83.25
C THR P 69 33.59 14.39 83.34
N ALA P 70 34.01 13.20 82.90
CA ALA P 70 33.14 12.04 83.01
C ALA P 70 32.86 11.69 84.46
N ARG P 71 33.87 11.78 85.32
CA ARG P 71 33.67 11.50 86.74
C ARG P 71 32.73 12.54 87.35
N ARG P 72 32.84 13.81 86.93
CA ARG P 72 31.93 14.82 87.43
C ARG P 72 30.50 14.53 87.00
N LEU P 73 30.30 14.15 85.74
CA LEU P 73 28.96 13.84 85.27
C LEU P 73 28.38 12.62 85.98
N LEU P 74 29.21 11.62 86.25
CA LEU P 74 28.73 10.43 86.97
C LEU P 74 28.41 10.78 88.42
N ARG P 75 29.21 11.65 89.04
CA ARG P 75 28.95 12.07 90.41
C ARG P 75 27.64 12.84 90.50
N GLN P 76 27.36 13.68 89.51
CA GLN P 76 26.09 14.40 89.50
C GLN P 76 24.91 13.46 89.30
N ALA P 77 25.13 12.29 88.69
CA ALA P 77 24.08 11.30 88.48
C ALA P 77 23.99 10.29 89.62
N GLY P 78 24.76 10.49 90.70
CA GLY P 78 24.67 9.60 91.84
C GLY P 78 25.25 8.22 91.62
N VAL P 79 26.22 8.09 90.70
CA VAL P 79 26.84 6.79 90.47
C VAL P 79 27.69 6.39 91.67
N PHE P 80 28.33 7.36 92.32
CA PHE P 80 29.17 7.10 93.48
C PHE P 80 28.43 7.28 94.80
N ARG P 81 27.19 7.74 94.76
CA ARG P 81 26.45 8.01 96.00
C ARG P 81 26.18 6.71 96.74
N GLN P 82 26.69 6.62 97.98
CA GLN P 82 26.52 5.44 98.81
C GLN P 82 25.75 5.74 100.09
N GLU P 83 24.95 6.80 100.09
CA GLU P 83 24.20 7.21 101.27
C GLU P 83 23.15 6.17 101.64
N ALA P 84 22.13 6.02 100.79
N PRO Q 1 31.02 -23.67 67.62
CA PRO Q 1 31.22 -25.09 67.33
C PRO Q 1 32.15 -25.32 66.15
N LYS Q 2 33.02 -26.31 66.25
CA LYS Q 2 33.92 -26.64 65.15
C LYS Q 2 33.13 -27.27 64.01
N LYS Q 3 33.37 -26.80 62.79
CA LYS Q 3 32.61 -27.26 61.64
C LYS Q 3 32.83 -28.75 61.40
N VAL Q 4 31.74 -29.47 61.16
CA VAL Q 4 31.77 -30.90 60.91
C VAL Q 4 31.13 -31.15 59.56
N LEU Q 5 31.86 -31.82 58.67
CA LEU Q 5 31.40 -32.16 57.33
C LEU Q 5 31.37 -33.67 57.16
N THR Q 6 30.82 -34.11 56.03
CA THR Q 6 30.73 -35.54 55.73
C THR Q 6 31.14 -35.75 54.27
N GLY Q 7 32.13 -36.61 54.05
CA GLY Q 7 32.62 -36.81 52.71
C GLY Q 7 33.14 -38.21 52.42
N VAL Q 8 33.81 -38.35 51.27
CA VAL Q 8 34.30 -39.64 50.79
C VAL Q 8 35.81 -39.57 50.59
N VAL Q 9 36.51 -40.58 51.07
CA VAL Q 9 37.96 -40.66 50.89
C VAL Q 9 38.24 -41.08 49.45
N VAL Q 10 39.03 -40.26 48.74
CA VAL Q 10 39.32 -40.47 47.33
C VAL Q 10 40.82 -40.58 47.05
N SER Q 11 41.67 -40.44 48.07
CA SER Q 11 43.11 -40.54 47.86
C SER Q 11 43.77 -40.91 49.18
N ASP Q 12 44.34 -42.12 49.26
CA ASP Q 12 45.08 -42.57 50.42
C ASP Q 12 46.56 -42.77 50.11
N LYS Q 13 47.03 -42.20 49.01
CA LYS Q 13 48.41 -42.38 48.57
C LYS Q 13 49.42 -41.63 49.42
N MET Q 14 48.96 -40.78 50.33
CA MET Q 14 49.83 -40.02 51.21
C MET Q 14 50.01 -40.74 52.54
N GLN Q 15 50.99 -40.28 53.31
CA GLN Q 15 51.27 -40.84 54.63
C GLN Q 15 50.46 -40.10 55.68
N LYS Q 16 49.61 -40.85 56.40
CA LYS Q 16 48.80 -40.30 57.50
C LYS Q 16 47.87 -39.18 57.02
N THR Q 17 47.47 -39.23 55.75
CA THR Q 17 46.65 -38.16 55.18
C THR Q 17 45.68 -38.77 54.17
N VAL Q 18 44.45 -38.25 54.16
CA VAL Q 18 43.44 -38.67 53.21
C VAL Q 18 42.82 -37.44 52.56
N THR Q 19 42.23 -37.64 51.39
CA THR Q 19 41.58 -36.57 50.63
C THR Q 19 40.09 -36.83 50.66
N VAL Q 20 39.37 -36.08 51.49
CA VAL Q 20 37.94 -36.27 51.68
C VAL Q 20 37.21 -35.24 50.81
N LEU Q 21 36.47 -35.73 49.82
CA LEU Q 21 35.63 -34.87 48.99
C LEU Q 21 34.26 -34.74 49.64
N VAL Q 22 33.80 -33.50 49.81
CA VAL Q 22 32.55 -33.19 50.46
C VAL Q 22 31.71 -32.34 49.51
N GLU Q 23 30.45 -32.72 49.33
CA GLU Q 23 29.52 -31.99 48.49
C GLU Q 23 28.58 -31.14 49.35
N ARG Q 24 27.90 -30.21 48.68
CA ARG Q 24 26.93 -29.36 49.36
C ARG Q 24 25.92 -28.84 48.33
N GLN Q 25 24.65 -28.79 48.74
CA GLN Q 25 23.57 -28.28 47.91
C GLN Q 25 23.11 -26.93 48.44
N PHE Q 26 22.79 -26.02 47.53
CA PHE Q 26 22.30 -24.71 47.93
C PHE Q 26 21.59 -24.07 46.75
N PRO Q 27 20.58 -23.23 47.00
CA PRO Q 27 19.92 -22.54 45.89
C PRO Q 27 20.80 -21.44 45.32
N HIS Q 28 20.69 -21.25 44.01
CA HIS Q 28 21.47 -20.22 43.34
C HIS Q 28 21.06 -18.85 43.86
N PRO Q 29 22.02 -17.93 44.08
CA PRO Q 29 21.66 -16.63 44.65
C PRO Q 29 20.75 -15.79 43.78
N LEU Q 30 20.72 -16.03 42.47
CA LEU Q 30 19.87 -15.28 41.57
C LEU Q 30 18.86 -16.14 40.83
N TYR Q 31 19.25 -17.34 40.39
CA TYR Q 31 18.39 -18.19 39.59
C TYR Q 31 17.64 -19.23 40.42
N GLY Q 32 17.91 -19.32 41.73
CA GLY Q 32 17.14 -20.15 42.62
C GLY Q 32 17.26 -21.64 42.42
N LYS Q 33 17.96 -22.09 41.39
CA LYS Q 33 18.13 -23.52 41.16
C LYS Q 33 18.99 -24.14 42.26
N VAL Q 34 18.56 -25.30 42.75
CA VAL Q 34 19.33 -26.02 43.76
C VAL Q 34 20.55 -26.63 43.07
N ILE Q 35 21.71 -26.00 43.26
CA ILE Q 35 22.93 -26.44 42.63
C ILE Q 35 23.81 -27.15 43.66
N LYS Q 36 24.70 -27.99 43.16
CA LYS Q 36 25.55 -28.85 43.98
C LYS Q 36 27.01 -28.52 43.70
N ARG Q 37 27.71 -28.04 44.72
CA ARG Q 37 29.14 -27.77 44.66
C ARG Q 37 29.89 -28.81 45.47
N SER Q 38 31.21 -28.86 45.28
CA SER Q 38 32.04 -29.84 45.96
C SER Q 38 33.39 -29.22 46.30
N LYS Q 39 34.05 -29.83 47.29
CA LYS Q 39 35.36 -29.35 47.71
C LYS Q 39 36.11 -30.48 48.40
N LYS Q 40 37.41 -30.57 48.12
CA LYS Q 40 38.26 -31.60 48.72
C LYS Q 40 39.04 -31.01 49.89
N TYR Q 41 39.07 -31.75 51.00
CA TYR Q 41 39.79 -31.36 52.20
C TYR Q 41 40.83 -32.42 52.54
N LEU Q 42 42.02 -31.98 52.94
CA LEU Q 42 43.08 -32.89 53.36
C LEU Q 42 42.90 -33.18 54.85
N ALA Q 43 42.38 -34.36 55.15
CA ALA Q 43 42.11 -34.78 56.51
C ALA Q 43 43.24 -35.65 57.06
N HIS Q 44 43.38 -35.64 58.39
CA HIS Q 44 44.48 -36.31 59.07
C HIS Q 44 44.02 -37.67 59.55
N ASP Q 45 44.72 -38.72 59.12
CA ASP Q 45 44.48 -40.10 59.55
C ASP Q 45 45.73 -40.58 60.27
N PRO Q 46 45.84 -40.36 61.58
CA PRO Q 46 47.08 -40.69 62.30
C PRO Q 46 47.35 -42.17 62.44
N GLU Q 47 46.44 -43.05 62.00
CA GLU Q 47 46.62 -44.48 62.14
C GLU Q 47 46.46 -45.24 60.82
N GLU Q 48 46.33 -44.52 59.70
CA GLU Q 48 46.02 -45.14 58.40
C GLU Q 48 44.79 -46.04 58.51
N LYS Q 49 43.84 -45.63 59.35
CA LYS Q 49 42.67 -46.46 59.63
C LYS Q 49 41.68 -46.44 58.47
N TYR Q 50 41.54 -45.31 57.81
CA TYR Q 50 40.57 -45.14 56.74
C TYR Q 50 41.23 -45.36 55.39
N LYS Q 51 40.51 -46.02 54.49
CA LYS Q 51 41.01 -46.35 53.16
C LYS Q 51 40.09 -45.74 52.09
N LEU Q 52 40.34 -46.11 50.84
CA LEU Q 52 39.61 -45.53 49.73
C LEU Q 52 38.14 -45.93 49.77
N GLY Q 53 37.27 -45.01 49.34
CA GLY Q 53 35.86 -45.26 49.25
C GLY Q 53 35.08 -45.09 50.54
N ASP Q 54 35.77 -44.97 51.67
CA ASP Q 54 35.08 -44.86 52.95
C ASP Q 54 34.41 -43.50 53.09
N VAL Q 55 33.14 -43.49 53.47
CA VAL Q 55 32.42 -42.27 53.76
C VAL Q 55 32.60 -41.96 55.24
N VAL Q 56 33.20 -40.81 55.53
CA VAL Q 56 33.62 -40.45 56.89
C VAL Q 56 33.13 -39.06 57.23
N GLU Q 57 33.24 -38.73 58.52
CA GLU Q 57 32.97 -37.40 59.04
C GLU Q 57 34.29 -36.70 59.32
N ILE Q 58 34.31 -35.39 59.08
CA ILE Q 58 35.52 -34.57 59.19
C ILE Q 58 35.23 -33.42 60.14
N ILE Q 59 36.21 -33.10 60.99
CA ILE Q 59 36.05 -32.08 62.00
C ILE Q 59 37.16 -31.04 61.86
N GLU Q 60 36.79 -29.77 62.00
CA GLU Q 60 37.77 -28.69 62.05
C GLU Q 60 38.68 -28.87 63.26
N SER Q 61 39.99 -28.81 63.04
CA SER Q 61 40.95 -29.13 64.08
C SER Q 61 42.11 -28.15 64.03
N ARG Q 62 43.03 -28.31 64.97
CA ARG Q 62 44.27 -27.55 64.97
C ARG Q 62 45.03 -27.83 63.67
N PRO Q 63 45.63 -26.81 63.05
CA PRO Q 63 46.35 -27.04 61.79
C PRO Q 63 47.47 -28.05 61.94
N ILE Q 64 47.45 -29.06 61.09
CA ILE Q 64 48.49 -30.09 61.08
C ILE Q 64 49.64 -29.69 60.17
N SER Q 65 49.33 -29.05 59.04
CA SER Q 65 50.33 -28.52 58.13
C SER Q 65 49.63 -27.55 57.18
N LYS Q 66 50.38 -27.05 56.20
CA LYS Q 66 49.79 -26.23 55.16
C LYS Q 66 48.72 -27.02 54.42
N ARG Q 67 47.55 -26.41 54.24
CA ARG Q 67 46.42 -27.00 53.52
C ARG Q 67 45.77 -28.13 54.32
N LYS Q 68 46.37 -28.49 55.44
CA LYS Q 68 45.88 -29.60 56.27
C LYS Q 68 45.38 -29.01 57.59
N ARG Q 69 44.06 -28.83 57.70
CA ARG Q 69 43.44 -28.20 58.86
C ARG Q 69 42.20 -28.96 59.31
N PHE Q 70 42.18 -30.29 59.12
CA PHE Q 70 41.01 -31.06 59.46
C PHE Q 70 41.43 -32.46 59.93
N ARG Q 71 40.58 -33.08 60.74
CA ARG Q 71 40.78 -34.45 61.18
C ARG Q 71 39.56 -35.29 60.82
N VAL Q 72 39.75 -36.61 60.84
CA VAL Q 72 38.67 -37.55 60.53
C VAL Q 72 37.99 -37.91 61.85
N LEU Q 73 36.73 -37.49 62.00
CA LEU Q 73 36.00 -37.74 63.25
C LEU Q 73 35.68 -39.21 63.40
N ARG Q 74 34.89 -39.76 62.48
CA ARG Q 74 34.47 -41.15 62.56
C ARG Q 74 34.14 -41.65 61.16
N LEU Q 75 33.80 -42.92 61.07
CA LEU Q 75 33.45 -43.57 59.80
C LEU Q 75 31.93 -43.64 59.69
N VAL Q 76 31.37 -42.93 58.72
CA VAL Q 76 29.92 -42.98 58.50
C VAL Q 76 29.53 -44.34 57.92
N GLU Q 77 30.11 -44.69 56.78
CA GLU Q 77 29.84 -46.00 56.19
C GLU Q 77 31.06 -46.47 55.42
N SER Q 78 31.14 -47.77 55.20
CA SER Q 78 32.31 -48.41 54.63
C SER Q 78 32.47 -48.04 53.16
N GLY Q 79 33.50 -48.59 52.54
CA GLY Q 79 33.89 -48.26 51.18
C GLY Q 79 32.82 -48.46 50.13
N ARG Q 80 32.46 -47.39 49.43
CA ARG Q 80 31.57 -47.43 48.28
C ARG Q 80 32.31 -46.75 47.13
N MET Q 81 32.87 -47.55 46.23
CA MET Q 81 33.76 -47.05 45.19
C MET Q 81 33.04 -46.35 44.05
N ASP Q 82 31.71 -46.21 44.13
CA ASP Q 82 30.98 -45.56 43.05
C ASP Q 82 31.33 -44.08 42.96
N LEU Q 83 31.31 -43.38 44.10
CA LEU Q 83 31.67 -41.96 44.09
C LEU Q 83 33.13 -41.75 43.77
N VAL Q 84 34.00 -42.67 44.21
CA VAL Q 84 35.42 -42.58 43.87
C VAL Q 84 35.60 -42.74 42.36
N GLU Q 85 34.87 -43.67 41.75
CA GLU Q 85 34.93 -43.83 40.30
C GLU Q 85 34.40 -42.59 39.59
N LYS Q 86 33.35 -41.98 40.12
CA LYS Q 86 32.84 -40.73 39.55
C LYS Q 86 33.91 -39.65 39.56
N TYR Q 87 34.58 -39.48 40.71
CA TYR Q 87 35.64 -38.48 40.80
C TYR Q 87 36.80 -38.80 39.86
N LEU Q 88 37.17 -40.08 39.77
CA LEU Q 88 38.29 -40.46 38.91
C LEU Q 88 37.94 -40.23 37.44
N ILE Q 89 36.69 -40.48 37.04
CA ILE Q 89 36.30 -40.21 35.67
C ILE Q 89 36.28 -38.72 35.39
N ARG Q 90 35.79 -37.92 36.35
CA ARG Q 90 35.79 -36.48 36.17
C ARG Q 90 37.22 -35.94 36.04
N ARG Q 91 38.17 -36.55 36.75
CA ARG Q 91 39.57 -36.14 36.60
C ARG Q 91 40.15 -36.62 35.28
N GLN Q 92 39.81 -37.85 34.87
CA GLN Q 92 40.36 -38.42 33.65
C GLN Q 92 39.86 -37.68 32.41
N ASN Q 93 38.68 -37.07 32.50
CA ASN Q 93 38.18 -36.28 31.36
C ASN Q 93 39.05 -35.06 31.08
N TYR Q 94 39.92 -34.67 32.01
CA TYR Q 94 40.74 -33.48 31.79
C TYR Q 94 41.84 -33.70 30.76
N GLU Q 95 42.26 -34.96 30.56
CA GLU Q 95 43.31 -35.24 29.59
C GLU Q 95 42.80 -35.23 28.15
N SER Q 96 41.49 -35.15 27.94
CA SER Q 96 40.93 -35.17 26.60
C SER Q 96 40.89 -33.80 25.94
N LEU Q 97 40.91 -32.71 26.72
CA LEU Q 97 40.82 -31.36 26.19
C LEU Q 97 42.12 -30.62 26.50
N SER Q 98 43.12 -30.80 25.65
CA SER Q 98 44.37 -30.06 25.75
C SER Q 98 44.61 -29.17 24.53
N LYS Q 99 44.66 -29.75 23.33
CA LYS Q 99 44.93 -29.00 22.11
C LYS Q 99 44.79 -29.89 20.88
N PRO R 1 -7.09 -41.04 -20.54
CA PRO R 1 -7.60 -41.61 -19.28
C PRO R 1 -7.46 -43.13 -19.23
N SER R 2 -7.08 -43.74 -20.35
CA SER R 2 -6.89 -45.18 -20.46
C SER R 2 -8.17 -45.94 -20.06
N ARG R 3 -9.23 -45.67 -20.82
CA ARG R 3 -10.53 -46.31 -20.59
C ARG R 3 -10.75 -47.52 -21.47
N LYS R 4 -9.71 -47.97 -22.19
CA LYS R 4 -9.87 -49.12 -23.08
C LYS R 4 -10.07 -50.40 -22.29
N ALA R 5 -9.08 -50.80 -21.50
CA ALA R 5 -9.15 -52.01 -20.70
C ALA R 5 -7.99 -52.03 -19.72
N LYS R 6 -8.20 -52.68 -18.58
CA LYS R 6 -7.15 -52.91 -17.60
C LYS R 6 -6.57 -54.30 -17.79
N VAL R 7 -5.24 -54.41 -17.69
CA VAL R 7 -4.58 -55.68 -17.93
C VAL R 7 -4.96 -56.69 -16.85
N LYS R 8 -5.12 -56.22 -15.61
CA LYS R 8 -5.53 -57.12 -14.53
C LYS R 8 -6.98 -57.59 -14.72
N ALA R 9 -7.86 -56.66 -15.09
CA ALA R 9 -9.26 -57.03 -15.32
C ALA R 9 -9.41 -57.92 -16.54
N THR R 10 -8.54 -57.77 -17.54
CA THR R 10 -8.54 -58.60 -18.73
C THR R 10 -7.74 -59.89 -18.53
N LEU R 11 -7.53 -60.30 -17.29
CA LEU R 11 -6.75 -61.49 -17.00
C LEU R 11 -7.35 -62.19 -15.78
N GLY R 12 -6.87 -63.41 -15.54
CA GLY R 12 -7.39 -64.20 -14.44
C GLY R 12 -6.39 -64.41 -13.32
N GLU R 13 -6.21 -65.65 -12.90
CA GLU R 13 -5.30 -65.98 -11.81
C GLU R 13 -3.91 -66.24 -12.39
N PHE R 14 -2.91 -65.52 -11.90
CA PHE R 14 -1.55 -65.66 -12.39
C PHE R 14 -0.57 -65.24 -11.29
N ASP R 15 0.67 -65.69 -11.44
CA ASP R 15 1.73 -65.37 -10.49
C ASP R 15 2.49 -64.14 -10.96
N LEU R 16 2.59 -63.15 -10.08
CA LEU R 16 3.34 -61.94 -10.41
C LEU R 16 4.84 -62.16 -10.35
N ARG R 17 5.30 -63.04 -9.46
CA ARG R 17 6.73 -63.25 -9.26
C ARG R 17 7.31 -64.25 -10.25
N ASP R 18 6.51 -64.79 -11.17
CA ASP R 18 6.99 -65.74 -12.16
C ASP R 18 7.62 -64.98 -13.32
N TYR R 19 8.94 -65.04 -13.42
CA TYR R 19 9.68 -64.37 -14.48
C TYR R 19 9.80 -65.19 -15.75
N ARG R 20 9.45 -66.48 -15.71
CA ARG R 20 9.55 -67.34 -16.88
C ARG R 20 8.30 -67.34 -17.74
N ASN R 21 7.15 -67.02 -17.17
CA ASN R 21 5.90 -67.00 -17.93
C ASN R 21 5.88 -65.79 -18.84
N VAL R 22 6.09 -66.02 -20.13
CA VAL R 22 6.24 -64.92 -21.09
C VAL R 22 4.90 -64.45 -21.64
N GLU R 23 3.97 -65.38 -21.88
CA GLU R 23 2.70 -65.02 -22.50
C GLU R 23 1.84 -64.14 -21.61
N VAL R 24 2.12 -64.10 -20.32
CA VAL R 24 1.39 -63.20 -19.42
C VAL R 24 2.07 -61.85 -19.29
N LEU R 25 3.41 -61.84 -19.30
CA LEU R 25 4.14 -60.58 -19.19
C LEU R 25 4.14 -59.79 -20.49
N LYS R 26 3.93 -60.46 -21.63
CA LYS R 26 3.78 -59.74 -22.89
C LYS R 26 2.58 -58.79 -22.85
N ARG R 27 1.51 -59.19 -22.16
CA ARG R 27 0.33 -58.34 -22.07
C ARG R 27 0.59 -57.08 -21.27
N PHE R 28 1.53 -57.13 -20.33
CA PHE R 28 1.85 -55.98 -19.50
C PHE R 28 2.85 -55.02 -20.16
N LEU R 29 3.34 -55.34 -21.34
CA LEU R 29 4.21 -54.45 -22.10
C LEU R 29 3.39 -53.67 -23.11
N SER R 30 3.89 -52.50 -23.49
CA SER R 30 3.21 -51.65 -24.46
C SER R 30 3.51 -52.16 -25.87
N GLU R 31 3.17 -51.36 -26.88
CA GLU R 31 3.57 -51.67 -28.24
C GLU R 31 5.09 -51.74 -28.35
N THR R 32 5.78 -50.88 -27.61
CA THR R 32 7.22 -50.96 -27.48
C THR R 32 7.57 -51.90 -26.31
N GLY R 33 8.85 -52.15 -26.11
CA GLY R 33 9.28 -52.96 -24.99
C GLY R 33 9.16 -52.31 -23.63
N LYS R 34 8.56 -51.13 -23.56
CA LYS R 34 8.45 -50.42 -22.29
C LYS R 34 7.42 -51.07 -21.37
N ILE R 35 7.55 -50.79 -20.08
CA ILE R 35 6.60 -51.29 -19.09
C ILE R 35 5.41 -50.34 -19.02
N LEU R 36 4.21 -50.90 -19.07
CA LEU R 36 3.01 -50.08 -19.00
C LEU R 36 2.90 -49.39 -17.65
N PRO R 37 2.34 -48.19 -17.60
CA PRO R 37 2.17 -47.50 -16.31
C PRO R 37 1.06 -48.11 -15.47
N ARG R 38 0.76 -47.47 -14.34
CA ARG R 38 -0.29 -47.97 -13.45
C ARG R 38 -1.67 -47.87 -14.10
N ARG R 39 -1.91 -46.81 -14.87
CA ARG R 39 -3.23 -46.62 -15.47
C ARG R 39 -3.55 -47.68 -16.51
N ARG R 40 -2.53 -48.23 -17.16
CA ARG R 40 -2.76 -49.27 -18.17
C ARG R 40 -2.87 -50.65 -17.53
N THR R 41 -2.01 -50.95 -16.56
CA THR R 41 -2.02 -52.26 -15.94
C THR R 41 -3.15 -52.41 -14.93
N GLY R 42 -3.52 -51.33 -14.23
CA GLY R 42 -4.54 -51.43 -13.22
C GLY R 42 -4.11 -52.15 -11.96
N LEU R 43 -2.81 -52.28 -11.73
CA LEU R 43 -2.29 -52.96 -10.55
C LEU R 43 -2.14 -51.96 -9.40
N SER R 44 -1.74 -52.48 -8.24
CA SER R 44 -1.52 -51.65 -7.07
C SER R 44 -0.04 -51.28 -6.99
N ALA R 45 0.37 -50.61 -5.91
CA ALA R 45 1.76 -50.21 -5.75
C ALA R 45 2.67 -51.42 -5.61
N LYS R 46 2.33 -52.33 -4.70
CA LYS R 46 3.15 -53.51 -4.48
C LYS R 46 3.15 -54.41 -5.71
N GLU R 47 1.99 -54.59 -6.34
CA GLU R 47 1.91 -55.41 -7.54
C GLU R 47 2.77 -54.84 -8.66
N GLN R 48 2.69 -53.52 -8.88
CA GLN R 48 3.50 -52.89 -9.91
C GLN R 48 4.98 -52.99 -9.59
N ARG R 49 5.34 -52.84 -8.31
CA ARG R 49 6.74 -52.90 -7.92
C ARG R 49 7.31 -54.30 -8.16
N ILE R 50 6.54 -55.34 -7.86
CA ILE R 50 7.00 -56.69 -8.12
C ILE R 50 7.06 -56.96 -9.62
N LEU R 51 6.05 -56.48 -10.35
CA LEU R 51 6.01 -56.67 -11.80
C LEU R 51 7.21 -56.04 -12.48
N ALA R 52 7.66 -54.89 -11.98
CA ALA R 52 8.82 -54.22 -12.57
C ALA R 52 10.04 -55.12 -12.54
N LYS R 53 10.38 -55.65 -11.36
CA LYS R 53 11.58 -56.48 -11.25
C LYS R 53 11.41 -57.81 -11.97
N THR R 54 10.19 -58.36 -11.99
CA THR R 54 10.00 -59.62 -12.73
C THR R 54 10.14 -59.41 -14.23
N ILE R 55 9.64 -58.28 -14.75
CA ILE R 55 9.82 -57.96 -16.16
C ILE R 55 11.29 -57.73 -16.47
N LYS R 56 12.02 -57.08 -15.56
CA LYS R 56 13.45 -56.89 -15.77
C LYS R 56 14.19 -58.23 -15.81
N ARG R 57 13.81 -59.16 -14.93
CA ARG R 57 14.40 -60.50 -14.96
C ARG R 57 14.10 -61.20 -16.28
N ALA R 58 12.86 -61.13 -16.74
CA ALA R 58 12.50 -61.75 -18.01
C ALA R 58 13.24 -61.12 -19.17
N ARG R 59 13.50 -59.81 -19.10
CA ARG R 59 14.29 -59.15 -20.14
C ARG R 59 15.73 -59.66 -20.14
N ILE R 60 16.33 -59.75 -18.95
CA ILE R 60 17.71 -60.20 -18.86
C ILE R 60 17.84 -61.65 -19.34
N LEU R 61 16.83 -62.48 -19.06
CA LEU R 61 16.84 -63.85 -19.55
C LEU R 61 16.71 -63.94 -21.06
N GLY R 62 16.26 -62.86 -21.72
CA GLY R 62 16.07 -62.88 -23.14
C GLY R 62 14.65 -63.19 -23.59
N LEU R 63 13.69 -63.20 -22.67
CA LEU R 63 12.31 -63.52 -23.00
C LEU R 63 11.52 -62.28 -23.41
N LEU R 64 11.66 -61.18 -22.66
CA LEU R 64 11.00 -59.93 -22.99
C LEU R 64 11.99 -58.95 -23.59
N PRO R 65 11.57 -58.13 -24.54
CA PRO R 65 12.49 -57.18 -25.18
C PRO R 65 12.70 -55.94 -24.32
N PHE R 66 13.91 -55.39 -24.43
CA PHE R 66 14.20 -54.12 -23.75
C PHE R 66 13.50 -52.96 -24.45
N THR R 67 13.43 -53.01 -25.79
CA THR R 67 12.76 -51.99 -26.56
C THR R 67 12.36 -52.55 -27.91
N GLU R 68 11.30 -52.00 -28.48
CA GLU R 68 10.79 -52.40 -29.78
C GLU R 68 10.72 -51.17 -30.68
N LYS R 69 10.13 -51.36 -31.86
CA LYS R 69 9.99 -50.30 -32.85
C LYS R 69 8.51 -50.05 -33.13
N LEU R 70 8.14 -48.77 -33.19
CA LEU R 70 6.76 -48.38 -33.44
C LEU R 70 6.41 -48.58 -34.90
N VAL R 71 5.20 -49.05 -35.16
CA VAL R 71 4.72 -49.32 -36.51
C VAL R 71 3.51 -48.43 -36.78
N ARG R 72 3.27 -48.15 -38.05
CA ARG R 72 2.10 -47.39 -38.50
C ARG R 72 2.08 -45.98 -37.93
N LYS R 73 3.22 -45.29 -38.05
CA LYS R 73 3.29 -43.90 -37.62
C LYS R 73 2.94 -42.97 -38.79
N PRO S 1 8.74 49.21 -61.06
CA PRO S 1 7.29 49.04 -61.04
C PRO S 1 6.65 49.69 -59.81
N ARG S 2 7.04 50.93 -59.53
CA ARG S 2 6.54 51.65 -58.36
C ARG S 2 5.90 52.96 -58.78
N SER S 3 4.92 53.40 -57.99
CA SER S 3 4.18 54.64 -58.21
C SER S 3 3.32 54.89 -56.98
N LEU S 4 2.99 56.17 -56.75
CA LEU S 4 2.18 56.56 -55.61
C LEU S 4 0.82 57.10 -56.03
N LYS S 5 0.79 58.23 -56.74
CA LYS S 5 -0.42 58.84 -57.27
C LYS S 5 -0.07 60.11 -58.06
N LYS S 6 -1.04 60.72 -58.71
CA LYS S 6 -0.85 62.05 -59.25
C LYS S 6 -0.70 63.04 -58.11
N GLY S 7 0.06 64.10 -58.34
CA GLY S 7 0.34 65.05 -57.29
C GLY S 7 1.32 64.51 -56.27
N VAL S 8 2.57 64.33 -56.70
CA VAL S 8 3.58 63.69 -55.86
C VAL S 8 3.67 64.38 -54.51
N PHE S 9 3.74 63.56 -53.45
CA PHE S 9 3.80 64.07 -52.10
C PHE S 9 5.23 64.42 -51.71
N VAL S 10 5.42 65.62 -51.17
CA VAL S 10 6.69 66.06 -50.61
C VAL S 10 6.41 66.75 -49.29
N ASP S 11 7.12 66.34 -48.24
CA ASP S 11 6.91 66.91 -46.91
C ASP S 11 7.27 68.39 -46.92
N ASP S 12 6.33 69.23 -46.47
CA ASP S 12 6.56 70.67 -46.42
C ASP S 12 7.52 71.08 -45.32
N HIS S 13 8.11 70.12 -44.59
CA HIS S 13 9.09 70.46 -43.57
C HIS S 13 10.35 71.05 -44.19
N LEU S 14 11.01 70.28 -45.05
CA LEU S 14 12.19 70.76 -45.77
C LEU S 14 11.85 71.43 -47.09
N LEU S 15 10.59 71.35 -47.53
CA LEU S 15 10.21 71.98 -48.79
C LEU S 15 10.39 73.49 -48.73
N GLU S 16 9.96 74.11 -47.63
CA GLU S 16 10.21 75.54 -47.44
C GLU S 16 11.67 75.81 -47.11
N LYS S 17 12.34 74.87 -46.44
CA LYS S 17 13.72 75.09 -46.02
C LYS S 17 14.66 75.17 -47.23
N VAL S 18 14.48 74.27 -48.20
CA VAL S 18 15.37 74.25 -49.35
C VAL S 18 15.20 75.51 -50.20
N LEU S 19 13.96 75.99 -50.33
CA LEU S 19 13.76 77.22 -51.09
C LEU S 19 14.23 78.44 -50.32
N GLU S 20 14.13 78.43 -48.99
CA GLU S 20 14.69 79.52 -48.20
C GLU S 20 16.21 79.56 -48.32
N LEU S 21 16.84 78.38 -48.41
CA LEU S 21 18.28 78.33 -48.62
C LEU S 21 18.65 78.83 -50.02
N ASN S 22 17.89 78.40 -51.04
CA ASN S 22 18.16 78.84 -52.40
C ASN S 22 17.92 80.34 -52.57
N ALA S 23 17.03 80.92 -51.77
CA ALA S 23 16.73 82.34 -51.90
C ALA S 23 17.93 83.21 -51.51
N LYS S 24 18.82 82.71 -50.65
CA LYS S 24 19.97 83.48 -50.22
C LYS S 24 21.32 82.85 -50.55
N GLY S 25 21.38 81.55 -50.79
CA GLY S 25 22.65 80.95 -51.13
C GLY S 25 22.68 79.43 -51.18
N GLU S 26 23.73 78.84 -50.63
CA GLU S 26 24.00 77.40 -50.72
C GLU S 26 24.42 76.88 -49.34
N LYS S 27 23.64 77.22 -48.31
CA LYS S 27 23.97 76.90 -46.92
C LYS S 27 24.30 75.43 -46.73
N ARG S 28 25.02 75.13 -45.65
CA ARG S 28 25.63 73.82 -45.44
C ARG S 28 24.57 72.81 -44.99
N LEU S 29 25.05 71.67 -44.49
CA LEU S 29 24.23 70.52 -44.12
C LEU S 29 22.95 70.91 -43.40
N ILE S 30 21.83 70.34 -43.85
CA ILE S 30 20.54 70.48 -43.20
C ILE S 30 20.18 69.11 -42.62
N LYS S 31 19.53 69.12 -41.46
CA LYS S 31 19.12 67.90 -40.77
C LYS S 31 17.62 67.71 -40.94
N THR S 32 17.23 66.55 -41.46
CA THR S 32 15.83 66.25 -41.71
C THR S 32 15.51 64.83 -41.26
N TRP S 33 14.50 64.69 -40.41
CA TRP S 33 14.00 63.38 -39.99
C TRP S 33 12.92 62.84 -40.91
N SER S 34 12.43 63.65 -41.85
CA SER S 34 11.38 63.23 -42.77
C SER S 34 12.02 62.59 -43.99
N ARG S 35 12.27 61.29 -43.92
CA ARG S 35 12.79 60.54 -45.06
C ARG S 35 11.70 60.08 -46.01
N ARG S 36 10.43 60.26 -45.65
CA ARG S 36 9.31 59.88 -46.49
C ARG S 36 9.10 60.84 -47.66
N SER S 37 9.70 62.03 -47.61
CA SER S 37 9.51 63.01 -48.67
C SER S 37 10.20 62.57 -49.96
N THR S 38 9.71 63.11 -51.07
CA THR S 38 10.21 62.78 -52.39
C THR S 38 11.19 63.86 -52.86
N ILE S 39 12.23 63.44 -53.58
CA ILE S 39 13.25 64.36 -54.04
C ILE S 39 12.72 65.20 -55.19
N VAL S 40 12.86 66.52 -55.09
CA VAL S 40 12.44 67.45 -56.13
C VAL S 40 13.67 68.05 -56.78
N PRO S 41 13.58 68.55 -58.02
CA PRO S 41 14.77 69.06 -58.70
C PRO S 41 15.42 70.26 -58.01
N GLU S 42 14.64 71.09 -57.32
CA GLU S 42 15.22 72.26 -56.66
C GLU S 42 16.12 71.92 -55.49
N MET S 43 16.28 70.64 -55.16
CA MET S 43 17.19 70.21 -54.10
C MET S 43 18.57 69.84 -54.61
N VAL S 44 18.74 69.68 -55.92
CA VAL S 44 20.01 69.24 -56.48
C VAL S 44 21.09 70.28 -56.17
N GLY S 45 22.21 69.81 -55.62
CA GLY S 45 23.33 70.66 -55.26
C GLY S 45 23.53 70.79 -53.76
N HIS S 46 22.46 70.60 -52.99
CA HIS S 46 22.55 70.72 -51.54
C HIS S 46 23.04 69.40 -50.94
N THR S 47 23.11 69.36 -49.61
CA THR S 47 23.51 68.16 -48.88
C THR S 47 22.64 68.05 -47.63
N ILE S 48 21.83 67.00 -47.56
CA ILE S 48 20.85 66.85 -46.49
C ILE S 48 21.32 65.72 -45.57
N ALA S 49 21.27 65.97 -44.26
CA ALA S 49 21.61 64.96 -43.27
C ALA S 49 20.34 64.18 -42.95
N VAL S 50 20.21 63.01 -43.53
CA VAL S 50 19.02 62.17 -43.36
C VAL S 50 19.22 61.31 -42.11
N TYR S 51 18.19 61.26 -41.26
CA TYR S 51 18.25 60.49 -40.02
C TYR S 51 17.87 59.05 -40.32
N ASN S 52 18.85 58.14 -40.19
CA ASN S 52 18.65 56.73 -40.47
C ASN S 52 18.19 55.94 -39.26
N GLY S 53 17.64 56.61 -38.23
CA GLY S 53 17.20 55.98 -37.02
C GLY S 53 18.15 56.14 -35.86
N LYS S 54 19.45 56.25 -36.14
CA LYS S 54 20.47 56.43 -35.11
C LYS S 54 21.22 57.74 -35.26
N GLN S 55 21.71 58.04 -36.47
CA GLN S 55 22.48 59.24 -36.70
C GLN S 55 21.99 59.97 -37.95
N HIS S 56 22.72 61.00 -38.37
CA HIS S 56 22.40 61.76 -39.58
C HIS S 56 23.50 61.52 -40.61
N VAL S 57 23.15 60.87 -41.71
CA VAL S 57 24.10 60.61 -42.79
C VAL S 57 24.04 61.78 -43.78
N PRO S 58 25.19 62.31 -44.20
CA PRO S 58 25.22 63.48 -45.12
C PRO S 58 25.00 63.09 -46.58
N VAL S 59 23.74 62.83 -46.93
CA VAL S 59 23.40 62.46 -48.29
C VAL S 59 23.54 63.68 -49.19
N TYR S 60 24.47 63.60 -50.14
CA TYR S 60 24.63 64.62 -51.16
C TYR S 60 23.81 64.24 -52.37
N ILE S 61 22.95 65.15 -52.81
CA ILE S 61 22.02 64.87 -53.90
C ILE S 61 22.62 65.35 -55.21
N THR S 62 22.48 64.54 -56.25
CA THR S 62 22.95 64.86 -57.58
C THR S 62 21.76 64.93 -58.53
N GLU S 63 22.05 65.10 -59.83
CA GLU S 63 20.99 65.24 -60.82
C GLU S 63 20.23 63.94 -61.02
N ASN S 64 20.95 62.82 -61.14
CA ASN S 64 20.34 61.52 -61.37
C ASN S 64 19.63 60.96 -60.15
N MET S 65 19.52 61.70 -59.05
CA MET S 65 18.84 61.23 -57.84
C MET S 65 17.44 61.79 -57.70
N VAL S 66 16.94 62.50 -58.71
CA VAL S 66 15.61 63.10 -58.62
C VAL S 66 14.55 62.03 -58.80
N GLY S 67 13.56 62.02 -57.91
CA GLY S 67 12.46 61.08 -57.96
C GLY S 67 12.42 60.09 -56.81
N HIS S 68 13.55 59.85 -56.16
CA HIS S 68 13.62 58.88 -55.08
C HIS S 68 13.29 59.53 -53.74
N LYS S 69 13.38 58.74 -52.67
CA LYS S 69 13.17 59.22 -51.32
C LYS S 69 14.51 59.42 -50.62
N LEU S 70 14.46 60.15 -49.50
CA LEU S 70 15.67 60.35 -48.71
C LEU S 70 16.11 59.07 -48.01
N GLY S 71 15.15 58.20 -47.65
CA GLY S 71 15.48 56.96 -46.98
C GLY S 71 16.15 55.94 -47.87
N GLU S 72 16.00 56.06 -49.20
CA GLU S 72 16.65 55.13 -50.11
C GLU S 72 18.17 55.27 -50.07
N PHE S 73 18.66 56.48 -49.85
CA PHE S 73 20.09 56.74 -49.75
C PHE S 73 20.58 56.76 -48.32
N ALA S 74 19.71 56.46 -47.35
CA ALA S 74 20.06 56.40 -45.94
C ALA S 74 19.69 55.02 -45.42
N PRO S 75 20.59 54.04 -45.54
CA PRO S 75 20.27 52.69 -45.03
C PRO S 75 20.14 52.69 -43.52
N THR S 76 19.17 51.91 -43.03
CA THR S 76 18.86 51.88 -41.61
C THR S 76 19.58 50.76 -40.88
N ARG S 77 19.63 49.56 -41.46
CA ARG S 77 20.20 48.39 -40.80
C ARG S 77 21.65 48.20 -41.21
N THR S 78 22.40 47.53 -40.32
CA THR S 78 23.81 47.23 -40.54
C THR S 78 23.99 45.72 -40.60
N TYR S 79 24.75 45.26 -41.60
CA TYR S 79 24.98 43.83 -41.78
C TYR S 79 26.44 43.60 -42.16
N ARG S 80 27.09 42.69 -41.43
CA ARG S 80 28.48 42.33 -41.68
C ARG S 80 29.42 43.54 -41.71
N GLY S 81 29.37 44.34 -40.65
N ARG T 1 68.96 18.83 63.82
CA ARG T 1 67.64 19.39 63.51
C ARG T 1 66.54 18.41 63.89
N ASN T 2 66.92 17.35 64.60
CA ASN T 2 66.00 16.28 64.97
C ASN T 2 65.72 16.33 66.48
N LEU T 3 64.78 15.49 66.89
CA LEU T 3 64.34 15.43 68.29
C LEU T 3 65.18 14.41 69.06
N SER T 4 65.16 14.57 70.38
CA SER T 4 66.03 13.80 71.28
C SER T 4 65.58 12.36 71.48
N ALA T 5 64.56 11.90 70.75
CA ALA T 5 64.15 10.50 70.84
C ALA T 5 65.26 9.54 70.44
N LEU T 6 66.32 10.03 69.80
CA LEU T 6 67.50 9.21 69.54
C LEU T 6 68.03 8.59 70.83
N LYS T 7 67.80 9.25 71.96
CA LYS T 7 68.15 8.67 73.26
C LYS T 7 67.62 7.24 73.37
N ARG T 8 66.33 7.05 73.08
CA ARG T 8 65.76 5.71 73.05
C ARG T 8 66.62 4.77 72.24
N HIS T 9 66.95 5.16 71.00
CA HIS T 9 67.84 4.37 70.16
C HIS T 9 69.08 3.94 70.93
N ARG T 10 69.77 4.90 71.55
CA ARG T 10 70.95 4.58 72.35
C ARG T 10 70.62 3.46 73.34
N GLN T 11 69.58 3.66 74.16
CA GLN T 11 69.20 2.66 75.14
C GLN T 11 69.03 1.30 74.48
N SER T 12 68.32 1.25 73.36
CA SER T 12 68.09 0.00 72.66
C SER T 12 69.41 -0.72 72.40
N LEU T 13 70.39 0.02 71.87
CA LEU T 13 71.70 -0.58 71.62
C LEU T 13 72.24 -1.25 72.88
N LYS T 14 72.23 -0.53 74.00
CA LYS T 14 72.67 -1.12 75.26
C LYS T 14 71.91 -2.41 75.54
N ARG T 15 70.57 -2.34 75.50
CA ARG T 15 69.77 -3.52 75.77
C ARG T 15 70.11 -4.64 74.80
N ARG T 16 70.41 -4.29 73.55
CA ARG T 16 70.86 -5.31 72.59
C ARG T 16 72.06 -6.06 73.14
N LEU T 17 73.11 -5.33 73.52
CA LEU T 17 74.29 -5.97 74.08
C LEU T 17 73.95 -6.71 75.36
N ARG T 18 72.90 -6.28 76.07
CA ARG T 18 72.51 -6.98 77.28
C ARG T 18 71.79 -8.28 76.94
N ASN T 19 71.05 -8.32 75.84
CA ASN T 19 70.30 -9.52 75.48
C ASN T 19 71.19 -10.54 74.78
N LYS T 20 71.84 -10.11 73.68
CA LYS T 20 72.70 -11.01 72.90
C LYS T 20 73.67 -11.76 73.79
N ALA T 21 74.21 -11.10 74.81
CA ALA T 21 75.12 -11.76 75.75
C ALA T 21 74.43 -12.93 76.43
N LYS T 22 73.32 -12.66 77.13
CA LYS T 22 72.65 -13.68 77.92
C LYS T 22 72.35 -14.92 77.09
N LYS T 23 71.60 -14.74 75.99
CA LYS T 23 71.32 -15.85 75.09
C LYS T 23 72.60 -16.57 74.70
N SER T 24 73.63 -15.82 74.30
CA SER T 24 74.88 -16.43 73.86
C SER T 24 75.43 -17.36 74.93
N ALA T 25 75.30 -16.98 76.21
CA ALA T 25 75.69 -17.88 77.27
C ALA T 25 74.79 -19.11 77.31
N ILE T 26 73.48 -18.88 77.42
CA ILE T 26 72.53 -19.97 77.67
C ILE T 26 72.73 -21.10 76.66
N LYS T 27 72.52 -20.77 75.37
CA LYS T 27 72.73 -21.73 74.29
C LYS T 27 74.02 -22.52 74.52
N THR T 28 75.13 -21.80 74.70
CA THR T 28 76.42 -22.45 74.90
C THR T 28 76.33 -23.51 75.99
N LEU T 29 75.94 -23.09 77.20
CA LEU T 29 75.84 -24.03 78.31
C LEU T 29 74.98 -25.22 77.93
N SER T 30 73.83 -24.95 77.31
CA SER T 30 72.94 -26.01 76.86
C SER T 30 73.73 -27.04 76.06
N LYS T 31 74.39 -26.59 74.99
CA LYS T 31 75.20 -27.48 74.18
C LYS T 31 76.12 -28.32 75.06
N LYS T 32 76.87 -27.64 75.94
CA LYS T 32 77.79 -28.34 76.83
C LYS T 32 77.07 -29.46 77.57
N ALA T 33 75.95 -29.13 78.23
CA ALA T 33 75.21 -30.15 78.96
C ALA T 33 74.84 -31.30 78.04
N ILE T 34 74.33 -30.99 76.85
CA ILE T 34 73.92 -32.03 75.92
C ILE T 34 75.08 -32.96 75.61
N GLN T 35 76.28 -32.38 75.43
CA GLN T 35 77.46 -33.21 75.18
C GLN T 35 77.65 -34.21 76.31
N LEU T 36 77.60 -33.73 77.56
CA LEU T 36 77.77 -34.63 78.69
C LEU T 36 76.64 -35.64 78.80
N ALA T 37 75.48 -35.34 78.21
CA ALA T 37 74.40 -36.31 78.19
C ALA T 37 74.63 -37.40 77.14
N GLN T 38 75.39 -37.07 76.08
CA GLN T 38 75.66 -38.06 75.05
C GLN T 38 76.81 -38.99 75.45
N GLU T 39 77.81 -38.45 76.15
CA GLU T 39 79.01 -39.21 76.48
C GLU T 39 78.84 -40.05 77.74
N GLY T 40 77.70 -39.96 78.43
CA GLY T 40 77.41 -40.79 79.57
C GLY T 40 77.65 -40.14 80.92
N LYS T 41 78.43 -39.07 80.98
CA LYS T 41 78.74 -38.42 82.25
C LYS T 41 77.49 -37.72 82.74
N ALA T 42 76.77 -38.34 83.67
CA ALA T 42 75.46 -37.82 84.06
C ALA T 42 75.57 -36.79 85.17
N GLU T 43 76.50 -36.98 86.11
CA GLU T 43 76.65 -36.03 87.21
C GLU T 43 76.95 -34.63 86.68
N GLU T 44 77.99 -34.50 85.85
CA GLU T 44 78.34 -33.20 85.30
C GLU T 44 77.26 -32.68 84.37
N ALA T 45 76.60 -33.58 83.63
CA ALA T 45 75.52 -33.17 82.73
C ALA T 45 74.40 -32.48 83.51
N LEU T 46 73.94 -33.11 84.59
CA LEU T 46 72.86 -32.51 85.37
C LEU T 46 73.35 -31.29 86.14
N LYS T 47 74.59 -31.31 86.61
CA LYS T 47 75.13 -30.15 87.32
C LYS T 47 75.22 -28.92 86.41
N ILE T 48 75.45 -29.14 85.11
CA ILE T 48 75.47 -28.02 84.17
C ILE T 48 74.05 -27.66 83.72
N MET T 49 73.17 -28.64 83.61
CA MET T 49 71.78 -28.35 83.25
C MET T 49 71.09 -27.52 84.32
N ARG T 50 71.45 -27.74 85.59
CA ARG T 50 70.94 -26.90 86.67
C ARG T 50 71.27 -25.42 86.42
N LYS T 51 72.55 -25.13 86.14
CA LYS T 51 72.95 -23.76 85.87
C LYS T 51 72.32 -23.23 84.59
N ALA T 52 72.12 -24.09 83.59
CA ALA T 52 71.47 -23.67 82.36
C ALA T 52 70.04 -23.22 82.62
N GLU T 53 69.28 -24.04 83.34
CA GLU T 53 67.91 -23.66 83.72
C GLU T 53 67.91 -22.39 84.56
N SER T 54 68.87 -22.27 85.48
CA SER T 54 68.95 -21.07 86.31
C SER T 54 69.16 -19.83 85.46
N LEU T 55 70.06 -19.90 84.48
CA LEU T 55 70.29 -18.75 83.60
C LEU T 55 69.07 -18.47 82.73
N ILE T 56 68.38 -19.52 82.28
CA ILE T 56 67.16 -19.33 81.50
C ILE T 56 66.14 -18.53 82.30
N ASP T 57 65.91 -18.95 83.55
CA ASP T 57 64.92 -18.25 84.37
C ASP T 57 65.38 -16.84 84.74
N LYS T 58 66.67 -16.66 85.01
CA LYS T 58 67.18 -15.34 85.34
C LYS T 58 67.08 -14.38 84.17
N ALA T 59 67.25 -14.89 82.94
CA ALA T 59 67.02 -14.05 81.77
C ALA T 59 65.53 -13.84 81.53
N ALA T 60 64.70 -14.79 81.97
CA ALA T 60 63.26 -14.60 81.91
C ALA T 60 62.80 -13.50 82.86
N LYS T 61 63.55 -13.27 83.94
CA LYS T 61 63.24 -12.17 84.85
C LYS T 61 63.10 -10.85 84.10
N GLY T 62 63.94 -10.62 83.11
CA GLY T 62 63.91 -9.41 82.31
C GLY T 62 63.16 -9.60 80.99
N SER T 63 63.45 -8.72 80.05
CA SER T 63 62.84 -8.74 78.74
C SER T 63 63.63 -9.55 77.71
N THR T 64 64.79 -10.09 78.09
CA THR T 64 65.63 -10.82 77.15
C THR T 64 64.99 -12.14 76.77
N LEU T 65 64.63 -12.96 77.75
CA LEU T 65 64.17 -14.33 77.56
C LEU T 65 62.82 -14.51 78.25
N HIS T 66 61.87 -13.65 77.91
CA HIS T 66 60.61 -13.50 78.62
C HIS T 66 59.69 -14.69 78.39
N LYS T 67 58.38 -14.48 78.52
CA LYS T 67 57.37 -15.50 78.83
C LYS T 67 57.45 -16.76 77.96
N ASN T 68 56.60 -17.73 78.26
CA ASN T 68 56.89 -19.16 78.31
C ASN T 68 57.75 -19.75 77.19
N ALA T 69 58.21 -18.95 76.23
CA ALA T 69 59.32 -19.39 75.39
C ALA T 69 60.49 -19.91 76.25
N ALA T 70 60.73 -19.28 77.39
CA ALA T 70 61.76 -19.77 78.31
C ALA T 70 61.40 -21.16 78.85
N ALA T 71 60.13 -21.37 79.19
CA ALA T 71 59.69 -22.69 79.62
C ALA T 71 59.84 -23.71 78.49
N ARG T 72 59.64 -23.28 77.24
CA ARG T 72 59.85 -24.16 76.10
C ARG T 72 61.31 -24.60 76.02
N ARG T 73 62.23 -23.63 76.16
CA ARG T 73 63.65 -23.97 76.14
C ARG T 73 64.00 -24.92 77.27
N LYS T 74 63.48 -24.66 78.48
CA LYS T 74 63.73 -25.55 79.61
C LYS T 74 63.20 -26.94 79.35
N SER T 75 61.98 -27.05 78.80
CA SER T 75 61.39 -28.35 78.51
C SER T 75 62.24 -29.12 77.51
N ARG T 76 62.64 -28.46 76.42
CA ARG T 76 63.45 -29.14 75.42
C ARG T 76 64.79 -29.59 75.98
N LEU T 77 65.43 -28.72 76.77
CA LEU T 77 66.71 -29.09 77.37
C LEU T 77 66.57 -30.30 78.28
N MET T 78 65.60 -30.27 79.20
CA MET T 78 65.46 -31.37 80.15
C MET T 78 65.05 -32.66 79.44
N ARG T 79 64.19 -32.57 78.42
CA ARG T 79 63.80 -33.76 77.67
C ARG T 79 65.00 -34.37 76.97
N LYS T 80 65.79 -33.55 76.28
CA LYS T 80 66.96 -34.07 75.58
C LYS T 80 67.96 -34.68 76.55
N VAL T 81 68.16 -34.05 77.71
CA VAL T 81 69.11 -34.57 78.68
C VAL T 81 68.64 -35.93 79.21
N ARG T 82 67.36 -36.02 79.60
CA ARG T 82 66.84 -37.27 80.11
C ARG T 82 66.88 -38.37 79.06
N GLN T 83 66.63 -38.01 77.79
CA GLN T 83 66.63 -39.02 76.74
C GLN T 83 68.05 -39.51 76.45
N LEU T 84 69.02 -38.60 76.36
CA LEU T 84 70.39 -39.01 76.09
C LEU T 84 70.99 -39.77 77.26
N LEU T 85 70.61 -39.43 78.49
CA LEU T 85 71.10 -40.19 79.63
C LEU T 85 70.47 -41.57 79.69
N GLU T 86 69.27 -41.73 79.13
CA GLU T 86 68.66 -43.05 79.05
C GLU T 86 69.43 -43.99 78.13
N ALA T 87 70.18 -43.44 77.17
CA ALA T 87 71.04 -44.27 76.33
C ALA T 87 72.26 -44.77 77.09
N ALA T 88 72.57 -44.18 78.24
CA ALA T 88 73.67 -44.62 79.08
C ALA T 88 73.20 -45.08 80.46
N GLY T 89 72.35 -44.30 81.12
CA GLY T 89 71.83 -44.66 82.42
C GLY T 89 72.56 -43.96 83.56
N ALA T 90 72.19 -44.36 84.77
CA ALA T 90 72.81 -43.90 86.01
C ALA T 90 72.73 -42.38 86.17
N PRO T 91 71.54 -41.82 86.45
CA PRO T 91 71.46 -40.38 86.73
C PRO T 91 72.03 -40.06 88.11
N LEU T 92 73.35 -39.88 88.16
CA LEU T 92 74.08 -39.87 89.42
C LEU T 92 73.61 -38.75 90.35
N ILE T 93 73.84 -37.50 89.93
CA ILE T 93 73.68 -36.38 90.87
C ILE T 93 72.22 -36.11 91.21
N GLY T 94 71.29 -36.53 90.35
CA GLY T 94 69.87 -36.29 90.59
C GLY T 94 69.54 -34.82 90.77
N GLY T 95 69.72 -34.04 89.70
CA GLY T 95 69.53 -32.59 89.79
C GLY T 95 68.15 -32.14 89.37
N GLY T 96 68.07 -31.49 88.20
CA GLY T 96 66.79 -30.94 87.75
C GLY T 96 65.75 -32.00 87.47
N LEU T 97 66.17 -33.16 86.97
CA LEU T 97 65.22 -34.21 86.62
C LEU T 97 64.57 -34.79 87.87
N SER T 98 63.27 -35.05 87.78
CA SER T 98 62.53 -35.65 88.87
C SER T 98 62.92 -37.12 89.04
N ALA T 99 62.49 -37.69 90.16
CA ALA T 99 62.78 -39.09 90.45
C ALA T 99 62.01 -40.01 89.50
N GLY U 1 -0.56 27.92 -63.35
CA GLY U 1 -1.66 27.47 -62.52
C GLY U 1 -2.35 28.59 -61.75
N LYS U 2 -2.71 28.32 -60.50
CA LYS U 2 -3.37 29.31 -59.67
C LYS U 2 -2.46 30.44 -59.23
N GLY U 3 -1.15 30.33 -59.51
CA GLY U 3 -0.19 31.35 -59.12
C GLY U 3 0.18 32.34 -60.19
N ASP U 4 -0.33 32.17 -61.42
CA ASP U 4 -0.02 33.09 -62.51
C ASP U 4 -1.01 34.26 -62.48
N ARG U 5 -0.47 35.48 -62.48
CA ARG U 5 -1.32 36.66 -62.46
C ARG U 5 -2.12 36.80 -63.75
N ARG U 6 -1.54 36.38 -64.88
CA ARG U 6 -2.13 36.60 -66.19
C ARG U 6 -3.06 35.48 -66.63
N THR U 7 -3.65 34.74 -65.70
CA THR U 7 -4.55 33.64 -66.01
C THR U 7 -5.91 33.86 -65.34
N ARG U 8 -6.89 33.09 -65.80
CA ARG U 8 -8.21 33.13 -65.19
C ARG U 8 -8.17 32.58 -63.76
N ARG U 9 -7.69 31.35 -63.61
CA ARG U 9 -7.60 30.76 -62.28
C ARG U 9 -6.69 31.56 -61.37
N GLY U 10 -5.72 32.28 -61.93
CA GLY U 10 -4.90 33.16 -61.10
C GLY U 10 -5.71 34.29 -60.49
N LYS U 11 -6.51 34.97 -61.32
CA LYS U 11 -7.37 36.03 -60.80
C LYS U 11 -8.40 35.47 -59.81
N ILE U 12 -8.91 34.27 -60.07
CA ILE U 12 -9.90 33.68 -59.17
C ILE U 12 -9.27 33.32 -57.83
N TRP U 13 -8.03 32.81 -57.85
CA TRP U 13 -7.35 32.44 -56.61
C TRP U 13 -6.94 33.68 -55.82
N ARG U 14 -6.45 34.71 -56.51
CA ARG U 14 -6.12 35.97 -55.83
C ARG U 14 -7.34 36.83 -55.56
N GLY U 15 -8.48 36.52 -56.17
CA GLY U 15 -9.70 37.25 -55.92
C GLY U 15 -9.70 38.66 -56.49
N THR U 16 -9.27 38.79 -57.74
CA THR U 16 -9.19 40.09 -58.41
C THR U 16 -9.74 39.98 -59.82
N TYR U 17 -9.92 41.13 -60.45
CA TYR U 17 -10.34 41.23 -61.83
C TYR U 17 -9.29 42.00 -62.62
N GLY U 18 -9.28 41.77 -63.93
CA GLY U 18 -8.31 42.43 -64.77
C GLY U 18 -8.54 42.15 -66.24
N LYS U 19 -7.46 42.31 -67.02
CA LYS U 19 -7.54 42.08 -68.45
C LYS U 19 -7.82 40.61 -68.77
N TYR U 20 -7.28 39.71 -67.96
CA TYR U 20 -7.45 38.27 -68.19
C TYR U 20 -8.66 37.70 -67.46
N ARG U 21 -9.47 38.54 -66.83
CA ARG U 21 -10.73 38.11 -66.22
C ARG U 21 -11.66 39.32 -66.15
N PRO U 22 -12.36 39.61 -67.23
CA PRO U 22 -13.25 40.78 -67.26
C PRO U 22 -14.50 40.59 -66.41
N ARG U 23 -15.35 41.62 -66.38
CA ARG U 23 -16.61 41.59 -65.64
C ARG U 23 -17.81 41.57 -66.59
N LYS U 24 -17.64 40.96 -67.77
CA LYS U 24 -18.67 40.91 -68.80
C LYS U 24 -19.13 42.32 -69.22
N LYS U 25 -20.30 42.39 -69.85
P A2M V 2 21.44 11.58 -9.79
OP1 A2M V 2 21.72 10.28 -9.11
O5' A2M V 2 21.68 12.78 -8.77
C5' A2M V 2 22.85 12.83 -7.96
C4' A2M V 2 22.74 13.86 -6.86
O4' A2M V 2 23.34 15.11 -7.29
C3' A2M V 2 21.32 14.27 -6.46
O3' A2M V 2 20.58 13.28 -5.76
C2' A2M V 2 21.59 15.61 -5.79
O2' A2M V 2 22.28 15.46 -4.56
C1' A2M V 2 22.58 16.20 -6.78
CM' A2M V 2 22.64 16.68 -3.96
N9 A2M V 2 21.88 16.84 -7.89
C8 A2M V 2 21.83 16.41 -9.15
N7 A2M V 2 21.06 17.23 -9.86
C5 A2M V 2 20.59 18.19 -9.04
C6 A2M V 2 19.74 19.30 -9.25
N6 A2M V 2 19.19 19.58 -10.54
N1 A2M V 2 19.45 20.09 -8.20
C2 A2M V 2 19.94 19.83 -7.00
N3 A2M V 2 20.74 18.79 -6.80
C4 A2M V 2 21.09 17.95 -7.78
OP2 A2M V 2 20.01 11.61 -10.27
N1 70U W 2 13.01 24.22 -9.51
C2 70U W 2 13.72 23.34 -8.79
S2 70U W 2 14.08 23.60 -7.04
N3 70U W 2 14.20 22.23 -9.32
C4 70U W 2 14.00 21.94 -10.56
O4 70U W 2 14.53 20.75 -11.08
C5 70U W 2 13.28 22.79 -11.34
C6 70U W 2 12.77 23.99 -10.75
C5M 70U W 2 13.02 22.47 -12.87
C8 70U W 2 12.15 21.23 -13.09
O8 70U W 2 12.54 20.34 -13.85
O9 70U W 2 11.04 20.97 -12.20
C9 70U W 2 9.92 20.47 -12.84
C1' 70U W 2 12.47 25.46 -8.92
O2' 70U W 2 13.21 27.18 -7.43
C2' 70U W 2 13.55 26.49 -8.63
O3' 70U W 2 13.89 28.74 -9.59
C3' 70U W 2 13.43 27.43 -9.84
C4' 70U W 2 11.93 27.39 -10.13
O4' 70U W 2 11.55 26.03 -9.82
C5' 70U W 2 11.54 27.72 -11.55
O5' 70U W 2 12.56 27.34 -12.47
P 70U W 2 12.19 26.88 -13.95
OP1 70U W 2 11.23 25.79 -13.85
OP2 70U W 2 11.83 28.04 -14.69
P 12A W 5 26.81 25.21 -9.98
OP1 12A W 5 27.44 26.38 -9.19
OP2 12A W 5 26.47 25.69 -11.39
O5' 12A W 5 27.86 24.01 -10.06
C5' 12A W 5 27.54 22.83 -9.44
C4' 12A W 5 27.14 21.79 -10.53
O4' 12A W 5 25.92 22.02 -10.95
C3' 12A W 5 28.05 21.95 -11.78
O3' 12A W 5 29.05 21.05 -11.80
C2' 12A W 5 27.05 21.68 -12.90
O2' 12A W 5 26.67 20.21 -12.78
C1' 12A W 5 26.10 22.46 -12.49
N9 12A W 5 24.84 22.47 -13.31
C8 12A W 5 23.96 23.48 -13.26
N7 12A W 5 22.95 23.26 -14.10
C5 12A W 5 23.17 22.08 -14.72
C6 12A W 5 22.46 21.32 -15.70
N6 12A W 5 21.14 21.85 -16.24
N1 12A W 5 22.95 20.17 -16.09
C2 12A W 5 24.12 19.72 -15.61
N3 12A W 5 24.80 20.39 -14.71
C4 12A W 5 24.37 21.57 -14.23
S2 12A W 5 24.77 18.13 -16.19
C2M 12A W 5 24.25 17.87 -17.90
CC 12A W 5 20.30 21.14 -17.18
OO 12A W 5 19.32 21.66 -17.52
N 12A W 5 20.68 19.82 -17.69
CA 12A W 5 19.94 19.06 -18.59
C 12A W 5 19.91 19.74 -19.99
O 12A W 5 20.37 19.09 -21.04
OXT 12A W 5 19.45 20.94 -20.14
CB 12A W 5 18.46 18.81 -18.08
OG1 12A W 5 18.48 17.82 -17.09
CG2 12A W 5 17.60 18.35 -19.22
MG MG X . 59.76 6.80 109.12
MG MG Y . 42.10 17.53 79.26
MG MG Z . 14.00 -50.39 43.05
MG MG AA . 3.46 -58.98 31.54
MG MG BA . 45.63 -0.63 41.63
MG MG CA . 46.09 11.27 44.74
MG MG DA . 8.32 -60.11 38.00
MG MG EA . 32.19 -25.52 -25.28
MG MG FA . 24.03 -19.68 -17.57
MG MG GA . 19.79 -12.37 -15.24
MG MG HA . 24.44 -24.84 -11.72
MG MG IA . 11.18 22.87 66.08
MG MG JA . 13.47 -10.48 21.53
MG MG KA . 13.87 -16.18 31.55
MG MG LA . 4.16 -11.97 20.96
MG MG MA . 22.49 -2.54 23.66
MG MG NA . 34.91 -35.14 -4.75
MG MG OA . 2.87 46.91 42.07
MG MG PA . 33.62 -34.02 2.36
MG MG QA . 40.13 -36.44 -27.47
MG MG RA . 42.87 -36.84 -8.25
MG MG SA . 12.76 -0.69 3.96
MG MG TA . 10.26 -2.86 20.77
MG MG UA . 18.22 28.80 47.83
MG MG VA . 32.76 36.94 37.46
MG MG WA . 11.36 2.29 19.50
MG MG XA . 38.43 5.68 52.92
MG MG YA . 17.46 -4.08 33.18
MG MG ZA . 24.08 22.91 37.76
MG MG AB . 9.98 -39.14 42.28
MG MG BB . 16.80 -30.42 58.99
MG MG CB . 17.44 -16.11 9.91
MG MG DB . 20.76 -39.66 22.09
MG MG EB . 31.68 -3.32 44.87
MG MG FB . 24.59 -39.80 32.80
MG MG GB . 19.12 -29.10 11.12
MG MG HB . 34.40 -18.59 4.70
MG MG IB . 13.99 -10.01 63.52
MG MG JB . -0.88 -40.64 10.03
MG MG KB . 34.85 -26.01 43.64
MG MG LB . 36.57 -15.34 57.70
MG MG MB . 18.33 -33.02 -0.71
MG MG NB . 19.55 -38.22 41.07
MG MG OB . 19.80 27.85 19.21
MG MG PB . 31.03 27.71 55.29
MG MG QB . -9.67 -18.93 14.55
MG MG RB . -4.18 -10.08 7.24
MG MG SB . -16.99 1.44 3.08
MG MG TB . 9.57 9.50 4.39
MG MG UB . 21.05 -6.19 -16.44
MG MG VB . 17.53 -12.57 3.78
MG MG WB . -24.02 2.86 -13.59
MG MG XB . -13.53 1.94 0.92
MG MG YB . -23.71 13.31 -22.12
MG MG ZB . -12.34 -3.95 12.79
MG MG AC . 46.06 -16.76 12.24
MG MG BC . 28.78 -33.50 19.88
MG MG CC . 57.51 13.54 57.59
MG MG DC . 66.33 16.88 82.62
MG MG EC . 38.98 21.19 62.14
MG MG FC . 4.28 23.15 21.50
MG MG GC . 28.61 -2.37 15.80
MG MG HC . 12.00 36.39 6.75
MG MG IC . 50.72 -26.47 9.42
MG MG JC . 67.23 -17.91 94.46
MG MG KC . 29.01 -9.57 8.55
MG MG LC . 55.25 -25.01 96.39
MG MG MC . 40.53 -46.59 -24.95
MG MG NC . 33.16 -31.16 -26.22
MG MG OC . 35.24 -46.90 -43.44
MG MG PC . 80.59 -11.99 65.32
MG MG QC . 43.26 23.57 83.08
MG MG RC . 17.02 45.93 65.09
MG MG SC . 49.61 24.55 34.74
MG MG TC . 32.06 18.56 94.94
MG MG UC . 18.87 7.20 65.23
MG MG VC . 72.65 -22.30 59.43
MG MG WC . 36.60 37.82 74.09
MG MG XC . 46.29 5.34 62.14
MG MG YC . 61.59 -9.64 72.28
MG MG ZC . 64.81 -3.73 87.94
MG MG AD . 11.78 -2.16 34.31
MG MG BD . 9.31 -7.55 1.44
MG MG CD . -13.69 -3.22 -18.27
MG MG DD . 0.66 26.75 -13.13
MG MG ED . 7.17 26.19 -14.45
MG MG FD . 20.13 -51.10 -1.88
MG MG GD . 9.61 55.61 57.70
MG MG HD . -5.48 50.22 -37.42
MG MG ID . 13.01 8.81 -8.06
MG MG JD . 39.06 -27.84 -45.59
MG MG KD . 15.30 -2.55 -25.51
MG MG LD . -2.29 47.10 -15.88
MG MG MD . -16.10 19.64 -48.93
MG MG ND . 42.97 16.73 104.46
MG MG OD . 0.93 29.99 -67.30
MG MG PD . 6.09 38.77 -35.19
MG MG QD . 29.65 -20.07 -9.07
MG MG RD . 57.42 -30.37 61.98
MG MG SD . -45.84 19.80 -47.16
MG MG TD . -9.77 34.59 -48.67
MG MG UD . 77.53 18.89 95.60
MG MG VD . 7.40 16.38 -69.56
MG MG WD . 35.63 -17.74 -19.00
MG MG XD . 60.49 1.67 52.13
MG MG YD . -3.52 -25.27 6.47
MG MG ZD . 10.15 22.55 -49.51
MG MG AE . 7.16 28.72 -18.17
MG MG BE . 13.64 4.38 46.82
MG MG CE . 76.53 0.91 95.17
MG MG DE . -10.94 42.53 -45.62
MG MG EE . 76.82 -17.99 47.80
MG MG FE . 14.56 -17.12 -5.78
MG MG GE . -18.04 7.14 -24.50
MG MG HE . 18.22 -26.79 63.46
MG MG IE . -12.74 19.42 -27.74
MG MG JE . 6.79 28.87 -70.71
MG MG KE . 35.65 -12.94 62.10
MG MG LE . 20.83 19.81 -0.57
MG MG ME . 54.65 -1.55 58.66
MG MG NE . -1.67 -4.06 53.10
MG MG OE . 28.55 -7.58 13.60
MG MG PE . 23.96 -12.63 -13.85
MG MG QE . 22.63 -8.80 -21.11
MG MG RE . 40.10 23.76 54.68
MG MG SE . 48.54 29.04 68.29
MG MG TE . 14.40 39.54 2.00
MG MG UE . 12.41 32.70 14.71
MG MG VE . 80.20 -20.74 72.22
MG MG WE . 27.39 27.48 83.61
MG MG XE . 82.33 1.74 92.33
MG MG YE . 85.89 4.15 80.19
MG MG ZE . 75.92 11.48 74.82
MG MG AF . -43.79 35.52 -48.56
MG MG BF . -39.56 37.99 -54.30
MG MG CF . 63.72 3.31 52.09
MG MG DF . 0.68 -5.37 -14.54
MG MG EF . -10.82 -6.18 -6.53
MG MG FF . -7.79 -0.18 -10.35
MG MG GF . -3.21 28.47 -12.47
MG MG HF . 62.80 10.51 77.22
MG MG IF . 20.87 13.58 32.81
MG MG JF . 52.65 -1.60 14.31
MG MG KF . 12.91 38.88 25.49
MG MG LF . 5.09 -31.32 19.28
MG MG MF . 38.39 -17.77 5.81
MG MG NF . 0.78 21.16 -31.63
MG MG OF . 24.18 35.77 -40.90
MG MG PF . 35.89 -16.81 -27.35
MG MG QF . 71.19 9.12 60.49
MG MG RF . 0.51 -1.50 -25.39
MG MG SF . 10.64 35.48 -30.55
MG MG TF . 18.11 -27.15 9.91
MG MG UF . 16.66 22.31 -64.98
MG MG VF . -50.82 25.16 -45.92
MG MG WF . -3.27 24.96 -36.84
MG MG XF . 21.35 -26.48 -41.08
MG MG YF . 57.19 -0.55 76.87
MG MG ZF . 58.21 -10.91 69.54
MG MG AG . 25.98 -3.13 -27.14
MG MG BG . 3.33 53.89 -6.03
MG MG CG . 21.57 6.56 29.06
MG MG DG . 7.43 37.65 -19.20
MG MG EG . 11.73 -41.84 6.45
MG MG FG . 71.52 22.05 88.57
MG MG GG . 8.86 -41.10 53.82
MG MG HG . -15.77 49.54 -72.37
MG MG IG . 21.62 0.54 62.63
MG MG JG . 57.10 -28.84 67.40
MG MG KG . 27.12 -3.93 46.73
MG MG LG . 9.54 -38.77 60.97
MG MG MG . -2.56 -6.22 -8.70
MG MG NG . -22.13 -7.22 -6.74
MG MG OG . -39.87 40.49 -47.43
MG MG PG . 53.16 -32.27 60.07
MG MG QG . 10.68 -40.54 -14.04
MG MG RG . -12.97 6.79 -36.50
MG MG SG . 96.40 36.34 104.14
MG MG TG . 43.20 20.82 75.51
MG MG UG . 38.65 -17.35 49.76
MG MG VG . 38.46 -13.02 70.22
MG MG WG . 46.79 -31.85 -10.81
MG MG XG . 45.82 -38.65 -11.81
MG MG YG . 35.83 9.49 42.09
MG MG ZG . 57.21 8.78 90.51
MG MG AH . -11.64 -0.93 -4.42
MG MG BH . 36.92 5.64 55.16
MG MG CH . 19.16 -1.87 46.66
MG MG DH . 16.51 3.37 48.63
MG MG EH . 22.35 -18.88 -21.61
MG MG FH . 25.90 -39.04 36.54
MG MG GH . 20.35 15.59 34.57
MG MG HH . 79.68 0.52 93.73
MG MG IH . 69.28 -4.71 95.86
MG MG JH . 87.32 13.64 87.94
MG MG KH . 49.07 -24.83 43.72
MG MG LH . -5.84 -15.83 6.92
MG MG MH . 55.82 -6.43 84.44
MG MG NH . 54.91 -4.12 85.21
MG MG OH . 46.95 -5.95 91.17
MG MG PH . 56.04 -23.36 51.50
MG MG QH . 56.50 11.55 47.84
MG MG RH . 12.63 41.89 -45.87
MG MG SH . 28.05 -50.38 -35.30
MG MG TH . 2.63 -4.79 -5.04
MG MG UH . -12.10 19.98 -76.26
MG MG VH . 36.71 -32.73 -34.79
MG MG WH . 33.15 -31.32 -36.24
MG MG XH . 23.71 14.99 25.00
MG MG YH . 29.44 -41.57 -37.06
MG MG ZH . 15.10 -27.31 0.93
MG MG AI . 15.85 -19.11 54.42
MG MG BI . 39.37 -38.17 -55.84
MG MG CI . 87.56 28.93 117.39
MG MG DI . 43.48 -15.48 39.24
MG MG EI . 49.82 2.36 6.70
MG MG FI . 12.02 24.50 -35.21
MG MG GI . 5.93 -0.74 0.03
MG MG HI . 29.87 -14.62 21.87
MG MG II . 33.68 -6.22 -36.30
MG MG JI . 9.23 -31.25 14.53
MG MG KI . 79.84 32.11 99.47
MG MG LI . 61.31 1.76 59.43
MG MG MI . 9.00 -24.26 -18.60
MG MG NI . 16.90 -0.70 -19.21
MG MG OI . 8.94 -55.25 22.05
MG MG PI . 3.49 7.06 49.95
MG MG QI . 10.35 -24.33 -13.04
MG MG RI . 31.44 -16.03 39.84
MG MG SI . 28.71 -12.16 -5.67
MG MG TI . 37.28 23.60 56.22
MG MG UI . 32.65 32.20 38.88
MG MG VI . 42.70 -19.29 -4.80
MG MG WI . 41.52 -19.14 -3.55
K K XI . 40.27 -12.89 77.84
K K YI . -5.25 -13.84 11.39
K K ZI . 23.01 -22.69 9.82
K K AJ . -17.59 -8.41 -15.75
K K BJ . -5.13 -55.84 4.57
K K CJ . 4.92 7.20 11.94
K K DJ . 15.22 32.54 15.97
K K EJ . 10.80 50.47 64.25
K K FJ . 58.14 -28.33 95.34
K K GJ . 34.45 15.88 96.77
K K HJ . 33.13 -25.86 -48.04
K K IJ . 47.01 -34.73 33.92
K K JJ . 15.61 -12.75 43.35
K K KJ . 14.11 46.83 64.84
K K LJ . 47.39 -37.13 -15.18
K K MJ . 16.79 -13.79 63.64
K K NJ . 84.32 8.34 76.92
K K OJ . 0.88 23.84 -11.27
K K PJ . 26.52 36.26 5.00
K K QJ . 10.27 -37.81 -1.32
K K RJ . 57.62 4.59 64.36
MG MG SJ . 45.82 -11.45 38.66
MG MG TJ . -0.65 2.20 -43.81
C11 B6M UJ . 32.95 9.44 -4.21
O11 B6M UJ . 31.90 9.04 -4.99
C21 B6M UJ . 32.43 9.77 -2.81
N21 B6M UJ . 30.95 9.60 -2.79
C31 B6M UJ . 32.76 11.16 -2.40
O31 B6M UJ . 32.02 11.45 -1.17
C41 B6M UJ . 32.35 12.15 -3.44
O41 B6M UJ . 30.96 12.03 -3.64
C51 B6M UJ . 33.07 11.89 -4.78
O51 B6M UJ . 33.71 10.58 -4.86
C61 B6M UJ . 34.10 12.93 -4.97
O61 B6M UJ . 34.83 12.62 -6.12
C12 B6M UJ . 30.38 6.85 -7.69
N12 B6M UJ . 29.92 6.57 -9.06
C22 B6M UJ . 30.09 8.33 -7.37
C32 B6M UJ . 31.35 9.18 -7.32
N32 B6M UJ . 30.97 10.57 -6.97
C42 B6M UJ . 32.36 8.66 -6.28
C52 B6M UJ . 32.56 7.12 -6.38
O52 B6M UJ . 32.12 6.47 -5.19
C62 B6M UJ . 31.87 6.50 -7.60
O62 B6M UJ . 31.99 5.12 -7.55
C13 B6M UJ . 33.14 5.93 -4.60
C23 B6M UJ . 33.01 4.34 -4.56
O23 B6M UJ . 31.91 3.89 -5.52
C33 B6M UJ . 32.69 4.07 -3.41
O33 B6M UJ . 33.35 2.73 -3.03
C43 B6M UJ . 33.27 5.29 -2.47
O43 B6M UJ . 33.22 6.37 -3.17
C53 B6M UJ . 32.39 5.48 -1.23
O53 B6M UJ . 32.94 6.56 -0.47
C14 B6M UJ . 32.53 2.05 -2.06
C24 B6M UJ . 31.63 1.06 -2.73
N24 B6M UJ . 30.31 1.73 -3.02
C34 B6M UJ . 31.39 -0.11 -1.88
O34 B6M UJ . 32.52 -1.02 -2.04
C44 B6M UJ . 31.25 0.24 -0.45
O44 B6M UJ . 30.92 -0.94 0.30
C54 B6M UJ . 32.55 0.86 0.12
O54 B6M UJ . 33.38 1.41 -1.07
C64 B6M UJ . 32.26 1.92 1.03
N64 B6M UJ . 30.93 2.51 0.76
MG MG VJ . 10.39 36.19 -75.06
ZN ZN WJ . -5.88 40.02 39.65
MG MG XJ . 1.04 10.32 50.43
MG MG YJ . -18.41 -7.01 34.68
K K ZJ . -2.68 -13.49 22.92
MG MG AK . 30.27 -68.64 -21.66
MG MG BK . 2.47 -1.61 -61.84
MG MG CK . 0.15 -4.09 49.49
MG MG DK . -11.51 -9.86 55.24
MG MG EK . 47.57 32.76 18.36
ZN ZN FK . -11.48 42.32 -22.81
MG MG GK . 43.39 0.33 68.94
MG MG HK . 29.83 3.52 94.20
MG MG IK . 19.49 15.40 86.12
MG MG JK . 47.11 -43.50 53.14
MG MG KK . 29.19 -36.50 50.08
MG MG LK . 30.57 35.46 -40.09
MG MG MK . -0.51 60.06 -60.96
MG MG NK . 63.58 10.71 73.29
#